data_8BMW
#
_entry.id   8BMW
#
_cell.length_a   1.00
_cell.length_b   1.00
_cell.length_c   1.00
_cell.angle_alpha   90.00
_cell.angle_beta   90.00
_cell.angle_gamma   90.00
#
_symmetry.space_group_name_H-M   'P 1'
#
loop_
_entity.id
_entity.type
_entity.pdbx_description
1 polymer 'CRISPR-associated small subunit protein (Type III-D)'
2 polymer 'CRISPR-associated Cas7 paralog (Type III-D)'
3 polymer 'CRISPR-associated Cas7 paralog (Type III-D)'
4 polymer 'CRISPR-associated Cas7 paralog (Type III-D)'
5 polymer 'RNA (48-MER)'
6 polymer 'CRISPR-associated Cas7 paralog (Type III-D)'
7 polymer 'CRISPR-associated Cas7 paralog (Type III-D)'
8 polymer 'CRISPR-associated protein Cas10 (Type III-D)'
9 polymer 'CRISPR-associated protein Cas5 (Type III-D)'
#
loop_
_entity_poly.entity_id
_entity_poly.type
_entity_poly.pdbx_seq_one_letter_code
_entity_poly.pdbx_strand_id
1 'polypeptide(L)'
;MRVKHYIQREFNYSVSSQDLLDIATRIAISAIKPKPKSNKPEPYVDSSTINSLLSFLQSRRNVNELLLYIMRQAGRDEID
EETGKLLLASLKDRELKDAVNLLGYVKWVYDTLTGLKVNYNNVKGVKTFKELVNILSKV
;
A,B,C,D,E
2 'polypeptide(L)'
;RSPIRRSNYTPRNEKGLEGVIELQLNVVSDYLHVGSGKYDVEVMRSVSDVKRLVEDYLSGGNKRIPNNVDQYFSMVAFLM
VRNKDNVVIPGSTIKGMVRSRLELSVPGSCYIVTGHSTSSSAVYKRIFNPDPNRGSDRFDVNKFPQVCPVCDLLGNMGLA
SRVSLSDFVMTSGKVDYVNVKGRDYEVVTKGSIFAGKVLYKSLKPVEIGMLLYGFGFVKDCNGSKVMLLGRFKFSDKRFG
RVKFSLKTPIADCNKLVSDFVKQFNPRYINEE
;
J
3 'polypeptide(L)'
;MIPIKVSMRNLSSLTIAGGSTISSIDIPLNPLGVPPSTIKGTMRTAVHNLLPNGYTSCGEVEPESIREAHKNGVCDVCKL
FGYPDSLTGCFTIDVSKTDYRTSYITRVSIDDKTQRAKEGSLFTQQIILPNSDISFTVYYNCNDERLFKLLLYSILDLRY
WRLGRNTMIDVKVNNVEEICKSVKCDEEINGILNQLSRYLWE
;
L
4 'polypeptide(L)'
;MVIQVFRLNFRLRTGFRVGGGQEVGDNVIRQLRIGVEGVMIPASSWKGMFRRVSEIVLNSEDHFEEHSKKEVDTRTINAL
LKSDEKFRRIAISKVGKEVITQNGINVDKLDSESLSDLRRIYNEYNCPIERLYGSNYFAGGITISDSVIPNASIMERTHV
TIERKSKKASEKHLFSEEIIDAEKIEVKVIVRNEFELWKNSLKLLREIGYFIGGSKSRGIGYIVLDEKESEYAVINNFSE
TPKFSELKRYLS
;
N
5 'polyribonucleotide' AUUGAAAGUUUUUUUUUUUUUUUUUUUUUUUUUUUUUUUUUUUUUUUU R
6 'polypeptide(L)'
;MSCMDLDVITTVVKIEGKLRNETLLRVGKGKTQDFAEATDNPIIKYRDRPLIPGSSLKGAFRSLVESYTKSLNDSKYYVC
DLDDNSCVSCEEKKKDNGIVEGRYCIPCILFGFKDLASRVYILDAIAEKYSISQRTMVAINRVFGGQMPGHLYTLDYVDP
GSEFSFMMMIYNLNLIEGEKDWKAKSVEALKFLLATLVREGIFVGARKSVGYGLIKLVDAKVSLYKAPDHLVSPVIVKKL
EEVIGTNG
;
G,F
7 'polypeptide(L)'
;MVNYTFIDKRVIKRTTMIEGDVETVSPLKIGGGKDNFDPSSLAKDSILKDVEGRPIIPGSSWKGIFRSTGERILRLRNIE
VCSGIGKDYCLNNNRKERDFNSALKENVDQALEIFWDYTCLNCKVFGTMSVIGAVRFLDSLPISYSLNTRSMIAISRTEG
AVARRALVTVEYVDVGSKFSFKMMGYNLPNYAIGYLITIMKNIHDGFTQVGGHKSRGFGFVKFGKVKFTDLGEKRIGDED
IQVKDVGDLVEGNGDEFFGRMKPFMEAFNNAKIPYPKK
;
H,I
8 'polypeptide(L)'
;MIRGKLLLPEKKVVFINESEVQSLRKDVVDALKVFSSLACELADNNETKATNIFADLISMIYKLPMLISYVPSDKLSTPH
EYFFAYIVFRHLVEDSMPSNDIAKLLEILEEKKRDEIKEVLDYARTLRKIYEKLLYVPADTRPGYNFTSLASHLQLSSIL
VWLLQKGSVDLNYLRISALLHDIGKLFNPTNHVSESIKILDEVIEGSECLKTNLSRVKSLVEQHHAPLETILNDADRLAA
STDRFSEIVKGALNNTKIGECYSLCYGRDVRTKECMECLEEYGEETYSEESKRLYDVISNSVVSQKVEGNAIGYLVYIDF
PGIQRFITSFPKLREMSFASFLVDFVTSIYSFIVLDQAYYERTGKKSRIPAEALLSGYGGHSYIIVRSDFGSKDEVKAWL
ESVSSSALSKLGIRLDVKVADFAYENYVRNYKEVYEDMMSKSYERYLIRDEGKVYSYGLHRVCDNCGIRPAVNRSDDGEY
LCETCNLVRDLSKNRGFIAKYKSKYTLYEEQRIEISPKEDIKFKLDKNQDPTSYAMEIIAGYRTTSDSRYIALIKADGNN
AGKIFGNTVTFSEYVDKSFRLDFGVKKMFYDTLLDIMRASSDESIKKDLVSRILLGVLYLGGDDIMLLSPSAIAVPFAVK
MFKRSLEYTGFTFKVGIISVKPDHPVQFAYGAVNALMEESKIHTGEKSSIGVLVFSSTLASEGVVKSDLKNYRKEKESFL
VVSNDVDDVERLLNLMELDDFGKLMELYWNPEEGRKVIRDKIRSLERFVNYADTHDFYNTLAYLIRSKAKSEENSLIKRI
IDLTIKGRDDFVFPLYDYYFILKSIRVGI
;
K
9 'polypeptide(L)'
;MILIKLKVKGYITTQMRRIRNYYFSITNYIPSTTLRGAILAEYYNQTGKIDENFYVSPAYPIKTAPAHYFSPAKERKGDE
FIEVKRILEKKEKEFEANKPIEEIMKLEIDGKHPKPKIGSLITYEGETDKENKYREFSSKSIIQMHVAIDKTSISSYKGM
LFAYEYKEFDEMWAIASDSEVIDTVKRIKIGRGKNRGNKVVDVEKVREVSLDQSKGLLYCLSPCIGSLFGKTFFKAKYII
GDKSIYSGWFTVDSFSGQKPVFETLREGSLVYVESFSNEKSLMPAGLNFMLRISDLSSIL
;
M
#
# COMPACT_ATOMS: atom_id res chain seq x y z
N ASP A 19 -61.94 17.99 47.66
CA ASP A 19 -61.87 18.46 49.04
C ASP A 19 -62.70 19.73 49.23
N LEU A 20 -62.03 20.88 49.27
CA LEU A 20 -62.73 22.15 49.45
C LEU A 20 -63.63 22.44 48.26
N LEU A 21 -63.25 21.97 47.07
CA LEU A 21 -64.07 22.23 45.88
C LEU A 21 -65.45 21.61 46.02
N ASP A 22 -65.53 20.41 46.60
CA ASP A 22 -66.80 19.74 46.78
C ASP A 22 -67.72 20.53 47.71
N ILE A 23 -67.16 21.03 48.81
CA ILE A 23 -67.93 21.82 49.77
C ILE A 23 -68.46 23.07 49.07
N ALA A 24 -67.60 23.71 48.27
CA ALA A 24 -68.01 24.93 47.60
C ALA A 24 -69.20 24.70 46.68
N THR A 25 -69.18 23.61 45.92
CA THR A 25 -70.30 23.31 45.03
C THR A 25 -71.58 23.09 45.82
N ARG A 26 -71.50 22.35 46.93
CA ARG A 26 -72.69 22.11 47.74
C ARG A 26 -73.26 23.40 48.29
N ILE A 27 -72.39 24.31 48.73
CA ILE A 27 -72.87 25.57 49.30
C ILE A 27 -73.48 26.44 48.21
N ALA A 28 -72.80 26.57 47.07
CA ALA A 28 -73.30 27.41 45.99
C ALA A 28 -74.61 26.87 45.44
N ILE A 29 -74.70 25.55 45.24
CA ILE A 29 -75.92 24.96 44.73
C ILE A 29 -77.06 25.13 45.72
N SER A 30 -76.75 25.15 47.02
CA SER A 30 -77.78 25.44 48.02
C SER A 30 -78.13 26.92 48.04
N ALA A 31 -77.20 27.78 47.65
CA ALA A 31 -77.40 29.21 47.66
C ALA A 31 -77.96 29.74 46.35
N ILE A 32 -78.25 28.87 45.39
CA ILE A 32 -78.80 29.32 44.11
C ILE A 32 -80.29 29.07 43.99
N LYS A 33 -80.91 28.38 44.94
CA LYS A 33 -82.32 28.09 44.84
C LYS A 33 -83.13 29.38 44.83
N PRO A 34 -84.21 29.46 44.06
CA PRO A 34 -84.96 30.72 43.95
C PRO A 34 -85.56 31.13 45.28
N LYS A 35 -85.59 32.43 45.52
CA LYS A 35 -86.17 32.95 46.74
C LYS A 35 -87.68 32.72 46.74
N PRO A 36 -88.27 32.38 47.88
CA PRO A 36 -89.72 32.23 47.96
C PRO A 36 -90.41 33.58 47.99
N LYS A 37 -91.74 33.54 48.00
CA LYS A 37 -92.63 34.69 48.07
C LYS A 37 -92.14 35.87 47.23
N SER A 38 -91.64 35.58 46.03
CA SER A 38 -91.20 36.62 45.12
C SER A 38 -91.39 36.12 43.70
N ASN A 39 -92.34 36.72 42.98
CA ASN A 39 -92.62 36.30 41.61
C ASN A 39 -91.42 36.46 40.70
N LYS A 40 -90.52 37.38 41.02
CA LYS A 40 -89.31 37.54 40.22
C LYS A 40 -88.41 36.33 40.42
N PRO A 41 -87.97 35.68 39.34
CA PRO A 41 -87.12 34.50 39.48
C PRO A 41 -85.70 34.86 39.89
N GLU A 42 -85.49 35.06 41.19
CA GLU A 42 -84.17 35.43 41.69
C GLU A 42 -83.66 34.37 42.66
N PRO A 43 -82.37 34.07 42.64
CA PRO A 43 -81.81 33.16 43.64
C PRO A 43 -81.91 33.76 45.04
N TYR A 44 -81.95 32.88 46.04
CA TYR A 44 -82.14 33.33 47.41
C TYR A 44 -81.01 34.23 47.88
N VAL A 45 -79.86 34.20 47.22
CA VAL A 45 -78.74 35.08 47.53
C VAL A 45 -78.65 36.17 46.46
N ASP A 46 -78.43 37.39 46.89
CA ASP A 46 -78.47 38.57 46.03
C ASP A 46 -77.19 38.80 45.25
N SER A 47 -76.31 37.79 45.18
CA SER A 47 -75.10 37.83 44.35
C SER A 47 -74.10 38.85 44.85
N SER A 48 -74.45 39.61 45.88
CA SER A 48 -73.50 40.49 46.55
C SER A 48 -73.15 40.02 47.95
N THR A 49 -73.94 39.10 48.52
CA THR A 49 -73.62 38.56 49.82
C THR A 49 -72.30 37.80 49.82
N ILE A 50 -72.03 37.05 48.75
CA ILE A 50 -70.78 36.31 48.66
C ILE A 50 -69.59 37.26 48.63
N ASN A 51 -69.69 38.32 47.82
CA ASN A 51 -68.62 39.30 47.75
C ASN A 51 -68.43 39.99 49.09
N SER A 52 -69.54 40.31 49.77
CA SER A 52 -69.44 40.91 51.10
C SER A 52 -68.74 39.98 52.07
N LEU A 53 -69.06 38.69 52.02
CA LEU A 53 -68.41 37.72 52.89
C LEU A 53 -66.92 37.66 52.63
N LEU A 54 -66.54 37.61 51.35
CA LEU A 54 -65.12 37.54 51.01
C LEU A 54 -64.39 38.80 51.48
N SER A 55 -64.98 39.97 51.23
CA SER A 55 -64.35 41.22 51.64
C SER A 55 -64.22 41.29 53.16
N PHE A 56 -65.25 40.87 53.88
CA PHE A 56 -65.20 40.90 55.34
C PHE A 56 -64.13 39.96 55.86
N LEU A 57 -64.04 38.75 55.29
CA LEU A 57 -63.02 37.82 55.74
C LEU A 57 -61.62 38.36 55.47
N GLN A 58 -61.41 38.95 54.29
CA GLN A 58 -60.11 39.53 54.00
C GLN A 58 -59.77 40.67 54.94
N SER A 59 -60.74 41.55 55.21
CA SER A 59 -60.48 42.72 56.03
C SER A 59 -60.21 42.35 57.47
N ARG A 60 -61.06 41.52 58.05
CA ARG A 60 -60.92 41.16 59.46
C ARG A 60 -59.80 40.18 59.71
N ARG A 61 -59.49 39.32 58.73
CA ARG A 61 -58.48 38.27 58.88
C ARG A 61 -58.82 37.35 60.05
N ASN A 62 -60.12 37.18 60.33
CA ASN A 62 -60.57 36.38 61.46
C ASN A 62 -61.67 35.43 61.00
N VAL A 63 -61.81 34.33 61.72
CA VAL A 63 -62.82 33.33 61.40
C VAL A 63 -64.07 33.48 62.27
N ASN A 64 -63.88 33.79 63.55
CA ASN A 64 -65.04 33.96 64.43
C ASN A 64 -65.86 35.16 64.01
N GLU A 65 -65.20 36.25 63.63
CA GLU A 65 -65.93 37.42 63.13
C GLU A 65 -66.68 37.08 61.85
N LEU A 66 -66.08 36.29 60.97
CA LEU A 66 -66.76 35.86 59.77
C LEU A 66 -67.99 35.00 60.11
N LEU A 67 -67.85 34.14 61.12
CA LEU A 67 -69.00 33.34 61.56
C LEU A 67 -70.13 34.23 62.06
N LEU A 68 -69.79 35.24 62.85
CA LEU A 68 -70.82 36.16 63.35
C LEU A 68 -71.48 36.92 62.21
N TYR A 69 -70.68 37.36 61.24
CA TYR A 69 -71.23 38.04 60.07
C TYR A 69 -72.18 37.13 59.30
N ILE A 70 -71.81 35.87 59.13
CA ILE A 70 -72.66 34.92 58.43
C ILE A 70 -73.95 34.70 59.19
N MET A 71 -73.86 34.61 60.52
CA MET A 71 -75.06 34.43 61.34
C MET A 71 -75.99 35.63 61.21
N ARG A 72 -75.42 36.83 61.21
CA ARG A 72 -76.23 38.03 61.03
C ARG A 72 -76.91 38.02 59.67
N GLN A 73 -76.17 37.66 58.61
CA GLN A 73 -76.75 37.62 57.28
C GLN A 73 -77.86 36.60 57.19
N ALA A 74 -77.67 35.44 57.81
CA ALA A 74 -78.73 34.43 57.85
C ALA A 74 -79.96 34.96 58.57
N GLY A 75 -79.76 35.66 59.69
CA GLY A 75 -80.88 36.28 60.38
C GLY A 75 -81.59 37.34 59.56
N ARG A 76 -80.86 38.03 58.70
CA ARG A 76 -81.45 39.06 57.85
C ARG A 76 -82.13 38.49 56.61
N ASP A 77 -82.46 37.20 56.62
CA ASP A 77 -83.25 36.57 55.56
C ASP A 77 -82.55 36.70 54.20
N GLU A 78 -81.23 36.51 54.20
CA GLU A 78 -80.47 36.42 52.96
C GLU A 78 -79.81 35.07 52.76
N ILE A 79 -79.68 34.27 53.81
CA ILE A 79 -79.12 32.92 53.72
C ILE A 79 -80.14 31.95 54.29
N ASP A 80 -80.47 30.91 53.52
CA ASP A 80 -81.45 29.95 53.98
C ASP A 80 -80.86 29.09 55.09
N GLU A 81 -81.73 28.25 55.69
CA GLU A 81 -81.29 27.36 56.75
C GLU A 81 -80.26 26.37 56.23
N GLU A 82 -80.50 25.79 55.05
CA GLU A 82 -79.58 24.80 54.52
C GLU A 82 -78.22 25.42 54.20
N THR A 83 -78.23 26.54 53.47
CA THR A 83 -76.96 27.18 53.12
C THR A 83 -76.23 27.68 54.35
N GLY A 84 -76.97 28.26 55.30
CA GLY A 84 -76.33 28.72 56.53
C GLY A 84 -75.71 27.57 57.31
N LYS A 85 -76.44 26.45 57.42
CA LYS A 85 -75.90 25.29 58.11
C LYS A 85 -74.67 24.75 57.42
N LEU A 86 -74.69 24.67 56.09
CA LEU A 86 -73.54 24.19 55.34
C LEU A 86 -72.33 25.09 55.57
N LEU A 87 -72.54 26.40 55.47
CA LEU A 87 -71.43 27.34 55.63
C LEU A 87 -70.86 27.28 57.04
N LEU A 88 -71.73 27.24 58.06
CA LEU A 88 -71.24 27.16 59.42
C LEU A 88 -70.51 25.85 59.68
N ALA A 89 -71.03 24.74 59.16
CA ALA A 89 -70.35 23.46 59.35
C ALA A 89 -68.99 23.46 58.70
N SER A 90 -68.89 24.04 57.50
CA SER A 90 -67.60 24.05 56.80
C SER A 90 -66.62 25.04 57.40
N LEU A 91 -67.11 26.09 58.07
CA LEU A 91 -66.24 27.14 58.58
C LEU A 91 -65.99 27.07 60.07
N LYS A 92 -66.65 26.17 60.79
CA LYS A 92 -66.39 26.07 62.23
C LYS A 92 -64.97 25.60 62.49
N ASP A 93 -64.47 24.65 61.72
CA ASP A 93 -63.14 24.08 61.96
C ASP A 93 -62.20 24.36 60.80
N ARG A 94 -62.17 25.59 60.31
CA ARG A 94 -61.36 25.95 59.17
C ARG A 94 -60.30 26.97 59.56
N GLU A 95 -59.17 26.91 58.86
CA GLU A 95 -58.08 27.86 59.07
C GLU A 95 -58.39 29.17 58.35
N LEU A 96 -57.42 30.07 58.29
CA LEU A 96 -57.63 31.36 57.63
C LEU A 96 -57.50 31.22 56.11
N LYS A 97 -56.32 30.81 55.64
CA LYS A 97 -56.08 30.73 54.21
C LYS A 97 -56.98 29.68 53.55
N ASP A 98 -57.21 28.56 54.22
CA ASP A 98 -58.09 27.55 53.66
C ASP A 98 -59.50 28.09 53.50
N ALA A 99 -59.99 28.82 54.50
CA ALA A 99 -61.31 29.43 54.40
C ALA A 99 -61.35 30.46 53.29
N VAL A 100 -60.26 31.21 53.11
CA VAL A 100 -60.20 32.17 52.01
C VAL A 100 -60.32 31.46 50.68
N ASN A 101 -59.59 30.36 50.53
CA ASN A 101 -59.67 29.59 49.28
C ASN A 101 -61.08 29.04 49.08
N LEU A 102 -61.71 28.57 50.16
CA LEU A 102 -63.08 28.06 50.06
C LEU A 102 -64.04 29.15 49.61
N LEU A 103 -63.92 30.34 50.19
CA LEU A 103 -64.81 31.44 49.79
C LEU A 103 -64.56 31.86 48.36
N GLY A 104 -63.29 31.85 47.93
CA GLY A 104 -63.01 32.17 46.54
C GLY A 104 -63.60 31.15 45.58
N TYR A 105 -63.49 29.87 45.91
CA TYR A 105 -64.11 28.84 45.09
C TYR A 105 -65.62 28.99 45.06
N VAL A 106 -66.21 29.33 46.21
CA VAL A 106 -67.64 29.57 46.27
C VAL A 106 -68.03 30.72 45.36
N LYS A 107 -67.26 31.81 45.40
CA LYS A 107 -67.55 32.95 44.55
C LYS A 107 -67.44 32.59 43.08
N TRP A 108 -66.40 31.86 42.70
CA TRP A 108 -66.25 31.47 41.29
C TRP A 108 -67.38 30.57 40.83
N VAL A 109 -67.76 29.60 41.68
CA VAL A 109 -68.86 28.70 41.31
C VAL A 109 -70.16 29.46 41.19
N TYR A 110 -70.43 30.37 42.13
CA TYR A 110 -71.65 31.15 42.09
C TYR A 110 -71.70 32.03 40.85
N ASP A 111 -70.57 32.66 40.52
CA ASP A 111 -70.51 33.49 39.31
C ASP A 111 -70.76 32.65 38.07
N THR A 112 -70.18 31.44 38.03
CA THR A 112 -70.41 30.55 36.89
C THR A 112 -71.88 30.20 36.77
N LEU A 113 -72.50 29.83 37.89
CA LEU A 113 -73.90 29.43 37.85
C LEU A 113 -74.79 30.59 37.44
N THR A 114 -74.51 31.78 37.95
CA THR A 114 -75.31 32.95 37.60
C THR A 114 -75.16 33.31 36.14
N GLY A 115 -73.93 33.36 35.64
CA GLY A 115 -73.71 33.71 34.25
C GLY A 115 -74.29 32.69 33.29
N LEU A 116 -74.15 31.40 33.61
CA LEU A 116 -74.68 30.36 32.76
C LEU A 116 -76.21 30.30 32.79
N LYS A 117 -76.85 31.00 33.72
CA LYS A 117 -78.31 31.01 33.84
C LYS A 117 -78.86 29.60 34.02
N VAL A 118 -78.09 28.74 34.70
CA VAL A 118 -78.52 27.38 34.92
C VAL A 118 -79.76 27.36 35.82
N ASN A 119 -80.56 26.32 35.68
CA ASN A 119 -81.80 26.18 36.44
C ASN A 119 -81.56 25.25 37.62
N TYR A 120 -81.99 25.69 38.80
CA TYR A 120 -81.78 24.90 40.02
C TYR A 120 -82.41 23.53 39.91
N ASN A 121 -83.48 23.40 39.12
CA ASN A 121 -84.09 22.09 38.91
C ASN A 121 -83.15 21.15 38.17
N ASN A 122 -82.41 21.68 37.19
CA ASN A 122 -81.51 20.83 36.41
C ASN A 122 -80.43 20.21 37.29
N VAL A 123 -79.86 21.01 38.19
CA VAL A 123 -78.80 20.57 39.08
C VAL A 123 -79.26 20.82 40.52
N LYS A 124 -79.74 19.77 41.17
CA LYS A 124 -80.27 19.90 42.52
C LYS A 124 -79.53 19.01 43.52
N GLY A 125 -79.56 17.69 43.33
CA GLY A 125 -78.90 16.79 44.25
C GLY A 125 -77.48 16.45 43.86
N VAL A 126 -76.68 17.45 43.55
CA VAL A 126 -75.30 17.25 43.11
C VAL A 126 -74.39 17.67 44.25
N LYS A 127 -73.67 16.70 44.83
CA LYS A 127 -72.72 16.96 45.89
C LYS A 127 -71.28 16.81 45.43
N THR A 128 -71.04 16.49 44.16
CA THR A 128 -69.71 16.25 43.64
C THR A 128 -69.39 17.28 42.57
N PHE A 129 -68.24 17.94 42.71
CA PHE A 129 -67.82 18.90 41.70
C PHE A 129 -67.64 18.24 40.35
N LYS A 130 -67.21 16.99 40.34
CA LYS A 130 -67.12 16.25 39.07
C LYS A 130 -68.50 16.08 38.45
N GLU A 131 -69.51 15.81 39.28
CA GLU A 131 -70.87 15.70 38.76
C GLU A 131 -71.35 17.02 38.16
N LEU A 132 -71.03 18.13 38.83
CA LEU A 132 -71.40 19.44 38.29
C LEU A 132 -70.69 19.69 36.96
N VAL A 133 -69.42 19.31 36.88
CA VAL A 133 -68.68 19.46 35.63
C VAL A 133 -69.34 18.63 34.53
N ASN A 134 -69.72 17.40 34.85
CA ASN A 134 -70.37 16.55 33.86
C ASN A 134 -71.70 17.14 33.41
N ILE A 135 -72.46 17.70 34.35
CA ILE A 135 -73.74 18.32 34.00
C ILE A 135 -73.53 19.50 33.07
N LEU A 136 -72.55 20.35 33.39
CA LEU A 136 -72.30 21.52 32.58
C LEU A 136 -71.69 21.19 31.23
N SER A 137 -71.04 20.03 31.11
CA SER A 137 -70.39 19.66 29.85
C SER A 137 -71.30 18.87 28.93
N LYS A 138 -72.03 17.88 29.46
CA LYS A 138 -72.83 17.00 28.62
C LYS A 138 -74.00 17.73 27.96
N VAL A 139 -74.42 18.85 28.51
CA VAL A 139 -75.53 19.59 27.93
C VAL A 139 -75.03 20.50 26.82
N ASP B 19 -53.47 13.76 17.08
CA ASP B 19 -54.19 13.37 18.29
C ASP B 19 -54.65 14.59 19.09
N LEU B 20 -53.77 15.12 19.94
CA LEU B 20 -54.10 16.32 20.70
C LEU B 20 -54.27 17.52 19.78
N LEU B 21 -53.59 17.50 18.63
CA LEU B 21 -53.67 18.63 17.71
C LEU B 21 -55.08 18.82 17.18
N ASP B 22 -55.80 17.73 16.90
CA ASP B 22 -57.16 17.86 16.41
C ASP B 22 -58.06 18.49 17.47
N ILE B 23 -57.92 18.06 18.72
CA ILE B 23 -58.70 18.66 19.80
C ILE B 23 -58.38 20.14 19.93
N ALA B 24 -57.09 20.49 19.88
CA ALA B 24 -56.69 21.88 20.00
C ALA B 24 -57.26 22.72 18.86
N THR B 25 -57.20 22.20 17.63
CA THR B 25 -57.73 22.93 16.49
C THR B 25 -59.24 23.13 16.62
N ARG B 26 -59.96 22.09 17.05
CA ARG B 26 -61.39 22.23 17.25
C ARG B 26 -61.69 23.30 18.29
N ILE B 27 -60.96 23.27 19.40
CA ILE B 27 -61.21 24.23 20.48
C ILE B 27 -60.93 25.65 20.00
N ALA B 28 -59.80 25.85 19.32
CA ALA B 28 -59.44 27.18 18.85
C ALA B 28 -60.44 27.69 17.82
N ILE B 29 -60.87 26.83 16.89
CA ILE B 29 -61.85 27.24 15.89
C ILE B 29 -63.16 27.63 16.56
N SER B 30 -63.61 26.83 17.54
CA SER B 30 -64.83 27.17 18.25
C SER B 30 -64.68 28.51 18.98
N ALA B 31 -63.49 28.77 19.53
CA ALA B 31 -63.27 29.99 20.28
C ALA B 31 -63.13 31.23 19.41
N ILE B 32 -62.66 31.07 18.16
CA ILE B 32 -62.36 32.23 17.32
C ILE B 32 -63.60 32.81 16.64
N LYS B 33 -64.77 32.21 16.86
CA LYS B 33 -65.97 32.70 16.17
C LYS B 33 -66.27 34.13 16.60
N PRO B 34 -66.82 34.95 15.71
CA PRO B 34 -66.97 36.38 15.99
C PRO B 34 -67.85 36.64 17.21
N LYS B 35 -67.48 37.68 17.95
CA LYS B 35 -68.26 38.09 19.12
C LYS B 35 -69.49 38.86 18.66
N PRO B 36 -70.69 38.48 19.12
CA PRO B 36 -71.89 39.23 18.77
C PRO B 36 -71.86 40.63 19.36
N LYS B 37 -72.76 41.47 18.84
CA LYS B 37 -72.93 42.87 19.22
C LYS B 37 -71.61 43.60 19.41
N SER B 38 -70.62 43.27 18.58
CA SER B 38 -69.31 43.90 18.63
C SER B 38 -69.14 44.77 17.39
N ASN B 39 -68.79 46.04 17.60
CA ASN B 39 -68.61 46.97 16.49
C ASN B 39 -67.45 46.60 15.59
N LYS B 40 -66.55 45.72 16.05
CA LYS B 40 -65.39 45.35 15.26
C LYS B 40 -65.37 43.85 15.02
N PRO B 41 -64.83 43.42 13.88
CA PRO B 41 -64.72 41.97 13.64
C PRO B 41 -63.64 41.36 14.51
N GLU B 42 -63.98 41.10 15.78
CA GLU B 42 -63.02 40.59 16.74
C GLU B 42 -63.43 39.20 17.21
N PRO B 43 -62.48 38.38 17.63
CA PRO B 43 -62.83 37.05 18.15
C PRO B 43 -63.65 37.18 19.43
N TYR B 44 -64.50 36.19 19.66
CA TYR B 44 -65.31 36.20 20.88
C TYR B 44 -64.45 36.13 22.12
N VAL B 45 -63.25 35.57 22.01
CA VAL B 45 -62.31 35.49 23.13
C VAL B 45 -60.94 35.90 22.62
N ASP B 46 -60.22 36.66 23.43
CA ASP B 46 -58.93 37.19 23.05
C ASP B 46 -57.80 36.31 23.57
N SER B 47 -56.61 36.51 22.99
CA SER B 47 -55.44 35.75 23.39
C SER B 47 -55.09 35.94 24.86
N SER B 48 -55.51 37.05 25.44
CA SER B 48 -55.27 37.28 26.87
C SER B 48 -55.89 36.16 27.70
N THR B 49 -57.09 35.72 27.33
CA THR B 49 -57.74 34.63 28.07
C THR B 49 -56.95 33.33 27.92
N ILE B 50 -56.45 33.05 26.72
CA ILE B 50 -55.69 31.82 26.51
C ILE B 50 -54.42 31.84 27.34
N ASN B 51 -53.71 32.96 27.32
CA ASN B 51 -52.50 33.09 28.12
C ASN B 51 -52.82 32.97 29.61
N SER B 52 -53.94 33.55 30.04
CA SER B 52 -54.34 33.43 31.44
C SER B 52 -54.61 31.98 31.81
N LEU B 53 -55.27 31.23 30.92
CA LEU B 53 -55.52 29.82 31.19
C LEU B 53 -54.22 29.05 31.32
N LEU B 54 -53.30 29.28 30.38
CA LEU B 54 -52.04 28.55 30.43
C LEU B 54 -51.24 28.90 31.68
N SER B 55 -51.19 30.18 32.03
CA SER B 55 -50.47 30.60 33.23
C SER B 55 -51.12 30.05 34.48
N PHE B 56 -52.45 30.03 34.52
CA PHE B 56 -53.16 29.47 35.67
C PHE B 56 -52.84 28.00 35.84
N LEU B 57 -52.82 27.25 34.73
CA LEU B 57 -52.47 25.84 34.82
C LEU B 57 -51.01 25.66 35.25
N GLN B 58 -50.12 26.52 34.75
CA GLN B 58 -48.70 26.40 35.11
C GLN B 58 -48.45 26.73 36.57
N SER B 59 -49.19 27.67 37.13
CA SER B 59 -48.96 28.10 38.51
C SER B 59 -49.72 27.24 39.50
N ARG B 60 -51.06 27.20 39.36
CA ARG B 60 -51.87 26.46 40.30
C ARG B 60 -51.61 24.96 40.20
N ARG B 61 -51.42 24.45 38.97
CA ARG B 61 -51.11 23.04 38.73
C ARG B 61 -52.18 22.12 39.31
N ASN B 62 -53.44 22.52 39.16
CA ASN B 62 -54.57 21.71 39.60
C ASN B 62 -55.61 21.72 38.50
N VAL B 63 -55.92 20.53 37.96
CA VAL B 63 -56.82 20.45 36.83
C VAL B 63 -58.23 20.84 37.22
N ASN B 64 -58.65 20.52 38.44
CA ASN B 64 -59.98 20.93 38.88
C ASN B 64 -60.07 22.45 39.01
N GLU B 65 -59.02 23.08 39.54
CA GLU B 65 -59.01 24.54 39.58
C GLU B 65 -59.01 25.13 38.18
N LEU B 66 -58.32 24.48 37.24
CA LEU B 66 -58.36 24.94 35.86
C LEU B 66 -59.77 24.86 35.29
N LEU B 67 -60.47 23.77 35.56
CA LEU B 67 -61.85 23.64 35.09
C LEU B 67 -62.73 24.71 35.71
N LEU B 68 -62.56 24.97 37.00
CA LEU B 68 -63.33 26.01 37.66
C LEU B 68 -63.05 27.38 37.05
N TYR B 69 -61.79 27.67 36.75
CA TYR B 69 -61.45 28.93 36.11
C TYR B 69 -62.08 29.03 34.73
N ILE B 70 -62.06 27.94 33.97
CA ILE B 70 -62.68 27.96 32.64
C ILE B 70 -64.17 28.22 32.77
N MET B 71 -64.82 27.56 33.73
CA MET B 71 -66.24 27.78 33.95
C MET B 71 -66.52 29.22 34.33
N ARG B 72 -65.70 29.80 35.20
CA ARG B 72 -65.90 31.18 35.60
C ARG B 72 -65.72 32.13 34.43
N GLN B 73 -64.72 31.88 33.58
CA GLN B 73 -64.53 32.72 32.40
C GLN B 73 -65.70 32.60 31.44
N ALA B 74 -66.24 31.38 31.28
CA ALA B 74 -67.41 31.19 30.44
C ALA B 74 -68.61 31.95 31.00
N GLY B 75 -68.81 31.90 32.31
CA GLY B 75 -69.89 32.63 32.93
C GLY B 75 -69.72 34.13 32.89
N ARG B 76 -68.47 34.60 32.82
CA ARG B 76 -68.17 36.02 32.68
C ARG B 76 -68.32 36.52 31.26
N ASP B 77 -68.97 35.74 30.40
CA ASP B 77 -69.17 36.10 29.00
C ASP B 77 -67.85 36.33 28.28
N GLU B 78 -66.81 35.64 28.74
CA GLU B 78 -65.51 35.67 28.08
C GLU B 78 -65.26 34.44 27.21
N ILE B 79 -65.87 33.31 27.53
CA ILE B 79 -65.81 32.11 26.72
C ILE B 79 -67.23 31.70 26.38
N ASP B 80 -67.52 31.57 25.09
CA ASP B 80 -68.84 31.12 24.66
C ASP B 80 -69.08 29.68 25.11
N GLU B 81 -70.35 29.36 25.35
CA GLU B 81 -70.70 28.12 26.02
C GLU B 81 -70.20 26.89 25.27
N GLU B 82 -70.19 26.93 23.94
CA GLU B 82 -69.70 25.78 23.18
C GLU B 82 -68.21 25.54 23.41
N THR B 83 -67.41 26.61 23.39
CA THR B 83 -65.98 26.46 23.65
C THR B 83 -65.74 26.00 25.08
N GLY B 84 -66.50 26.53 26.03
CA GLY B 84 -66.38 26.07 27.40
C GLY B 84 -66.71 24.60 27.54
N LYS B 85 -67.76 24.15 26.86
CA LYS B 85 -68.12 22.74 26.89
C LYS B 85 -67.03 21.89 26.28
N LEU B 86 -66.46 22.34 25.16
CA LEU B 86 -65.36 21.61 24.53
C LEU B 86 -64.17 21.49 25.47
N LEU B 87 -63.81 22.60 26.12
CA LEU B 87 -62.69 22.58 27.06
C LEU B 87 -62.96 21.64 28.21
N LEU B 88 -64.18 21.70 28.77
CA LEU B 88 -64.51 20.83 29.90
C LEU B 88 -64.47 19.37 29.50
N ALA B 89 -65.00 19.04 28.32
CA ALA B 89 -64.98 17.66 27.87
C ALA B 89 -63.55 17.18 27.64
N SER B 90 -62.71 18.03 27.04
CA SER B 90 -61.35 17.63 26.71
C SER B 90 -60.42 17.67 27.91
N LEU B 91 -60.82 18.32 29.01
CA LEU B 91 -60.00 18.37 30.21
C LEU B 91 -60.70 17.79 31.43
N LYS B 92 -61.73 16.96 31.20
CA LYS B 92 -62.50 16.42 32.31
C LYS B 92 -61.64 15.57 33.23
N ASP B 93 -60.85 14.66 32.66
CA ASP B 93 -60.09 13.69 33.45
C ASP B 93 -58.70 13.51 32.88
N ARG B 94 -58.02 14.61 32.57
CA ARG B 94 -56.68 14.57 32.00
C ARG B 94 -55.63 14.82 33.06
N GLU B 95 -54.43 14.27 32.82
CA GLU B 95 -53.32 14.51 33.71
C GLU B 95 -52.72 15.90 33.44
N LEU B 96 -51.85 16.33 34.36
CA LEU B 96 -51.33 17.69 34.29
C LEU B 96 -50.51 17.92 33.03
N LYS B 97 -49.62 16.98 32.70
CA LYS B 97 -48.76 17.16 31.53
C LYS B 97 -49.57 17.20 30.24
N ASP B 98 -50.55 16.29 30.12
CA ASP B 98 -51.41 16.32 28.94
C ASP B 98 -52.18 17.64 28.88
N ALA B 99 -52.65 18.12 30.03
CA ALA B 99 -53.40 19.37 30.05
C ALA B 99 -52.54 20.55 29.59
N VAL B 100 -51.30 20.62 30.07
CA VAL B 100 -50.45 21.75 29.68
C VAL B 100 -50.08 21.63 28.21
N ASN B 101 -49.87 20.41 27.71
CA ASN B 101 -49.59 20.24 26.29
C ASN B 101 -50.77 20.70 25.45
N LEU B 102 -51.98 20.32 25.85
CA LEU B 102 -53.16 20.73 25.09
C LEU B 102 -53.35 22.24 25.14
N LEU B 103 -53.13 22.85 26.30
CA LEU B 103 -53.27 24.30 26.41
C LEU B 103 -52.24 25.01 25.53
N GLY B 104 -51.01 24.51 25.50
CA GLY B 104 -50.02 25.12 24.63
C GLY B 104 -50.36 24.96 23.17
N TYR B 105 -50.88 23.79 22.79
CA TYR B 105 -51.33 23.61 21.41
C TYR B 105 -52.45 24.59 21.07
N VAL B 106 -53.39 24.77 22.00
CA VAL B 106 -54.49 25.71 21.77
C VAL B 106 -53.96 27.13 21.60
N LYS B 107 -53.00 27.52 22.44
CA LYS B 107 -52.43 28.85 22.35
C LYS B 107 -51.75 29.04 20.99
N TRP B 108 -50.95 28.06 20.57
CA TRP B 108 -50.26 28.18 19.30
C TRP B 108 -51.23 28.25 18.13
N VAL B 109 -52.27 27.42 18.15
CA VAL B 109 -53.24 27.44 17.07
C VAL B 109 -53.98 28.77 17.03
N TYR B 110 -54.34 29.30 18.20
CA TYR B 110 -54.99 30.60 18.25
C TYR B 110 -54.08 31.68 17.69
N ASP B 111 -52.79 31.63 18.02
CA ASP B 111 -51.85 32.60 17.47
C ASP B 111 -51.78 32.48 15.95
N THR B 112 -51.75 31.25 15.44
CA THR B 112 -51.72 31.06 13.99
C THR B 112 -52.95 31.66 13.33
N LEU B 113 -54.13 31.39 13.89
CA LEU B 113 -55.36 31.88 13.30
C LEU B 113 -55.43 33.40 13.36
N THR B 114 -55.00 33.99 14.48
CA THR B 114 -55.02 35.44 14.59
C THR B 114 -54.03 36.08 13.61
N GLY B 115 -52.82 35.55 13.50
CA GLY B 115 -51.85 36.12 12.59
C GLY B 115 -52.27 35.99 11.14
N LEU B 116 -52.81 34.84 10.78
CA LEU B 116 -53.27 34.65 9.41
C LEU B 116 -54.57 35.39 9.11
N LYS B 117 -55.24 35.91 10.13
CA LYS B 117 -56.48 36.68 9.96
C LYS B 117 -57.53 35.86 9.20
N VAL B 118 -57.61 34.57 9.54
CA VAL B 118 -58.56 33.68 8.88
C VAL B 118 -59.98 34.07 9.26
N ASN B 119 -60.92 33.74 8.38
CA ASN B 119 -62.33 34.06 8.59
C ASN B 119 -63.05 32.81 9.08
N TYR B 120 -63.80 32.96 10.18
CA TYR B 120 -64.49 31.82 10.77
C TYR B 120 -65.51 31.22 9.81
N ASN B 121 -66.05 32.01 8.90
CA ASN B 121 -67.09 31.52 8.00
C ASN B 121 -66.56 30.53 6.96
N ASN B 122 -65.26 30.47 6.73
CA ASN B 122 -64.70 29.50 5.79
C ASN B 122 -63.83 28.45 6.48
N VAL B 123 -63.85 28.39 7.80
CA VAL B 123 -63.04 27.45 8.56
C VAL B 123 -63.83 26.73 9.63
N LYS B 124 -65.12 27.01 9.77
CA LYS B 124 -65.91 26.41 10.85
C LYS B 124 -66.01 24.90 10.71
N GLY B 125 -66.00 24.39 9.48
CA GLY B 125 -66.19 22.97 9.26
C GLY B 125 -64.90 22.16 9.30
N VAL B 126 -64.01 22.48 10.23
CA VAL B 126 -62.73 21.81 10.37
C VAL B 126 -62.80 20.86 11.55
N LYS B 127 -62.43 19.60 11.33
CA LYS B 127 -62.41 18.59 12.37
C LYS B 127 -61.02 18.12 12.73
N THR B 128 -60.08 18.14 11.79
CA THR B 128 -58.73 17.64 12.02
C THR B 128 -57.70 18.70 11.65
N PHE B 129 -56.51 18.55 12.22
CA PHE B 129 -55.41 19.46 11.92
C PHE B 129 -55.04 19.42 10.44
N LYS B 130 -55.10 18.24 9.83
CA LYS B 130 -54.77 18.14 8.41
C LYS B 130 -55.74 18.95 7.56
N GLU B 131 -57.00 19.02 7.98
CA GLU B 131 -57.97 19.87 7.26
C GLU B 131 -57.56 21.34 7.35
N LEU B 132 -57.10 21.78 8.52
CA LEU B 132 -56.63 23.15 8.66
C LEU B 132 -55.42 23.39 7.75
N VAL B 133 -54.50 22.42 7.70
CA VAL B 133 -53.34 22.54 6.83
C VAL B 133 -53.78 22.67 5.38
N ASN B 134 -54.74 21.85 4.96
CA ASN B 134 -55.23 21.92 3.59
C ASN B 134 -55.87 23.28 3.30
N ILE B 135 -56.61 23.82 4.28
CA ILE B 135 -57.20 25.14 4.10
C ILE B 135 -56.11 26.19 3.93
N LEU B 136 -55.06 26.11 4.74
CA LEU B 136 -53.94 27.05 4.63
C LEU B 136 -52.99 26.57 3.53
N SER B 137 -53.50 26.60 2.31
CA SER B 137 -52.74 26.15 1.15
C SER B 137 -53.29 26.76 -0.13
N ASP C 19 -37.73 16.59 -7.87
CA ASP C 19 -36.74 16.29 -6.86
C ASP C 19 -36.87 17.22 -5.67
N LEU C 20 -36.29 16.82 -4.53
CA LEU C 20 -36.38 17.64 -3.33
C LEU C 20 -35.59 18.94 -3.49
N LEU C 21 -34.51 18.90 -4.27
CA LEU C 21 -33.66 20.08 -4.40
C LEU C 21 -34.37 21.21 -5.12
N ASP C 22 -35.22 20.88 -6.09
CA ASP C 22 -35.98 21.90 -6.81
C ASP C 22 -36.91 22.63 -5.85
N ILE C 23 -37.60 21.87 -5.00
CA ILE C 23 -38.51 22.43 -4.02
C ILE C 23 -37.73 23.31 -3.06
N ALA C 24 -36.55 22.83 -2.64
CA ALA C 24 -35.73 23.60 -1.71
C ALA C 24 -35.30 24.92 -2.33
N THR C 25 -34.87 24.89 -3.59
CA THR C 25 -34.47 26.12 -4.26
C THR C 25 -35.64 27.08 -4.39
N ARG C 26 -36.81 26.56 -4.76
CA ARG C 26 -37.98 27.42 -4.90
C ARG C 26 -38.35 28.08 -3.59
N ILE C 27 -38.36 27.31 -2.50
CA ILE C 27 -38.76 27.88 -1.21
C ILE C 27 -37.70 28.86 -0.71
N ALA C 28 -36.42 28.58 -0.94
CA ALA C 28 -35.39 29.54 -0.55
C ALA C 28 -35.51 30.83 -1.34
N ILE C 29 -35.82 30.72 -2.64
CA ILE C 29 -36.02 31.92 -3.45
C ILE C 29 -37.20 32.72 -2.93
N SER C 30 -38.29 32.04 -2.60
CA SER C 30 -39.44 32.73 -2.04
C SER C 30 -39.10 33.38 -0.70
N ALA C 31 -38.19 32.78 0.06
CA ALA C 31 -37.82 33.33 1.36
C ALA C 31 -36.74 34.39 1.29
N ILE C 32 -36.09 34.56 0.15
CA ILE C 32 -35.01 35.54 0.03
C ILE C 32 -35.54 36.87 -0.48
N LYS C 33 -36.87 37.00 -0.55
CA LYS C 33 -37.46 38.25 -0.98
C LYS C 33 -37.11 39.37 -0.01
N PRO C 34 -36.92 40.59 -0.51
CA PRO C 34 -36.57 41.70 0.38
C PRO C 34 -37.68 41.97 1.39
N LYS C 35 -37.28 42.31 2.60
CA LYS C 35 -38.25 42.63 3.64
C LYS C 35 -38.82 44.02 3.41
N PRO C 36 -40.13 44.15 3.21
CA PRO C 36 -40.71 45.48 3.05
C PRO C 36 -40.62 46.29 4.33
N LYS C 37 -40.47 47.60 4.17
CA LYS C 37 -40.37 48.54 5.28
C LYS C 37 -39.22 48.17 6.23
N SER C 38 -38.01 48.17 5.66
CA SER C 38 -36.80 47.92 6.41
C SER C 38 -35.78 49.00 6.10
N ASN C 39 -35.01 49.40 7.11
CA ASN C 39 -34.01 50.45 6.91
C ASN C 39 -32.95 50.05 5.91
N LYS C 40 -32.61 48.77 5.86
CA LYS C 40 -31.56 48.26 4.99
C LYS C 40 -32.08 47.10 4.17
N PRO C 41 -31.54 46.88 2.97
CA PRO C 41 -31.97 45.75 2.15
C PRO C 41 -31.53 44.43 2.78
N GLU C 42 -32.49 43.69 3.31
CA GLU C 42 -32.21 42.44 4.00
C GLU C 42 -33.28 41.43 3.61
N PRO C 43 -32.98 40.14 3.71
CA PRO C 43 -33.99 39.12 3.40
C PRO C 43 -35.16 39.22 4.37
N TYR C 44 -36.35 38.92 3.86
CA TYR C 44 -37.54 38.92 4.71
C TYR C 44 -37.49 37.84 5.76
N VAL C 45 -36.69 36.80 5.55
CA VAL C 45 -36.54 35.68 6.48
C VAL C 45 -35.07 35.57 6.86
N ASP C 46 -34.81 35.35 8.15
CA ASP C 46 -33.45 35.30 8.65
C ASP C 46 -32.99 33.86 8.85
N SER C 47 -31.66 33.68 8.80
CA SER C 47 -31.08 32.35 8.98
C SER C 47 -31.39 31.78 10.36
N SER C 48 -31.54 32.64 11.35
CA SER C 48 -31.89 32.17 12.69
C SER C 48 -33.21 31.40 12.67
N THR C 49 -34.17 31.88 11.88
CA THR C 49 -35.44 31.18 11.74
C THR C 49 -35.24 29.79 11.13
N ILE C 50 -34.39 29.69 10.11
CA ILE C 50 -34.16 28.39 9.47
C ILE C 50 -33.50 27.43 10.44
N ASN C 51 -32.48 27.90 11.16
CA ASN C 51 -31.82 27.04 12.13
C ASN C 51 -32.78 26.64 13.24
N SER C 52 -33.69 27.55 13.63
CA SER C 52 -34.70 27.21 14.61
C SER C 52 -35.63 26.13 14.07
N LEU C 53 -35.99 26.22 12.80
CA LEU C 53 -36.81 25.18 12.19
C LEU C 53 -36.12 23.82 12.27
N LEU C 54 -34.84 23.80 11.90
CA LEU C 54 -34.09 22.54 11.95
C LEU C 54 -34.03 22.00 13.37
N SER C 55 -33.71 22.87 14.33
CA SER C 55 -33.59 22.42 15.72
C SER C 55 -34.92 21.93 16.26
N PHE C 56 -36.01 22.63 15.93
CA PHE C 56 -37.33 22.22 16.39
C PHE C 56 -37.70 20.86 15.81
N LEU C 57 -37.43 20.65 14.52
CA LEU C 57 -37.75 19.36 13.93
C LEU C 57 -36.92 18.26 14.56
N GLN C 58 -35.64 18.52 14.81
CA GLN C 58 -34.79 17.50 15.43
C GLN C 58 -35.24 17.19 16.85
N SER C 59 -35.63 18.20 17.60
CA SER C 59 -36.01 17.99 19.00
C SER C 59 -37.37 17.29 19.10
N ARG C 60 -38.36 17.76 18.35
CA ARG C 60 -39.71 17.22 18.47
C ARG C 60 -39.87 15.91 17.71
N ARG C 61 -39.19 15.76 16.58
CA ARG C 61 -39.23 14.54 15.77
C ARG C 61 -40.66 14.20 15.34
N ASN C 62 -41.35 15.20 14.80
CA ASN C 62 -42.67 14.98 14.21
C ASN C 62 -42.96 16.12 13.26
N VAL C 63 -43.92 15.90 12.36
CA VAL C 63 -44.20 16.83 11.28
C VAL C 63 -45.35 17.74 11.64
N ASN C 64 -46.29 17.24 12.45
CA ASN C 64 -47.50 18.01 12.76
C ASN C 64 -47.16 19.28 13.53
N GLU C 65 -46.53 19.15 14.70
CA GLU C 65 -46.18 20.34 15.45
C GLU C 65 -45.09 21.15 14.76
N LEU C 66 -44.31 20.54 13.87
CA LEU C 66 -43.40 21.32 13.03
C LEU C 66 -44.18 22.27 12.13
N LEU C 67 -45.23 21.76 11.50
CA LEU C 67 -46.10 22.61 10.70
C LEU C 67 -46.78 23.66 11.57
N LEU C 68 -47.17 23.27 12.79
CA LEU C 68 -47.77 24.24 13.71
C LEU C 68 -46.80 25.38 14.02
N TYR C 69 -45.54 25.04 14.30
CA TYR C 69 -44.53 26.06 14.56
C TYR C 69 -44.31 26.94 13.34
N ILE C 70 -44.28 26.33 12.15
CA ILE C 70 -44.11 27.12 10.93
C ILE C 70 -45.26 28.10 10.78
N MET C 71 -46.48 27.64 11.01
CA MET C 71 -47.65 28.51 10.90
C MET C 71 -47.60 29.62 11.93
N ARG C 72 -47.21 29.30 13.16
CA ARG C 72 -47.12 30.33 14.20
C ARG C 72 -46.09 31.39 13.84
N GLN C 73 -44.92 30.96 13.35
CA GLN C 73 -43.92 31.91 12.91
C GLN C 73 -44.44 32.77 11.77
N ALA C 74 -45.09 32.15 10.79
CA ALA C 74 -45.62 32.91 9.66
C ALA C 74 -46.64 33.93 10.12
N GLY C 75 -47.51 33.55 11.06
CA GLY C 75 -48.44 34.52 11.62
C GLY C 75 -47.75 35.64 12.36
N ARG C 76 -46.63 35.33 13.02
CA ARG C 76 -45.84 36.36 13.71
C ARG C 76 -44.74 36.93 12.82
N ASP C 77 -45.11 37.34 11.60
CA ASP C 77 -44.20 37.97 10.67
C ASP C 77 -42.97 37.10 10.41
N GLU C 78 -41.92 37.70 9.83
CA GLU C 78 -40.62 37.04 9.69
C GLU C 78 -40.66 35.88 8.70
N ILE C 79 -41.84 35.55 8.19
CA ILE C 79 -42.01 34.52 7.17
C ILE C 79 -43.01 35.01 6.16
N ASP C 80 -42.61 35.02 4.89
CA ASP C 80 -43.49 35.46 3.82
C ASP C 80 -44.69 34.53 3.71
N GLU C 81 -45.84 35.13 3.39
CA GLU C 81 -47.07 34.34 3.28
C GLU C 81 -46.95 33.28 2.20
N GLU C 82 -46.41 33.64 1.03
CA GLU C 82 -46.19 32.66 -0.02
C GLU C 82 -45.12 31.65 0.41
N THR C 83 -44.09 32.11 1.12
CA THR C 83 -43.08 31.19 1.63
C THR C 83 -43.70 30.18 2.58
N GLY C 84 -44.53 30.65 3.51
CA GLY C 84 -45.20 29.74 4.41
C GLY C 84 -46.13 28.79 3.69
N LYS C 85 -46.83 29.29 2.67
CA LYS C 85 -47.71 28.42 1.88
C LYS C 85 -46.93 27.33 1.17
N LEU C 86 -45.78 27.69 0.58
CA LEU C 86 -44.96 26.69 -0.09
C LEU C 86 -44.41 25.67 0.90
N LEU C 87 -43.96 26.13 2.07
CA LEU C 87 -43.47 25.19 3.08
C LEU C 87 -44.56 24.24 3.52
N LEU C 88 -45.77 24.77 3.75
CA LEU C 88 -46.88 23.92 4.19
C LEU C 88 -47.26 22.92 3.11
N ALA C 89 -47.30 23.35 1.85
CA ALA C 89 -47.61 22.43 0.77
C ALA C 89 -46.55 21.34 0.66
N SER C 90 -45.28 21.70 0.80
CA SER C 90 -44.22 20.72 0.70
C SER C 90 -44.28 19.72 1.83
N LEU C 91 -44.46 20.19 3.07
CA LEU C 91 -44.43 19.34 4.24
C LEU C 91 -45.80 18.85 4.67
N LYS C 92 -46.81 18.99 3.81
CA LYS C 92 -48.15 18.55 4.18
C LYS C 92 -48.19 17.07 4.50
N ASP C 93 -47.55 16.26 3.65
CA ASP C 93 -47.49 14.81 3.84
C ASP C 93 -46.08 14.35 3.48
N ARG C 94 -45.19 14.33 4.46
CA ARG C 94 -43.82 13.89 4.26
C ARG C 94 -43.34 13.13 5.48
N GLU C 95 -42.45 12.17 5.25
CA GLU C 95 -41.86 11.41 6.34
C GLU C 95 -40.82 12.26 7.07
N LEU C 96 -40.44 11.79 8.25
CA LEU C 96 -39.50 12.55 9.07
C LEU C 96 -38.16 12.70 8.39
N LYS C 97 -37.64 11.60 7.82
CA LYS C 97 -36.35 11.67 7.14
C LYS C 97 -36.42 12.57 5.91
N ASP C 98 -37.49 12.46 5.13
CA ASP C 98 -37.65 13.33 3.97
C ASP C 98 -37.77 14.78 4.41
N ALA C 99 -38.49 15.02 5.51
CA ALA C 99 -38.63 16.39 6.01
C ALA C 99 -37.29 16.97 6.43
N VAL C 100 -36.48 16.21 7.15
CA VAL C 100 -35.20 16.74 7.60
C VAL C 100 -34.26 16.94 6.42
N ASN C 101 -34.33 16.05 5.42
CA ASN C 101 -33.52 16.24 4.23
C ASN C 101 -33.91 17.52 3.51
N LEU C 102 -35.21 17.76 3.35
CA LEU C 102 -35.66 18.98 2.69
C LEU C 102 -35.25 20.21 3.48
N LEU C 103 -35.39 20.17 4.80
CA LEU C 103 -35.02 21.31 5.62
C LEU C 103 -33.52 21.60 5.53
N GLY C 104 -32.71 20.55 5.55
CA GLY C 104 -31.28 20.76 5.40
C GLY C 104 -30.92 21.36 4.06
N TYR C 105 -31.56 20.87 2.99
CA TYR C 105 -31.32 21.44 1.67
C TYR C 105 -31.72 22.91 1.63
N VAL C 106 -32.87 23.24 2.23
CA VAL C 106 -33.33 24.63 2.25
C VAL C 106 -32.35 25.50 3.01
N LYS C 107 -31.89 25.03 4.17
CA LYS C 107 -30.94 25.80 4.96
C LYS C 107 -29.64 26.04 4.18
N TRP C 108 -29.14 25.01 3.51
CA TRP C 108 -27.91 25.18 2.75
C TRP C 108 -28.10 26.14 1.59
N VAL C 109 -29.23 26.04 0.87
CA VAL C 109 -29.46 26.94 -0.25
C VAL C 109 -29.59 28.38 0.24
N TYR C 110 -30.31 28.59 1.33
CA TYR C 110 -30.45 29.93 1.87
C TYR C 110 -29.11 30.48 2.31
N ASP C 111 -28.28 29.65 2.94
CA ASP C 111 -26.95 30.09 3.33
C ASP C 111 -26.11 30.48 2.13
N THR C 112 -26.20 29.70 1.05
CA THR C 112 -25.48 30.04 -0.17
C THR C 112 -25.94 31.39 -0.71
N LEU C 113 -27.26 31.59 -0.77
CA LEU C 113 -27.78 32.85 -1.31
C LEU C 113 -27.36 34.03 -0.46
N THR C 114 -27.40 33.88 0.86
CA THR C 114 -27.02 34.97 1.75
C THR C 114 -25.54 35.28 1.63
N GLY C 115 -24.69 34.25 1.69
CA GLY C 115 -23.26 34.46 1.59
C GLY C 115 -22.82 35.03 0.26
N LEU C 116 -23.50 34.65 -0.82
CA LEU C 116 -23.17 35.18 -2.13
C LEU C 116 -23.76 36.55 -2.38
N LYS C 117 -24.64 37.04 -1.50
CA LYS C 117 -25.30 38.32 -1.66
C LYS C 117 -25.98 38.41 -3.02
N VAL C 118 -26.59 37.31 -3.43
CA VAL C 118 -27.28 37.27 -4.72
C VAL C 118 -28.50 38.19 -4.67
N ASN C 119 -28.68 38.96 -5.74
CA ASN C 119 -29.81 39.87 -5.84
C ASN C 119 -31.08 39.10 -6.11
N TYR C 120 -32.18 39.51 -5.45
CA TYR C 120 -33.44 38.80 -5.63
C TYR C 120 -33.96 38.92 -7.06
N ASN C 121 -33.82 40.10 -7.67
CA ASN C 121 -34.41 40.34 -8.97
C ASN C 121 -33.83 39.45 -10.06
N ASN C 122 -32.64 38.90 -9.87
CA ASN C 122 -32.03 38.01 -10.84
C ASN C 122 -32.40 36.55 -10.62
N VAL C 123 -33.14 36.24 -9.56
CA VAL C 123 -33.50 34.86 -9.26
C VAL C 123 -35.00 34.74 -9.08
N LYS C 124 -35.76 35.67 -9.65
CA LYS C 124 -37.21 35.60 -9.57
C LYS C 124 -37.81 34.57 -10.50
N GLY C 125 -37.05 34.08 -11.49
CA GLY C 125 -37.60 33.17 -12.47
C GLY C 125 -37.09 31.75 -12.37
N VAL C 126 -36.17 31.49 -11.44
CA VAL C 126 -35.63 30.14 -11.31
C VAL C 126 -36.65 29.25 -10.60
N LYS C 127 -36.86 28.07 -11.17
CA LYS C 127 -37.73 27.06 -10.57
C LYS C 127 -37.02 25.77 -10.23
N THR C 128 -35.88 25.49 -10.84
CA THR C 128 -35.11 24.28 -10.61
C THR C 128 -33.86 24.62 -9.80
N PHE C 129 -33.01 23.62 -9.61
CA PHE C 129 -31.70 23.82 -9.01
C PHE C 129 -30.62 24.04 -10.06
N LYS C 130 -30.76 23.40 -11.22
CA LYS C 130 -29.76 23.56 -12.27
C LYS C 130 -29.72 24.99 -12.79
N GLU C 131 -30.88 25.63 -12.94
CA GLU C 131 -30.90 27.01 -13.40
C GLU C 131 -30.20 27.93 -12.42
N LEU C 132 -30.44 27.72 -11.12
CA LEU C 132 -29.75 28.51 -10.11
C LEU C 132 -28.25 28.28 -10.15
N VAL C 133 -27.84 27.03 -10.35
CA VAL C 133 -26.41 26.73 -10.43
C VAL C 133 -25.79 27.44 -11.63
N ASN C 134 -26.47 27.41 -12.78
CA ASN C 134 -25.95 28.10 -13.95
C ASN C 134 -25.86 29.61 -13.71
N ILE C 135 -26.88 30.18 -13.07
CA ILE C 135 -26.86 31.61 -12.79
C ILE C 135 -25.70 31.95 -11.88
N LEU C 136 -25.48 31.15 -10.84
CA LEU C 136 -24.37 31.41 -9.92
C LEU C 136 -23.04 31.28 -10.63
N SER C 137 -22.88 30.25 -11.48
CA SER C 137 -21.63 30.06 -12.18
C SER C 137 -21.32 31.21 -13.12
N LYS C 138 -22.33 31.66 -13.88
CA LYS C 138 -22.13 32.76 -14.82
C LYS C 138 -22.04 34.09 -14.08
N ASP D 19 -6.82 18.68 -21.37
CA ASP D 19 -7.93 17.83 -20.92
C ASP D 19 -8.36 18.18 -19.52
N LEU D 20 -8.72 17.16 -18.75
CA LEU D 20 -9.11 17.38 -17.36
C LEU D 20 -7.97 17.99 -16.56
N LEU D 21 -6.73 17.65 -16.90
CA LEU D 21 -5.58 18.16 -16.16
C LEU D 21 -5.46 19.67 -16.30
N ASP D 22 -5.78 20.21 -17.48
CA ASP D 22 -5.72 21.65 -17.67
C ASP D 22 -6.75 22.35 -16.79
N ILE D 23 -7.95 21.80 -16.73
CA ILE D 23 -9.03 22.35 -15.89
C ILE D 23 -8.57 22.32 -14.45
N ALA D 24 -7.99 21.20 -14.03
CA ALA D 24 -7.55 21.06 -12.65
C ALA D 24 -6.45 22.06 -12.32
N THR D 25 -5.51 22.27 -13.25
CA THR D 25 -4.44 23.23 -13.02
C THR D 25 -4.99 24.64 -12.90
N ARG D 26 -5.92 25.02 -13.78
CA ARG D 26 -6.50 26.34 -13.70
C ARG D 26 -7.26 26.53 -12.39
N ILE D 27 -7.99 25.50 -11.96
CA ILE D 27 -8.73 25.59 -10.71
C ILE D 27 -7.78 25.73 -9.53
N ALA D 28 -6.71 24.94 -9.52
CA ALA D 28 -5.74 25.03 -8.43
C ALA D 28 -5.05 26.39 -8.41
N ILE D 29 -4.73 26.93 -9.58
CA ILE D 29 -4.11 28.25 -9.63
C ILE D 29 -5.07 29.30 -9.08
N SER D 30 -6.34 29.22 -9.46
CA SER D 30 -7.33 30.16 -8.92
C SER D 30 -7.46 30.01 -7.42
N ALA D 31 -7.40 28.78 -6.91
CA ALA D 31 -7.57 28.54 -5.48
C ALA D 31 -6.31 28.86 -4.68
N ILE D 32 -5.16 29.02 -5.34
CA ILE D 32 -3.91 29.29 -4.63
C ILE D 32 -3.60 30.77 -4.54
N LYS D 33 -4.48 31.63 -5.03
CA LYS D 33 -4.23 33.06 -4.94
C LYS D 33 -4.17 33.47 -3.47
N PRO D 34 -3.31 34.43 -3.11
CA PRO D 34 -3.18 34.80 -1.70
C PRO D 34 -4.50 35.33 -1.15
N LYS D 35 -4.77 35.00 0.11
CA LYS D 35 -6.01 35.42 0.75
C LYS D 35 -5.81 36.77 1.41
N PRO D 36 -6.52 37.81 0.99
CA PRO D 36 -6.37 39.12 1.62
C PRO D 36 -6.91 39.11 3.05
N LYS D 37 -6.49 40.12 3.81
CA LYS D 37 -6.83 40.26 5.22
C LYS D 37 -6.37 39.06 6.03
N SER D 38 -5.25 38.47 5.63
CA SER D 38 -4.62 37.37 6.35
C SER D 38 -3.19 37.77 6.68
N ASN D 39 -2.85 37.76 7.97
CA ASN D 39 -1.55 38.22 8.41
C ASN D 39 -0.41 37.29 8.02
N LYS D 40 -0.72 36.09 7.54
CA LYS D 40 0.31 35.14 7.15
C LYS D 40 0.17 34.78 5.68
N PRO D 41 1.27 34.66 4.95
CA PRO D 41 1.18 34.28 3.53
C PRO D 41 0.64 32.87 3.37
N GLU D 42 -0.52 32.75 2.72
CA GLU D 42 -1.18 31.46 2.53
C GLU D 42 -2.13 31.57 1.36
N PRO D 43 -2.49 30.46 0.72
CA PRO D 43 -3.46 30.52 -0.36
C PRO D 43 -4.85 30.84 0.17
N TYR D 44 -5.73 31.23 -0.76
CA TYR D 44 -7.08 31.59 -0.36
C TYR D 44 -7.83 30.42 0.26
N VAL D 45 -7.61 29.21 -0.24
CA VAL D 45 -8.25 28.02 0.30
C VAL D 45 -7.21 27.21 1.07
N ASP D 46 -7.67 26.16 1.73
CA ASP D 46 -6.81 25.30 2.52
C ASP D 46 -6.98 23.85 2.08
N SER D 47 -5.95 23.05 2.32
CA SER D 47 -6.01 21.64 1.99
C SER D 47 -7.17 20.94 2.69
N SER D 48 -7.55 21.42 3.88
CA SER D 48 -8.69 20.86 4.57
C SER D 48 -9.96 21.01 3.73
N THR D 49 -10.11 22.13 3.03
CA THR D 49 -11.27 22.32 2.17
C THR D 49 -11.30 21.29 1.04
N ILE D 50 -10.14 21.04 0.43
CA ILE D 50 -10.09 20.07 -0.68
C ILE D 50 -10.38 18.67 -0.17
N ASN D 51 -9.81 18.31 0.98
CA ASN D 51 -10.08 16.99 1.55
C ASN D 51 -11.55 16.85 1.91
N SER D 52 -12.17 17.91 2.43
CA SER D 52 -13.59 17.88 2.72
C SER D 52 -14.40 17.71 1.45
N LEU D 53 -14.01 18.39 0.38
CA LEU D 53 -14.69 18.23 -0.89
C LEU D 53 -14.66 16.77 -1.36
N LEU D 54 -13.46 16.18 -1.35
CA LEU D 54 -13.33 14.79 -1.79
C LEU D 54 -14.14 13.85 -0.90
N SER D 55 -14.05 14.04 0.41
CA SER D 55 -14.76 13.15 1.34
C SER D 55 -16.27 13.28 1.17
N PHE D 56 -16.76 14.52 0.99
CA PHE D 56 -18.18 14.73 0.79
C PHE D 56 -18.66 14.08 -0.50
N LEU D 57 -17.89 14.23 -1.57
CA LEU D 57 -18.28 13.59 -2.83
C LEU D 57 -18.30 12.08 -2.69
N GLN D 58 -17.29 11.52 -2.00
CA GLN D 58 -17.26 10.07 -1.81
C GLN D 58 -18.44 9.58 -0.97
N SER D 59 -18.76 10.31 0.10
CA SER D 59 -19.79 9.84 1.02
C SER D 59 -21.19 10.00 0.42
N ARG D 60 -21.45 11.13 -0.24
CA ARG D 60 -22.79 11.39 -0.74
C ARG D 60 -23.04 10.81 -2.12
N ARG D 61 -21.99 10.60 -2.91
CA ARG D 61 -22.09 9.94 -4.22
C ARG D 61 -23.06 10.68 -5.13
N ASN D 62 -23.14 12.00 -4.98
CA ASN D 62 -24.02 12.81 -5.80
C ASN D 62 -23.29 14.06 -6.24
N VAL D 63 -23.58 14.50 -7.47
CA VAL D 63 -22.92 15.67 -8.02
C VAL D 63 -23.61 16.96 -7.61
N ASN D 64 -24.96 16.97 -7.59
CA ASN D 64 -25.67 18.18 -7.19
C ASN D 64 -25.41 18.52 -5.73
N GLU D 65 -25.32 17.50 -4.87
CA GLU D 65 -24.95 17.76 -3.48
C GLU D 65 -23.54 18.34 -3.39
N LEU D 66 -22.64 17.87 -4.23
CA LEU D 66 -21.30 18.45 -4.28
C LEU D 66 -21.35 19.90 -4.71
N LEU D 67 -22.21 20.22 -5.68
CA LEU D 67 -22.36 21.62 -6.10
C LEU D 67 -22.89 22.47 -4.95
N LEU D 68 -23.86 21.94 -4.20
CA LEU D 68 -24.37 22.67 -3.04
C LEU D 68 -23.27 22.90 -2.01
N TYR D 69 -22.45 21.87 -1.76
CA TYR D 69 -21.34 22.03 -0.83
C TYR D 69 -20.37 23.09 -1.31
N ILE D 70 -20.05 23.09 -2.60
CA ILE D 70 -19.13 24.09 -3.15
C ILE D 70 -19.72 25.48 -3.00
N MET D 71 -21.01 25.63 -3.29
CA MET D 71 -21.64 26.95 -3.16
C MET D 71 -21.63 27.42 -1.73
N ARG D 72 -21.92 26.54 -0.77
CA ARG D 72 -21.92 26.96 0.63
C ARG D 72 -20.51 27.31 1.09
N GLN D 73 -19.51 26.55 0.66
CA GLN D 73 -18.14 26.88 1.03
C GLN D 73 -17.71 28.22 0.44
N ALA D 74 -18.15 28.51 -0.79
CA ALA D 74 -17.87 29.81 -1.37
C ALA D 74 -18.56 30.92 -0.60
N GLY D 75 -19.82 30.69 -0.20
CA GLY D 75 -20.55 31.66 0.58
C GLY D 75 -20.02 31.86 1.98
N ARG D 76 -19.28 30.90 2.51
CA ARG D 76 -18.65 31.04 3.81
C ARG D 76 -17.41 31.93 3.77
N ASP D 77 -17.19 32.64 2.66
CA ASP D 77 -16.10 33.61 2.52
C ASP D 77 -14.73 32.95 2.66
N GLU D 78 -14.66 31.64 2.42
CA GLU D 78 -13.41 30.90 2.49
C GLU D 78 -12.97 30.31 1.17
N ILE D 79 -13.82 30.31 0.15
CA ILE D 79 -13.47 29.83 -1.19
C ILE D 79 -13.59 30.99 -2.14
N ASP D 80 -12.54 31.22 -2.93
CA ASP D 80 -12.53 32.32 -3.89
C ASP D 80 -13.70 32.18 -4.87
N GLU D 81 -14.37 33.31 -5.12
CA GLU D 81 -15.56 33.28 -5.96
C GLU D 81 -15.23 32.85 -7.38
N GLU D 82 -14.06 33.26 -7.89
CA GLU D 82 -13.64 32.81 -9.20
C GLU D 82 -13.38 31.30 -9.21
N THR D 83 -12.74 30.80 -8.17
CA THR D 83 -12.51 29.36 -8.06
C THR D 83 -13.84 28.61 -7.96
N GLY D 84 -14.78 29.15 -7.19
CA GLY D 84 -16.09 28.53 -7.10
C GLY D 84 -16.82 28.52 -8.43
N LYS D 85 -16.73 29.62 -9.18
CA LYS D 85 -17.34 29.66 -10.50
C LYS D 85 -16.71 28.64 -11.43
N LEU D 86 -15.39 28.51 -11.38
CA LEU D 86 -14.71 27.50 -12.20
C LEU D 86 -15.17 26.10 -11.83
N LEU D 87 -15.26 25.81 -10.53
CA LEU D 87 -15.69 24.49 -10.09
C LEU D 87 -17.12 24.20 -10.53
N LEU D 88 -18.01 25.18 -10.40
CA LEU D 88 -19.39 24.96 -10.81
C LEU D 88 -19.51 24.79 -12.31
N ALA D 89 -18.73 25.56 -13.08
CA ALA D 89 -18.75 25.43 -14.53
C ALA D 89 -18.25 24.04 -14.95
N SER D 90 -17.20 23.55 -14.29
CA SER D 90 -16.65 22.25 -14.65
C SER D 90 -17.57 21.11 -14.22
N LEU D 91 -18.16 21.21 -13.04
CA LEU D 91 -18.92 20.12 -12.46
C LEU D 91 -20.42 20.28 -12.73
N LYS D 92 -20.76 20.42 -14.00
CA LYS D 92 -22.15 20.36 -14.42
C LYS D 92 -22.22 19.63 -15.75
N ASP D 93 -23.26 18.81 -15.91
CA ASP D 93 -23.37 17.89 -17.04
C ASP D 93 -22.15 17.00 -17.12
N ARG D 94 -21.66 16.56 -15.96
CA ARG D 94 -20.45 15.76 -15.87
C ARG D 94 -20.72 14.53 -15.02
N GLU D 95 -20.15 13.40 -15.43
CA GLU D 95 -20.37 12.15 -14.73
C GLU D 95 -19.71 12.16 -13.36
N LEU D 96 -20.18 11.26 -12.49
CA LEU D 96 -19.62 11.15 -11.15
C LEU D 96 -18.15 10.73 -11.19
N LYS D 97 -17.81 9.77 -12.05
CA LYS D 97 -16.43 9.33 -12.17
C LYS D 97 -15.54 10.45 -12.66
N ASP D 98 -16.00 11.20 -13.67
CA ASP D 98 -15.23 12.33 -14.17
C ASP D 98 -15.05 13.39 -13.10
N ALA D 99 -16.09 13.65 -12.31
CA ALA D 99 -15.97 14.60 -11.22
C ALA D 99 -14.96 14.15 -10.19
N VAL D 100 -14.97 12.85 -9.86
CA VAL D 100 -14.01 12.31 -8.90
C VAL D 100 -12.58 12.47 -9.43
N ASN D 101 -12.38 12.15 -10.71
CA ASN D 101 -11.05 12.28 -11.30
C ASN D 101 -10.59 13.74 -11.29
N LEU D 102 -11.49 14.66 -11.64
CA LEU D 102 -11.13 16.07 -11.65
C LEU D 102 -10.79 16.55 -10.25
N LEU D 103 -11.56 16.14 -9.24
CA LEU D 103 -11.26 16.55 -7.87
C LEU D 103 -9.93 15.98 -7.40
N GLY D 104 -9.64 14.72 -7.75
CA GLY D 104 -8.34 14.15 -7.40
C GLY D 104 -7.19 14.89 -8.05
N TYR D 105 -7.34 15.25 -9.34
CA TYR D 105 -6.31 16.02 -10.00
C TYR D 105 -6.14 17.38 -9.35
N VAL D 106 -7.24 18.03 -8.99
CA VAL D 106 -7.17 19.33 -8.33
C VAL D 106 -6.43 19.21 -7.01
N LYS D 107 -6.77 18.18 -6.22
CA LYS D 107 -6.12 17.98 -4.94
C LYS D 107 -4.62 17.77 -5.11
N TRP D 108 -4.24 16.93 -6.07
CA TRP D 108 -2.82 16.65 -6.27
C TRP D 108 -2.06 17.89 -6.72
N VAL D 109 -2.63 18.67 -7.65
CA VAL D 109 -1.96 19.87 -8.11
C VAL D 109 -1.83 20.87 -6.98
N TYR D 110 -2.89 21.04 -6.19
CA TYR D 110 -2.84 21.95 -5.06
C TYR D 110 -1.79 21.53 -4.05
N ASP D 111 -1.71 20.23 -3.76
CA ASP D 111 -0.70 19.74 -2.81
C ASP D 111 0.70 19.98 -3.35
N THR D 112 0.90 19.74 -4.65
CA THR D 112 2.21 20.00 -5.25
C THR D 112 2.59 21.47 -5.13
N LEU D 113 1.66 22.36 -5.45
CA LEU D 113 1.94 23.78 -5.39
C LEU D 113 2.23 24.23 -3.96
N THR D 114 1.49 23.67 -2.99
CA THR D 114 1.72 24.03 -1.60
C THR D 114 3.08 23.53 -1.12
N GLY D 115 3.42 22.28 -1.45
CA GLY D 115 4.69 21.73 -1.01
C GLY D 115 5.89 22.42 -1.64
N LEU D 116 5.78 22.76 -2.92
CA LEU D 116 6.85 23.47 -3.60
C LEU D 116 6.90 24.95 -3.26
N LYS D 117 5.88 25.47 -2.56
CA LYS D 117 5.80 26.88 -2.21
C LYS D 117 5.92 27.77 -3.46
N VAL D 118 5.19 27.37 -4.50
CA VAL D 118 5.20 28.14 -5.74
C VAL D 118 4.51 29.47 -5.51
N ASN D 119 5.20 30.55 -5.87
CA ASN D 119 4.60 31.88 -5.76
C ASN D 119 3.45 32.01 -6.75
N TYR D 120 2.35 32.59 -6.29
CA TYR D 120 1.21 32.79 -7.16
C TYR D 120 1.49 33.81 -8.26
N ASN D 121 2.42 34.73 -8.02
CA ASN D 121 2.67 35.79 -8.99
C ASN D 121 3.22 35.25 -10.31
N ASN D 122 4.13 34.28 -10.25
CA ASN D 122 4.79 33.77 -11.44
C ASN D 122 4.12 32.49 -11.96
N VAL D 123 2.95 32.17 -11.42
CA VAL D 123 2.29 30.92 -11.78
C VAL D 123 0.85 31.18 -12.20
N LYS D 124 0.37 32.40 -12.00
CA LYS D 124 -0.99 32.72 -12.40
C LYS D 124 -1.15 32.90 -13.91
N GLY D 125 -0.05 33.03 -14.63
CA GLY D 125 -0.08 33.27 -16.06
C GLY D 125 -0.09 32.02 -16.93
N VAL D 126 -0.23 30.84 -16.35
CA VAL D 126 -0.23 29.59 -17.11
C VAL D 126 -1.64 29.01 -17.08
N LYS D 127 -2.08 28.53 -18.25
CA LYS D 127 -3.41 27.94 -18.39
C LYS D 127 -3.35 26.51 -18.91
N THR D 128 -2.17 25.91 -18.98
CA THR D 128 -2.00 24.56 -19.49
C THR D 128 -1.16 23.75 -18.53
N PHE D 129 -1.53 22.49 -18.34
CA PHE D 129 -0.77 21.61 -17.45
C PHE D 129 0.66 21.42 -17.95
N LYS D 130 0.83 21.27 -19.26
CA LYS D 130 2.16 21.14 -19.83
C LYS D 130 3.00 22.38 -19.55
N GLU D 131 2.37 23.57 -19.60
CA GLU D 131 3.09 24.79 -19.27
C GLU D 131 3.57 24.77 -17.83
N LEU D 132 2.71 24.31 -16.91
CA LEU D 132 3.11 24.21 -15.51
C LEU D 132 4.26 23.21 -15.35
N VAL D 133 4.21 22.10 -16.07
CA VAL D 133 5.29 21.12 -16.00
C VAL D 133 6.59 21.73 -16.49
N ASN D 134 6.53 22.48 -17.59
CA ASN D 134 7.73 23.14 -18.10
C ASN D 134 8.26 24.15 -17.09
N ILE D 135 7.37 24.91 -16.46
CA ILE D 135 7.81 25.89 -15.47
C ILE D 135 8.50 25.21 -14.30
N LEU D 136 7.93 24.11 -13.81
CA LEU D 136 8.54 23.40 -12.70
C LEU D 136 9.88 22.78 -13.10
N SER D 137 9.97 22.22 -14.31
CA SER D 137 11.19 21.56 -14.73
C SER D 137 12.31 22.56 -14.96
N LYS D 138 12.00 23.71 -15.56
CA LYS D 138 13.04 24.69 -15.86
C LYS D 138 13.72 25.20 -14.60
N VAL D 139 12.93 25.47 -13.57
CA VAL D 139 13.47 25.97 -12.31
C VAL D 139 12.53 25.62 -11.16
N GLN E 18 22.25 1.90 -22.00
CA GLN E 18 23.42 2.70 -22.37
C GLN E 18 23.19 4.20 -22.11
N ASP E 19 22.54 4.92 -23.02
CA ASP E 19 22.18 6.30 -22.74
C ASP E 19 21.09 6.37 -21.68
N LEU E 20 20.09 5.50 -21.78
CA LEU E 20 19.12 5.36 -20.70
C LEU E 20 19.81 4.93 -19.41
N LEU E 21 20.86 4.12 -19.53
CA LEU E 21 21.64 3.74 -18.35
C LEU E 21 22.30 4.95 -17.72
N ASP E 22 22.85 5.85 -18.54
CA ASP E 22 23.48 7.06 -18.05
C ASP E 22 22.47 7.97 -17.36
N ILE E 23 21.30 8.10 -17.97
CA ILE E 23 20.23 8.91 -17.39
C ILE E 23 19.84 8.33 -16.03
N ALA E 24 19.68 7.00 -16.00
CA ALA E 24 19.26 6.34 -14.76
C ALA E 24 20.32 6.47 -13.68
N THR E 25 21.60 6.35 -14.04
CA THR E 25 22.63 6.46 -13.01
C THR E 25 22.78 7.88 -12.52
N ARG E 26 22.57 8.88 -13.39
CA ARG E 26 22.52 10.26 -12.92
C ARG E 26 21.38 10.45 -11.94
N ILE E 27 20.21 9.91 -12.26
CA ILE E 27 19.07 9.99 -11.35
C ILE E 27 19.40 9.32 -10.03
N ALA E 28 20.04 8.15 -10.08
CA ALA E 28 20.35 7.40 -8.87
C ALA E 28 21.35 8.13 -7.99
N ILE E 29 22.40 8.70 -8.61
CA ILE E 29 23.38 9.42 -7.81
C ILE E 29 22.78 10.69 -7.26
N SER E 30 21.83 11.30 -7.96
CA SER E 30 21.09 12.41 -7.38
C SER E 30 20.28 11.96 -6.18
N ALA E 31 19.64 10.78 -6.28
CA ALA E 31 18.79 10.27 -5.22
C ALA E 31 19.56 9.69 -4.04
N ILE E 32 20.85 9.42 -4.20
CA ILE E 32 21.65 8.84 -3.12
C ILE E 32 22.13 9.87 -2.12
N LYS E 33 21.84 11.15 -2.36
CA LYS E 33 22.24 12.19 -1.44
C LYS E 33 21.62 11.92 -0.06
N PRO E 34 22.40 11.91 1.00
CA PRO E 34 21.85 11.57 2.32
C PRO E 34 20.82 12.59 2.77
N LYS E 35 19.80 12.09 3.45
CA LYS E 35 18.77 12.96 3.99
C LYS E 35 19.29 13.63 5.25
N PRO E 36 19.35 14.96 5.31
CA PRO E 36 19.89 15.63 6.49
C PRO E 36 18.99 15.45 7.70
N LYS E 37 19.50 15.95 8.84
CA LYS E 37 18.82 15.87 10.15
C LYS E 37 18.17 14.50 10.37
N SER E 38 18.89 13.46 10.01
CA SER E 38 18.41 12.09 10.13
C SER E 38 19.25 11.34 11.16
N ASN E 39 18.57 10.51 11.96
CA ASN E 39 19.28 9.70 12.94
C ASN E 39 20.20 8.68 12.29
N LYS E 40 19.76 8.09 11.19
CA LYS E 40 20.56 7.10 10.47
C LYS E 40 21.03 7.67 9.13
N PRO E 41 22.20 7.26 8.65
CA PRO E 41 22.68 7.78 7.36
C PRO E 41 21.85 7.24 6.21
N GLU E 42 20.66 7.76 6.05
CA GLU E 42 19.70 7.27 5.08
C GLU E 42 19.75 8.09 3.80
N PRO E 43 19.46 7.48 2.65
CA PRO E 43 19.34 8.26 1.42
C PRO E 43 18.11 9.15 1.46
N TYR E 44 18.16 10.24 0.69
CA TYR E 44 17.02 11.15 0.61
C TYR E 44 15.80 10.44 0.05
N VAL E 45 15.98 9.62 -0.98
CA VAL E 45 14.89 8.92 -1.64
C VAL E 45 14.85 7.49 -1.13
N ASP E 46 13.66 7.03 -0.76
CA ASP E 46 13.49 5.69 -0.22
C ASP E 46 13.15 4.69 -1.34
N SER E 47 13.45 3.42 -1.07
CA SER E 47 13.13 2.37 -2.03
C SER E 47 11.63 2.27 -2.26
N SER E 48 10.84 2.37 -1.18
CA SER E 48 9.40 2.30 -1.32
C SER E 48 8.89 3.40 -2.24
N THR E 49 9.52 4.58 -2.21
CA THR E 49 9.07 5.69 -3.04
C THR E 49 9.23 5.38 -4.52
N ILE E 50 10.42 4.93 -4.94
CA ILE E 50 10.62 4.61 -6.35
C ILE E 50 9.79 3.40 -6.75
N ASN E 51 9.62 2.43 -5.85
CA ASN E 51 8.74 1.31 -6.14
C ASN E 51 7.32 1.79 -6.39
N SER E 52 6.85 2.73 -5.57
CA SER E 52 5.53 3.30 -5.77
C SER E 52 5.44 4.05 -7.09
N LEU E 53 6.51 4.76 -7.46
CA LEU E 53 6.55 5.43 -8.76
C LEU E 53 6.33 4.43 -9.88
N LEU E 54 7.10 3.34 -9.86
CA LEU E 54 6.99 2.34 -10.92
C LEU E 54 5.61 1.70 -10.95
N SER E 55 5.09 1.35 -9.77
CA SER E 55 3.78 0.70 -9.71
C SER E 55 2.68 1.63 -10.19
N PHE E 56 2.75 2.91 -9.81
CA PHE E 56 1.76 3.87 -10.26
C PHE E 56 1.81 4.06 -11.76
N LEU E 57 3.02 4.11 -12.32
CA LEU E 57 3.13 4.21 -13.78
C LEU E 57 2.54 2.98 -14.45
N GLN E 58 2.79 1.79 -13.89
CA GLN E 58 2.25 0.57 -14.46
C GLN E 58 0.73 0.56 -14.43
N SER E 59 0.15 0.83 -13.27
CA SER E 59 -1.31 0.81 -13.15
C SER E 59 -1.95 1.93 -13.95
N ARG E 60 -1.40 3.14 -13.84
CA ARG E 60 -1.92 4.31 -14.53
C ARG E 60 -1.05 4.56 -15.75
N ARG E 61 -1.45 3.99 -16.89
CA ARG E 61 -0.65 4.13 -18.10
C ARG E 61 -0.82 5.53 -18.68
N ASN E 62 -0.25 6.53 -18.01
CA ASN E 62 -0.31 7.91 -18.46
C ASN E 62 0.90 8.66 -17.95
N VAL E 63 1.67 9.24 -18.87
CA VAL E 63 2.90 9.93 -18.48
C VAL E 63 2.59 11.19 -17.68
N ASN E 64 1.52 11.89 -18.03
CA ASN E 64 1.17 13.11 -17.30
C ASN E 64 0.78 12.79 -15.87
N GLU E 65 0.05 11.70 -15.66
CA GLU E 65 -0.30 11.31 -14.29
C GLU E 65 0.94 10.94 -13.49
N LEU E 66 1.91 10.28 -14.12
CA LEU E 66 3.15 9.98 -13.43
C LEU E 66 3.91 11.26 -13.08
N LEU E 67 3.91 12.24 -13.99
CA LEU E 67 4.53 13.52 -13.69
C LEU E 67 3.85 14.19 -12.51
N LEU E 68 2.52 14.16 -12.48
CA LEU E 68 1.80 14.71 -11.33
C LEU E 68 2.15 13.97 -10.05
N TYR E 69 2.29 12.64 -10.14
CA TYR E 69 2.65 11.85 -8.97
C TYR E 69 4.00 12.24 -8.43
N ILE E 70 5.01 12.34 -9.30
CA ILE E 70 6.35 12.68 -8.84
C ILE E 70 6.38 14.11 -8.32
N MET E 71 5.61 15.01 -8.94
CA MET E 71 5.54 16.38 -8.45
C MET E 71 4.93 16.43 -7.05
N ARG E 72 3.86 15.66 -6.83
CA ARG E 72 3.26 15.61 -5.51
C ARG E 72 4.22 15.03 -4.49
N GLN E 73 4.96 13.98 -4.88
CA GLN E 73 5.93 13.39 -3.97
C GLN E 73 7.02 14.39 -3.60
N ALA E 74 7.48 15.17 -4.59
CA ALA E 74 8.46 16.21 -4.30
C ALA E 74 7.89 17.25 -3.35
N GLY E 75 6.64 17.66 -3.57
CA GLY E 75 5.99 18.59 -2.66
C GLY E 75 5.76 18.01 -1.28
N ARG E 76 5.70 16.70 -1.16
CA ARG E 76 5.53 16.03 0.12
C ARG E 76 6.84 15.87 0.88
N ASP E 77 7.94 16.37 0.33
CA ASP E 77 9.26 16.26 0.95
C ASP E 77 9.67 14.81 1.15
N GLU E 78 9.16 13.92 0.30
CA GLU E 78 9.47 12.51 0.38
C GLU E 78 10.53 12.09 -0.63
N ILE E 79 10.78 12.90 -1.66
CA ILE E 79 11.86 12.68 -2.60
C ILE E 79 12.65 13.97 -2.75
N ASP E 80 13.87 13.83 -3.24
CA ASP E 80 14.76 14.98 -3.37
C ASP E 80 14.22 15.98 -4.39
N GLU E 81 14.35 17.26 -4.07
CA GLU E 81 13.89 18.30 -4.99
C GLU E 81 14.70 18.29 -6.28
N GLU E 82 16.02 18.15 -6.17
CA GLU E 82 16.85 18.12 -7.38
C GLU E 82 16.59 16.86 -8.19
N THR E 83 16.46 15.72 -7.52
CA THR E 83 16.14 14.48 -8.23
C THR E 83 14.78 14.58 -8.91
N GLY E 84 13.81 15.18 -8.22
CA GLY E 84 12.51 15.40 -8.84
C GLY E 84 12.60 16.31 -10.05
N LYS E 85 13.40 17.36 -9.96
CA LYS E 85 13.61 18.24 -11.10
C LYS E 85 14.18 17.48 -12.28
N LEU E 86 15.21 16.65 -12.03
CA LEU E 86 15.83 15.90 -13.11
C LEU E 86 14.85 14.89 -13.71
N LEU E 87 14.07 14.22 -12.86
CA LEU E 87 13.08 13.28 -13.34
C LEU E 87 12.04 13.97 -14.22
N LEU E 88 11.54 15.12 -13.76
CA LEU E 88 10.55 15.85 -14.53
C LEU E 88 11.11 16.31 -15.85
N ALA E 89 12.36 16.79 -15.86
CA ALA E 89 12.98 17.21 -17.11
C ALA E 89 13.15 16.05 -18.06
N SER E 90 13.57 14.89 -17.55
CA SER E 90 13.79 13.74 -18.41
C SER E 90 12.47 13.24 -18.99
N LEU E 91 11.47 13.02 -18.15
CA LEU E 91 10.20 12.46 -18.56
C LEU E 91 9.20 13.50 -19.00
N LYS E 92 9.66 14.71 -19.32
CA LYS E 92 8.74 15.79 -19.67
C LYS E 92 7.97 15.46 -20.94
N ASP E 93 8.62 14.88 -21.93
CA ASP E 93 8.01 14.62 -23.23
C ASP E 93 8.32 13.23 -23.72
N ARG E 94 8.31 12.25 -22.81
CA ARG E 94 8.57 10.86 -23.16
C ARG E 94 7.26 10.11 -23.36
N GLU E 95 7.36 9.00 -24.10
CA GLU E 95 6.22 8.11 -24.26
C GLU E 95 6.09 7.23 -23.02
N LEU E 96 5.27 6.18 -23.11
CA LEU E 96 5.11 5.26 -22.00
C LEU E 96 6.11 4.11 -22.05
N LYS E 97 6.37 3.58 -23.25
CA LYS E 97 7.24 2.42 -23.38
C LYS E 97 8.66 2.75 -22.93
N ASP E 98 9.16 3.93 -23.29
CA ASP E 98 10.48 4.32 -22.81
C ASP E 98 10.44 4.73 -21.35
N ALA E 99 9.32 5.29 -20.89
CA ALA E 99 9.22 5.70 -19.49
C ALA E 99 9.33 4.51 -18.55
N VAL E 100 8.64 3.41 -18.87
CA VAL E 100 8.71 2.25 -18.00
C VAL E 100 10.11 1.66 -17.99
N ASN E 101 10.77 1.65 -19.15
CA ASN E 101 12.15 1.16 -19.21
C ASN E 101 13.07 2.04 -18.37
N LEU E 102 12.89 3.36 -18.45
CA LEU E 102 13.71 4.27 -17.67
C LEU E 102 13.50 4.05 -16.19
N LEU E 103 12.24 3.87 -15.77
CA LEU E 103 11.97 3.62 -14.36
C LEU E 103 12.57 2.30 -13.91
N GLY E 104 12.50 1.27 -14.77
CA GLY E 104 13.13 0.00 -14.41
C GLY E 104 14.63 0.11 -14.25
N TYR E 105 15.28 0.84 -15.17
CA TYR E 105 16.71 1.06 -15.06
C TYR E 105 17.04 1.84 -13.79
N VAL E 106 16.23 2.84 -13.46
CA VAL E 106 16.43 3.61 -12.24
C VAL E 106 16.32 2.71 -11.03
N LYS E 107 15.31 1.84 -11.01
CA LYS E 107 15.18 0.89 -9.92
C LYS E 107 16.40 0.00 -9.80
N TRP E 108 16.88 -0.50 -10.94
CA TRP E 108 18.06 -1.38 -10.92
C TRP E 108 19.26 -0.66 -10.33
N VAL E 109 19.56 0.54 -10.83
CA VAL E 109 20.77 1.23 -10.40
C VAL E 109 20.65 1.67 -8.95
N TYR E 110 19.46 2.12 -8.54
CA TYR E 110 19.27 2.50 -7.15
C TYR E 110 19.45 1.31 -6.22
N ASP E 111 18.91 0.15 -6.60
CA ASP E 111 19.09 -1.04 -5.79
C ASP E 111 20.56 -1.44 -5.73
N THR E 112 21.27 -1.33 -6.85
CA THR E 112 22.70 -1.65 -6.84
C THR E 112 23.45 -0.74 -5.88
N LEU E 113 23.15 0.56 -5.94
CA LEU E 113 23.82 1.51 -5.05
C LEU E 113 23.53 1.21 -3.59
N THR E 114 22.26 0.93 -3.28
CA THR E 114 21.89 0.66 -1.90
C THR E 114 22.55 -0.61 -1.38
N GLY E 115 22.52 -1.68 -2.19
CA GLY E 115 23.13 -2.92 -1.75
C GLY E 115 24.63 -2.84 -1.60
N LEU E 116 25.28 -2.18 -2.56
CA LEU E 116 26.74 -2.05 -2.52
C LEU E 116 27.22 -1.13 -1.42
N LYS E 117 26.32 -0.43 -0.74
CA LYS E 117 26.68 0.51 0.32
C LYS E 117 27.56 1.64 -0.19
N VAL E 118 27.36 2.04 -1.45
CA VAL E 118 28.13 3.12 -2.04
C VAL E 118 27.61 4.45 -1.52
N ASN E 119 28.50 5.26 -0.97
CA ASN E 119 28.16 6.60 -0.53
C ASN E 119 28.20 7.56 -1.72
N TYR E 120 27.56 8.72 -1.52
CA TYR E 120 27.52 9.71 -2.60
C TYR E 120 28.92 10.21 -2.94
N ASN E 121 29.77 10.41 -1.93
CA ASN E 121 31.10 10.95 -2.17
C ASN E 121 31.91 10.07 -3.10
N ASN E 122 31.61 8.78 -3.18
CA ASN E 122 32.29 7.90 -4.11
C ASN E 122 31.86 8.18 -5.55
N VAL E 123 30.55 8.06 -5.82
CA VAL E 123 30.06 8.30 -7.17
C VAL E 123 30.13 9.79 -7.49
N LYS E 124 29.77 10.65 -6.54
CA LYS E 124 29.86 12.10 -6.70
C LYS E 124 29.08 12.57 -7.92
N GLY E 125 29.77 12.74 -9.05
CA GLY E 125 29.13 13.23 -10.25
C GLY E 125 29.40 12.38 -11.47
N VAL E 126 29.37 11.06 -11.29
CA VAL E 126 29.59 10.16 -12.41
C VAL E 126 28.50 10.36 -13.45
N LYS E 127 28.90 10.50 -14.71
CA LYS E 127 27.97 10.76 -15.80
C LYS E 127 27.70 9.54 -16.66
N THR E 128 28.65 8.61 -16.78
CA THR E 128 28.50 7.45 -17.63
C THR E 128 28.39 6.19 -16.77
N PHE E 129 27.43 5.34 -17.12
CA PHE E 129 27.22 4.10 -16.39
C PHE E 129 28.45 3.21 -16.40
N LYS E 130 29.21 3.22 -17.51
CA LYS E 130 30.40 2.40 -17.59
C LYS E 130 31.45 2.85 -16.58
N GLU E 131 31.57 4.15 -16.34
CA GLU E 131 32.47 4.62 -15.30
C GLU E 131 32.01 4.15 -13.92
N LEU E 132 30.70 4.15 -13.70
CA LEU E 132 30.18 3.67 -12.43
C LEU E 132 30.53 2.20 -12.23
N VAL E 133 30.36 1.39 -13.27
CA VAL E 133 30.68 -0.03 -13.11
C VAL E 133 32.18 -0.24 -13.02
N ASN E 134 32.97 0.67 -13.61
CA ASN E 134 34.42 0.64 -13.39
C ASN E 134 34.74 0.84 -11.91
N ILE E 135 34.08 1.82 -11.29
CA ILE E 135 34.28 2.07 -9.87
C ILE E 135 33.86 0.85 -9.06
N LEU E 136 32.71 0.26 -9.40
CA LEU E 136 32.23 -0.90 -8.67
C LEU E 136 33.19 -2.08 -8.82
N SER E 137 33.72 -2.29 -10.02
CA SER E 137 34.68 -3.36 -10.23
C SER E 137 35.95 -3.12 -9.44
N LYS E 138 36.45 -1.88 -9.44
CA LYS E 138 37.61 -1.56 -8.62
C LYS E 138 37.29 -1.71 -7.14
N VAL E 139 36.11 -1.28 -6.72
CA VAL E 139 35.69 -1.39 -5.34
C VAL E 139 34.87 -2.65 -5.13
N PRO F 3 -62.95 79.99 26.97
CA PRO F 3 -62.24 79.07 26.08
C PRO F 3 -61.14 78.30 26.81
N ILE F 4 -60.39 77.50 26.07
CA ILE F 4 -59.33 76.67 26.62
C ILE F 4 -57.98 77.28 26.26
N ARG F 5 -57.09 77.38 27.24
CA ARG F 5 -55.73 77.87 27.01
C ARG F 5 -54.82 76.66 26.84
N ARG F 6 -54.47 76.35 25.59
CA ARG F 6 -53.69 75.16 25.26
C ARG F 6 -52.21 75.47 25.48
N SER F 7 -51.81 75.45 26.74
CA SER F 7 -50.44 75.74 27.11
C SER F 7 -49.61 74.46 27.14
N ASN F 8 -48.31 74.61 26.86
CA ASN F 8 -47.41 73.46 26.87
C ASN F 8 -47.22 72.94 28.29
N TYR F 9 -47.16 71.62 28.42
CA TYR F 9 -47.06 71.00 29.73
C TYR F 9 -45.66 71.18 30.30
N THR F 10 -45.58 71.15 31.62
CA THR F 10 -44.32 71.25 32.33
C THR F 10 -43.80 69.85 32.66
N PRO F 11 -42.56 69.52 32.29
CA PRO F 11 -42.02 68.20 32.63
C PRO F 11 -41.96 68.01 34.14
N ARG F 12 -42.24 66.78 34.57
CA ARG F 12 -42.25 66.48 36.01
C ARG F 12 -40.85 66.44 36.59
N ASN F 13 -39.84 66.09 35.78
CA ASN F 13 -38.47 66.01 36.27
C ASN F 13 -37.88 67.37 36.56
N GLU F 14 -38.35 68.43 35.88
CA GLU F 14 -37.83 69.77 36.12
C GLU F 14 -38.08 70.17 37.57
N LYS F 15 -37.09 70.83 38.17
CA LYS F 15 -37.14 71.15 39.59
C LYS F 15 -37.82 72.49 39.80
N GLY F 16 -38.95 72.48 40.50
CA GLY F 16 -39.62 73.70 40.92
C GLY F 16 -39.59 73.83 42.43
N LEU F 17 -40.71 73.59 43.07
CA LEU F 17 -40.81 73.58 44.53
C LEU F 17 -41.37 72.23 44.97
N GLU F 18 -40.72 71.62 45.96
CA GLU F 18 -41.17 70.36 46.54
C GLU F 18 -41.42 70.55 48.02
N GLY F 19 -42.53 70.04 48.51
CA GLY F 19 -42.85 70.15 49.92
C GLY F 19 -44.19 69.50 50.19
N VAL F 20 -44.50 69.41 51.48
CA VAL F 20 -45.74 68.81 51.96
C VAL F 20 -46.48 69.85 52.80
N ILE F 21 -47.71 70.15 52.42
CA ILE F 21 -48.56 71.05 53.18
C ILE F 21 -49.68 70.23 53.81
N GLU F 22 -49.95 70.52 55.09
CA GLU F 22 -50.92 69.77 55.87
C GLU F 22 -52.18 70.62 56.00
N LEU F 23 -53.29 70.08 55.51
CA LEU F 23 -54.57 70.77 55.56
C LEU F 23 -55.38 70.27 56.76
N GLN F 24 -56.49 70.95 57.03
CA GLN F 24 -57.36 70.61 58.15
C GLN F 24 -58.79 70.79 57.68
N LEU F 25 -59.48 69.69 57.44
CA LEU F 25 -60.83 69.70 56.90
C LEU F 25 -61.84 69.66 58.05
N ASN F 26 -62.72 70.65 58.10
CA ASN F 26 -63.74 70.73 59.13
C ASN F 26 -65.11 70.84 58.49
N VAL F 27 -66.07 70.10 59.04
CA VAL F 27 -67.45 70.12 58.58
C VAL F 27 -68.23 71.12 59.42
N VAL F 28 -68.92 72.03 58.75
CA VAL F 28 -69.65 73.08 59.46
C VAL F 28 -71.12 72.77 59.67
N SER F 29 -71.70 71.87 58.86
CA SER F 29 -73.13 71.59 58.92
C SER F 29 -73.45 70.28 59.62
N ASP F 30 -72.49 69.72 60.37
CA ASP F 30 -72.67 68.54 61.22
C ASP F 30 -73.41 67.40 60.53
N TYR F 31 -73.37 67.35 59.21
CA TYR F 31 -74.02 66.27 58.46
C TYR F 31 -73.24 66.06 57.18
N LEU F 32 -72.32 65.09 57.22
CA LEU F 32 -71.47 64.79 56.06
C LEU F 32 -71.44 63.29 55.87
N HIS F 33 -71.73 62.84 54.65
CA HIS F 33 -71.69 61.43 54.31
C HIS F 33 -71.03 61.25 52.94
N VAL F 34 -70.01 60.40 52.90
CA VAL F 34 -69.43 59.95 51.66
C VAL F 34 -69.47 58.42 51.67
N GLY F 35 -70.22 57.84 50.74
CA GLY F 35 -70.46 56.42 50.78
C GLY F 35 -69.29 55.61 50.30
N SER F 36 -69.44 54.29 50.42
CA SER F 36 -68.46 53.34 49.91
C SER F 36 -69.14 52.20 49.16
N GLY F 37 -70.43 52.29 48.90
CA GLY F 37 -71.17 51.23 48.25
C GLY F 37 -71.63 50.12 49.18
N LYS F 38 -71.18 50.13 50.43
CA LYS F 38 -71.56 49.10 51.38
C LYS F 38 -72.90 49.42 52.02
N TYR F 39 -73.69 48.38 52.29
CA TYR F 39 -74.99 48.51 52.92
C TYR F 39 -75.17 47.44 53.99
N ASP F 40 -74.14 47.25 54.81
CA ASP F 40 -74.18 46.22 55.85
C ASP F 40 -73.70 46.83 57.16
N VAL F 41 -73.59 45.99 58.18
CA VAL F 41 -73.13 46.43 59.49
C VAL F 41 -71.62 46.58 59.48
N GLU F 42 -71.10 47.25 60.52
CA GLU F 42 -69.68 47.46 60.67
C GLU F 42 -69.08 46.72 61.84
N VAL F 43 -69.90 46.02 62.64
CA VAL F 43 -69.53 45.36 63.89
C VAL F 43 -68.43 46.12 64.61
N MET F 44 -68.83 47.12 65.40
CA MET F 44 -67.85 47.97 66.07
C MET F 44 -67.32 47.32 67.34
N ARG F 45 -68.20 46.79 68.18
CA ARG F 45 -67.76 46.21 69.44
C ARG F 45 -66.91 44.96 69.21
N SER F 46 -67.28 44.14 68.23
CA SER F 46 -66.57 42.92 67.90
C SER F 46 -66.49 41.97 69.11
N VAL F 47 -67.66 41.54 69.56
CA VAL F 47 -67.74 40.62 70.68
C VAL F 47 -67.22 39.26 70.23
N SER F 48 -66.23 38.74 70.94
CA SER F 48 -65.64 37.44 70.65
C SER F 48 -66.11 36.38 71.63
N ASP F 49 -67.35 36.48 72.10
CA ASP F 49 -67.87 35.56 73.12
C ASP F 49 -68.60 34.38 72.47
N VAL F 50 -67.87 33.67 71.61
CA VAL F 50 -68.34 32.44 71.00
C VAL F 50 -67.66 31.21 71.57
N LYS F 51 -66.74 31.39 72.51
CA LYS F 51 -66.02 30.25 73.08
C LYS F 51 -66.96 29.35 73.88
N ARG F 52 -67.74 29.93 74.78
CA ARG F 52 -68.66 29.13 75.60
C ARG F 52 -69.77 28.53 74.74
N LEU F 53 -70.30 29.30 73.79
CA LEU F 53 -71.26 28.81 72.82
C LEU F 53 -70.81 29.21 71.44
N VAL F 54 -70.40 28.23 70.64
CA VAL F 54 -69.91 28.47 69.29
C VAL F 54 -71.11 28.39 68.35
N GLU F 55 -71.54 29.55 67.88
CA GLU F 55 -72.67 29.67 66.95
C GLU F 55 -73.92 29.00 67.49
N ASP F 56 -74.04 28.86 68.81
CA ASP F 56 -75.16 28.17 69.44
C ASP F 56 -75.32 26.77 68.86
N TYR F 57 -74.29 25.95 69.06
CA TYR F 57 -74.22 24.58 68.57
C TYR F 57 -74.75 24.48 67.14
N LEU F 58 -74.11 25.22 66.25
CA LEU F 58 -74.46 25.26 64.83
C LEU F 58 -75.89 25.74 64.62
N SER F 59 -76.41 26.55 65.54
CA SER F 59 -77.79 27.00 65.52
C SER F 59 -78.73 25.80 65.43
N GLY F 60 -78.65 24.94 66.46
CA GLY F 60 -79.37 23.69 66.46
C GLY F 60 -80.86 23.85 66.66
N GLY F 61 -81.53 24.40 65.64
CA GLY F 61 -82.97 24.53 65.66
C GLY F 61 -83.53 25.49 66.67
N ASN F 62 -82.83 26.60 66.94
CA ASN F 62 -83.34 27.64 67.81
C ASN F 62 -83.57 28.94 67.07
N LYS F 63 -82.52 29.52 66.47
CA LYS F 63 -82.59 30.77 65.72
C LYS F 63 -83.44 31.82 66.42
N ARG F 64 -83.28 31.95 67.74
CA ARG F 64 -84.15 32.81 68.54
C ARG F 64 -83.41 33.77 69.46
N ILE F 65 -82.09 33.89 69.33
CA ILE F 65 -81.32 34.83 70.13
C ILE F 65 -81.03 36.07 69.29
N PRO F 66 -81.04 37.27 69.88
CA PRO F 66 -80.72 38.47 69.10
C PRO F 66 -79.30 38.47 68.56
N ASN F 67 -78.37 37.77 69.22
CA ASN F 67 -76.99 37.56 68.79
C ASN F 67 -76.35 38.82 68.19
N ASN F 68 -76.22 38.83 66.86
CA ASN F 68 -75.51 39.92 66.19
C ASN F 68 -76.17 41.27 66.45
N VAL F 69 -77.47 41.29 66.71
CA VAL F 69 -78.17 42.55 66.91
C VAL F 69 -77.62 43.27 68.13
N ASP F 70 -77.40 42.56 69.22
CA ASP F 70 -76.94 43.17 70.46
C ASP F 70 -75.43 43.06 70.66
N GLN F 71 -74.75 42.18 69.93
CA GLN F 71 -73.33 41.99 70.14
C GLN F 71 -72.54 43.25 69.77
N TYR F 72 -72.87 43.86 68.64
CA TYR F 72 -72.22 45.09 68.25
C TYR F 72 -73.25 46.23 68.19
N PHE F 73 -72.81 47.41 67.77
CA PHE F 73 -73.62 48.62 67.77
C PHE F 73 -73.62 49.25 66.39
N SER F 74 -73.85 48.45 65.35
CA SER F 74 -73.90 48.95 63.98
C SER F 74 -75.10 48.33 63.29
N MET F 75 -76.16 49.11 63.11
CA MET F 75 -77.32 48.64 62.37
C MET F 75 -77.04 48.70 60.87
N VAL F 76 -77.96 48.14 60.10
CA VAL F 76 -77.80 48.09 58.65
C VAL F 76 -77.96 49.50 58.08
N ALA F 77 -76.88 50.03 57.52
CA ALA F 77 -76.89 51.36 56.92
C ALA F 77 -75.80 51.42 55.87
N PHE F 78 -75.70 52.56 55.19
CA PHE F 78 -74.69 52.76 54.16
C PHE F 78 -73.37 53.12 54.84
N LEU F 79 -72.41 52.19 54.78
CA LEU F 79 -71.16 52.38 55.51
C LEU F 79 -70.28 53.43 54.83
N MET F 80 -69.73 54.33 55.63
CA MET F 80 -68.73 55.26 55.14
C MET F 80 -67.38 54.57 55.09
N VAL F 81 -66.58 54.93 54.09
CA VAL F 81 -65.26 54.31 53.93
C VAL F 81 -64.39 54.68 55.12
N ARG F 82 -63.77 53.66 55.73
CA ARG F 82 -62.92 53.87 56.89
C ARG F 82 -61.80 52.86 56.86
N ASN F 83 -60.68 53.23 57.48
CA ASN F 83 -59.49 52.37 57.54
C ASN F 83 -59.20 52.05 58.99
N LYS F 84 -59.27 50.76 59.34
CA LYS F 84 -58.97 50.29 60.69
C LYS F 84 -59.78 51.06 61.73
N ASP F 85 -61.10 51.15 61.49
CA ASP F 85 -62.02 51.85 62.38
C ASP F 85 -61.63 53.31 62.55
N ASN F 86 -61.10 53.91 61.47
CA ASN F 86 -60.84 55.34 61.42
C ASN F 86 -61.52 55.88 60.17
N VAL F 87 -62.54 56.72 60.36
CA VAL F 87 -63.28 57.26 59.22
C VAL F 87 -62.36 58.12 58.38
N VAL F 88 -62.32 57.85 57.08
CA VAL F 88 -61.40 58.52 56.18
C VAL F 88 -62.16 59.04 54.96
N ILE F 89 -61.83 60.25 54.57
CA ILE F 89 -62.32 60.85 53.34
C ILE F 89 -61.39 60.41 52.21
N PRO F 90 -61.89 59.77 51.17
CA PRO F 90 -61.00 59.25 50.12
C PRO F 90 -60.20 60.36 49.46
N GLY F 91 -58.93 60.07 49.18
CA GLY F 91 -58.10 61.03 48.48
C GLY F 91 -58.61 61.30 47.07
N SER F 92 -59.17 60.27 46.42
CA SER F 92 -59.73 60.46 45.09
C SER F 92 -60.90 61.42 45.13
N THR F 93 -61.74 61.35 46.18
CA THR F 93 -62.85 62.27 46.31
C THR F 93 -62.36 63.71 46.44
N ILE F 94 -61.34 63.93 47.28
CA ILE F 94 -60.80 65.27 47.46
C ILE F 94 -60.21 65.78 46.15
N LYS F 95 -59.48 64.92 45.44
CA LYS F 95 -58.88 65.34 44.18
C LYS F 95 -59.97 65.69 43.15
N GLY F 96 -61.02 64.90 43.09
CA GLY F 96 -62.11 65.21 42.18
C GLY F 96 -62.79 66.52 42.51
N MET F 97 -63.02 66.77 43.80
CA MET F 97 -63.60 68.04 44.21
C MET F 97 -62.70 69.21 43.82
N VAL F 98 -61.41 69.08 44.08
CA VAL F 98 -60.47 70.15 43.76
C VAL F 98 -60.45 70.40 42.26
N ARG F 99 -60.43 69.32 41.47
CA ARG F 99 -60.42 69.48 40.01
C ARG F 99 -61.69 70.15 39.52
N SER F 100 -62.84 69.76 40.09
CA SER F 100 -64.10 70.41 39.69
C SER F 100 -64.06 71.90 40.01
N ARG F 101 -63.58 72.25 41.20
CA ARG F 101 -63.50 73.66 41.57
C ARG F 101 -62.59 74.42 40.62
N LEU F 102 -61.42 73.84 40.32
CA LEU F 102 -60.48 74.52 39.44
C LEU F 102 -61.05 74.67 38.03
N GLU F 103 -61.69 73.63 37.51
CA GLU F 103 -62.26 73.72 36.17
C GLU F 103 -63.35 74.76 36.11
N LEU F 104 -64.21 74.82 37.12
CA LEU F 104 -65.30 75.79 37.10
C LEU F 104 -64.83 77.20 37.41
N SER F 105 -63.67 77.37 38.04
CA SER F 105 -63.18 78.69 38.43
C SER F 105 -62.20 79.28 37.44
N VAL F 106 -61.19 78.51 37.03
CA VAL F 106 -60.16 79.03 36.12
C VAL F 106 -60.79 79.31 34.77
N PRO F 107 -60.61 80.51 34.20
CA PRO F 107 -61.24 80.80 32.90
C PRO F 107 -60.74 79.91 31.77
N GLY F 108 -59.44 79.85 31.54
CA GLY F 108 -58.90 79.06 30.45
C GLY F 108 -58.69 77.61 30.82
N SER F 109 -59.73 76.97 31.35
CA SER F 109 -59.67 75.59 31.80
C SER F 109 -60.37 74.69 30.79
N CYS F 110 -60.18 73.39 30.96
CA CYS F 110 -60.85 72.39 30.13
C CYS F 110 -61.42 71.31 31.02
N TYR F 111 -62.70 71.00 30.83
CA TYR F 111 -63.32 69.93 31.59
C TYR F 111 -62.69 68.60 31.22
N ILE F 112 -62.49 67.75 32.23
CA ILE F 112 -61.77 66.51 32.02
C ILE F 112 -62.69 65.40 31.51
N VAL F 113 -63.85 65.24 32.14
CA VAL F 113 -64.79 64.19 31.79
C VAL F 113 -66.17 64.80 31.62
N THR F 114 -66.82 64.52 30.49
CA THR F 114 -68.15 65.01 30.20
C THR F 114 -69.18 63.90 30.07
N GLY F 115 -68.94 62.93 29.20
CA GLY F 115 -69.87 61.85 28.99
C GLY F 115 -71.20 62.35 28.44
N HIS F 116 -72.26 61.66 28.81
CA HIS F 116 -73.63 62.05 28.45
C HIS F 116 -74.39 62.42 29.72
N SER F 117 -75.47 63.17 29.54
CA SER F 117 -76.31 63.61 30.65
C SER F 117 -77.36 62.55 30.93
N THR F 118 -77.20 61.84 32.04
CA THR F 118 -78.16 60.84 32.46
C THR F 118 -79.06 61.30 33.61
N SER F 119 -78.63 62.25 34.41
CA SER F 119 -79.43 62.80 35.49
C SER F 119 -79.30 64.32 35.48
N SER F 120 -80.29 64.99 36.03
CA SER F 120 -80.33 66.45 36.09
C SER F 120 -80.35 66.89 37.55
N SER F 121 -79.53 67.87 37.89
CA SER F 121 -79.52 68.49 39.21
C SER F 121 -79.48 69.99 39.00
N ALA F 122 -80.67 70.60 38.94
CA ALA F 122 -80.77 72.03 38.65
C ALA F 122 -80.05 72.87 39.70
N VAL F 123 -79.95 72.37 40.92
CA VAL F 123 -79.22 73.10 41.95
C VAL F 123 -77.76 73.23 41.58
N TYR F 124 -77.16 72.14 41.09
CA TYR F 124 -75.77 72.21 40.63
C TYR F 124 -75.63 73.12 39.42
N LYS F 125 -76.55 73.02 38.46
CA LYS F 125 -76.48 73.85 37.27
C LYS F 125 -76.65 75.33 37.57
N ARG F 126 -77.36 75.67 38.65
CA ARG F 126 -77.56 77.06 39.01
C ARG F 126 -76.44 77.59 39.90
N ILE F 127 -75.99 76.79 40.86
CA ILE F 127 -74.91 77.23 41.75
C ILE F 127 -73.63 77.45 40.96
N PHE F 128 -73.25 76.46 40.16
CA PHE F 128 -72.08 76.56 39.30
C PHE F 128 -72.52 76.74 37.86
N ASN F 129 -71.88 77.68 37.18
CA ASN F 129 -72.27 77.99 35.81
C ASN F 129 -71.87 76.83 34.89
N PRO F 130 -72.82 76.23 34.19
CA PRO F 130 -72.47 75.16 33.26
C PRO F 130 -71.84 75.69 31.98
N ASP F 131 -71.06 74.84 31.34
CA ASP F 131 -70.44 75.17 30.05
C ASP F 131 -70.38 73.91 29.20
N PRO F 132 -71.51 73.50 28.62
CA PRO F 132 -71.51 72.30 27.77
C PRO F 132 -70.67 72.45 26.52
N ASN F 133 -70.40 73.68 26.08
CA ASN F 133 -69.60 73.88 24.88
C ASN F 133 -68.16 73.41 25.06
N ARG F 134 -67.57 73.64 26.23
CA ARG F 134 -66.17 73.31 26.46
C ARG F 134 -65.94 71.80 26.33
N GLY F 135 -64.88 71.44 25.62
CA GLY F 135 -64.56 70.04 25.39
C GLY F 135 -63.71 69.43 26.49
N SER F 136 -62.64 68.75 26.09
CA SER F 136 -61.77 68.07 27.05
C SER F 136 -60.35 68.01 26.52
N ASP F 137 -59.41 67.83 27.45
CA ASP F 137 -58.02 67.60 27.07
C ASP F 137 -57.90 66.26 26.38
N ARG F 138 -56.98 66.19 25.41
CA ARG F 138 -56.84 64.99 24.57
C ARG F 138 -55.83 64.00 25.13
N PHE F 139 -54.57 64.41 25.27
CA PHE F 139 -53.51 63.50 25.67
C PHE F 139 -52.22 64.25 25.96
N ASP F 140 -51.17 63.52 26.35
CA ASP F 140 -49.85 64.09 26.59
C ASP F 140 -48.79 63.56 25.64
N VAL F 141 -49.19 62.78 24.63
CA VAL F 141 -48.25 62.23 23.66
C VAL F 141 -47.75 63.36 22.78
N ASN F 142 -46.73 63.08 21.95
CA ASN F 142 -46.18 64.09 21.06
C ASN F 142 -47.26 64.75 20.22
N LYS F 143 -48.31 64.02 19.87
CA LYS F 143 -49.49 64.63 19.28
C LYS F 143 -50.29 65.33 20.37
N PHE F 144 -50.51 66.63 20.20
CA PHE F 144 -51.18 67.46 21.18
C PHE F 144 -50.58 67.32 22.58
N PRO F 145 -49.31 67.69 22.76
CA PRO F 145 -48.74 67.66 24.11
C PRO F 145 -49.18 68.85 24.97
N GLN F 146 -49.53 69.97 24.35
CA GLN F 146 -50.02 71.12 25.11
C GLN F 146 -51.40 70.81 25.67
N VAL F 147 -51.63 71.21 26.92
CA VAL F 147 -52.86 70.90 27.64
C VAL F 147 -53.33 72.13 28.39
N CYS F 148 -54.52 72.02 28.98
CA CYS F 148 -55.04 73.08 29.81
C CYS F 148 -54.21 73.19 31.09
N PRO F 149 -54.13 74.39 31.68
CA PRO F 149 -53.33 74.53 32.91
C PRO F 149 -53.78 73.62 34.04
N VAL F 150 -55.09 73.41 34.19
CA VAL F 150 -55.57 72.52 35.24
C VAL F 150 -55.15 71.08 34.96
N CYS F 151 -55.23 70.65 33.70
CA CYS F 151 -54.77 69.31 33.35
C CYS F 151 -53.29 69.15 33.60
N ASP F 152 -52.50 70.18 33.27
CA ASP F 152 -51.07 70.12 33.53
C ASP F 152 -50.78 70.03 35.02
N LEU F 153 -51.50 70.79 35.83
CA LEU F 153 -51.27 70.78 37.27
C LEU F 153 -51.66 69.45 37.88
N LEU F 154 -52.95 69.10 37.76
CA LEU F 154 -53.46 67.94 38.49
C LEU F 154 -53.08 66.64 37.81
N GLY F 155 -53.51 66.45 36.57
CA GLY F 155 -53.17 65.23 35.85
C GLY F 155 -53.99 65.11 34.59
N ASN F 156 -53.69 64.10 33.78
CA ASN F 156 -54.46 63.85 32.53
C ASN F 156 -54.22 62.40 32.12
N MET F 157 -54.81 61.94 31.02
CA MET F 157 -54.63 60.50 30.72
C MET F 157 -53.21 60.33 30.20
N GLY F 158 -52.39 59.59 30.94
CA GLY F 158 -51.00 59.36 30.54
C GLY F 158 -50.07 60.43 31.05
N LEU F 159 -50.61 61.55 31.53
CA LEU F 159 -49.74 62.57 32.13
C LEU F 159 -49.97 62.51 33.62
N ALA F 160 -48.90 62.42 34.38
CA ALA F 160 -49.10 62.21 35.82
C ALA F 160 -49.42 63.50 36.52
N SER F 161 -49.46 63.43 37.83
CA SER F 161 -49.86 64.60 38.62
C SER F 161 -48.67 65.20 39.33
N ARG F 162 -48.39 66.47 39.09
CA ARG F 162 -47.28 67.02 39.90
C ARG F 162 -47.79 67.02 41.32
N VAL F 163 -49.00 66.49 41.54
CA VAL F 163 -49.54 66.65 42.86
C VAL F 163 -50.16 65.33 43.30
N SER F 164 -50.31 65.16 44.61
CA SER F 164 -50.86 63.92 45.14
C SER F 164 -51.62 64.26 46.42
N LEU F 165 -52.89 63.89 46.45
CA LEU F 165 -53.79 64.24 47.54
C LEU F 165 -54.04 63.01 48.39
N SER F 166 -53.59 63.05 49.63
CA SER F 166 -53.80 61.92 50.53
C SER F 166 -55.25 61.90 51.02
N ASP F 167 -55.61 60.81 51.68
CA ASP F 167 -56.91 60.72 52.32
C ASP F 167 -56.94 61.62 53.56
N PHE F 168 -58.08 61.66 54.22
CA PHE F 168 -58.26 62.52 55.38
C PHE F 168 -58.83 61.69 56.53
N VAL F 169 -57.97 61.35 57.50
CA VAL F 169 -58.44 60.70 58.71
C VAL F 169 -59.05 61.74 59.64
N MET F 170 -59.85 61.26 60.59
CA MET F 170 -60.44 62.12 61.60
C MET F 170 -59.68 61.99 62.91
N THR F 171 -59.41 63.12 63.54
CA THR F 171 -58.78 63.15 64.86
C THR F 171 -59.79 63.21 66.00
N SER F 172 -60.93 63.85 65.77
CA SER F 172 -61.98 63.94 66.78
C SER F 172 -63.32 64.14 66.09
N GLY F 173 -64.33 63.43 66.57
CA GLY F 173 -65.66 63.57 66.01
C GLY F 173 -66.55 62.45 66.50
N LYS F 174 -67.79 62.46 66.04
CA LYS F 174 -68.76 61.43 66.37
C LYS F 174 -69.44 60.94 65.10
N VAL F 175 -69.63 59.63 65.01
CA VAL F 175 -70.29 58.99 63.88
C VAL F 175 -71.75 58.76 64.24
N ASP F 176 -72.65 59.17 63.35
CA ASP F 176 -74.08 59.06 63.58
C ASP F 176 -74.77 58.50 62.36
N TYR F 177 -75.97 57.96 62.57
CA TYR F 177 -76.79 57.40 61.51
C TYR F 177 -78.05 58.24 61.35
N VAL F 178 -78.45 58.47 60.11
CA VAL F 178 -79.62 59.28 59.80
C VAL F 178 -80.54 58.48 58.89
N ASN F 179 -81.83 58.49 59.22
CA ASN F 179 -82.85 57.75 58.47
C ASN F 179 -83.52 58.73 57.52
N VAL F 180 -82.96 58.87 56.33
CA VAL F 180 -83.50 59.78 55.32
C VAL F 180 -83.72 58.99 54.04
N LYS F 181 -84.68 59.47 53.24
CA LYS F 181 -85.10 58.78 52.02
C LYS F 181 -85.52 57.34 52.32
N GLY F 182 -86.15 57.15 53.48
CA GLY F 182 -86.58 55.83 53.90
C GLY F 182 -85.49 55.02 54.55
N ARG F 183 -84.38 54.83 53.85
CA ARG F 183 -83.30 53.98 54.33
C ARG F 183 -82.46 54.74 55.35
N ASP F 184 -81.38 54.11 55.81
CA ASP F 184 -80.50 54.67 56.81
C ASP F 184 -79.11 54.92 56.21
N TYR F 185 -78.42 55.91 56.76
CA TYR F 185 -77.09 56.28 56.30
C TYR F 185 -76.16 56.35 57.50
N GLU F 186 -74.92 56.78 57.23
CA GLU F 186 -73.91 56.99 58.26
C GLU F 186 -73.24 58.32 57.99
N VAL F 187 -73.22 59.20 59.00
CA VAL F 187 -72.74 60.56 58.82
C VAL F 187 -71.81 60.91 59.98
N VAL F 188 -71.32 62.15 59.95
CA VAL F 188 -70.49 62.69 61.02
C VAL F 188 -71.25 63.82 61.70
N THR F 189 -70.69 64.38 62.76
CA THR F 189 -71.37 65.39 63.56
C THR F 189 -70.59 66.70 63.51
N LYS F 190 -71.05 67.67 64.31
CA LYS F 190 -70.36 68.94 64.44
C LYS F 190 -69.08 68.74 65.22
N GLY F 191 -68.02 69.42 64.80
CA GLY F 191 -66.71 69.24 65.41
C GLY F 191 -65.95 68.04 64.88
N SER F 192 -66.54 67.25 64.00
CA SER F 192 -65.83 66.17 63.33
C SER F 192 -64.76 66.80 62.46
N ILE F 193 -63.50 66.66 62.87
CA ILE F 193 -62.40 67.39 62.27
C ILE F 193 -61.48 66.39 61.57
N PHE F 194 -61.13 66.69 60.33
CA PHE F 194 -60.31 65.82 59.51
C PHE F 194 -58.98 66.47 59.18
N ALA F 195 -57.95 65.65 59.08
CA ALA F 195 -56.60 66.13 58.79
C ALA F 195 -55.99 65.27 57.69
N GLY F 196 -55.19 65.90 56.85
CA GLY F 196 -54.52 65.19 55.78
C GLY F 196 -53.33 65.98 55.28
N LYS F 197 -52.43 65.28 54.59
CA LYS F 197 -51.20 65.87 54.07
C LYS F 197 -51.22 65.75 52.55
N VAL F 198 -51.43 66.88 51.89
CA VAL F 198 -51.27 66.95 50.44
C VAL F 198 -49.87 67.48 50.14
N LEU F 199 -49.16 66.79 49.25
CA LEU F 199 -47.78 67.15 48.93
C LEU F 199 -47.64 67.56 47.47
N TYR F 200 -46.70 68.46 47.24
CA TYR F 200 -46.46 69.02 45.91
C TYR F 200 -45.02 68.75 45.52
N LYS F 201 -44.83 68.27 44.29
CA LYS F 201 -43.51 67.95 43.77
C LYS F 201 -43.28 68.74 42.50
N SER F 202 -42.20 69.51 42.47
CA SER F 202 -41.76 70.24 41.28
C SER F 202 -42.85 71.19 40.78
N LEU F 203 -43.18 72.17 41.61
CA LEU F 203 -44.23 73.13 41.31
C LEU F 203 -43.65 74.54 41.27
N LYS F 204 -44.11 75.34 40.32
CA LYS F 204 -43.87 76.76 40.35
C LYS F 204 -44.74 77.40 41.43
N PRO F 205 -44.32 78.55 41.97
CA PRO F 205 -45.12 79.21 43.02
C PRO F 205 -46.55 79.52 42.58
N VAL F 206 -46.74 79.87 41.31
CA VAL F 206 -48.08 80.10 40.79
C VAL F 206 -48.94 78.85 40.94
N GLU F 207 -48.33 77.67 40.75
CA GLU F 207 -49.06 76.43 40.94
C GLU F 207 -49.48 76.25 42.38
N ILE F 208 -48.63 76.63 43.33
CA ILE F 208 -49.01 76.59 44.73
C ILE F 208 -50.19 77.51 44.99
N GLY F 209 -50.16 78.71 44.40
CA GLY F 209 -51.30 79.60 44.53
C GLY F 209 -52.57 79.01 43.95
N MET F 210 -52.44 78.31 42.82
CA MET F 210 -53.60 77.67 42.20
C MET F 210 -54.17 76.59 43.12
N LEU F 211 -53.30 75.79 43.72
CA LEU F 211 -53.77 74.75 44.65
C LEU F 211 -54.47 75.37 45.85
N LEU F 212 -53.89 76.43 46.41
CA LEU F 212 -54.50 77.09 47.56
C LEU F 212 -55.87 77.66 47.20
N TYR F 213 -55.98 78.27 46.01
CA TYR F 213 -57.27 78.77 45.56
C TYR F 213 -58.27 77.64 45.39
N GLY F 214 -57.83 76.52 44.84
CA GLY F 214 -58.73 75.39 44.67
C GLY F 214 -59.22 74.84 46.00
N PHE F 215 -58.36 74.87 47.03
CA PHE F 215 -58.76 74.34 48.32
C PHE F 215 -59.50 75.38 49.15
N GLY F 216 -60.51 76.01 48.58
CA GLY F 216 -61.37 76.89 49.34
C GLY F 216 -60.82 78.29 49.59
N PHE F 217 -59.50 78.40 49.74
CA PHE F 217 -58.87 79.68 50.06
C PHE F 217 -58.90 80.56 48.82
N VAL F 218 -60.05 81.19 48.59
CA VAL F 218 -60.21 82.04 47.42
C VAL F 218 -59.28 83.25 47.49
N LYS F 219 -59.28 83.96 48.61
CA LYS F 219 -58.41 85.12 48.79
C LYS F 219 -57.63 85.09 50.10
N ASP F 220 -58.25 84.61 51.17
CA ASP F 220 -57.65 84.65 52.49
C ASP F 220 -56.88 83.35 52.75
N CYS F 221 -55.60 83.50 53.12
CA CYS F 221 -54.81 82.32 53.46
C CYS F 221 -55.25 81.71 54.79
N ASN F 222 -55.64 82.54 55.75
CA ASN F 222 -55.98 82.09 57.09
C ASN F 222 -57.44 81.72 57.24
N GLY F 223 -58.11 81.37 56.15
CA GLY F 223 -59.51 80.98 56.19
C GLY F 223 -60.10 80.74 54.81
N SER F 224 -60.84 79.65 54.66
CA SER F 224 -61.38 79.26 53.38
C SER F 224 -62.88 79.52 53.34
N LYS F 225 -63.47 79.30 52.16
CA LYS F 225 -64.90 79.42 51.98
C LYS F 225 -65.57 78.09 52.33
N VAL F 226 -66.87 78.00 52.12
CA VAL F 226 -67.62 76.77 52.34
C VAL F 226 -67.69 76.02 51.02
N MET F 227 -67.55 74.69 51.07
CA MET F 227 -67.50 73.87 49.88
C MET F 227 -68.51 72.73 49.98
N LEU F 228 -69.11 72.40 48.85
CA LEU F 228 -70.03 71.28 48.75
C LEU F 228 -69.25 69.98 48.58
N LEU F 229 -69.60 68.98 49.38
CA LEU F 229 -68.91 67.70 49.33
C LEU F 229 -69.74 66.67 50.09
N GLY F 230 -69.87 65.48 49.52
CA GLY F 230 -70.51 64.38 50.21
C GLY F 230 -71.61 63.78 49.38
N ARG F 231 -72.44 62.98 50.04
CA ARG F 231 -73.55 62.30 49.35
C ARG F 231 -74.60 63.31 48.89
N PHE F 232 -75.21 64.01 49.84
CA PHE F 232 -76.25 64.99 49.53
C PHE F 232 -75.67 66.38 49.77
N LYS F 233 -75.61 67.18 48.71
CA LYS F 233 -75.20 68.57 48.84
C LYS F 233 -76.02 69.52 48.01
N PHE F 234 -76.97 69.03 47.22
CA PHE F 234 -77.84 69.88 46.41
C PHE F 234 -79.30 69.75 46.82
N SER F 235 -79.79 68.53 46.99
CA SER F 235 -81.16 68.29 47.42
C SER F 235 -81.34 68.47 48.93
N ASP F 236 -80.35 69.05 49.60
CA ASP F 236 -80.44 69.27 51.04
C ASP F 236 -79.65 70.52 51.40
N LYS F 237 -80.03 71.14 52.50
CA LYS F 237 -79.36 72.33 53.02
C LYS F 237 -78.38 72.02 54.13
N ARG F 238 -78.68 71.03 54.98
CA ARG F 238 -77.85 70.73 56.13
C ARG F 238 -76.79 69.68 55.84
N PHE F 239 -76.74 69.14 54.63
CA PHE F 239 -75.79 68.09 54.27
C PHE F 239 -74.82 68.61 53.22
N GLY F 240 -73.53 68.39 53.45
CA GLY F 240 -72.52 68.70 52.45
C GLY F 240 -71.96 70.09 52.53
N ARG F 241 -71.63 70.55 53.75
CA ARG F 241 -71.07 71.88 53.96
C ARG F 241 -69.79 71.72 54.78
N VAL F 242 -68.64 71.91 54.14
CA VAL F 242 -67.35 71.75 54.80
C VAL F 242 -66.46 72.94 54.45
N LYS F 243 -65.49 73.21 55.33
CA LYS F 243 -64.52 74.27 55.13
C LYS F 243 -63.13 73.75 55.42
N PHE F 244 -62.15 74.27 54.69
CA PHE F 244 -60.76 73.89 54.84
C PHE F 244 -60.01 74.92 55.68
N SER F 245 -58.91 74.48 56.26
CA SER F 245 -58.07 75.34 57.06
C SER F 245 -56.65 74.79 57.07
N LEU F 246 -55.68 75.68 57.15
CA LEU F 246 -54.28 75.31 57.22
C LEU F 246 -53.89 75.10 58.68
N LYS F 247 -53.28 73.96 58.98
CA LYS F 247 -52.81 73.66 60.32
C LYS F 247 -51.34 74.02 60.52
N THR F 248 -50.55 74.05 59.46
CA THR F 248 -49.15 74.47 59.52
C THR F 248 -48.92 75.50 58.42
N PRO F 249 -49.34 76.74 58.63
CA PRO F 249 -49.10 77.78 57.61
C PRO F 249 -47.65 78.23 57.59
N ILE F 250 -46.74 77.29 57.39
CA ILE F 250 -45.31 77.59 57.47
C ILE F 250 -44.78 78.25 56.22
N ALA F 251 -45.55 78.33 55.16
CA ALA F 251 -45.12 78.90 53.90
C ALA F 251 -45.90 80.18 53.61
N ASP F 252 -45.21 81.15 53.02
CA ASP F 252 -45.88 82.37 52.56
C ASP F 252 -46.99 81.99 51.59
N CYS F 253 -48.19 82.51 51.83
CA CYS F 253 -49.35 82.05 51.08
C CYS F 253 -50.16 83.20 50.49
N ASN F 254 -50.25 84.31 51.23
CA ASN F 254 -51.07 85.43 50.77
C ASN F 254 -50.53 86.03 49.48
N LYS F 255 -49.20 86.19 49.40
CA LYS F 255 -48.60 86.67 48.16
C LYS F 255 -48.86 85.71 47.02
N LEU F 256 -48.82 84.41 47.28
CA LEU F 256 -49.07 83.42 46.24
C LEU F 256 -50.52 83.51 45.74
N VAL F 257 -51.47 83.63 46.66
CA VAL F 257 -52.86 83.76 46.26
C VAL F 257 -53.07 85.04 45.46
N SER F 258 -52.44 86.14 45.90
CA SER F 258 -52.54 87.39 45.16
C SER F 258 -51.98 87.26 43.76
N ASP F 259 -50.83 86.58 43.62
CA ASP F 259 -50.26 86.36 42.30
C ASP F 259 -51.19 85.53 41.43
N PHE F 260 -51.77 84.47 41.99
CA PHE F 260 -52.65 83.62 41.21
C PHE F 260 -53.88 84.39 40.74
N VAL F 261 -54.48 85.18 41.62
CA VAL F 261 -55.67 85.92 41.22
C VAL F 261 -55.33 87.10 40.32
N LYS F 262 -54.10 87.61 40.37
CA LYS F 262 -53.69 88.67 39.47
C LYS F 262 -53.22 88.17 38.12
N GLN F 263 -52.93 86.88 37.99
CA GLN F 263 -52.51 86.30 36.72
C GLN F 263 -53.64 85.62 35.99
N PHE F 264 -54.44 84.81 36.69
CA PHE F 264 -55.52 84.07 36.05
C PHE F 264 -56.87 84.75 36.21
N ASN F 265 -57.05 85.56 37.24
CA ASN F 265 -58.33 86.18 37.55
C ASN F 265 -59.45 85.14 37.61
N PRO F 266 -59.38 84.19 38.53
CA PRO F 266 -60.40 83.14 38.58
C PRO F 266 -61.76 83.70 38.95
N ARG F 267 -62.80 83.05 38.43
CA ARG F 267 -64.17 83.48 38.68
C ARG F 267 -64.58 83.05 40.08
N TYR F 268 -64.62 84.01 41.01
CA TYR F 268 -65.08 83.71 42.35
C TYR F 268 -66.53 83.25 42.34
N ILE F 269 -66.84 82.24 43.14
CA ILE F 269 -68.17 81.67 43.20
C ILE F 269 -68.57 81.51 44.66
N ASN F 270 -69.88 81.45 44.88
CA ASN F 270 -70.44 81.26 46.21
C ASN F 270 -71.18 79.93 46.26
N GLU F 271 -71.19 79.33 47.44
CA GLU F 271 -71.78 78.02 47.65
C GLU F 271 -73.01 78.15 48.55
N GLU F 272 -74.15 77.69 48.05
CA GLU F 272 -75.40 77.72 48.80
C GLU F 272 -75.33 76.79 50.01
N ILE G 2 7.16 -19.23 -60.92
CA ILE G 2 6.08 -18.36 -60.46
C ILE G 2 6.25 -18.05 -58.97
N PRO G 3 6.64 -16.80 -58.67
CA PRO G 3 6.84 -16.42 -57.26
C PRO G 3 5.52 -16.26 -56.54
N ILE G 4 5.53 -16.63 -55.25
CA ILE G 4 4.38 -16.46 -54.36
C ILE G 4 4.89 -15.71 -53.13
N LYS G 5 4.60 -14.41 -53.04
CA LYS G 5 5.04 -13.58 -51.93
C LYS G 5 4.10 -13.78 -50.76
N VAL G 6 4.42 -14.74 -49.89
CA VAL G 6 3.58 -15.11 -48.77
C VAL G 6 4.14 -14.46 -47.50
N SER G 7 3.27 -13.79 -46.75
CA SER G 7 3.62 -13.24 -45.45
C SER G 7 2.86 -13.98 -44.37
N MET G 8 3.59 -14.47 -43.38
CA MET G 8 3.01 -15.23 -42.27
C MET G 8 3.34 -14.52 -40.97
N ARG G 9 2.33 -14.41 -40.10
CA ARG G 9 2.51 -13.80 -38.79
C ARG G 9 2.03 -14.78 -37.74
N ASN G 10 2.90 -15.11 -36.79
CA ASN G 10 2.56 -16.09 -35.76
C ASN G 10 1.47 -15.54 -34.86
N LEU G 11 0.54 -16.42 -34.47
CA LEU G 11 -0.55 -16.05 -33.59
C LEU G 11 -0.25 -16.32 -32.13
N SER G 12 0.95 -16.80 -31.82
CA SER G 12 1.35 -17.08 -30.44
C SER G 12 2.84 -16.87 -30.32
N SER G 13 3.41 -17.34 -29.21
CA SER G 13 4.84 -17.22 -28.94
C SER G 13 5.58 -18.31 -29.72
N LEU G 14 5.69 -18.08 -31.02
CA LEU G 14 6.34 -19.05 -31.90
C LEU G 14 7.81 -19.18 -31.56
N THR G 15 8.31 -20.40 -31.65
CA THR G 15 9.72 -20.66 -31.39
C THR G 15 10.12 -21.97 -32.04
N ILE G 16 11.38 -22.05 -32.44
CA ILE G 16 12.00 -23.26 -32.93
C ILE G 16 13.33 -23.44 -32.22
N ALA G 17 13.83 -24.66 -32.21
CA ALA G 17 15.12 -24.96 -31.59
C ALA G 17 16.14 -25.14 -32.68
N GLY G 18 17.08 -24.18 -32.72
CA GLY G 18 18.22 -24.35 -33.63
C GLY G 18 19.34 -24.84 -32.74
N GLY G 19 20.51 -24.22 -32.79
CA GLY G 19 21.56 -24.62 -31.84
C GLY G 19 22.70 -23.62 -31.80
N SER G 20 23.49 -23.64 -30.72
CA SER G 20 24.70 -22.79 -30.71
C SER G 20 25.69 -23.41 -29.73
N THR G 21 26.98 -23.32 -30.01
CA THR G 21 27.95 -23.79 -29.01
C THR G 21 27.81 -22.89 -27.79
N ILE G 22 27.65 -21.60 -28.03
CA ILE G 22 27.40 -20.70 -26.87
C ILE G 22 25.89 -20.59 -26.72
N SER G 23 25.35 -21.34 -25.77
CA SER G 23 23.90 -21.24 -25.51
C SER G 23 23.66 -21.67 -24.07
N SER G 24 22.57 -21.22 -23.47
CA SER G 24 22.33 -21.55 -22.05
C SER G 24 20.85 -21.85 -21.92
N ILE G 25 20.06 -21.24 -22.78
CA ILE G 25 18.63 -21.47 -22.75
C ILE G 25 18.34 -22.94 -23.04
N ASP G 26 17.36 -23.51 -22.32
CA ASP G 26 17.01 -24.91 -22.55
C ASP G 26 16.51 -25.15 -23.96
N ILE G 27 15.76 -24.20 -24.51
CA ILE G 27 15.24 -24.30 -25.86
C ILE G 27 16.02 -23.30 -26.73
N PRO G 28 16.91 -23.76 -27.59
CA PRO G 28 17.70 -22.84 -28.39
C PRO G 28 16.91 -22.23 -29.53
N LEU G 29 17.59 -21.47 -30.39
CA LEU G 29 16.97 -20.88 -31.57
C LEU G 29 17.97 -20.92 -32.71
N ASN G 30 17.46 -21.05 -33.93
CA ASN G 30 18.33 -21.06 -35.09
C ASN G 30 19.01 -19.70 -35.23
N PRO G 31 20.32 -19.66 -35.45
CA PRO G 31 21.00 -18.35 -35.54
C PRO G 31 20.46 -17.45 -36.62
N LEU G 32 20.09 -18.00 -37.77
CA LEU G 32 19.56 -17.17 -38.85
C LEU G 32 18.11 -16.78 -38.62
N GLY G 33 17.33 -17.63 -37.96
CA GLY G 33 15.92 -17.36 -37.76
C GLY G 33 15.06 -18.57 -38.02
N VAL G 34 14.16 -18.46 -38.99
CA VAL G 34 13.31 -19.57 -39.42
C VAL G 34 13.88 -20.13 -40.72
N PRO G 35 14.28 -21.39 -40.75
CA PRO G 35 14.87 -21.95 -41.97
C PRO G 35 13.79 -22.42 -42.92
N PRO G 36 14.08 -22.44 -44.23
CA PRO G 36 13.10 -22.97 -45.18
C PRO G 36 12.77 -24.43 -44.95
N SER G 37 13.71 -25.20 -44.40
CA SER G 37 13.46 -26.62 -44.16
C SER G 37 12.31 -26.82 -43.19
N THR G 38 12.26 -26.01 -42.13
CA THR G 38 11.18 -26.12 -41.17
C THR G 38 9.83 -25.88 -41.84
N ILE G 39 9.74 -24.82 -42.64
CA ILE G 39 8.49 -24.51 -43.32
C ILE G 39 8.09 -25.64 -44.26
N LYS G 40 9.06 -26.15 -45.02
CA LYS G 40 8.76 -27.19 -46.01
C LYS G 40 8.27 -28.46 -45.32
N GLY G 41 8.97 -28.90 -44.27
CA GLY G 41 8.54 -30.10 -43.57
C GLY G 41 7.20 -29.94 -42.90
N THR G 42 6.97 -28.79 -42.27
CA THR G 42 5.69 -28.54 -41.63
C THR G 42 4.56 -28.53 -42.65
N MET G 43 4.78 -27.92 -43.81
CA MET G 43 3.76 -27.89 -44.85
C MET G 43 3.47 -29.29 -45.36
N ARG G 44 4.51 -30.09 -45.59
CA ARG G 44 4.29 -31.46 -46.03
C ARG G 44 3.49 -32.25 -44.99
N THR G 45 3.82 -32.09 -43.72
CA THR G 45 3.09 -32.79 -42.67
C THR G 45 1.62 -32.38 -42.67
N ALA G 46 1.36 -31.07 -42.77
CA ALA G 46 -0.02 -30.61 -42.80
C ALA G 46 -0.78 -31.17 -43.99
N VAL G 47 -0.12 -31.21 -45.15
CA VAL G 47 -0.77 -31.75 -46.34
C VAL G 47 -1.13 -33.21 -46.14
N HIS G 48 -0.17 -34.00 -45.64
CA HIS G 48 -0.45 -35.42 -45.45
C HIS G 48 -1.57 -35.63 -44.45
N ASN G 49 -1.55 -34.88 -43.34
CA ASN G 49 -2.60 -35.03 -42.34
C ASN G 49 -3.92 -34.45 -42.82
N LEU G 50 -3.87 -33.36 -43.58
CA LEU G 50 -5.05 -32.74 -44.16
C LEU G 50 -4.91 -32.84 -45.67
N LEU G 51 -5.32 -33.98 -46.21
CA LEU G 51 -5.16 -34.24 -47.64
C LEU G 51 -6.44 -33.86 -48.38
N PRO G 52 -6.38 -32.91 -49.32
CA PRO G 52 -7.58 -32.59 -50.10
C PRO G 52 -8.00 -33.77 -50.96
N ASN G 53 -9.29 -33.78 -51.29
CA ASN G 53 -9.86 -34.89 -52.06
C ASN G 53 -9.19 -35.01 -53.42
N GLY G 54 -9.02 -36.25 -53.87
CA GLY G 54 -8.41 -36.50 -55.16
C GLY G 54 -6.90 -36.39 -55.19
N TYR G 55 -6.23 -36.81 -54.12
CA TYR G 55 -4.77 -36.75 -54.08
C TYR G 55 -4.25 -37.92 -53.27
N THR G 56 -2.96 -38.20 -53.44
CA THR G 56 -2.31 -39.33 -52.79
C THR G 56 -1.07 -38.85 -52.06
N SER G 57 -0.85 -39.38 -50.85
CA SER G 57 0.27 -39.00 -50.01
C SER G 57 0.99 -40.24 -49.52
N CYS G 58 2.32 -40.26 -49.65
CA CYS G 58 3.10 -41.35 -49.06
C CYS G 58 2.94 -41.36 -47.55
N GLY G 59 3.12 -40.21 -46.92
CA GLY G 59 3.06 -40.12 -45.47
C GLY G 59 4.09 -41.01 -44.81
N GLU G 60 5.32 -41.00 -45.34
CA GLU G 60 6.36 -41.89 -44.86
C GLU G 60 7.64 -41.11 -44.59
N VAL G 61 8.39 -41.59 -43.60
CA VAL G 61 9.67 -41.01 -43.23
C VAL G 61 10.83 -41.84 -43.76
N GLU G 62 10.71 -43.16 -43.69
CA GLU G 62 11.75 -44.05 -44.19
C GLU G 62 11.86 -43.95 -45.70
N PRO G 63 13.02 -43.58 -46.25
CA PRO G 63 13.15 -43.54 -47.72
C PRO G 63 12.86 -44.88 -48.36
N GLU G 64 13.18 -45.99 -47.68
CA GLU G 64 12.76 -47.30 -48.18
C GLU G 64 11.24 -47.39 -48.20
N SER G 65 10.57 -46.90 -47.17
CA SER G 65 9.12 -46.88 -47.17
C SER G 65 8.59 -45.96 -48.27
N ILE G 66 9.29 -44.85 -48.51
CA ILE G 66 8.90 -43.96 -49.61
C ILE G 66 8.98 -44.71 -50.94
N ARG G 67 10.06 -45.47 -51.14
CA ARG G 67 10.18 -46.26 -52.37
C ARG G 67 9.09 -47.30 -52.47
N GLU G 68 8.76 -47.95 -51.35
CA GLU G 68 7.72 -48.98 -51.37
C GLU G 68 6.37 -48.37 -51.72
N ALA G 69 6.07 -47.19 -51.17
CA ALA G 69 4.85 -46.49 -51.56
C ALA G 69 4.89 -46.12 -53.03
N HIS G 70 6.06 -45.69 -53.51
CA HIS G 70 6.25 -45.34 -54.91
C HIS G 70 6.39 -46.55 -55.82
N LYS G 71 6.21 -47.76 -55.29
CA LYS G 71 6.12 -48.92 -56.16
C LYS G 71 4.98 -48.76 -57.16
N ASN G 72 3.83 -48.27 -56.69
CA ASN G 72 2.79 -47.83 -57.61
C ASN G 72 3.21 -46.56 -58.33
N GLY G 73 3.75 -45.60 -57.58
CA GLY G 73 4.51 -44.51 -58.14
C GLY G 73 3.77 -43.25 -58.52
N VAL G 74 2.90 -42.74 -57.66
CA VAL G 74 2.31 -41.43 -57.93
C VAL G 74 2.57 -40.47 -56.77
N CYS G 75 1.98 -40.75 -55.60
CA CYS G 75 2.14 -39.95 -54.39
C CYS G 75 2.09 -38.46 -54.68
N ASP G 76 0.95 -37.95 -55.14
CA ASP G 76 0.81 -36.56 -55.55
C ASP G 76 1.59 -35.60 -54.65
N VAL G 77 1.44 -35.75 -53.33
CA VAL G 77 2.19 -34.92 -52.39
C VAL G 77 3.69 -35.16 -52.56
N CYS G 78 4.09 -36.42 -52.71
CA CYS G 78 5.50 -36.75 -52.87
C CYS G 78 6.04 -36.22 -54.19
N LYS G 79 5.23 -36.21 -55.24
CA LYS G 79 5.64 -35.56 -56.48
C LYS G 79 5.81 -34.07 -56.28
N LEU G 80 4.88 -33.43 -55.56
CA LEU G 80 4.98 -31.99 -55.34
C LEU G 80 6.23 -31.63 -54.55
N PHE G 81 6.55 -32.43 -53.54
CA PHE G 81 7.73 -32.19 -52.73
C PHE G 81 8.97 -32.90 -53.25
N GLY G 82 8.83 -33.75 -54.27
CA GLY G 82 10.01 -34.32 -54.92
C GLY G 82 10.27 -35.77 -54.55
N TYR G 83 10.58 -36.57 -55.57
CA TYR G 83 11.02 -37.93 -55.33
C TYR G 83 12.38 -37.92 -54.64
N PRO G 84 12.69 -38.95 -53.85
CA PRO G 84 14.01 -39.00 -53.22
C PRO G 84 15.17 -38.97 -54.20
N ASP G 85 15.05 -39.64 -55.35
CA ASP G 85 16.19 -39.73 -56.25
C ASP G 85 15.82 -39.63 -57.73
N SER G 86 14.63 -39.13 -58.06
CA SER G 86 14.19 -39.12 -59.45
C SER G 86 14.19 -37.72 -60.05
N LEU G 87 13.47 -36.78 -59.45
CA LEU G 87 13.39 -35.43 -59.99
C LEU G 87 14.40 -34.54 -59.28
N THR G 88 14.92 -33.57 -60.04
CA THR G 88 15.81 -32.57 -59.44
C THR G 88 15.10 -31.76 -58.37
N GLY G 89 13.90 -31.27 -58.68
CA GLY G 89 13.14 -30.50 -57.71
C GLY G 89 11.89 -29.95 -58.35
N CYS G 90 11.02 -29.42 -57.50
CA CYS G 90 9.75 -28.85 -57.94
C CYS G 90 9.59 -27.39 -57.52
N PHE G 91 9.91 -27.06 -56.28
CA PHE G 91 9.70 -25.70 -55.79
C PHE G 91 10.73 -25.40 -54.71
N THR G 92 10.93 -24.10 -54.46
CA THR G 92 11.91 -23.63 -53.50
C THR G 92 11.28 -22.62 -52.55
N ILE G 93 11.83 -22.56 -51.35
CA ILE G 93 11.39 -21.62 -50.31
C ILE G 93 12.61 -20.84 -49.82
N ASP G 94 12.48 -19.52 -49.77
CA ASP G 94 13.54 -18.66 -49.25
C ASP G 94 12.93 -17.59 -48.35
N VAL G 95 13.64 -17.28 -47.27
CA VAL G 95 13.19 -16.28 -46.30
C VAL G 95 14.21 -15.14 -46.29
N SER G 96 13.72 -13.91 -46.42
CA SER G 96 14.57 -12.74 -46.48
C SER G 96 14.60 -11.97 -45.16
N LYS G 97 13.45 -11.77 -44.54
CA LYS G 97 13.38 -11.00 -43.30
C LYS G 97 14.15 -11.69 -42.19
N THR G 98 14.81 -10.89 -41.36
CA THR G 98 15.61 -11.40 -40.24
C THR G 98 15.39 -10.49 -39.04
N ASP G 99 16.24 -10.66 -38.02
CA ASP G 99 16.24 -9.80 -36.83
C ASP G 99 14.90 -9.82 -36.12
N TYR G 100 14.54 -11.01 -35.62
CA TYR G 100 13.33 -11.15 -34.84
C TYR G 100 13.58 -10.75 -33.38
N ARG G 101 12.50 -10.63 -32.63
CA ARG G 101 12.58 -10.29 -31.23
C ARG G 101 12.72 -11.56 -30.38
N THR G 102 13.41 -11.42 -29.25
CA THR G 102 13.76 -12.56 -28.42
C THR G 102 13.46 -12.27 -26.96
N SER G 103 13.03 -13.30 -26.23
CA SER G 103 12.82 -13.21 -24.79
C SER G 103 12.90 -14.60 -24.20
N TYR G 104 13.46 -14.70 -23.00
CA TYR G 104 13.60 -15.98 -22.32
C TYR G 104 12.47 -16.16 -21.32
N ILE G 105 11.73 -17.25 -21.48
CA ILE G 105 10.69 -17.61 -20.53
C ILE G 105 10.98 -19.00 -19.99
N THR G 106 10.24 -19.41 -18.96
CA THR G 106 10.45 -20.71 -18.35
C THR G 106 9.10 -21.34 -18.04
N ARG G 107 9.09 -22.67 -17.98
CA ARG G 107 7.88 -23.43 -17.73
C ARG G 107 8.16 -24.50 -16.69
N VAL G 108 7.09 -24.91 -16.01
CA VAL G 108 7.17 -25.94 -14.98
C VAL G 108 6.24 -27.08 -15.35
N SER G 109 6.20 -28.11 -14.50
CA SER G 109 5.29 -29.23 -14.67
C SER G 109 4.60 -29.47 -13.35
N ILE G 110 3.32 -29.09 -13.26
CA ILE G 110 2.58 -29.21 -12.01
C ILE G 110 2.38 -30.68 -11.68
N ASP G 111 2.49 -31.01 -10.39
CA ASP G 111 2.23 -32.37 -9.94
C ASP G 111 0.78 -32.74 -10.20
N ASP G 112 0.53 -34.04 -10.37
CA ASP G 112 -0.83 -34.51 -10.59
C ASP G 112 -1.56 -34.73 -9.26
N LYS G 113 -0.93 -35.46 -8.33
CA LYS G 113 -1.59 -35.78 -7.07
C LYS G 113 -1.92 -34.53 -6.28
N THR G 114 -1.00 -33.57 -6.25
CA THR G 114 -1.22 -32.27 -5.66
C THR G 114 -1.43 -31.25 -6.78
N GLN G 115 -1.52 -29.98 -6.41
CA GLN G 115 -1.64 -28.90 -7.38
C GLN G 115 -0.43 -27.98 -7.35
N ARG G 116 0.69 -28.43 -6.81
CA ARG G 116 1.91 -27.64 -6.76
C ARG G 116 2.89 -28.12 -7.82
N ALA G 117 3.82 -27.25 -8.18
CA ALA G 117 4.80 -27.56 -9.21
C ALA G 117 5.74 -28.67 -8.75
N LYS G 118 6.08 -29.55 -9.68
CA LYS G 118 7.00 -30.64 -9.36
C LYS G 118 8.39 -30.09 -9.08
N GLU G 119 9.01 -30.60 -8.02
CA GLU G 119 10.34 -30.13 -7.61
C GLU G 119 11.36 -30.66 -8.59
N GLY G 120 11.89 -29.77 -9.44
CA GLY G 120 12.89 -30.13 -10.40
C GLY G 120 12.39 -30.36 -11.81
N SER G 121 11.16 -29.96 -12.13
CA SER G 121 10.61 -30.08 -13.47
C SER G 121 10.56 -28.73 -14.16
N LEU G 122 11.43 -27.81 -13.74
CA LEU G 122 11.45 -26.44 -14.24
C LEU G 122 12.46 -26.34 -15.37
N PHE G 123 11.99 -25.93 -16.55
CA PHE G 123 12.87 -25.70 -17.68
C PHE G 123 12.46 -24.43 -18.41
N THR G 124 13.44 -23.81 -19.05
CA THR G 124 13.25 -22.53 -19.72
C THR G 124 12.98 -22.74 -21.21
N GLN G 125 12.59 -21.66 -21.87
CA GLN G 125 12.27 -21.71 -23.29
C GLN G 125 12.50 -20.35 -23.93
N GLN G 126 13.23 -20.33 -25.03
CA GLN G 126 13.44 -19.12 -25.82
C GLN G 126 12.36 -19.03 -26.88
N ILE G 127 11.73 -17.86 -26.98
CA ILE G 127 10.59 -17.69 -27.88
C ILE G 127 10.78 -16.43 -28.71
N ILE G 128 10.03 -16.38 -29.81
CA ILE G 128 9.92 -15.19 -30.65
C ILE G 128 8.61 -14.51 -30.29
N LEU G 129 8.66 -13.20 -30.10
CA LEU G 129 7.47 -12.48 -29.66
C LEU G 129 6.37 -12.58 -30.71
N PRO G 130 5.12 -12.70 -30.29
CA PRO G 130 4.03 -12.86 -31.25
C PRO G 130 3.80 -11.62 -32.09
N ASN G 131 2.86 -11.73 -33.04
CA ASN G 131 2.50 -10.61 -33.92
C ASN G 131 3.72 -10.09 -34.68
N SER G 132 4.62 -11.00 -35.04
CA SER G 132 5.81 -10.68 -35.81
C SER G 132 5.63 -11.25 -37.22
N ASP G 133 5.84 -10.40 -38.22
CA ASP G 133 5.59 -10.78 -39.61
C ASP G 133 6.79 -11.53 -40.17
N ILE G 134 6.52 -12.61 -40.89
CA ILE G 134 7.54 -13.40 -41.57
C ILE G 134 7.13 -13.52 -43.02
N SER G 135 8.03 -13.15 -43.93
CA SER G 135 7.78 -13.19 -45.35
C SER G 135 8.70 -14.20 -46.00
N PHE G 136 8.14 -15.08 -46.82
CA PHE G 136 8.92 -16.06 -47.58
C PHE G 136 8.25 -16.29 -48.92
N THR G 137 9.07 -16.55 -49.94
CA THR G 137 8.58 -16.74 -51.30
C THR G 137 8.70 -18.21 -51.67
N VAL G 138 7.64 -18.75 -52.26
CA VAL G 138 7.60 -20.14 -52.70
C VAL G 138 7.72 -20.11 -54.23
N TYR G 139 8.91 -20.40 -54.74
CA TYR G 139 9.14 -20.40 -56.18
C TYR G 139 8.82 -21.77 -56.74
N TYR G 140 7.70 -21.87 -57.45
CA TYR G 140 7.28 -23.11 -58.12
C TYR G 140 7.75 -23.03 -59.56
N ASN G 141 8.75 -23.83 -59.91
CA ASN G 141 9.38 -23.77 -61.22
C ASN G 141 8.79 -24.73 -62.24
N CYS G 142 8.08 -25.77 -61.79
CA CYS G 142 7.53 -26.74 -62.73
C CYS G 142 6.39 -26.12 -63.53
N ASN G 143 5.85 -26.92 -64.46
CA ASN G 143 4.74 -26.50 -65.31
C ASN G 143 3.61 -27.51 -65.15
N ASP G 144 2.76 -27.29 -64.15
CA ASP G 144 1.62 -28.15 -63.92
C ASP G 144 0.59 -27.37 -63.11
N GLU G 145 -0.68 -27.54 -63.45
CA GLU G 145 -1.75 -26.81 -62.78
C GLU G 145 -2.32 -27.58 -61.60
N ARG G 146 -2.44 -28.90 -61.70
CA ARG G 146 -2.95 -29.68 -60.58
C ARG G 146 -1.98 -29.62 -59.41
N LEU G 147 -0.68 -29.73 -59.69
CA LEU G 147 0.32 -29.62 -58.62
C LEU G 147 0.34 -28.22 -58.03
N PHE G 148 0.15 -27.19 -58.87
CA PHE G 148 0.07 -25.83 -58.35
C PHE G 148 -1.12 -25.67 -57.42
N LYS G 149 -2.27 -26.26 -57.81
CA LYS G 149 -3.44 -26.24 -56.94
C LYS G 149 -3.16 -26.97 -55.64
N LEU G 150 -2.43 -28.08 -55.71
CA LEU G 150 -2.06 -28.81 -54.51
C LEU G 150 -1.17 -27.96 -53.61
N LEU G 151 -0.25 -27.21 -54.20
CA LEU G 151 0.60 -26.32 -53.42
C LEU G 151 -0.21 -25.21 -52.76
N LEU G 152 -1.19 -24.67 -53.48
CA LEU G 152 -2.07 -23.66 -52.88
C LEU G 152 -2.86 -24.25 -51.72
N TYR G 153 -3.36 -25.48 -51.90
CA TYR G 153 -4.04 -26.15 -50.79
C TYR G 153 -3.10 -26.39 -49.63
N SER G 154 -1.82 -26.66 -49.93
CA SER G 154 -0.82 -26.82 -48.89
C SER G 154 -0.69 -25.54 -48.07
N ILE G 155 -0.55 -24.42 -48.76
CA ILE G 155 -0.42 -23.14 -48.07
C ILE G 155 -1.66 -22.85 -47.24
N LEU G 156 -2.84 -23.14 -47.80
CA LEU G 156 -4.08 -22.90 -47.06
C LEU G 156 -4.16 -23.78 -45.83
N ASP G 157 -3.79 -25.05 -45.95
CA ASP G 157 -3.85 -25.96 -44.81
C ASP G 157 -2.80 -25.61 -43.77
N LEU G 158 -1.72 -24.93 -44.18
CA LEU G 158 -0.75 -24.46 -43.21
C LEU G 158 -1.39 -23.57 -42.16
N ARG G 159 -2.45 -22.86 -42.53
CA ARG G 159 -3.14 -22.00 -41.59
C ARG G 159 -3.74 -22.80 -40.43
N TYR G 160 -4.36 -23.92 -40.74
CA TYR G 160 -4.96 -24.76 -39.69
C TYR G 160 -3.96 -25.78 -39.18
N TRP G 161 -2.77 -25.33 -38.80
CA TRP G 161 -1.72 -26.28 -38.46
C TRP G 161 -0.73 -25.64 -37.50
N ARG G 162 -0.12 -26.47 -36.68
CA ARG G 162 0.92 -26.03 -35.77
C ARG G 162 2.21 -25.74 -36.52
N LEU G 163 3.00 -24.82 -35.98
CA LEU G 163 4.34 -24.55 -36.49
C LEU G 163 5.26 -24.25 -35.30
N GLY G 164 5.83 -25.30 -34.73
CA GLY G 164 6.81 -25.14 -33.68
C GLY G 164 6.14 -25.04 -32.33
N ARG G 165 6.36 -26.03 -31.46
CA ARG G 165 5.81 -26.02 -30.11
C ARG G 165 4.31 -25.72 -30.11
N ASN G 166 3.60 -26.27 -31.10
CA ASN G 166 2.16 -26.12 -31.23
C ASN G 166 1.74 -24.65 -31.26
N THR G 167 2.50 -23.84 -31.98
CA THR G 167 2.23 -22.41 -32.06
C THR G 167 1.40 -22.10 -33.30
N MET G 168 0.25 -21.45 -33.08
CA MET G 168 -0.69 -21.15 -34.14
C MET G 168 -0.14 -20.08 -35.07
N ILE G 169 -0.50 -20.16 -36.34
CA ILE G 169 -0.03 -19.24 -37.36
C ILE G 169 -1.20 -18.82 -38.23
N ASP G 170 -1.01 -17.71 -38.96
CA ASP G 170 -2.01 -17.19 -39.88
C ASP G 170 -1.29 -16.75 -41.15
N VAL G 171 -1.45 -17.50 -42.22
CA VAL G 171 -0.77 -17.21 -43.48
C VAL G 171 -1.56 -16.19 -44.27
N LYS G 172 -0.84 -15.29 -44.94
CA LYS G 172 -1.44 -14.27 -45.79
C LYS G 172 -0.67 -14.19 -47.09
N VAL G 173 -1.39 -14.12 -48.20
CA VAL G 173 -0.80 -13.99 -49.53
C VAL G 173 -0.92 -12.54 -49.97
N ASN G 174 0.20 -11.94 -50.35
CA ASN G 174 0.25 -10.53 -50.71
C ASN G 174 0.28 -10.34 -52.22
N ASN G 175 -0.17 -11.33 -52.98
CA ASN G 175 -0.16 -11.23 -54.43
C ASN G 175 -1.29 -12.09 -54.97
N VAL G 176 -2.29 -11.44 -55.56
CA VAL G 176 -3.36 -12.16 -56.23
C VAL G 176 -3.37 -11.72 -57.68
N GLU G 177 -2.94 -10.48 -57.93
CA GLU G 177 -2.97 -9.95 -59.28
C GLU G 177 -2.00 -10.68 -60.18
N GLU G 178 -0.74 -10.82 -59.76
CA GLU G 178 0.23 -11.49 -60.60
C GLU G 178 -0.04 -12.98 -60.69
N ILE G 179 -0.59 -13.59 -59.63
CA ILE G 179 -0.93 -15.00 -59.69
C ILE G 179 -2.03 -15.25 -60.72
N CYS G 180 -3.07 -14.42 -60.72
CA CYS G 180 -4.11 -14.57 -61.72
C CYS G 180 -3.59 -14.22 -63.11
N LYS G 181 -2.69 -13.24 -63.21
CA LYS G 181 -2.16 -12.83 -64.51
C LYS G 181 -1.26 -13.90 -65.11
N SER G 182 -0.55 -14.66 -64.28
CA SER G 182 0.40 -15.65 -64.78
C SER G 182 -0.29 -16.73 -65.59
N VAL G 183 -1.13 -17.54 -64.95
CA VAL G 183 -1.81 -18.64 -65.63
C VAL G 183 -2.92 -19.20 -64.77
N LYS G 184 -3.97 -19.73 -65.41
CA LYS G 184 -5.02 -20.50 -64.76
C LYS G 184 -5.70 -19.71 -63.64
N CYS G 185 -6.40 -18.65 -64.04
CA CYS G 185 -7.16 -17.83 -63.10
C CYS G 185 -8.53 -18.51 -62.91
N ASP G 186 -8.48 -19.71 -62.34
CA ASP G 186 -9.66 -20.55 -62.16
C ASP G 186 -10.54 -20.02 -61.04
N GLU G 187 -11.84 -20.31 -61.15
CA GLU G 187 -12.79 -19.88 -60.13
C GLU G 187 -12.47 -20.50 -58.77
N GLU G 188 -12.15 -21.80 -58.76
CA GLU G 188 -11.72 -22.42 -57.51
C GLU G 188 -10.40 -21.83 -57.03
N ILE G 189 -9.47 -21.62 -57.96
CA ILE G 189 -8.21 -20.97 -57.62
C ILE G 189 -8.47 -19.57 -57.09
N ASN G 190 -9.37 -18.83 -57.72
CA ASN G 190 -9.69 -17.49 -57.26
C ASN G 190 -10.30 -17.52 -55.86
N GLY G 191 -11.18 -18.48 -55.61
CA GLY G 191 -11.80 -18.57 -54.30
C GLY G 191 -10.80 -18.89 -53.20
N ILE G 192 -9.94 -19.88 -53.44
CA ILE G 192 -8.95 -20.22 -52.42
C ILE G 192 -7.94 -19.11 -52.24
N LEU G 193 -7.58 -18.40 -53.31
CA LEU G 193 -6.66 -17.28 -53.19
C LEU G 193 -7.30 -16.13 -52.43
N ASN G 194 -8.60 -15.89 -52.64
CA ASN G 194 -9.31 -14.90 -51.84
C ASN G 194 -9.34 -15.31 -50.37
N GLN G 195 -9.56 -16.60 -50.12
CA GLN G 195 -9.57 -17.10 -48.74
C GLN G 195 -8.22 -16.88 -48.08
N LEU G 196 -7.14 -17.10 -48.81
CA LEU G 196 -5.80 -16.89 -48.28
C LEU G 196 -5.35 -15.43 -48.32
N SER G 197 -6.12 -14.55 -48.97
CA SER G 197 -5.69 -13.17 -49.14
C SER G 197 -5.71 -12.41 -47.82
N ARG G 198 -6.65 -12.75 -46.93
CA ARG G 198 -6.77 -12.08 -45.65
C ARG G 198 -6.59 -13.09 -44.51
N TYR G 199 -6.26 -12.56 -43.34
CA TYR G 199 -6.06 -13.40 -42.17
C TYR G 199 -7.35 -14.09 -41.77
N LEU G 200 -7.21 -15.28 -41.17
CA LEU G 200 -8.37 -15.99 -40.66
C LEU G 200 -9.02 -15.24 -39.50
N TRP G 201 -8.23 -14.47 -38.77
CA TRP G 201 -8.67 -13.83 -37.53
C TRP G 201 -8.69 -12.32 -37.66
N GLU G 202 -9.18 -11.82 -38.80
CA GLU G 202 -9.30 -10.39 -39.08
C GLU G 202 -7.94 -9.69 -39.00
N VAL H 2 -11.70 -33.30 -40.25
CA VAL H 2 -12.49 -32.15 -39.82
C VAL H 2 -11.69 -31.31 -38.83
N ILE H 3 -11.74 -30.00 -38.99
CA ILE H 3 -11.03 -29.06 -38.12
C ILE H 3 -12.05 -28.15 -37.48
N GLN H 4 -12.05 -28.09 -36.15
CA GLN H 4 -12.93 -27.22 -35.39
C GLN H 4 -12.13 -26.03 -34.88
N VAL H 5 -12.57 -24.83 -35.21
CA VAL H 5 -11.88 -23.60 -34.85
C VAL H 5 -12.69 -22.86 -33.80
N PHE H 6 -12.02 -22.41 -32.73
CA PHE H 6 -12.68 -21.75 -31.63
C PHE H 6 -11.95 -20.46 -31.27
N ARG H 7 -12.73 -19.44 -30.91
CA ARG H 7 -12.21 -18.18 -30.40
C ARG H 7 -12.90 -17.93 -29.05
N LEU H 8 -12.29 -18.44 -27.99
CA LEU H 8 -12.91 -18.37 -26.67
C LEU H 8 -12.64 -17.04 -26.00
N ASN H 9 -13.65 -16.53 -25.29
CA ASN H 9 -13.52 -15.35 -24.46
C ASN H 9 -14.01 -15.67 -23.05
N PHE H 10 -13.31 -15.17 -22.05
CA PHE H 10 -13.62 -15.46 -20.66
C PHE H 10 -13.81 -14.16 -19.90
N ARG H 11 -14.96 -14.04 -19.21
CA ARG H 11 -15.21 -12.90 -18.34
C ARG H 11 -14.74 -13.26 -16.93
N LEU H 12 -13.43 -13.16 -16.74
CA LEU H 12 -12.85 -13.50 -15.45
C LEU H 12 -13.25 -12.50 -14.38
N ARG H 13 -13.55 -13.00 -13.19
CA ARG H 13 -13.70 -12.13 -12.03
C ARG H 13 -12.37 -11.52 -11.67
N THR H 14 -12.41 -10.29 -11.13
CA THR H 14 -11.24 -9.47 -10.85
C THR H 14 -10.14 -9.67 -11.89
N GLY H 15 -8.91 -9.93 -11.44
CA GLY H 15 -7.79 -10.11 -12.32
C GLY H 15 -7.21 -11.52 -12.27
N PHE H 16 -6.08 -11.67 -12.97
CA PHE H 16 -5.31 -12.90 -12.99
C PHE H 16 -3.83 -12.55 -12.90
N ARG H 17 -3.00 -13.58 -12.72
CA ARG H 17 -1.56 -13.38 -12.65
C ARG H 17 -0.85 -14.66 -13.08
N VAL H 18 0.04 -14.54 -14.06
CA VAL H 18 0.86 -15.66 -14.52
C VAL H 18 2.30 -15.17 -14.47
N GLY H 19 3.02 -15.53 -13.40
CA GLY H 19 4.37 -15.04 -13.19
C GLY H 19 5.40 -15.84 -13.96
N GLY H 20 6.65 -15.38 -13.85
CA GLY H 20 7.76 -16.07 -14.46
C GLY H 20 9.09 -15.41 -14.15
N GLY H 21 10.07 -16.19 -13.70
CA GLY H 21 11.38 -15.66 -13.37
C GLY H 21 11.42 -14.86 -12.09
N GLN H 22 10.56 -13.84 -11.99
CA GLN H 22 10.43 -12.94 -10.86
C GLN H 22 11.76 -12.49 -10.28
N GLU H 23 12.77 -12.37 -11.15
CA GLU H 23 14.09 -11.85 -10.80
C GLU H 23 14.64 -12.63 -9.61
N VAL H 24 15.48 -11.99 -8.80
CA VAL H 24 15.98 -12.54 -7.55
C VAL H 24 15.71 -11.53 -6.44
N GLY H 25 16.14 -11.87 -5.23
CA GLY H 25 15.90 -11.02 -4.08
C GLY H 25 14.52 -11.15 -3.48
N ASP H 26 13.65 -11.98 -4.04
CA ASP H 26 12.31 -12.27 -3.52
C ASP H 26 11.53 -10.96 -3.46
N ASN H 27 11.14 -10.46 -2.28
CA ASN H 27 10.35 -9.24 -2.14
C ASN H 27 9.02 -9.36 -2.86
N VAL H 28 8.85 -8.62 -3.94
CA VAL H 28 7.59 -8.64 -4.67
C VAL H 28 7.54 -9.87 -5.57
N ILE H 29 6.34 -10.16 -6.07
CA ILE H 29 6.14 -11.19 -7.08
C ILE H 29 5.89 -10.50 -8.41
N ARG H 30 6.67 -10.87 -9.42
CA ARG H 30 6.64 -10.19 -10.71
C ARG H 30 5.92 -11.07 -11.72
N GLN H 31 4.89 -10.53 -12.34
CA GLN H 31 4.23 -11.22 -13.44
C GLN H 31 5.08 -11.12 -14.70
N LEU H 32 5.08 -12.20 -15.50
CA LEU H 32 5.99 -12.29 -16.62
C LEU H 32 5.70 -11.20 -17.65
N ARG H 33 6.78 -10.62 -18.19
CA ARG H 33 6.69 -9.56 -19.17
C ARG H 33 6.98 -10.10 -20.56
N ILE H 34 7.01 -9.19 -21.53
CA ILE H 34 7.35 -9.52 -22.91
C ILE H 34 8.52 -8.68 -23.40
N GLY H 35 8.49 -7.37 -23.12
CA GLY H 35 9.53 -6.47 -23.60
C GLY H 35 8.99 -5.49 -24.62
N VAL H 36 8.10 -5.98 -25.49
CA VAL H 36 7.43 -5.16 -26.49
C VAL H 36 5.91 -5.25 -26.36
N GLU H 37 5.37 -6.47 -26.41
CA GLU H 37 3.94 -6.65 -26.31
C GLU H 37 3.43 -6.44 -24.89
N GLY H 38 4.31 -6.32 -23.91
CA GLY H 38 3.88 -6.09 -22.55
C GLY H 38 3.73 -7.37 -21.75
N VAL H 39 2.50 -7.85 -21.61
CA VAL H 39 2.22 -9.04 -20.83
C VAL H 39 1.37 -9.99 -21.67
N MET H 40 1.41 -11.27 -21.31
CA MET H 40 0.68 -12.29 -22.03
C MET H 40 0.53 -13.50 -21.13
N ILE H 41 -0.33 -14.43 -21.57
CA ILE H 41 -0.47 -15.75 -20.95
C ILE H 41 0.16 -16.78 -21.89
N PRO H 42 1.16 -17.52 -21.46
CA PRO H 42 1.80 -18.48 -22.38
C PRO H 42 0.82 -19.57 -22.80
N ALA H 43 1.00 -20.04 -24.03
CA ALA H 43 0.15 -21.10 -24.55
C ALA H 43 0.29 -22.38 -23.74
N SER H 44 1.46 -22.62 -23.17
CA SER H 44 1.66 -23.81 -22.35
C SER H 44 0.75 -23.80 -21.13
N SER H 45 0.60 -22.63 -20.50
CA SER H 45 -0.32 -22.53 -19.36
C SER H 45 -1.75 -22.80 -19.77
N TRP H 46 -2.16 -22.28 -20.93
CA TRP H 46 -3.50 -22.57 -21.44
C TRP H 46 -3.68 -24.06 -21.65
N LYS H 47 -2.69 -24.71 -22.26
CA LYS H 47 -2.78 -26.13 -22.52
C LYS H 47 -2.86 -26.92 -21.22
N GLY H 48 -2.07 -26.53 -20.23
CA GLY H 48 -2.14 -27.21 -18.94
C GLY H 48 -3.49 -27.08 -18.27
N MET H 49 -4.05 -25.86 -18.27
CA MET H 49 -5.37 -25.65 -17.69
C MET H 49 -6.42 -26.47 -18.43
N PHE H 50 -6.36 -26.47 -19.76
CA PHE H 50 -7.34 -27.23 -20.54
C PHE H 50 -7.20 -28.72 -20.29
N ARG H 51 -5.97 -29.22 -20.17
CA ARG H 51 -5.77 -30.63 -19.86
C ARG H 51 -6.36 -30.97 -18.50
N ARG H 52 -6.14 -30.09 -17.51
CA ARG H 52 -6.72 -30.33 -16.19
C ARG H 52 -8.24 -30.37 -16.26
N VAL H 53 -8.84 -29.44 -16.99
CA VAL H 53 -10.30 -29.39 -17.07
C VAL H 53 -10.82 -30.64 -17.78
N SER H 54 -10.16 -31.04 -18.87
CA SER H 54 -10.60 -32.22 -19.60
C SER H 54 -10.44 -33.48 -18.75
N GLU H 55 -9.37 -33.57 -17.97
CA GLU H 55 -9.19 -34.72 -17.09
C GLU H 55 -10.29 -34.76 -16.04
N ILE H 56 -10.66 -33.60 -15.50
CA ILE H 56 -11.77 -33.55 -14.56
C ILE H 56 -13.06 -34.03 -15.24
N VAL H 57 -13.30 -33.56 -16.47
CA VAL H 57 -14.53 -33.90 -17.16
C VAL H 57 -14.61 -35.40 -17.43
N LEU H 58 -13.53 -35.97 -17.95
CA LEU H 58 -13.56 -37.38 -18.33
C LEU H 58 -13.67 -38.29 -17.13
N ASN H 59 -12.93 -38.00 -16.06
CA ASN H 59 -12.92 -38.80 -14.84
C ASN H 59 -12.62 -40.27 -15.17
N SER H 60 -11.54 -40.47 -15.91
CA SER H 60 -11.11 -41.80 -16.33
C SER H 60 -10.07 -42.32 -15.36
N GLU H 61 -10.37 -43.48 -14.76
CA GLU H 61 -9.41 -44.08 -13.84
C GLU H 61 -8.14 -44.52 -14.55
N ASP H 62 -8.25 -44.91 -15.82
CA ASP H 62 -7.07 -45.30 -16.58
C ASP H 62 -6.10 -44.12 -16.70
N HIS H 63 -6.62 -42.93 -16.98
CA HIS H 63 -5.76 -41.75 -17.11
C HIS H 63 -5.15 -41.34 -15.78
N PHE H 64 -5.75 -41.74 -14.65
CA PHE H 64 -5.28 -41.27 -13.36
C PHE H 64 -3.96 -41.93 -12.97
N GLU H 65 -3.77 -43.19 -13.35
CA GLU H 65 -2.55 -43.92 -13.02
C GLU H 65 -1.57 -43.97 -14.18
N GLU H 66 -1.51 -42.90 -14.97
CA GLU H 66 -0.58 -42.79 -16.11
C GLU H 66 -0.80 -43.91 -17.11
N HIS H 67 -2.00 -44.49 -17.12
CA HIS H 67 -2.33 -45.62 -17.98
C HIS H 67 -1.36 -46.77 -17.77
N SER H 68 -0.90 -46.93 -16.52
CA SER H 68 -0.04 -48.06 -16.14
C SER H 68 -0.66 -48.70 -14.91
N LYS H 69 -1.68 -49.54 -15.15
CA LYS H 69 -2.31 -50.32 -14.10
C LYS H 69 -2.59 -51.75 -14.49
N LYS H 70 -2.52 -52.09 -15.77
CA LYS H 70 -2.88 -53.42 -16.24
C LYS H 70 -1.89 -53.84 -17.32
N GLU H 71 -1.76 -55.15 -17.50
CA GLU H 71 -0.89 -55.73 -18.50
C GLU H 71 -1.69 -55.97 -19.78
N VAL H 72 -1.21 -55.43 -20.89
CA VAL H 72 -1.88 -55.54 -22.18
C VAL H 72 -1.29 -56.72 -22.92
N ASP H 73 -2.15 -57.66 -23.31
CA ASP H 73 -1.67 -58.86 -23.99
C ASP H 73 -1.09 -58.50 -25.35
N THR H 74 0.04 -59.14 -25.68
CA THR H 74 0.69 -58.88 -26.96
C THR H 74 -0.20 -59.28 -28.14
N ARG H 75 -1.08 -60.26 -27.92
CA ARG H 75 -2.03 -60.63 -28.97
C ARG H 75 -2.96 -59.47 -29.30
N THR H 76 -3.44 -58.75 -28.28
CA THR H 76 -4.26 -57.58 -28.52
C THR H 76 -3.48 -56.50 -29.25
N ILE H 77 -2.21 -56.32 -28.88
CA ILE H 77 -1.37 -55.34 -29.57
C ILE H 77 -1.23 -55.70 -31.04
N ASN H 78 -1.00 -56.98 -31.34
CA ASN H 78 -0.88 -57.41 -32.73
C ASN H 78 -2.20 -57.22 -33.47
N ALA H 79 -3.32 -57.50 -32.80
CA ALA H 79 -4.62 -57.33 -33.44
C ALA H 79 -4.86 -55.88 -33.79
N LEU H 80 -4.56 -54.96 -32.87
CA LEU H 80 -4.72 -53.54 -33.17
C LEU H 80 -3.77 -53.11 -34.27
N LEU H 81 -2.53 -53.60 -34.24
CA LEU H 81 -1.55 -53.23 -35.25
C LEU H 81 -2.00 -53.66 -36.64
N LYS H 82 -2.55 -54.88 -36.75
CA LYS H 82 -3.05 -55.34 -38.03
C LYS H 82 -4.41 -54.74 -38.38
N SER H 83 -5.09 -54.13 -37.42
CA SER H 83 -6.41 -53.55 -37.66
C SER H 83 -6.36 -52.04 -37.89
N ASP H 84 -5.45 -51.33 -37.24
CA ASP H 84 -5.33 -49.89 -37.39
C ASP H 84 -4.08 -49.58 -38.22
N GLU H 85 -4.29 -48.95 -39.37
CA GLU H 85 -3.17 -48.55 -40.21
C GLU H 85 -2.41 -47.39 -39.59
N LYS H 86 -3.11 -46.39 -39.08
CA LYS H 86 -2.43 -45.23 -38.51
C LYS H 86 -1.66 -45.61 -37.25
N PHE H 87 -2.22 -46.49 -36.42
CA PHE H 87 -1.49 -46.94 -35.24
C PHE H 87 -0.24 -47.71 -35.63
N ARG H 88 -0.35 -48.57 -36.65
CA ARG H 88 0.82 -49.27 -37.13
C ARG H 88 1.87 -48.30 -37.65
N ARG H 89 1.43 -47.26 -38.37
CA ARG H 89 2.38 -46.28 -38.87
C ARG H 89 3.07 -45.55 -37.73
N ILE H 90 2.32 -45.20 -36.69
CA ILE H 90 2.90 -44.54 -35.53
C ILE H 90 3.94 -45.44 -34.88
N ALA H 91 3.60 -46.72 -34.67
CA ALA H 91 4.53 -47.64 -34.04
C ALA H 91 5.78 -47.81 -34.87
N ILE H 92 5.62 -47.95 -36.18
CA ILE H 92 6.79 -48.11 -37.05
C ILE H 92 7.67 -46.87 -37.02
N SER H 93 7.05 -45.69 -37.07
CA SER H 93 7.81 -44.44 -37.04
C SER H 93 8.53 -44.26 -35.71
N LYS H 94 8.01 -44.84 -34.64
CA LYS H 94 8.64 -44.64 -33.34
C LYS H 94 9.70 -45.70 -33.05
N VAL H 95 9.30 -46.97 -32.99
CA VAL H 95 10.22 -48.01 -32.55
C VAL H 95 11.14 -48.49 -33.68
N GLY H 96 10.82 -48.18 -34.92
CA GLY H 96 11.70 -48.56 -36.01
C GLY H 96 11.05 -49.57 -36.94
N LYS H 97 11.31 -49.40 -38.24
CA LYS H 97 10.73 -50.28 -39.25
C LYS H 97 11.27 -51.70 -39.11
N GLU H 98 12.56 -51.85 -38.79
CA GLU H 98 13.14 -53.18 -38.66
C GLU H 98 12.52 -53.94 -37.50
N VAL H 99 12.24 -53.24 -36.38
CA VAL H 99 11.71 -53.91 -35.21
C VAL H 99 10.30 -54.44 -35.48
N ILE H 100 9.45 -53.64 -36.11
CA ILE H 100 8.07 -54.00 -36.37
C ILE H 100 7.88 -54.11 -37.88
N THR H 101 7.63 -55.33 -38.35
CA THR H 101 7.42 -55.56 -39.77
C THR H 101 5.99 -55.17 -40.15
N GLN H 102 5.64 -55.38 -41.43
CA GLN H 102 4.29 -55.04 -41.88
C GLN H 102 3.25 -55.90 -41.18
N ASN H 103 3.53 -57.20 -41.03
CA ASN H 103 2.63 -58.12 -40.35
C ASN H 103 3.43 -58.92 -39.35
N GLY H 104 3.21 -58.66 -38.07
CA GLY H 104 3.92 -59.32 -36.99
C GLY H 104 4.62 -58.33 -36.09
N ILE H 105 5.14 -58.87 -34.99
CA ILE H 105 5.79 -58.06 -33.97
C ILE H 105 7.29 -58.34 -33.87
N ASN H 106 7.78 -59.43 -34.45
CA ASN H 106 9.20 -59.78 -34.44
C ASN H 106 9.72 -59.90 -33.01
N VAL H 107 9.18 -60.89 -32.29
CA VAL H 107 9.46 -61.05 -30.87
C VAL H 107 10.95 -61.27 -30.62
N ASP H 108 11.64 -61.90 -31.58
CA ASP H 108 13.06 -62.16 -31.40
C ASP H 108 13.87 -60.88 -31.27
N LYS H 109 13.55 -59.87 -32.08
CA LYS H 109 14.24 -58.59 -32.00
C LYS H 109 13.75 -57.73 -30.85
N LEU H 110 12.57 -58.02 -30.31
CA LEU H 110 12.03 -57.25 -29.22
C LEU H 110 12.84 -57.46 -27.94
N ASP H 111 12.76 -56.47 -27.04
CA ASP H 111 13.38 -56.57 -25.74
C ASP H 111 12.46 -55.90 -24.73
N SER H 112 12.99 -55.64 -23.52
CA SER H 112 12.16 -55.10 -22.45
C SER H 112 11.68 -53.69 -22.74
N GLU H 113 12.61 -52.80 -23.13
CA GLU H 113 12.25 -51.39 -23.27
C GLU H 113 11.35 -51.17 -24.48
N SER H 114 11.60 -51.89 -25.58
CA SER H 114 10.73 -51.77 -26.74
C SER H 114 9.32 -52.25 -26.42
N LEU H 115 9.21 -53.35 -25.67
CA LEU H 115 7.91 -53.84 -25.26
C LEU H 115 7.19 -52.83 -24.36
N SER H 116 7.94 -52.23 -23.43
CA SER H 116 7.35 -51.21 -22.57
C SER H 116 6.87 -50.02 -23.38
N ASP H 117 7.66 -49.60 -24.37
CA ASP H 117 7.25 -48.48 -25.22
C ASP H 117 5.99 -48.82 -26.00
N LEU H 118 5.92 -50.04 -26.53
CA LEU H 118 4.71 -50.44 -27.26
C LEU H 118 3.49 -50.46 -26.36
N ARG H 119 3.64 -50.99 -25.13
CA ARG H 119 2.52 -51.02 -24.21
C ARG H 119 2.06 -49.62 -23.84
N ARG H 120 3.02 -48.72 -23.58
CA ARG H 120 2.67 -47.34 -23.25
C ARG H 120 1.97 -46.66 -24.43
N ILE H 121 2.46 -46.91 -25.65
CA ILE H 121 1.83 -46.32 -26.83
C ILE H 121 0.38 -46.83 -26.96
N TYR H 122 0.18 -48.12 -26.75
CA TYR H 122 -1.17 -48.68 -26.80
C TYR H 122 -2.07 -48.02 -25.76
N ASN H 123 -1.59 -47.93 -24.52
CA ASN H 123 -2.41 -47.37 -23.45
C ASN H 123 -2.76 -45.92 -23.73
N GLU H 124 -1.79 -45.13 -24.20
CA GLU H 124 -2.04 -43.71 -24.42
C GLU H 124 -2.90 -43.48 -25.64
N TYR H 125 -2.69 -44.26 -26.70
CA TYR H 125 -3.56 -44.19 -27.88
C TYR H 125 -4.98 -44.58 -27.54
N ASN H 126 -5.19 -45.45 -26.55
CA ASN H 126 -6.52 -45.82 -26.12
C ASN H 126 -7.09 -44.88 -25.06
N CYS H 127 -6.55 -43.66 -24.97
CA CYS H 127 -7.00 -42.68 -23.98
C CYS H 127 -7.42 -41.42 -24.72
N PRO H 128 -8.66 -40.95 -24.54
CA PRO H 128 -9.08 -39.74 -25.27
C PRO H 128 -8.26 -38.51 -24.94
N ILE H 129 -7.81 -38.38 -23.69
CA ILE H 129 -7.05 -37.20 -23.29
C ILE H 129 -5.74 -37.13 -24.06
N GLU H 130 -5.04 -38.27 -24.16
CA GLU H 130 -3.80 -38.30 -24.92
C GLU H 130 -4.07 -38.04 -26.40
N ARG H 131 -5.13 -38.64 -26.94
CA ARG H 131 -5.44 -38.44 -28.35
C ARG H 131 -5.76 -36.98 -28.64
N LEU H 132 -6.26 -36.24 -27.66
CA LEU H 132 -6.54 -34.83 -27.88
C LEU H 132 -5.29 -33.98 -27.70
N TYR H 133 -4.66 -34.08 -26.53
CA TYR H 133 -3.54 -33.21 -26.16
C TYR H 133 -2.19 -33.72 -26.62
N GLY H 134 -2.13 -34.94 -27.14
CA GLY H 134 -0.86 -35.51 -27.54
C GLY H 134 -0.13 -36.18 -26.40
N SER H 135 1.09 -36.60 -26.69
CA SER H 135 1.92 -37.31 -25.72
C SER H 135 3.37 -37.25 -26.19
N ASN H 136 4.23 -38.03 -25.53
CA ASN H 136 5.65 -38.02 -25.85
C ASN H 136 5.90 -38.45 -27.29
N TYR H 137 5.05 -39.33 -27.82
CA TYR H 137 5.20 -39.81 -29.18
C TYR H 137 3.96 -39.60 -30.01
N PHE H 138 2.82 -39.34 -29.40
CA PHE H 138 1.58 -39.10 -30.12
C PHE H 138 1.66 -37.79 -30.88
N ALA H 139 0.85 -37.68 -31.94
CA ALA H 139 0.90 -36.51 -32.81
C ALA H 139 0.47 -35.25 -32.06
N GLY H 140 -0.61 -35.33 -31.30
CA GLY H 140 -1.17 -34.15 -30.68
C GLY H 140 -2.67 -34.03 -30.86
N GLY H 141 -3.11 -32.99 -31.55
CA GLY H 141 -4.51 -32.81 -31.88
C GLY H 141 -5.11 -31.47 -31.52
N ILE H 142 -4.48 -30.69 -30.65
CA ILE H 142 -5.02 -29.41 -30.22
C ILE H 142 -3.90 -28.37 -30.30
N THR H 143 -4.22 -27.21 -30.87
CA THR H 143 -3.30 -26.09 -30.94
C THR H 143 -3.94 -24.89 -30.27
N ILE H 144 -3.24 -24.31 -29.29
CA ILE H 144 -3.75 -23.18 -28.52
C ILE H 144 -2.79 -22.01 -28.69
N SER H 145 -3.34 -20.86 -29.07
CA SER H 145 -2.55 -19.64 -29.13
C SER H 145 -2.49 -19.00 -27.75
N ASP H 146 -1.69 -17.96 -27.61
CA ASP H 146 -1.59 -17.24 -26.36
C ASP H 146 -2.69 -16.18 -26.29
N SER H 147 -2.66 -15.35 -25.26
CA SER H 147 -3.67 -14.31 -25.05
C SER H 147 -3.01 -12.99 -24.70
N VAL H 148 -2.02 -12.58 -25.51
CA VAL H 148 -1.35 -11.31 -25.28
C VAL H 148 -2.37 -10.18 -25.29
N ILE H 149 -2.31 -9.32 -24.28
CA ILE H 149 -3.26 -8.24 -24.10
C ILE H 149 -2.52 -6.92 -24.29
N PRO H 150 -2.97 -6.04 -25.20
CA PRO H 150 -2.33 -4.73 -25.32
C PRO H 150 -2.41 -3.93 -24.03
N ASN H 151 -3.48 -4.09 -23.25
CA ASN H 151 -3.58 -3.44 -21.96
C ASN H 151 -2.45 -3.91 -21.06
N ALA H 152 -1.92 -2.98 -20.26
CA ALA H 152 -0.84 -3.27 -19.33
C ALA H 152 -1.17 -2.73 -17.94
N SER H 153 -2.45 -2.63 -17.61
CA SER H 153 -2.86 -2.17 -16.29
C SER H 153 -2.44 -3.19 -15.26
N ILE H 154 -1.41 -2.87 -14.48
CA ILE H 154 -0.87 -3.77 -13.47
C ILE H 154 -0.91 -3.04 -12.14
N MET H 155 -1.66 -3.59 -11.19
CA MET H 155 -1.69 -3.06 -9.83
C MET H 155 -1.04 -4.05 -8.88
N GLU H 156 -0.66 -3.55 -7.72
CA GLU H 156 0.02 -4.35 -6.70
C GLU H 156 -0.89 -4.56 -5.50
N ARG H 157 -1.04 -5.81 -5.09
CA ARG H 157 -1.86 -6.18 -3.94
C ARG H 157 -0.92 -6.78 -2.90
N THR H 158 -0.54 -5.97 -1.91
CA THR H 158 0.34 -6.44 -0.86
C THR H 158 -0.40 -7.37 0.09
N HIS H 159 0.37 -8.13 0.88
CA HIS H 159 -0.19 -9.03 1.86
C HIS H 159 0.71 -9.05 3.08
N VAL H 160 0.14 -9.46 4.22
CA VAL H 160 0.90 -9.59 5.45
C VAL H 160 0.43 -10.84 6.17
N THR H 161 1.33 -11.47 6.90
CA THR H 161 0.99 -12.64 7.70
C THR H 161 0.73 -12.23 9.14
N ILE H 162 -0.29 -12.86 9.74
CA ILE H 162 -0.73 -12.54 11.08
C ILE H 162 -0.28 -13.67 12.01
N GLU H 163 0.43 -13.32 13.07
CA GLU H 163 0.80 -14.30 14.07
C GLU H 163 -0.46 -14.83 14.76
N ARG H 164 -0.61 -16.15 14.76
CA ARG H 164 -1.79 -16.75 15.37
C ARG H 164 -1.79 -16.59 16.89
N LYS H 165 -0.61 -16.66 17.52
CA LYS H 165 -0.54 -16.53 18.97
C LYS H 165 -0.92 -15.12 19.41
N SER H 166 -0.59 -14.10 18.61
CA SER H 166 -0.95 -12.73 18.90
C SER H 166 -1.21 -12.02 17.58
N LYS H 167 -2.41 -11.45 17.44
CA LYS H 167 -2.86 -10.94 16.15
C LYS H 167 -2.10 -9.66 15.83
N LYS H 168 -0.97 -9.82 15.14
CA LYS H 168 -0.19 -8.68 14.69
C LYS H 168 0.65 -9.12 13.50
N ALA H 169 1.15 -8.14 12.75
CA ALA H 169 1.97 -8.44 11.59
C ALA H 169 3.28 -9.10 12.01
N SER H 170 3.64 -10.18 11.33
CA SER H 170 4.89 -10.87 11.61
C SER H 170 6.01 -10.15 10.86
N GLU H 171 6.84 -9.43 11.60
CA GLU H 171 7.92 -8.63 10.99
C GLU H 171 9.05 -9.57 10.57
N LYS H 172 8.73 -10.40 9.58
CA LYS H 172 9.70 -11.31 8.99
C LYS H 172 9.77 -11.12 7.49
N HIS H 173 8.63 -10.79 6.88
CA HIS H 173 8.56 -10.56 5.45
C HIS H 173 7.30 -9.76 5.15
N LEU H 174 7.30 -9.10 4.00
CA LEU H 174 6.17 -8.32 3.51
C LEU H 174 5.85 -8.84 2.12
N PHE H 175 4.99 -9.85 2.06
CA PHE H 175 4.63 -10.45 0.78
C PHE H 175 3.94 -9.42 -0.11
N SER H 176 4.40 -9.34 -1.35
CA SER H 176 3.84 -8.41 -2.33
C SER H 176 3.57 -9.19 -3.61
N GLU H 177 2.34 -9.09 -4.11
CA GLU H 177 1.90 -9.86 -5.26
C GLU H 177 1.31 -8.93 -6.31
N GLU H 178 1.77 -9.07 -7.54
CA GLU H 178 1.18 -8.34 -8.65
C GLU H 178 -0.16 -8.95 -9.04
N ILE H 179 -0.92 -8.20 -9.83
CA ILE H 179 -2.21 -8.67 -10.32
C ILE H 179 -2.56 -7.89 -11.57
N ILE H 180 -3.01 -8.61 -12.59
CA ILE H 180 -3.35 -8.03 -13.88
C ILE H 180 -4.87 -7.99 -13.96
N ASP H 181 -5.45 -6.82 -13.71
CA ASP H 181 -6.89 -6.69 -13.82
C ASP H 181 -7.32 -6.80 -15.28
N ALA H 182 -8.41 -7.51 -15.51
CA ALA H 182 -8.93 -7.71 -16.86
C ALA H 182 -10.40 -8.09 -16.78
N GLU H 183 -11.07 -8.01 -17.92
CA GLU H 183 -12.48 -8.34 -18.00
C GLU H 183 -12.81 -9.32 -19.12
N LYS H 184 -12.01 -9.39 -20.17
CA LYS H 184 -12.27 -10.30 -21.28
C LYS H 184 -10.94 -10.80 -21.81
N ILE H 185 -10.64 -12.07 -21.55
CA ILE H 185 -9.41 -12.70 -22.02
C ILE H 185 -9.73 -13.47 -23.29
N GLU H 186 -9.13 -13.06 -24.40
CA GLU H 186 -9.40 -13.64 -25.70
C GLU H 186 -8.28 -14.63 -26.05
N VAL H 187 -8.65 -15.89 -26.24
CA VAL H 187 -7.71 -16.94 -26.60
C VAL H 187 -8.26 -17.69 -27.80
N LYS H 188 -7.43 -17.87 -28.82
CA LYS H 188 -7.80 -18.62 -30.02
C LYS H 188 -7.34 -20.06 -29.84
N VAL H 189 -8.26 -21.00 -30.01
CA VAL H 189 -7.99 -22.41 -29.82
C VAL H 189 -8.42 -23.16 -31.08
N ILE H 190 -7.51 -23.97 -31.62
CA ILE H 190 -7.81 -24.82 -32.77
C ILE H 190 -7.69 -26.26 -32.30
N VAL H 191 -8.75 -27.04 -32.51
CA VAL H 191 -8.76 -28.46 -32.15
C VAL H 191 -8.96 -29.27 -33.42
N ARG H 192 -8.09 -30.25 -33.62
CA ARG H 192 -8.14 -31.13 -34.78
C ARG H 192 -8.71 -32.50 -34.43
N ASN H 193 -9.59 -32.53 -33.42
CA ASN H 193 -10.25 -33.76 -33.00
C ASN H 193 -11.64 -33.37 -32.49
N GLU H 194 -12.64 -33.54 -33.35
CA GLU H 194 -14.02 -33.15 -33.00
C GLU H 194 -14.52 -34.13 -31.96
N PHE H 195 -14.09 -33.91 -30.72
CA PHE H 195 -14.34 -34.82 -29.62
C PHE H 195 -15.48 -34.29 -28.76
N GLU H 196 -16.41 -35.18 -28.41
CA GLU H 196 -17.41 -34.83 -27.42
C GLU H 196 -16.76 -34.50 -26.07
N LEU H 197 -15.54 -34.97 -25.84
CA LEU H 197 -14.79 -34.56 -24.67
C LEU H 197 -14.55 -33.05 -24.68
N TRP H 198 -14.19 -32.50 -25.83
CA TRP H 198 -13.99 -31.06 -25.93
C TRP H 198 -15.27 -30.30 -25.67
N LYS H 199 -16.39 -30.76 -26.24
CA LYS H 199 -17.66 -30.11 -26.00
C LYS H 199 -18.04 -30.17 -24.53
N ASN H 200 -17.84 -31.32 -23.89
CA ASN H 200 -18.15 -31.46 -22.48
C ASN H 200 -17.27 -30.54 -21.63
N SER H 201 -15.99 -30.42 -22.00
CA SER H 201 -15.09 -29.53 -21.25
C SER H 201 -15.54 -28.09 -21.37
N LEU H 202 -15.91 -27.66 -22.58
CA LEU H 202 -16.42 -26.31 -22.75
C LEU H 202 -17.71 -26.10 -21.98
N LYS H 203 -18.58 -27.12 -21.97
CA LYS H 203 -19.82 -27.03 -21.22
C LYS H 203 -19.55 -26.88 -19.73
N LEU H 204 -18.58 -27.63 -19.21
CA LEU H 204 -18.21 -27.50 -17.80
C LEU H 204 -17.68 -26.10 -17.53
N LEU H 205 -16.87 -25.56 -18.43
CA LEU H 205 -16.40 -24.19 -18.27
C LEU H 205 -17.53 -23.17 -18.35
N ARG H 206 -18.64 -23.53 -19.00
CA ARG H 206 -19.74 -22.58 -19.13
C ARG H 206 -20.36 -22.27 -17.77
N GLU H 207 -20.61 -23.29 -16.96
CA GLU H 207 -21.29 -23.11 -15.68
C GLU H 207 -20.34 -23.05 -14.50
N ILE H 208 -19.53 -24.08 -14.30
CA ILE H 208 -18.64 -24.13 -13.15
C ILE H 208 -17.48 -23.15 -13.32
N GLY H 209 -16.71 -23.33 -14.39
CA GLY H 209 -15.56 -22.47 -14.63
C GLY H 209 -14.39 -22.83 -13.76
N TYR H 210 -13.19 -22.77 -14.32
CA TYR H 210 -11.97 -23.13 -13.61
C TYR H 210 -11.09 -21.90 -13.44
N PHE H 211 -10.03 -22.07 -12.66
CA PHE H 211 -9.09 -20.98 -12.40
C PHE H 211 -7.90 -21.07 -13.34
N ILE H 212 -7.23 -19.93 -13.52
CA ILE H 212 -6.04 -19.85 -14.36
C ILE H 212 -5.03 -18.93 -13.67
N GLY H 213 -3.77 -19.33 -13.70
CA GLY H 213 -2.72 -18.52 -13.12
C GLY H 213 -2.46 -18.87 -11.66
N GLY H 214 -1.50 -18.16 -11.09
CA GLY H 214 -1.08 -18.42 -9.73
C GLY H 214 -1.96 -17.78 -8.69
N SER H 215 -1.80 -18.24 -7.45
CA SER H 215 -2.56 -17.76 -6.30
C SER H 215 -4.07 -17.83 -6.58
N LYS H 216 -4.49 -18.87 -7.29
CA LYS H 216 -5.91 -19.08 -7.52
C LYS H 216 -6.65 -19.38 -6.23
N SER H 217 -5.97 -19.90 -5.22
CA SER H 217 -6.58 -20.11 -3.92
C SER H 217 -6.87 -18.82 -3.18
N ARG H 218 -6.36 -17.69 -3.66
CA ARG H 218 -6.48 -16.41 -2.98
C ARG H 218 -7.32 -15.43 -3.78
N GLY H 219 -8.25 -15.94 -4.58
CA GLY H 219 -9.13 -15.09 -5.35
C GLY H 219 -8.50 -14.43 -6.55
N ILE H 220 -7.38 -14.95 -7.02
CA ILE H 220 -6.67 -14.39 -8.16
C ILE H 220 -6.79 -15.36 -9.33
N GLY H 221 -7.64 -15.01 -10.30
CA GLY H 221 -7.78 -15.83 -11.48
C GLY H 221 -8.96 -16.78 -11.40
N TYR H 222 -10.03 -16.45 -12.09
CA TYR H 222 -11.21 -17.32 -12.15
C TYR H 222 -11.97 -16.97 -13.41
N ILE H 223 -11.92 -17.84 -14.40
CA ILE H 223 -12.51 -17.57 -15.69
C ILE H 223 -13.79 -18.38 -15.83
N VAL H 224 -14.71 -17.84 -16.62
CA VAL H 224 -15.94 -18.54 -16.97
C VAL H 224 -16.25 -18.29 -18.44
N LEU H 225 -16.38 -19.36 -19.21
CA LEU H 225 -16.67 -19.21 -20.63
C LEU H 225 -18.08 -18.70 -20.84
N ASP H 226 -18.24 -17.76 -21.75
CA ASP H 226 -19.53 -17.23 -22.13
C ASP H 226 -19.93 -17.75 -23.49
N GLU H 227 -21.24 -17.70 -23.76
CA GLU H 227 -21.79 -18.16 -25.04
C GLU H 227 -22.21 -16.99 -25.93
N LYS H 228 -21.78 -15.77 -25.60
CA LYS H 228 -22.16 -14.60 -26.37
C LYS H 228 -21.01 -14.01 -27.17
N GLU H 229 -19.92 -13.63 -26.51
CA GLU H 229 -18.77 -13.10 -27.23
C GLU H 229 -17.97 -14.18 -27.93
N SER H 230 -17.81 -15.34 -27.29
CA SER H 230 -17.03 -16.41 -27.89
C SER H 230 -17.75 -17.00 -29.09
N GLU H 231 -16.98 -17.42 -30.08
CA GLU H 231 -17.52 -17.93 -31.32
C GLU H 231 -16.67 -19.10 -31.80
N TYR H 232 -17.26 -19.95 -32.63
CA TYR H 232 -16.61 -21.15 -33.13
C TYR H 232 -16.77 -21.20 -34.64
N ALA H 233 -16.17 -22.24 -35.24
CA ALA H 233 -16.28 -22.47 -36.67
C ALA H 233 -15.83 -23.89 -36.96
N VAL H 234 -16.64 -24.65 -37.70
CA VAL H 234 -16.33 -26.01 -38.07
C VAL H 234 -15.94 -26.03 -39.55
N ILE H 235 -14.82 -26.68 -39.85
CA ILE H 235 -14.30 -26.73 -41.21
C ILE H 235 -14.29 -28.20 -41.65
N ASN H 236 -15.05 -28.50 -42.69
CA ASN H 236 -15.05 -29.83 -43.30
C ASN H 236 -14.65 -29.80 -44.77
N ASN H 237 -14.93 -28.71 -45.46
CA ASN H 237 -14.53 -28.53 -46.85
C ASN H 237 -13.44 -27.48 -46.94
N PHE H 238 -12.45 -27.74 -47.79
CA PHE H 238 -11.32 -26.84 -47.97
C PHE H 238 -11.49 -25.92 -49.16
N SER H 239 -12.68 -25.87 -49.76
CA SER H 239 -12.97 -24.99 -50.88
C SER H 239 -13.93 -23.88 -50.51
N GLU H 240 -14.18 -23.66 -49.21
CA GLU H 240 -15.11 -22.63 -48.76
C GLU H 240 -14.48 -21.83 -47.63
N THR H 241 -14.84 -20.55 -47.58
CA THR H 241 -14.35 -19.70 -46.50
C THR H 241 -15.06 -20.08 -45.20
N PRO H 242 -14.33 -20.27 -44.11
CA PRO H 242 -14.97 -20.66 -42.85
C PRO H 242 -15.92 -19.57 -42.36
N LYS H 243 -16.98 -20.01 -41.69
CA LYS H 243 -18.00 -19.12 -41.16
C LYS H 243 -18.06 -19.25 -39.65
N PHE H 244 -18.00 -18.13 -38.96
CA PHE H 244 -18.09 -18.09 -37.51
C PHE H 244 -19.51 -17.75 -37.08
N SER H 245 -19.98 -18.41 -36.02
CA SER H 245 -21.30 -18.18 -35.48
C SER H 245 -21.22 -18.19 -33.96
N GLU H 246 -22.34 -17.90 -33.32
CA GLU H 246 -22.38 -17.82 -31.87
C GLU H 246 -22.07 -19.17 -31.25
N LEU H 247 -21.29 -19.16 -30.17
CA LEU H 247 -20.90 -20.39 -29.50
C LEU H 247 -22.09 -21.11 -28.87
N LYS H 248 -23.19 -20.40 -28.61
CA LYS H 248 -24.34 -21.02 -27.98
C LYS H 248 -24.90 -22.14 -28.85
N ARG H 249 -24.98 -21.90 -30.16
CA ARG H 249 -25.52 -22.93 -31.06
C ARG H 249 -24.70 -24.20 -31.01
N TYR H 250 -23.37 -24.08 -30.96
CA TYR H 250 -22.50 -25.25 -30.86
C TYR H 250 -22.58 -25.93 -29.51
N LEU H 251 -22.66 -25.15 -28.44
CA LEU H 251 -22.59 -25.73 -27.10
C LEU H 251 -23.96 -26.08 -26.54
N SER H 252 -24.95 -25.21 -26.73
CA SER H 252 -26.29 -25.47 -26.21
C SER H 252 -27.07 -26.37 -27.14
N MET J 4 0.17 -13.23 24.76
CA MET J 4 -0.09 -14.53 25.38
C MET J 4 -0.91 -15.43 24.47
N ASP J 5 -1.73 -16.27 25.08
CA ASP J 5 -2.51 -17.24 24.32
C ASP J 5 -3.71 -16.57 23.67
N LEU J 6 -3.76 -16.61 22.34
CA LEU J 6 -4.92 -16.11 21.62
C LEU J 6 -5.35 -17.00 20.47
N ASP J 7 -4.52 -17.95 20.04
CA ASP J 7 -4.86 -18.81 18.90
C ASP J 7 -5.89 -19.87 19.24
N VAL J 8 -6.04 -20.24 20.50
CA VAL J 8 -7.03 -21.23 20.93
C VAL J 8 -8.18 -20.47 21.56
N ILE J 9 -9.26 -20.31 20.81
CA ILE J 9 -10.44 -19.63 21.32
C ILE J 9 -11.22 -20.62 22.19
N THR J 10 -11.15 -20.42 23.51
CA THR J 10 -11.81 -21.31 24.46
C THR J 10 -13.20 -20.82 24.84
N THR J 11 -13.30 -19.59 25.33
CA THR J 11 -14.56 -19.03 25.78
C THR J 11 -14.90 -17.79 24.97
N VAL J 12 -16.12 -17.73 24.46
CA VAL J 12 -16.65 -16.57 23.77
C VAL J 12 -17.80 -16.02 24.61
N VAL J 13 -17.64 -14.79 25.09
CA VAL J 13 -18.64 -14.15 25.94
C VAL J 13 -19.22 -12.98 25.18
N LYS J 14 -20.54 -12.95 25.06
CA LYS J 14 -21.25 -11.90 24.35
C LYS J 14 -22.19 -11.20 25.31
N ILE J 15 -22.07 -9.87 25.38
CA ILE J 15 -22.93 -9.04 26.19
C ILE J 15 -23.68 -8.10 25.25
N GLU J 16 -25.01 -8.16 25.30
CA GLU J 16 -25.86 -7.33 24.45
C GLU J 16 -26.93 -6.68 25.33
N GLY J 17 -26.95 -5.35 25.34
CA GLY J 17 -27.90 -4.63 26.17
C GLY J 17 -28.24 -3.26 25.64
N LYS J 18 -28.92 -2.46 26.45
CA LYS J 18 -29.34 -1.12 26.06
C LYS J 18 -28.62 -0.09 26.92
N LEU J 19 -27.95 0.86 26.26
CA LEU J 19 -27.28 1.95 26.96
C LEU J 19 -28.22 3.13 27.04
N ARG J 20 -28.76 3.38 28.23
CA ARG J 20 -29.64 4.53 28.44
C ARG J 20 -28.80 5.73 28.85
N ASN J 21 -28.86 6.78 28.05
CA ASN J 21 -28.11 8.00 28.33
C ASN J 21 -28.76 8.76 29.48
N GLU J 22 -28.05 8.91 30.59
CA GLU J 22 -28.62 9.58 31.75
C GLU J 22 -28.74 11.08 31.52
N THR J 23 -27.62 11.76 31.37
CA THR J 23 -27.59 13.19 31.07
C THR J 23 -27.28 13.40 29.59
N LEU J 24 -27.59 14.59 29.11
CA LEU J 24 -27.43 14.88 27.69
C LEU J 24 -26.00 14.64 27.25
N LEU J 25 -25.84 13.95 26.13
CA LEU J 25 -24.55 13.48 25.64
C LEU J 25 -24.19 14.20 24.36
N ARG J 26 -22.91 14.57 24.23
CA ARG J 26 -22.38 15.19 23.02
C ARG J 26 -21.07 14.52 22.66
N VAL J 27 -21.02 13.91 21.48
CA VAL J 27 -19.78 13.36 20.94
C VAL J 27 -19.36 14.20 19.76
N GLY J 28 -18.06 14.42 19.63
CA GLY J 28 -17.55 15.29 18.60
C GLY J 28 -17.39 14.61 17.27
N LYS J 29 -16.92 15.38 16.29
CA LYS J 29 -16.62 14.87 14.96
C LYS J 29 -15.55 15.75 14.35
N GLY J 30 -15.18 15.42 13.11
CA GLY J 30 -14.08 16.12 12.45
C GLY J 30 -14.48 17.43 11.81
N LYS J 31 -15.42 18.15 12.43
CA LYS J 31 -15.84 19.47 11.98
C LYS J 31 -16.40 19.47 10.56
N THR J 32 -16.69 18.29 10.02
CA THR J 32 -17.24 18.22 8.67
C THR J 32 -18.69 18.72 8.66
N GLN J 33 -19.20 18.95 7.46
CA GLN J 33 -20.49 19.57 7.27
C GLN J 33 -21.46 18.60 6.60
N ASP J 34 -22.72 18.69 7.00
CA ASP J 34 -23.77 17.88 6.42
C ASP J 34 -25.07 18.66 6.46
N PHE J 35 -26.00 18.29 5.59
CA PHE J 35 -27.28 18.98 5.52
C PHE J 35 -28.07 18.82 6.80
N ALA J 36 -27.96 17.67 7.47
CA ALA J 36 -28.77 17.38 8.64
C ALA J 36 -28.41 18.24 9.85
N GLU J 37 -27.30 18.98 9.80
CA GLU J 37 -26.88 19.80 10.92
C GLU J 37 -26.69 21.24 10.48
N ALA J 38 -26.89 22.16 11.42
CA ALA J 38 -26.68 23.58 11.19
C ALA J 38 -25.63 24.18 12.11
N THR J 39 -24.97 23.35 12.93
CA THR J 39 -23.96 23.81 13.86
C THR J 39 -22.56 23.50 13.32
N ASP J 40 -21.63 24.43 13.57
CA ASP J 40 -20.28 24.26 13.07
C ASP J 40 -19.58 23.06 13.71
N ASN J 41 -19.97 22.70 14.93
CA ASN J 41 -19.40 21.56 15.65
C ASN J 41 -20.54 20.66 16.10
N PRO J 42 -21.14 19.91 15.18
CA PRO J 42 -22.26 19.04 15.56
C PRO J 42 -21.79 17.71 16.13
N ILE J 43 -22.73 16.80 16.38
CA ILE J 43 -22.39 15.49 16.88
C ILE J 43 -22.38 14.51 15.72
N ILE J 44 -21.66 13.41 15.89
CA ILE J 44 -21.50 12.42 14.84
C ILE J 44 -22.74 11.53 14.82
N LYS J 45 -23.15 11.15 13.61
CA LYS J 45 -24.28 10.25 13.44
C LYS J 45 -24.19 9.61 12.06
N TYR J 46 -24.83 8.46 11.93
CA TYR J 46 -24.88 7.71 10.68
C TYR J 46 -26.31 7.73 10.17
N ARG J 47 -26.55 8.50 9.11
CA ARG J 47 -27.85 8.57 8.45
C ARG J 47 -28.95 8.94 9.45
N ASP J 48 -28.81 10.13 10.02
CA ASP J 48 -29.80 10.69 10.95
C ASP J 48 -30.01 9.80 12.17
N ARG J 49 -28.95 9.12 12.61
CA ARG J 49 -29.02 8.25 13.79
C ARG J 49 -27.81 8.52 14.66
N PRO J 50 -27.96 9.34 15.69
CA PRO J 50 -26.83 9.58 16.61
C PRO J 50 -26.35 8.28 17.23
N LEU J 51 -25.03 8.13 17.30
CA LEU J 51 -24.43 6.91 17.82
C LEU J 51 -23.17 7.25 18.60
N ILE J 52 -22.81 6.36 19.51
CA ILE J 52 -21.55 6.45 20.24
C ILE J 52 -20.54 5.56 19.53
N PRO J 53 -19.47 6.12 18.96
CA PRO J 53 -18.47 5.29 18.28
C PRO J 53 -17.83 4.31 19.26
N GLY J 54 -17.56 3.11 18.76
CA GLY J 54 -16.91 2.11 19.60
C GLY J 54 -15.54 2.53 20.07
N SER J 55 -14.87 3.39 19.29
CA SER J 55 -13.55 3.87 19.69
C SER J 55 -13.63 4.66 20.99
N SER J 56 -14.63 5.53 21.13
CA SER J 56 -14.75 6.32 22.34
C SER J 56 -15.05 5.44 23.56
N LEU J 57 -15.93 4.45 23.40
CA LEU J 57 -16.18 3.52 24.48
C LEU J 57 -14.93 2.74 24.84
N LYS J 58 -14.18 2.32 23.84
CA LYS J 58 -12.93 1.60 24.09
C LYS J 58 -11.96 2.47 24.87
N GLY J 59 -11.83 3.74 24.48
CA GLY J 59 -10.91 4.63 25.19
C GLY J 59 -11.34 4.86 26.63
N ALA J 60 -12.63 5.11 26.85
CA ALA J 60 -13.10 5.33 28.20
C ALA J 60 -12.91 4.09 29.07
N PHE J 61 -13.24 2.91 28.53
CA PHE J 61 -13.06 1.68 29.29
C PHE J 61 -11.59 1.44 29.60
N ARG J 62 -10.71 1.68 28.62
CA ARG J 62 -9.28 1.48 28.84
C ARG J 62 -8.77 2.44 29.91
N SER J 63 -9.19 3.70 29.87
CA SER J 63 -8.76 4.65 30.88
C SER J 63 -9.23 4.23 32.26
N LEU J 64 -10.49 3.81 32.38
CA LEU J 64 -11.00 3.40 33.68
C LEU J 64 -10.27 2.17 34.20
N VAL J 65 -10.00 1.20 33.31
CA VAL J 65 -9.30 0.00 33.73
C VAL J 65 -7.86 0.31 34.13
N GLU J 66 -7.22 1.23 33.42
CA GLU J 66 -5.87 1.65 33.78
C GLU J 66 -5.85 2.32 35.15
N SER J 67 -6.84 3.18 35.42
CA SER J 67 -6.94 3.79 36.73
C SER J 67 -7.15 2.75 37.81
N TYR J 68 -8.01 1.77 37.55
CA TYR J 68 -8.24 0.69 38.51
C TYR J 68 -6.96 -0.09 38.77
N THR J 69 -6.22 -0.41 37.71
CA THR J 69 -5.00 -1.20 37.86
C THR J 69 -3.95 -0.43 38.66
N LYS J 70 -3.79 0.86 38.36
CA LYS J 70 -2.82 1.66 39.11
C LYS J 70 -3.25 1.84 40.56
N SER J 71 -4.57 1.91 40.81
CA SER J 71 -5.04 1.96 42.18
C SER J 71 -4.86 0.64 42.90
N LEU J 72 -4.77 -0.47 42.17
CA LEU J 72 -4.51 -1.76 42.80
C LEU J 72 -3.18 -1.74 43.55
N ASN J 73 -2.18 -1.03 43.02
CA ASN J 73 -0.90 -0.83 43.69
C ASN J 73 -0.22 -2.17 44.00
N ASP J 74 -0.01 -2.95 42.93
CA ASP J 74 0.68 -4.22 43.02
C ASP J 74 1.72 -4.30 41.93
N SER J 75 2.86 -4.92 42.24
CA SER J 75 3.94 -5.03 41.26
C SER J 75 3.62 -6.04 40.17
N LYS J 76 2.78 -7.03 40.47
CA LYS J 76 2.46 -8.05 39.48
C LYS J 76 1.65 -7.50 38.32
N TYR J 77 0.97 -6.37 38.50
CA TYR J 77 0.11 -5.80 37.47
C TYR J 77 0.49 -4.35 37.26
N TYR J 78 0.81 -3.99 36.02
CA TYR J 78 1.32 -2.67 35.70
C TYR J 78 0.58 -2.09 34.51
N VAL J 79 0.72 -0.78 34.35
CA VAL J 79 0.19 -0.05 33.20
C VAL J 79 1.34 0.71 32.56
N CYS J 80 1.49 0.58 31.25
CA CYS J 80 2.56 1.23 30.53
C CYS J 80 2.01 2.28 29.59
N ASP J 81 2.88 3.21 29.21
CA ASP J 81 2.50 4.32 28.35
C ASP J 81 2.07 3.83 26.98
N LEU J 82 1.14 4.57 26.37
CA LEU J 82 0.65 4.19 25.05
C LEU J 82 1.74 4.31 23.99
N ASP J 83 2.57 5.35 24.08
CA ASP J 83 3.60 5.60 23.08
C ASP J 83 4.95 5.01 23.46
N ASP J 84 5.01 4.25 24.56
CA ASP J 84 6.25 3.62 24.98
C ASP J 84 6.48 2.37 24.14
N ASN J 85 7.65 2.29 23.51
CA ASN J 85 8.00 1.14 22.67
C ASN J 85 8.67 0.03 23.46
N SER J 86 9.01 0.25 24.72
CA SER J 86 9.69 -0.74 25.54
C SER J 86 8.73 -1.53 26.41
N CYS J 87 7.43 -1.29 26.32
CA CYS J 87 6.45 -2.02 27.11
C CYS J 87 6.11 -3.34 26.45
N VAL J 88 5.87 -4.35 27.27
CA VAL J 88 5.40 -5.64 26.82
C VAL J 88 4.18 -6.04 27.63
N SER J 89 3.31 -6.84 27.03
CA SER J 89 2.10 -7.27 27.72
C SER J 89 2.45 -8.12 28.94
N CYS J 90 3.39 -9.05 28.79
CA CYS J 90 3.82 -9.90 29.88
C CYS J 90 5.34 -10.00 29.87
N GLU J 91 5.93 -10.10 31.05
CA GLU J 91 7.38 -10.19 31.19
C GLU J 91 7.76 -11.26 32.20
N GLU J 92 7.13 -12.43 32.09
CA GLU J 92 7.39 -13.50 33.04
C GLU J 92 8.81 -14.01 32.87
N LYS J 93 9.48 -14.25 34.00
CA LYS J 93 10.82 -14.82 34.02
C LYS J 93 10.88 -15.93 35.04
N LYS J 94 11.75 -16.92 34.77
CA LYS J 94 11.94 -18.06 35.66
C LYS J 94 13.20 -17.82 36.49
N LYS J 95 13.03 -17.05 37.57
CA LYS J 95 14.15 -16.72 38.44
C LYS J 95 14.64 -17.95 39.19
N ILE J 99 11.21 -20.13 39.18
CA ILE J 99 9.86 -19.81 39.58
C ILE J 99 9.01 -19.50 38.35
N VAL J 100 7.73 -19.21 38.58
CA VAL J 100 6.79 -18.87 37.51
C VAL J 100 6.22 -17.47 37.70
N GLU J 101 6.81 -16.66 38.57
CA GLU J 101 6.31 -15.32 38.82
C GLU J 101 6.53 -14.43 37.59
N GLY J 102 5.50 -13.69 37.21
CA GLY J 102 5.59 -12.78 36.09
C GLY J 102 4.68 -11.60 36.27
N ARG J 103 5.10 -10.46 35.72
CA ARG J 103 4.35 -9.21 35.82
C ARG J 103 3.56 -9.03 34.53
N TYR J 104 2.25 -8.92 34.64
CA TYR J 104 1.37 -8.74 33.49
C TYR J 104 0.78 -7.34 33.50
N CYS J 105 0.20 -6.95 32.37
CA CYS J 105 -0.44 -5.65 32.23
C CYS J 105 -1.92 -5.89 31.91
N ILE J 106 -2.77 -5.67 32.91
CA ILE J 106 -4.19 -5.93 32.74
C ILE J 106 -4.80 -5.12 31.60
N PRO J 107 -4.58 -3.80 31.50
CA PRO J 107 -5.09 -3.08 30.33
C PRO J 107 -4.54 -3.61 29.02
N CYS J 108 -3.27 -4.01 29.00
CA CYS J 108 -2.71 -4.60 27.78
C CYS J 108 -3.35 -5.95 27.49
N ILE J 109 -3.63 -6.72 28.54
CA ILE J 109 -4.26 -8.03 28.34
C ILE J 109 -5.65 -7.87 27.75
N LEU J 110 -6.43 -6.94 28.30
CA LEU J 110 -7.83 -6.80 27.87
C LEU J 110 -7.93 -6.03 26.57
N PHE J 111 -7.49 -4.77 26.57
CA PHE J 111 -7.67 -3.88 25.43
C PHE J 111 -6.49 -3.93 24.45
N GLY J 112 -5.55 -4.82 24.65
CA GLY J 112 -4.47 -4.98 23.70
C GLY J 112 -3.37 -3.95 23.88
N PHE J 113 -2.44 -3.99 22.93
CA PHE J 113 -1.28 -3.11 22.92
C PHE J 113 -0.65 -3.18 21.54
N LYS J 114 0.49 -2.52 21.38
CA LYS J 114 1.18 -2.55 20.10
C LYS J 114 1.71 -3.94 19.79
N ASP J 115 2.01 -4.73 20.82
CA ASP J 115 2.54 -6.08 20.63
C ASP J 115 1.51 -7.16 20.87
N LEU J 116 0.28 -6.82 21.21
CA LEU J 116 -0.77 -7.80 21.48
C LEU J 116 -2.12 -7.21 21.12
N ALA J 117 -2.91 -7.98 20.38
CA ALA J 117 -4.23 -7.51 19.97
C ALA J 117 -5.20 -7.54 21.14
N SER J 118 -6.27 -6.75 21.02
CA SER J 118 -7.30 -6.69 22.04
C SER J 118 -8.20 -7.91 21.94
N ARG J 119 -8.51 -8.50 23.09
CA ARG J 119 -9.44 -9.62 23.15
C ARG J 119 -10.86 -9.18 23.50
N VAL J 120 -11.10 -7.88 23.64
CA VAL J 120 -12.42 -7.38 24.00
C VAL J 120 -12.97 -6.53 22.86
N TYR J 121 -13.76 -7.14 21.98
CA TYR J 121 -14.32 -6.42 20.86
C TYR J 121 -15.53 -5.61 21.31
N ILE J 122 -15.52 -4.32 21.02
CA ILE J 122 -16.58 -3.40 21.40
C ILE J 122 -17.18 -2.82 20.13
N LEU J 123 -18.47 -3.03 19.94
CA LEU J 123 -19.16 -2.48 18.78
C LEU J 123 -19.55 -1.03 19.06
N ASP J 124 -20.16 -0.39 18.06
CA ASP J 124 -20.71 0.95 18.24
C ASP J 124 -22.06 0.83 18.96
N ALA J 125 -22.77 1.95 19.05
CA ALA J 125 -24.07 1.95 19.72
C ALA J 125 -24.92 3.03 19.08
N ILE J 126 -25.84 2.63 18.20
CA ILE J 126 -26.76 3.57 17.58
C ILE J 126 -27.95 3.79 18.52
N ALA J 127 -28.68 4.88 18.27
CA ALA J 127 -29.80 5.26 19.11
C ALA J 127 -31.12 5.05 18.37
N GLU J 128 -32.18 4.83 19.15
CA GLU J 128 -33.51 4.65 18.59
C GLU J 128 -34.44 5.80 18.97
N LYS J 129 -34.74 5.95 20.25
CA LYS J 129 -35.61 7.04 20.72
C LYS J 129 -34.79 8.27 21.07
N TYR J 130 -33.96 8.71 20.14
CA TYR J 130 -33.10 9.85 20.36
C TYR J 130 -33.86 11.16 20.11
N SER J 131 -33.22 12.27 20.49
CA SER J 131 -33.75 13.60 20.21
C SER J 131 -32.61 14.59 20.38
N ILE J 132 -32.33 15.36 19.33
CA ILE J 132 -31.21 16.30 19.34
C ILE J 132 -31.67 17.61 19.96
N SER J 133 -30.95 18.05 20.99
CA SER J 133 -31.24 19.29 21.70
C SER J 133 -30.05 20.23 21.60
N GLN J 134 -30.32 21.50 21.31
CA GLN J 134 -29.29 22.53 21.21
C GLN J 134 -29.32 23.40 22.46
N ARG J 135 -28.14 23.61 23.04
CA ARG J 135 -27.99 24.48 24.20
C ARG J 135 -26.98 25.56 23.87
N THR J 136 -27.32 26.80 24.20
CA THR J 136 -26.45 27.95 23.93
C THR J 136 -25.88 28.44 25.25
N MET J 137 -24.56 28.51 25.33
CA MET J 137 -23.87 29.00 26.51
C MET J 137 -22.98 30.17 26.13
N VAL J 138 -23.00 31.21 26.96
CA VAL J 138 -22.16 32.38 26.76
C VAL J 138 -21.44 32.68 28.07
N ALA J 139 -20.30 33.34 27.96
CA ALA J 139 -19.48 33.65 29.12
C ALA J 139 -19.87 35.00 29.70
N ILE J 140 -19.40 35.25 30.92
CA ILE J 140 -19.67 36.48 31.65
C ILE J 140 -18.33 37.12 31.98
N ASN J 141 -18.10 38.33 31.49
CA ASN J 141 -16.87 39.04 31.80
C ASN J 141 -16.82 39.35 33.28
N ARG J 142 -15.69 39.03 33.92
CA ARG J 142 -15.60 39.18 35.37
C ARG J 142 -15.69 40.65 35.77
N VAL J 143 -15.04 41.53 35.02
CA VAL J 143 -15.25 42.96 35.19
C VAL J 143 -16.49 43.36 34.41
N PHE J 144 -17.32 44.20 35.03
CA PHE J 144 -18.65 44.54 34.49
C PHE J 144 -19.46 43.25 34.26
N GLY J 145 -19.77 42.58 35.36
CA GLY J 145 -20.46 41.31 35.31
C GLY J 145 -21.76 41.36 34.55
N GLY J 146 -21.98 40.40 33.65
CA GLY J 146 -23.20 40.28 32.89
C GLY J 146 -23.02 40.43 31.39
N GLN J 147 -22.00 41.18 30.98
CA GLN J 147 -21.79 41.42 29.56
C GLN J 147 -21.39 40.13 28.86
N MET J 148 -21.93 39.90 27.67
CA MET J 148 -21.54 38.76 26.85
C MET J 148 -20.45 39.19 25.90
N PRO J 149 -19.22 38.68 26.04
CA PRO J 149 -18.11 39.19 25.22
C PRO J 149 -18.12 38.66 23.80
N GLY J 150 -19.25 38.08 23.38
CA GLY J 150 -19.35 37.51 22.06
C GLY J 150 -18.91 36.07 21.96
N HIS J 151 -18.50 35.46 23.06
CA HIS J 151 -18.15 34.04 23.08
C HIS J 151 -19.38 33.17 23.21
N LEU J 152 -20.36 33.40 22.34
CA LEU J 152 -21.62 32.67 22.37
C LEU J 152 -21.49 31.45 21.48
N TYR J 153 -21.39 30.28 22.10
CA TYR J 153 -21.24 29.02 21.38
C TYR J 153 -22.43 28.12 21.68
N THR J 154 -23.04 27.59 20.63
CA THR J 154 -24.18 26.69 20.75
C THR J 154 -23.74 25.29 20.36
N LEU J 155 -24.08 24.32 21.20
CA LEU J 155 -23.65 22.94 20.99
C LEU J 155 -24.87 22.04 20.87
N ASP J 156 -24.73 20.99 20.07
CA ASP J 156 -25.78 20.00 19.89
C ASP J 156 -25.62 18.88 20.92
N TYR J 157 -26.73 18.27 21.29
CA TYR J 157 -26.74 17.25 22.32
C TYR J 157 -27.78 16.19 21.96
N VAL J 158 -27.81 15.12 22.74
CA VAL J 158 -28.85 14.12 22.66
C VAL J 158 -29.80 14.33 23.83
N ASP J 159 -31.02 13.84 23.69
CA ASP J 159 -32.00 14.01 24.75
C ASP J 159 -31.57 13.24 26.00
N PRO J 160 -31.94 13.72 27.17
CA PRO J 160 -31.59 13.01 28.41
C PRO J 160 -32.40 11.75 28.58
N GLY J 161 -31.96 10.66 27.95
CA GLY J 161 -32.69 9.41 27.97
C GLY J 161 -33.06 8.94 26.58
N SER J 162 -32.35 7.92 26.11
CA SER J 162 -32.55 7.34 24.79
C SER J 162 -31.79 6.03 24.73
N GLU J 163 -32.43 5.00 24.20
CA GLU J 163 -31.82 3.67 24.16
C GLU J 163 -30.71 3.60 23.14
N PHE J 164 -29.69 2.80 23.45
CA PHE J 164 -28.56 2.57 22.56
C PHE J 164 -28.26 1.08 22.49
N SER J 165 -28.03 0.59 21.26
CA SER J 165 -27.78 -0.82 21.03
C SER J 165 -26.33 -1.13 21.41
N PHE J 166 -26.14 -1.79 22.54
CA PHE J 166 -24.80 -2.12 23.02
C PHE J 166 -24.49 -3.58 22.79
N MET J 167 -23.31 -3.86 22.26
CA MET J 167 -22.87 -5.23 22.01
C MET J 167 -21.36 -5.30 22.19
N MET J 168 -20.91 -6.26 23.00
CA MET J 168 -19.50 -6.41 23.31
C MET J 168 -19.13 -7.88 23.29
N MET J 169 -17.94 -8.17 22.78
CA MET J 169 -17.44 -9.54 22.66
C MET J 169 -16.16 -9.68 23.46
N ILE J 170 -16.07 -10.74 24.26
CA ILE J 170 -14.89 -11.05 25.06
C ILE J 170 -14.47 -12.48 24.76
N TYR J 171 -13.18 -12.66 24.49
CA TYR J 171 -12.64 -13.96 24.11
C TYR J 171 -11.67 -14.46 25.16
N ASN J 172 -11.70 -15.78 25.40
CA ASN J 172 -10.76 -16.45 26.30
C ASN J 172 -10.80 -15.89 27.71
N LEU J 173 -11.98 -15.43 28.14
CA LEU J 173 -12.15 -14.92 29.51
C LEU J 173 -13.53 -15.37 29.98
N ASN J 174 -13.59 -16.51 30.65
CA ASN J 174 -14.85 -16.97 31.22
C ASN J 174 -15.28 -16.03 32.33
N LEU J 175 -16.51 -15.53 32.24
CA LEU J 175 -17.09 -14.66 33.25
C LEU J 175 -18.11 -15.35 34.13
N ILE J 176 -19.01 -16.14 33.54
CA ILE J 176 -20.01 -16.85 34.33
C ILE J 176 -19.34 -17.85 35.26
N GLU J 177 -18.36 -18.59 34.74
CA GLU J 177 -17.64 -19.55 35.57
C GLU J 177 -16.35 -18.98 36.13
N GLY J 178 -15.70 -18.10 35.38
CA GLY J 178 -14.46 -17.50 35.83
C GLY J 178 -13.28 -18.44 35.71
N GLU J 179 -12.09 -17.85 35.76
CA GLU J 179 -10.84 -18.60 35.73
C GLU J 179 -10.32 -18.77 37.15
N LYS J 180 -9.69 -19.91 37.42
CA LYS J 180 -9.31 -20.25 38.78
C LYS J 180 -8.22 -19.33 39.30
N ASP J 181 -7.05 -19.39 38.70
CA ASP J 181 -5.98 -18.47 39.08
C ASP J 181 -5.09 -18.05 37.92
N TRP J 182 -5.35 -18.50 36.69
CA TRP J 182 -4.43 -18.27 35.60
C TRP J 182 -4.74 -16.93 34.94
N LYS J 183 -3.79 -16.00 35.03
CA LYS J 183 -3.96 -14.66 34.49
C LYS J 183 -5.22 -14.00 35.05
N ALA J 184 -5.48 -14.25 36.33
CA ALA J 184 -6.66 -13.73 37.00
C ALA J 184 -6.50 -12.24 37.25
N LYS J 185 -7.40 -11.66 38.04
CA LYS J 185 -7.41 -10.23 38.35
C LYS J 185 -7.74 -9.42 37.10
N SER J 186 -7.83 -10.09 35.95
CA SER J 186 -8.36 -9.49 34.73
C SER J 186 -9.86 -9.69 34.65
N VAL J 187 -10.33 -10.88 35.03
CA VAL J 187 -11.77 -11.10 35.18
C VAL J 187 -12.32 -10.17 36.25
N GLU J 188 -11.59 -10.00 37.35
CA GLU J 188 -12.03 -9.09 38.40
C GLU J 188 -12.08 -7.65 37.90
N ALA J 189 -11.08 -7.23 37.13
CA ALA J 189 -11.08 -5.88 36.59
C ALA J 189 -12.25 -5.68 35.64
N LEU J 190 -12.52 -6.67 34.78
CA LEU J 190 -13.64 -6.56 33.85
C LEU J 190 -14.96 -6.50 34.61
N LYS J 191 -15.11 -7.31 35.65
CA LYS J 191 -16.34 -7.28 36.44
C LYS J 191 -16.50 -5.95 37.16
N PHE J 192 -15.41 -5.39 37.68
CA PHE J 192 -15.48 -4.08 38.30
C PHE J 192 -15.90 -3.02 37.30
N LEU J 193 -15.34 -3.07 36.09
CA LEU J 193 -15.72 -2.11 35.06
C LEU J 193 -17.20 -2.25 34.71
N LEU J 194 -17.68 -3.49 34.57
CA LEU J 194 -19.08 -3.71 34.25
C LEU J 194 -19.99 -3.22 35.37
N ALA J 195 -19.60 -3.46 36.62
CA ALA J 195 -20.40 -3.00 37.74
C ALA J 195 -20.46 -1.48 37.77
N THR J 196 -19.33 -0.82 37.51
CA THR J 196 -19.33 0.64 37.45
C THR J 196 -20.23 1.15 36.32
N LEU J 197 -20.17 0.48 35.17
CA LEU J 197 -21.00 0.89 34.04
C LEU J 197 -22.48 0.71 34.34
N VAL J 198 -22.84 -0.38 35.03
CA VAL J 198 -24.24 -0.70 35.24
C VAL J 198 -24.83 0.21 36.31
N ARG J 199 -24.22 0.24 37.49
CA ARG J 199 -24.78 1.01 38.59
C ARG J 199 -24.49 2.51 38.44
N GLU J 200 -23.20 2.87 38.44
CA GLU J 200 -22.84 4.28 38.38
C GLU J 200 -22.90 4.81 36.95
N GLY J 201 -22.27 4.10 36.02
CA GLY J 201 -22.19 4.58 34.65
C GLY J 201 -21.00 5.49 34.43
N ILE J 202 -20.26 5.25 33.35
CA ILE J 202 -19.05 6.01 33.08
C ILE J 202 -19.43 7.34 32.42
N PHE J 203 -18.46 8.26 32.36
CA PHE J 203 -18.66 9.55 31.71
C PHE J 203 -17.93 9.54 30.38
N VAL J 204 -18.67 9.78 29.30
CA VAL J 204 -18.11 9.91 27.97
C VAL J 204 -18.73 11.14 27.33
N GLY J 205 -18.04 11.68 26.32
CA GLY J 205 -18.61 12.78 25.58
C GLY J 205 -17.61 13.89 25.39
N ALA J 206 -18.11 15.06 25.03
CA ALA J 206 -17.27 16.21 24.68
C ALA J 206 -17.02 17.12 25.87
N ARG J 207 -18.06 17.44 26.65
CA ARG J 207 -17.88 18.33 27.79
C ARG J 207 -17.43 17.55 29.01
N LYS J 208 -18.25 16.61 29.47
CA LYS J 208 -17.88 15.62 30.47
C LYS J 208 -17.46 16.23 31.80
N SER J 209 -17.64 17.54 31.97
CA SER J 209 -17.24 18.21 33.21
C SER J 209 -18.40 19.01 33.76
N VAL J 210 -19.31 19.41 32.88
CA VAL J 210 -20.53 20.11 33.29
C VAL J 210 -21.67 19.11 33.32
N GLY J 211 -21.32 17.83 33.40
CA GLY J 211 -22.32 16.77 33.43
C GLY J 211 -22.81 16.32 32.07
N TYR J 212 -22.28 16.87 30.99
CA TYR J 212 -22.74 16.51 29.65
C TYR J 212 -22.13 15.18 29.26
N GLY J 213 -22.93 14.13 29.31
CA GLY J 213 -22.49 12.81 28.91
C GLY J 213 -22.31 11.86 30.08
N LEU J 214 -23.31 11.01 30.30
CA LEU J 214 -23.23 9.99 31.36
C LEU J 214 -24.08 8.82 30.89
N ILE J 215 -23.42 7.81 30.33
CA ILE J 215 -24.12 6.64 29.82
C ILE J 215 -24.30 5.64 30.96
N LYS J 216 -25.24 4.72 30.77
CA LYS J 216 -25.51 3.69 31.76
C LYS J 216 -26.14 2.50 31.07
N LEU J 217 -25.76 1.30 31.49
CA LEU J 217 -26.29 0.07 30.94
C LEU J 217 -27.39 -0.45 31.85
N VAL J 218 -28.62 -0.47 31.34
CA VAL J 218 -29.75 -0.84 32.18
C VAL J 218 -29.82 -2.34 32.40
N ASP J 219 -29.79 -3.11 31.32
CA ASP J 219 -29.84 -4.57 31.42
C ASP J 219 -29.20 -5.15 30.17
N ALA J 220 -28.58 -6.31 30.32
CA ALA J 220 -27.89 -6.96 29.21
C ALA J 220 -27.83 -8.45 29.47
N LYS J 221 -28.28 -9.24 28.49
CA LYS J 221 -28.16 -10.68 28.58
C LYS J 221 -26.73 -11.09 28.29
N VAL J 222 -26.15 -11.89 29.18
CA VAL J 222 -24.78 -12.36 29.05
C VAL J 222 -24.85 -13.78 28.50
N SER J 223 -24.49 -13.95 27.24
CA SER J 223 -24.53 -15.24 26.57
C SER J 223 -23.10 -15.77 26.45
N LEU J 224 -22.88 -16.98 26.93
CA LEU J 224 -21.57 -17.62 26.88
C LEU J 224 -21.56 -18.68 25.80
N TYR J 225 -20.56 -18.64 24.93
CA TYR J 225 -20.41 -19.59 23.84
C TYR J 225 -19.08 -20.30 24.03
N LYS J 226 -19.12 -21.62 24.21
CA LYS J 226 -17.91 -22.40 24.38
C LYS J 226 -17.60 -23.19 23.12
N ALA J 227 -16.31 -23.23 22.76
CA ALA J 227 -15.90 -23.84 21.51
C ALA J 227 -16.15 -25.35 21.45
N PRO J 228 -15.72 -26.16 22.42
CA PRO J 228 -15.76 -27.62 22.20
C PRO J 228 -17.16 -28.19 22.05
N ASP J 229 -18.06 -27.90 23.00
CA ASP J 229 -19.39 -28.50 22.95
C ASP J 229 -20.22 -27.90 21.81
N HIS J 230 -20.49 -26.59 21.88
CA HIS J 230 -21.30 -25.92 20.87
C HIS J 230 -20.97 -24.45 20.89
N LEU J 231 -20.32 -23.96 19.84
CA LEU J 231 -19.94 -22.56 19.77
C LEU J 231 -21.07 -21.67 19.25
N VAL J 232 -21.79 -22.13 18.23
CA VAL J 232 -22.92 -21.35 17.73
C VAL J 232 -24.06 -21.34 18.74
N SER J 233 -24.39 -22.50 19.29
CA SER J 233 -25.44 -22.57 20.30
C SER J 233 -24.91 -22.03 21.63
N PRO J 234 -25.58 -21.05 22.23
CA PRO J 234 -25.14 -20.55 23.53
C PRO J 234 -25.20 -21.62 24.60
N VAL J 235 -24.21 -21.60 25.49
CA VAL J 235 -24.16 -22.57 26.57
C VAL J 235 -25.00 -22.07 27.73
N ILE J 236 -24.66 -20.90 28.26
CA ILE J 236 -25.37 -20.29 29.37
C ILE J 236 -25.72 -18.86 28.99
N VAL J 237 -26.97 -18.47 29.24
CA VAL J 237 -27.43 -17.10 29.03
C VAL J 237 -27.98 -16.61 30.35
N LYS J 238 -27.40 -15.52 30.87
CA LYS J 238 -27.81 -14.93 32.13
C LYS J 238 -27.87 -13.42 32.01
N LYS J 239 -28.67 -12.81 32.86
CA LYS J 239 -28.74 -11.35 32.92
C LYS J 239 -27.47 -10.81 33.57
N LEU J 240 -27.05 -9.63 33.12
CA LEU J 240 -25.78 -9.06 33.58
C LEU J 240 -25.79 -8.80 35.08
N GLU J 241 -26.98 -8.57 35.66
CA GLU J 241 -27.05 -8.27 37.09
C GLU J 241 -26.55 -9.45 37.93
N GLU J 242 -26.92 -10.67 37.54
CA GLU J 242 -26.47 -11.84 38.27
C GLU J 242 -24.98 -12.07 38.11
N VAL J 243 -24.40 -11.65 36.98
CA VAL J 243 -22.97 -11.82 36.76
C VAL J 243 -22.18 -11.03 37.79
N ILE J 244 -22.57 -9.80 38.04
CA ILE J 244 -21.87 -8.95 39.00
C ILE J 244 -22.44 -9.14 40.40
N SER K 2 -4.31 -41.03 2.96
CA SER K 2 -3.77 -40.19 1.90
C SER K 2 -4.66 -39.00 1.63
N CYS K 3 -4.20 -37.81 2.01
CA CYS K 3 -4.98 -36.60 1.80
C CYS K 3 -4.61 -35.87 0.51
N MET K 4 -3.68 -36.38 -0.30
CA MET K 4 -3.32 -35.72 -1.56
C MET K 4 -4.10 -36.36 -2.72
N ASP K 5 -5.42 -36.15 -2.71
CA ASP K 5 -6.30 -36.72 -3.71
C ASP K 5 -6.73 -35.70 -4.76
N LEU K 6 -5.95 -34.64 -4.95
CA LEU K 6 -6.31 -33.61 -5.91
C LEU K 6 -6.23 -34.10 -7.35
N ASP K 7 -5.51 -35.20 -7.60
CA ASP K 7 -5.46 -35.74 -8.96
C ASP K 7 -6.83 -36.19 -9.44
N VAL K 8 -7.58 -36.86 -8.57
CA VAL K 8 -8.91 -37.37 -8.90
C VAL K 8 -9.93 -36.43 -8.28
N ILE K 9 -10.74 -35.80 -9.12
CA ILE K 9 -11.80 -34.91 -8.66
C ILE K 9 -13.11 -35.68 -8.71
N THR K 10 -13.71 -35.91 -7.55
CA THR K 10 -14.98 -36.62 -7.48
C THR K 10 -16.15 -35.65 -7.56
N THR K 11 -16.16 -34.64 -6.70
CA THR K 11 -17.27 -33.70 -6.66
C THR K 11 -16.74 -32.28 -6.47
N VAL K 12 -17.46 -31.33 -7.03
CA VAL K 12 -17.15 -29.91 -6.90
C VAL K 12 -18.42 -29.20 -6.48
N VAL K 13 -18.34 -28.40 -5.42
CA VAL K 13 -19.46 -27.61 -4.96
C VAL K 13 -19.07 -26.13 -5.00
N LYS K 14 -20.00 -25.30 -5.44
CA LYS K 14 -19.79 -23.87 -5.56
C LYS K 14 -20.80 -23.16 -4.67
N ILE K 15 -20.30 -22.30 -3.79
CA ILE K 15 -21.15 -21.54 -2.87
C ILE K 15 -21.17 -20.09 -3.35
N GLU K 16 -22.35 -19.63 -3.77
CA GLU K 16 -22.53 -18.28 -4.25
C GLU K 16 -23.52 -17.57 -3.32
N GLY K 17 -23.12 -16.39 -2.84
CA GLY K 17 -23.96 -15.62 -1.95
C GLY K 17 -23.51 -14.17 -1.93
N LYS K 18 -24.17 -13.39 -1.08
CA LYS K 18 -23.88 -11.97 -0.92
C LYS K 18 -23.46 -11.72 0.52
N LEU K 19 -22.31 -11.10 0.70
CA LEU K 19 -21.80 -10.76 2.02
C LEU K 19 -22.19 -9.33 2.37
N ARG K 20 -22.94 -9.16 3.44
CA ARG K 20 -23.37 -7.86 3.91
C ARG K 20 -22.75 -7.60 5.27
N ASN K 21 -22.01 -6.50 5.39
CA ASN K 21 -21.39 -6.15 6.66
C ASN K 21 -22.44 -5.67 7.65
N GLU K 22 -22.27 -6.06 8.91
CA GLU K 22 -23.15 -5.59 9.96
C GLU K 22 -22.67 -4.28 10.58
N THR K 23 -21.37 -4.17 10.82
CA THR K 23 -20.77 -2.98 11.38
C THR K 23 -20.08 -2.19 10.28
N LEU K 24 -19.33 -1.16 10.68
CA LEU K 24 -18.56 -0.39 9.71
C LEU K 24 -17.40 -1.23 9.18
N LEU K 25 -17.62 -1.91 8.06
CA LEU K 25 -16.55 -2.70 7.47
C LEU K 25 -15.50 -1.80 6.87
N ARG K 26 -14.25 -2.00 7.28
CA ARG K 26 -13.10 -1.31 6.71
C ARG K 26 -12.29 -2.32 5.92
N VAL K 27 -12.05 -2.03 4.65
CA VAL K 27 -11.25 -2.92 3.83
C VAL K 27 -9.85 -3.01 4.40
N GLY K 28 -9.14 -4.08 4.04
CA GLY K 28 -7.81 -4.29 4.57
C GLY K 28 -6.89 -3.11 4.37
N LYS K 29 -7.01 -2.43 3.21
CA LYS K 29 -6.16 -1.30 2.87
C LYS K 29 -4.69 -1.70 2.92
N GLY K 30 -4.33 -2.62 2.03
CA GLY K 30 -2.94 -2.99 1.87
C GLY K 30 -2.15 -1.83 1.32
N LYS K 31 -2.86 -0.85 0.76
CA LYS K 31 -2.26 0.37 0.23
C LYS K 31 -1.86 1.24 1.42
N THR K 32 -0.87 0.77 2.16
CA THR K 32 -0.38 1.48 3.34
C THR K 32 0.41 2.69 2.89
N GLN K 33 -0.10 3.88 3.22
CA GLN K 33 0.51 5.15 2.80
C GLN K 33 0.65 5.21 1.28
N ASP K 34 -0.29 4.59 0.57
CA ASP K 34 -0.28 4.53 -0.89
C ASP K 34 -1.59 5.14 -1.39
N PHE K 35 -1.59 6.46 -1.54
CA PHE K 35 -2.76 7.15 -2.08
C PHE K 35 -2.85 6.94 -3.59
N ALA K 36 -4.06 6.75 -4.08
CA ALA K 36 -4.29 6.63 -5.52
C ALA K 36 -5.15 7.76 -6.06
N GLU K 37 -6.40 7.90 -5.57
CA GLU K 37 -7.23 9.02 -5.95
C GLU K 37 -8.09 9.52 -4.79
N ALA K 38 -7.69 9.25 -3.55
CA ALA K 38 -8.50 9.57 -2.40
C ALA K 38 -7.62 10.16 -1.30
N THR K 39 -8.27 10.67 -0.26
CA THR K 39 -7.57 11.31 0.83
C THR K 39 -6.83 10.28 1.68
N ASP K 40 -5.74 10.74 2.32
CA ASP K 40 -4.91 9.95 3.24
C ASP K 40 -4.67 8.52 2.74
N ASN K 41 -4.78 7.54 3.64
CA ASN K 41 -4.65 6.14 3.26
C ASN K 41 -6.01 5.63 2.83
N PRO K 42 -6.21 5.29 1.56
CA PRO K 42 -7.52 4.83 1.10
C PRO K 42 -7.62 3.31 1.08
N ILE K 43 -8.83 2.83 1.33
CA ILE K 43 -9.12 1.41 1.25
C ILE K 43 -8.93 0.94 -0.19
N ILE K 44 -8.55 -0.33 -0.35
CA ILE K 44 -8.35 -0.84 -1.69
C ILE K 44 -9.67 -1.01 -2.41
N LYS K 45 -9.63 -0.90 -3.73
CA LYS K 45 -10.84 -1.01 -4.53
C LYS K 45 -10.46 -1.42 -5.94
N TYR K 46 -11.36 -2.15 -6.59
CA TYR K 46 -11.18 -2.63 -7.95
C TYR K 46 -11.93 -1.69 -8.89
N ARG K 47 -11.17 -0.81 -9.54
CA ARG K 47 -11.73 0.19 -10.45
C ARG K 47 -12.79 1.03 -9.74
N ASP K 48 -12.36 1.69 -8.67
CA ASP K 48 -13.21 2.58 -7.89
C ASP K 48 -14.40 1.84 -7.27
N ARG K 49 -14.26 0.53 -7.09
CA ARG K 49 -15.29 -0.29 -6.49
C ARG K 49 -14.67 -1.02 -5.30
N PRO K 50 -15.10 -0.74 -4.07
CA PRO K 50 -14.46 -1.38 -2.91
C PRO K 50 -14.53 -2.90 -3.01
N LEU K 51 -13.41 -3.54 -2.69
CA LEU K 51 -13.27 -4.98 -2.88
C LEU K 51 -12.69 -5.60 -1.62
N ILE K 52 -13.35 -6.64 -1.13
CA ILE K 52 -12.83 -7.42 -0.01
C ILE K 52 -11.77 -8.37 -0.55
N PRO K 53 -10.54 -8.31 -0.05
CA PRO K 53 -9.49 -9.20 -0.56
C PRO K 53 -9.82 -10.66 -0.27
N GLY K 54 -9.58 -11.51 -1.26
CA GLY K 54 -9.73 -12.93 -1.04
C GLY K 54 -8.73 -13.46 -0.01
N SER K 55 -7.53 -12.89 -0.01
CA SER K 55 -6.52 -13.31 0.95
C SER K 55 -6.96 -13.03 2.38
N SER K 56 -7.60 -11.88 2.61
CA SER K 56 -8.05 -11.54 3.94
C SER K 56 -9.09 -12.53 4.45
N LEU K 57 -10.07 -12.85 3.60
CA LEU K 57 -11.09 -13.82 3.98
C LEU K 57 -10.46 -15.19 4.22
N LYS K 58 -9.53 -15.58 3.36
CA LYS K 58 -8.88 -16.87 3.53
C LYS K 58 -8.11 -16.94 4.83
N GLY K 59 -7.40 -15.86 5.18
CA GLY K 59 -6.67 -15.83 6.43
C GLY K 59 -7.57 -15.89 7.65
N ALA K 60 -8.67 -15.13 7.61
CA ALA K 60 -9.61 -15.18 8.73
C ALA K 60 -10.23 -16.57 8.87
N PHE K 61 -10.62 -17.17 7.75
CA PHE K 61 -11.19 -18.51 7.79
C PHE K 61 -10.18 -19.52 8.32
N ARG K 62 -8.92 -19.40 7.88
CA ARG K 62 -7.90 -20.33 8.36
C ARG K 62 -7.65 -20.16 9.84
N SER K 63 -7.65 -18.92 10.33
CA SER K 63 -7.48 -18.71 11.77
C SER K 63 -8.64 -19.33 12.54
N LEU K 64 -9.86 -19.15 12.05
CA LEU K 64 -11.01 -19.75 12.71
C LEU K 64 -10.92 -21.28 12.71
N VAL K 65 -10.52 -21.85 11.58
CA VAL K 65 -10.41 -23.31 11.48
C VAL K 65 -9.32 -23.83 12.41
N GLU K 66 -8.20 -23.13 12.49
CA GLU K 66 -7.13 -23.53 13.40
C GLU K 66 -7.61 -23.49 14.83
N SER K 67 -8.35 -22.43 15.20
CA SER K 67 -8.89 -22.35 16.55
C SER K 67 -9.82 -23.51 16.83
N TYR K 68 -10.69 -23.84 15.87
CA TYR K 68 -11.61 -24.96 16.04
C TYR K 68 -10.85 -26.28 16.21
N THR K 69 -9.84 -26.50 15.37
CA THR K 69 -9.09 -27.75 15.42
C THR K 69 -8.36 -27.89 16.75
N LYS K 70 -7.74 -26.81 17.22
CA LYS K 70 -7.08 -26.87 18.52
C LYS K 70 -8.09 -27.05 19.65
N SER K 71 -9.29 -26.51 19.49
CA SER K 71 -10.33 -26.73 20.48
C SER K 71 -10.81 -28.18 20.47
N LEU K 72 -10.67 -28.86 19.34
CA LEU K 72 -11.06 -30.27 19.27
C LEU K 72 -10.25 -31.11 20.24
N ASN K 73 -8.96 -30.78 20.39
CA ASN K 73 -8.05 -31.48 21.30
C ASN K 73 -8.04 -32.98 21.00
N ASP K 74 -7.75 -33.29 19.74
CA ASP K 74 -7.69 -34.66 19.27
C ASP K 74 -6.29 -34.97 18.76
N SER K 75 -5.81 -36.17 19.07
CA SER K 75 -4.50 -36.57 18.57
C SER K 75 -4.49 -36.72 17.06
N LYS K 76 -5.57 -37.23 16.48
CA LYS K 76 -5.63 -37.48 15.05
C LYS K 76 -5.58 -36.20 14.21
N TYR K 77 -5.88 -35.05 14.79
CA TYR K 77 -5.99 -33.81 14.05
C TYR K 77 -5.10 -32.76 14.72
N TYR K 78 -4.22 -32.14 13.93
CA TYR K 78 -3.25 -31.18 14.43
C TYR K 78 -3.16 -30.01 13.47
N VAL K 79 -2.55 -28.93 13.96
CA VAL K 79 -2.27 -27.75 13.15
C VAL K 79 -0.79 -27.42 13.31
N CYS K 80 -0.11 -27.18 12.20
CA CYS K 80 1.30 -26.85 12.22
C CYS K 80 1.50 -25.38 11.92
N ASP K 81 2.61 -24.85 12.43
CA ASP K 81 2.93 -23.44 12.26
C ASP K 81 3.17 -23.11 10.80
N LEU K 82 2.79 -21.89 10.41
CA LEU K 82 2.95 -21.47 9.02
C LEU K 82 4.42 -21.38 8.62
N ASP K 83 5.27 -20.87 9.51
CA ASP K 83 6.68 -20.71 9.20
C ASP K 83 7.44 -22.03 9.19
N ASP K 84 6.90 -23.07 9.84
CA ASP K 84 7.60 -24.35 9.88
C ASP K 84 7.57 -25.02 8.51
N ASN K 85 8.72 -25.52 8.07
CA ASN K 85 8.83 -26.23 6.82
C ASN K 85 8.88 -27.74 6.99
N SER K 86 8.89 -28.22 8.24
CA SER K 86 8.92 -29.66 8.51
C SER K 86 7.53 -30.25 8.69
N CYS K 87 6.49 -29.44 8.60
CA CYS K 87 5.13 -29.93 8.74
C CYS K 87 4.72 -30.73 7.51
N VAL K 88 3.81 -31.69 7.72
CA VAL K 88 3.20 -32.45 6.65
C VAL K 88 1.69 -32.41 6.84
N SER K 89 0.97 -32.63 5.74
CA SER K 89 -0.48 -32.56 5.79
C SER K 89 -1.06 -33.75 6.53
N CYS K 90 -0.80 -34.96 6.05
CA CYS K 90 -1.30 -36.18 6.68
C CYS K 90 -0.19 -37.21 6.76
N GLU K 91 -0.27 -38.07 7.77
CA GLU K 91 0.72 -39.12 8.02
C GLU K 91 0.04 -40.48 7.97
N GLU K 92 0.46 -41.31 7.02
CA GLU K 92 -0.11 -42.66 6.86
C GLU K 92 0.78 -43.69 7.54
N LYS K 93 1.00 -43.52 8.84
CA LYS K 93 1.82 -44.43 9.61
C LYS K 93 0.95 -45.45 10.34
N LYS K 94 1.44 -46.68 10.39
CA LYS K 94 0.71 -47.76 11.06
C LYS K 94 1.31 -48.04 12.44
N GLU K 101 -4.86 -45.90 10.56
CA GLU K 101 -5.04 -44.70 11.37
C GLU K 101 -3.81 -43.80 11.27
N GLY K 102 -4.04 -42.51 11.08
CA GLY K 102 -2.96 -41.57 10.96
C GLY K 102 -3.40 -40.17 11.38
N ARG K 103 -2.44 -39.25 11.37
CA ARG K 103 -2.69 -37.87 11.75
C ARG K 103 -3.03 -37.04 10.53
N TYR K 104 -3.83 -36.01 10.73
CA TYR K 104 -4.25 -35.12 9.65
C TYR K 104 -4.22 -33.68 10.14
N CYS K 105 -4.10 -32.76 9.20
CA CYS K 105 -4.11 -31.33 9.50
C CYS K 105 -5.30 -30.71 8.79
N ILE K 106 -6.34 -30.36 9.57
CA ILE K 106 -7.56 -29.83 8.97
C ILE K 106 -7.31 -28.53 8.21
N PRO K 107 -6.65 -27.51 8.78
CA PRO K 107 -6.38 -26.31 7.96
C PRO K 107 -5.51 -26.61 6.77
N CYS K 108 -4.55 -27.53 6.89
CA CYS K 108 -3.74 -27.92 5.74
C CYS K 108 -4.60 -28.61 4.70
N ILE K 109 -5.55 -29.43 5.12
CA ILE K 109 -6.45 -30.07 4.17
C ILE K 109 -7.27 -29.03 3.44
N LEU K 110 -7.81 -28.06 4.17
CA LEU K 110 -8.73 -27.11 3.57
C LEU K 110 -8.01 -26.09 2.69
N PHE K 111 -7.13 -25.29 3.30
CA PHE K 111 -6.51 -24.16 2.60
C PHE K 111 -5.08 -24.45 2.16
N GLY K 112 -4.61 -25.67 2.32
CA GLY K 112 -3.32 -26.07 1.79
C GLY K 112 -2.16 -25.66 2.68
N PHE K 113 -0.98 -26.09 2.27
CA PHE K 113 0.27 -25.81 2.97
C PHE K 113 1.38 -25.69 1.93
N LYS K 114 2.62 -25.67 2.39
CA LYS K 114 3.74 -25.75 1.45
C LYS K 114 3.76 -27.08 0.73
N ASP K 115 3.50 -28.17 1.46
CA ASP K 115 3.53 -29.51 0.88
C ASP K 115 2.29 -29.84 0.07
N LEU K 116 1.18 -29.16 0.29
CA LEU K 116 -0.07 -29.47 -0.39
C LEU K 116 -0.82 -28.20 -0.72
N ALA K 117 -1.34 -28.12 -1.94
CA ALA K 117 -2.13 -26.98 -2.35
C ALA K 117 -3.50 -27.00 -1.67
N SER K 118 -4.21 -25.89 -1.80
CA SER K 118 -5.50 -25.75 -1.15
C SER K 118 -6.55 -26.62 -1.85
N ARG K 119 -7.64 -26.88 -1.12
CA ARG K 119 -8.80 -27.55 -1.68
C ARG K 119 -10.02 -26.66 -1.75
N VAL K 120 -10.08 -25.59 -0.97
CA VAL K 120 -11.20 -24.67 -0.96
C VAL K 120 -10.71 -23.33 -1.48
N TYR K 121 -11.13 -22.98 -2.70
CA TYR K 121 -10.77 -21.69 -3.27
C TYR K 121 -11.78 -20.63 -2.85
N ILE K 122 -11.27 -19.45 -2.52
CA ILE K 122 -12.09 -18.32 -2.11
C ILE K 122 -11.83 -17.17 -3.07
N LEU K 123 -12.90 -16.64 -3.64
CA LEU K 123 -12.78 -15.56 -4.61
C LEU K 123 -12.85 -14.21 -3.92
N ASP K 124 -12.71 -13.14 -4.69
CA ASP K 124 -12.82 -11.79 -4.17
C ASP K 124 -14.29 -11.40 -4.05
N ALA K 125 -14.54 -10.23 -3.47
CA ALA K 125 -15.89 -9.75 -3.26
C ALA K 125 -15.95 -8.27 -3.56
N ILE K 126 -17.01 -7.86 -4.26
CA ILE K 126 -17.23 -6.46 -4.61
C ILE K 126 -18.65 -6.09 -4.19
N ALA K 127 -18.79 -4.94 -3.53
CA ALA K 127 -20.08 -4.46 -3.08
C ALA K 127 -20.75 -3.71 -4.23
N GLU K 128 -21.84 -4.28 -4.76
CA GLU K 128 -22.58 -3.60 -5.81
C GLU K 128 -23.30 -2.36 -5.26
N LYS K 129 -23.67 -2.37 -3.99
CA LYS K 129 -24.26 -1.22 -3.31
C LYS K 129 -23.35 -0.86 -2.14
N TYR K 130 -22.36 -0.02 -2.41
CA TYR K 130 -21.38 0.36 -1.40
C TYR K 130 -21.59 1.81 -1.00
N SER K 131 -21.23 2.11 0.25
CA SER K 131 -21.34 3.46 0.80
C SER K 131 -20.12 3.71 1.68
N ILE K 132 -19.18 4.47 1.16
CA ILE K 132 -17.91 4.72 1.85
C ILE K 132 -18.05 5.99 2.69
N SER K 133 -17.60 5.91 3.94
CA SER K 133 -17.62 7.05 4.84
C SER K 133 -16.27 7.18 5.54
N GLN K 134 -15.96 8.41 5.95
CA GLN K 134 -14.72 8.73 6.62
C GLN K 134 -15.03 9.22 8.04
N ARG K 135 -14.18 8.85 8.99
CA ARG K 135 -14.37 9.26 10.39
C ARG K 135 -12.99 9.49 11.00
N THR K 136 -12.57 10.75 11.03
CA THR K 136 -11.32 11.10 11.67
C THR K 136 -11.47 11.06 13.19
N MET K 137 -10.39 10.67 13.87
CA MET K 137 -10.40 10.55 15.31
C MET K 137 -9.05 10.99 15.86
N VAL K 138 -9.05 12.04 16.68
CA VAL K 138 -7.83 12.45 17.37
C VAL K 138 -7.41 11.37 18.36
N ALA K 139 -8.25 11.09 19.34
CA ALA K 139 -8.12 9.93 20.21
C ALA K 139 -6.77 9.90 20.91
N ILE K 140 -6.55 10.90 21.78
CA ILE K 140 -5.34 10.96 22.58
C ILE K 140 -5.68 11.66 23.89
N ASN K 141 -5.38 10.99 25.00
CA ASN K 141 -5.56 11.57 26.32
C ASN K 141 -4.45 11.06 27.23
N ARG K 142 -4.11 11.84 28.23
CA ARG K 142 -2.97 11.57 29.08
C ARG K 142 -3.36 11.88 30.52
N VAL K 143 -2.35 12.03 31.37
CA VAL K 143 -2.57 12.45 32.75
C VAL K 143 -3.32 13.78 32.79
N PHE K 144 -2.96 14.71 31.91
CA PHE K 144 -3.65 16.00 31.88
C PHE K 144 -5.08 15.85 31.36
N GLY K 145 -5.27 15.06 30.31
CA GLY K 145 -6.58 14.81 29.75
C GLY K 145 -6.91 15.54 28.47
N GLY K 146 -5.98 16.30 27.90
CA GLY K 146 -6.20 16.96 26.64
C GLY K 146 -5.90 16.05 25.46
N GLN K 147 -5.85 16.66 24.29
CA GLN K 147 -5.53 15.94 23.05
C GLN K 147 -4.19 16.43 22.53
N MET K 148 -3.26 15.50 22.34
CA MET K 148 -1.97 15.82 21.73
C MET K 148 -2.11 15.85 20.22
N PRO K 149 -1.75 16.94 19.55
CA PRO K 149 -1.94 17.00 18.09
C PRO K 149 -1.16 15.95 17.33
N GLY K 150 -0.08 15.42 17.90
CA GLY K 150 0.70 14.41 17.20
C GLY K 150 -0.10 13.16 16.91
N HIS K 151 -0.89 12.71 17.88
CA HIS K 151 -1.71 11.51 17.72
C HIS K 151 -3.06 11.92 17.14
N LEU K 152 -3.17 11.88 15.81
CA LEU K 152 -4.41 12.20 15.13
C LEU K 152 -4.43 11.44 13.81
N TYR K 153 -5.52 10.73 13.56
CA TYR K 153 -5.59 9.88 12.38
C TYR K 153 -7.02 9.86 11.88
N THR K 154 -7.17 9.60 10.58
CA THR K 154 -8.47 9.50 9.93
C THR K 154 -8.55 8.17 9.20
N LEU K 155 -9.75 7.59 9.20
CA LEU K 155 -9.98 6.29 8.60
C LEU K 155 -11.24 6.35 7.73
N ASP K 156 -11.30 5.47 6.73
CA ASP K 156 -12.41 5.41 5.80
C ASP K 156 -13.12 4.08 5.96
N TYR K 157 -14.44 4.13 6.10
CA TYR K 157 -15.25 2.95 6.40
C TYR K 157 -16.33 2.77 5.35
N VAL K 158 -16.58 1.51 4.98
CA VAL K 158 -17.75 1.16 4.18
C VAL K 158 -18.92 0.99 5.14
N ASP K 159 -19.98 1.76 4.90
CA ASP K 159 -21.11 1.77 5.83
C ASP K 159 -21.86 0.43 5.77
N PRO K 160 -22.45 0.01 6.90
CA PRO K 160 -23.23 -1.23 6.88
C PRO K 160 -24.40 -1.14 5.93
N GLY K 161 -24.73 -2.28 5.32
CA GLY K 161 -25.77 -2.32 4.33
C GLY K 161 -25.19 -2.38 2.92
N SER K 162 -23.99 -2.92 2.81
CA SER K 162 -23.32 -3.11 1.53
C SER K 162 -23.15 -4.60 1.30
N GLU K 163 -23.68 -5.10 0.20
CA GLU K 163 -23.69 -6.53 -0.11
C GLU K 163 -22.57 -6.83 -1.10
N PHE K 164 -21.69 -7.75 -0.72
CA PHE K 164 -20.54 -8.11 -1.53
C PHE K 164 -20.80 -9.42 -2.28
N SER K 165 -20.47 -9.44 -3.56
CA SER K 165 -20.61 -10.64 -4.37
C SER K 165 -19.59 -11.67 -3.90
N PHE K 166 -20.07 -12.72 -3.25
CA PHE K 166 -19.22 -13.73 -2.64
C PHE K 166 -19.39 -15.07 -3.35
N MET K 167 -18.27 -15.68 -3.73
CA MET K 167 -18.29 -17.00 -4.35
C MET K 167 -17.13 -17.83 -3.80
N MET K 168 -17.42 -19.07 -3.41
CA MET K 168 -16.42 -19.97 -2.88
C MET K 168 -16.63 -21.35 -3.48
N MET K 169 -15.53 -22.03 -3.80
CA MET K 169 -15.57 -23.35 -4.42
C MET K 169 -14.81 -24.36 -3.57
N ILE K 170 -15.36 -25.56 -3.46
CA ILE K 170 -14.78 -26.64 -2.68
C ILE K 170 -14.71 -27.88 -3.56
N TYR K 171 -13.58 -28.59 -3.49
CA TYR K 171 -13.33 -29.74 -4.33
C TYR K 171 -13.33 -31.02 -3.51
N ASN K 172 -14.03 -32.03 -4.00
CA ASN K 172 -14.04 -33.37 -3.41
C ASN K 172 -14.46 -33.34 -1.94
N LEU K 173 -15.51 -32.57 -1.64
CA LEU K 173 -16.11 -32.57 -0.32
C LEU K 173 -17.62 -32.41 -0.49
N ASN K 174 -18.37 -33.42 -0.05
CA ASN K 174 -19.82 -33.40 -0.16
C ASN K 174 -20.40 -32.67 1.05
N LEU K 175 -20.53 -31.35 0.94
CA LEU K 175 -21.14 -30.58 2.01
C LEU K 175 -22.59 -30.95 2.22
N ILE K 176 -23.24 -31.55 1.23
CA ILE K 176 -24.65 -31.91 1.34
C ILE K 176 -24.77 -33.39 1.64
N GLU K 177 -24.21 -34.23 0.76
CA GLU K 177 -24.33 -35.67 0.94
C GLU K 177 -23.55 -36.14 2.16
N GLY K 178 -22.50 -35.42 2.52
CA GLY K 178 -21.63 -35.83 3.60
C GLY K 178 -20.45 -36.66 3.10
N GLU K 179 -19.45 -36.80 3.97
CA GLU K 179 -18.27 -37.55 3.60
C GLU K 179 -17.93 -38.59 4.66
N LYS K 180 -16.81 -39.27 4.49
CA LYS K 180 -16.37 -40.31 5.41
C LYS K 180 -14.88 -40.11 5.73
N ASP K 181 -14.45 -40.72 6.82
CA ASP K 181 -13.04 -40.73 7.24
C ASP K 181 -12.61 -39.28 7.49
N TRP K 182 -11.38 -38.90 7.13
CA TRP K 182 -10.91 -37.55 7.34
C TRP K 182 -11.75 -36.54 6.58
N LYS K 183 -12.25 -36.92 5.41
CA LYS K 183 -13.11 -36.03 4.66
C LYS K 183 -14.36 -35.67 5.44
N ALA K 184 -14.86 -36.61 6.26
CA ALA K 184 -16.01 -36.31 7.11
C ALA K 184 -15.68 -35.19 8.10
N LYS K 185 -14.51 -35.27 8.74
CA LYS K 185 -14.12 -34.22 9.66
C LYS K 185 -13.92 -32.90 8.95
N SER K 186 -13.34 -32.93 7.75
CA SER K 186 -13.15 -31.70 7.00
C SER K 186 -14.49 -31.06 6.65
N VAL K 187 -15.45 -31.88 6.21
CA VAL K 187 -16.78 -31.36 5.89
C VAL K 187 -17.45 -30.81 7.13
N GLU K 188 -17.28 -31.49 8.27
CA GLU K 188 -17.84 -30.99 9.51
C GLU K 188 -17.25 -29.63 9.88
N ALA K 189 -15.94 -29.47 9.72
CA ALA K 189 -15.30 -28.20 10.01
C ALA K 189 -15.80 -27.11 9.07
N LEU K 190 -15.97 -27.44 7.79
CA LEU K 190 -16.51 -26.46 6.84
C LEU K 190 -17.92 -26.07 7.21
N LYS K 191 -18.74 -27.04 7.61
CA LYS K 191 -20.10 -26.76 8.04
C LYS K 191 -20.10 -25.86 9.27
N PHE K 192 -19.20 -26.11 10.20
CA PHE K 192 -19.08 -25.26 11.39
C PHE K 192 -18.72 -23.83 10.99
N LEU K 193 -17.76 -23.69 10.09
CA LEU K 193 -17.34 -22.35 9.65
C LEU K 193 -18.49 -21.63 8.95
N LEU K 194 -19.20 -22.33 8.08
CA LEU K 194 -20.32 -21.71 7.37
C LEU K 194 -21.43 -21.30 8.33
N ALA K 195 -21.74 -22.15 9.30
CA ALA K 195 -22.76 -21.80 10.28
C ALA K 195 -22.34 -20.59 11.09
N THR K 196 -21.08 -20.53 11.50
CA THR K 196 -20.59 -19.37 12.24
C THR K 196 -20.69 -18.11 11.40
N LEU K 197 -20.34 -18.21 10.11
CA LEU K 197 -20.42 -17.05 9.24
C LEU K 197 -21.86 -16.59 9.05
N VAL K 198 -22.80 -17.53 8.90
CA VAL K 198 -24.18 -17.16 8.61
C VAL K 198 -24.84 -16.58 9.84
N ARG K 199 -24.72 -17.26 10.99
CA ARG K 199 -25.43 -16.80 12.19
C ARG K 199 -24.65 -15.71 12.92
N GLU K 200 -23.44 -16.03 13.39
CA GLU K 200 -22.72 -15.12 14.26
C GLU K 200 -22.03 -14.01 13.45
N GLY K 201 -21.27 -14.38 12.44
CA GLY K 201 -20.50 -13.41 11.68
C GLY K 201 -19.02 -13.47 12.04
N ILE K 202 -18.21 -12.88 11.18
CA ILE K 202 -16.76 -12.93 11.32
C ILE K 202 -16.21 -11.52 11.18
N PHE K 203 -15.37 -11.12 12.14
CA PHE K 203 -14.69 -9.83 12.07
C PHE K 203 -13.51 -9.92 11.12
N VAL K 204 -13.33 -8.90 10.28
CA VAL K 204 -12.22 -8.86 9.33
C VAL K 204 -11.98 -7.43 8.88
N GLY K 205 -10.72 -7.02 8.86
CA GLY K 205 -10.38 -5.70 8.36
C GLY K 205 -9.56 -4.87 9.33
N ALA K 206 -10.13 -3.76 9.80
CA ALA K 206 -9.43 -2.82 10.67
C ALA K 206 -9.42 -3.35 12.10
N ARG K 207 -9.15 -2.45 13.04
CA ARG K 207 -9.19 -2.75 14.46
C ARG K 207 -10.48 -3.50 14.81
N LYS K 208 -10.34 -4.74 15.27
CA LYS K 208 -11.51 -5.52 15.65
C LYS K 208 -12.00 -5.23 17.04
N SER K 209 -11.19 -4.57 17.87
CA SER K 209 -11.65 -4.18 19.20
C SER K 209 -12.83 -3.22 19.09
N VAL K 210 -12.60 -2.05 18.50
CA VAL K 210 -13.71 -1.22 18.08
C VAL K 210 -14.45 -1.97 16.97
N GLY K 211 -15.78 -1.88 16.99
CA GLY K 211 -16.57 -2.71 16.10
C GLY K 211 -16.49 -2.29 14.65
N TYR K 212 -15.32 -2.47 14.05
CA TYR K 212 -15.08 -2.15 12.64
C TYR K 212 -14.84 -3.44 11.88
N GLY K 213 -15.78 -3.81 11.02
CA GLY K 213 -15.62 -4.99 10.20
C GLY K 213 -16.30 -6.20 10.78
N LEU K 214 -17.47 -6.55 10.25
CA LEU K 214 -18.18 -7.75 10.69
C LEU K 214 -19.09 -8.18 9.54
N ILE K 215 -18.66 -9.20 8.82
CA ILE K 215 -19.41 -9.67 7.66
C ILE K 215 -20.36 -10.78 8.10
N LYS K 216 -21.43 -10.94 7.34
CA LYS K 216 -22.42 -11.98 7.60
C LYS K 216 -23.05 -12.39 6.28
N LEU K 217 -23.04 -13.68 5.99
CA LEU K 217 -23.59 -14.17 4.73
C LEU K 217 -25.10 -14.17 4.80
N VAL K 218 -25.75 -13.44 3.90
CA VAL K 218 -27.20 -13.31 3.94
C VAL K 218 -27.87 -14.56 3.40
N ASP K 219 -27.67 -14.84 2.11
CA ASP K 219 -28.28 -16.00 1.47
C ASP K 219 -27.27 -16.61 0.52
N ALA K 220 -27.20 -17.95 0.51
CA ALA K 220 -26.21 -18.65 -0.27
C ALA K 220 -26.87 -19.79 -1.04
N LYS K 221 -26.32 -20.07 -2.22
CA LYS K 221 -26.74 -21.18 -3.05
C LYS K 221 -25.62 -22.18 -3.12
N VAL K 222 -25.90 -23.43 -2.76
CA VAL K 222 -24.93 -24.51 -2.78
C VAL K 222 -25.29 -25.42 -3.95
N SER K 223 -24.42 -25.45 -4.97
CA SER K 223 -24.62 -26.25 -6.16
C SER K 223 -23.59 -27.37 -6.16
N LEU K 224 -24.06 -28.62 -6.06
CA LEU K 224 -23.18 -29.77 -5.99
C LEU K 224 -23.10 -30.44 -7.36
N TYR K 225 -21.88 -30.77 -7.76
CA TYR K 225 -21.62 -31.41 -9.05
C TYR K 225 -20.84 -32.68 -8.83
N LYS K 226 -21.28 -33.77 -9.43
CA LYS K 226 -20.59 -35.05 -9.36
C LYS K 226 -20.11 -35.46 -10.74
N ALA K 227 -18.84 -35.67 -10.86
CA ALA K 227 -18.24 -36.12 -12.10
C ALA K 227 -18.42 -37.63 -12.26
N PRO K 228 -18.46 -38.14 -13.49
CA PRO K 228 -18.41 -37.43 -14.78
C PRO K 228 -19.79 -37.27 -15.39
N ASP K 229 -20.84 -37.52 -14.61
CA ASP K 229 -22.20 -37.52 -15.12
C ASP K 229 -22.89 -36.17 -14.96
N HIS K 230 -22.97 -35.66 -13.73
CA HIS K 230 -23.69 -34.42 -13.46
C HIS K 230 -22.66 -33.30 -13.29
N LEU K 231 -22.25 -32.73 -14.43
CA LEU K 231 -21.38 -31.57 -14.44
C LEU K 231 -21.93 -30.42 -15.26
N VAL K 232 -22.91 -30.66 -16.12
CA VAL K 232 -23.57 -29.59 -16.84
C VAL K 232 -24.44 -28.75 -15.92
N SER K 233 -25.22 -29.41 -15.07
CA SER K 233 -26.10 -28.74 -14.11
C SER K 233 -25.96 -29.43 -12.76
N PRO K 234 -26.05 -28.68 -11.67
CA PRO K 234 -25.92 -29.29 -10.35
C PRO K 234 -27.10 -30.20 -10.05
N VAL K 235 -26.84 -31.27 -9.29
CA VAL K 235 -27.92 -32.17 -8.90
C VAL K 235 -28.86 -31.51 -7.92
N ILE K 236 -28.34 -30.74 -6.97
CA ILE K 236 -29.15 -30.11 -5.94
C ILE K 236 -28.65 -28.69 -5.71
N VAL K 237 -29.59 -27.74 -5.69
CA VAL K 237 -29.30 -26.37 -5.34
C VAL K 237 -30.12 -26.08 -4.08
N LYS K 238 -29.47 -26.11 -2.92
CA LYS K 238 -30.16 -25.98 -1.64
C LYS K 238 -29.63 -24.76 -0.89
N LYS K 239 -30.53 -24.13 -0.14
CA LYS K 239 -30.13 -22.99 0.68
C LYS K 239 -29.12 -23.43 1.74
N LEU K 240 -28.11 -22.58 1.95
CA LEU K 240 -27.08 -22.91 2.93
C LEU K 240 -27.67 -23.00 4.34
N GLU K 241 -28.76 -22.27 4.60
CA GLU K 241 -29.40 -22.34 5.91
C GLU K 241 -29.89 -23.75 6.21
N GLU K 242 -30.48 -24.41 5.21
CA GLU K 242 -30.94 -25.77 5.37
C GLU K 242 -29.81 -26.80 5.31
N VAL K 243 -28.63 -26.39 4.91
CA VAL K 243 -27.48 -27.30 4.88
C VAL K 243 -26.73 -27.29 6.20
N ILE K 244 -26.48 -26.09 6.74
CA ILE K 244 -25.73 -25.99 7.99
C ILE K 244 -26.51 -26.58 9.15
N GLY K 245 -27.82 -26.41 9.17
CA GLY K 245 -28.64 -26.95 10.24
C GLY K 245 -29.65 -27.96 9.75
N THR K 246 -29.48 -29.21 10.16
CA THR K 246 -30.37 -30.28 9.73
C THR K 246 -30.72 -31.22 10.86
N TYR L 4 -11.20 53.05 43.06
CA TYR L 4 -11.73 52.49 41.82
C TYR L 4 -12.35 51.12 42.07
N THR L 5 -12.45 50.75 43.35
CA THR L 5 -13.10 49.50 43.70
C THR L 5 -14.61 49.59 43.50
N PHE L 6 -15.15 50.81 43.38
CA PHE L 6 -16.58 50.97 43.19
C PHE L 6 -17.07 50.30 41.91
N ILE L 7 -16.32 50.46 40.83
CA ILE L 7 -16.72 49.90 39.54
C ILE L 7 -16.22 48.47 39.39
N ASP L 8 -14.97 48.21 39.76
CA ASP L 8 -14.38 46.89 39.62
C ASP L 8 -15.15 45.86 40.44
N LYS L 9 -15.73 44.88 39.77
CA LYS L 9 -16.53 43.84 40.44
C LYS L 9 -15.73 42.59 40.75
N ARG L 10 -14.43 42.55 40.41
CA ARG L 10 -13.65 41.34 40.63
C ARG L 10 -13.56 41.00 42.11
N VAL L 11 -13.31 42.00 42.95
CA VAL L 11 -13.09 41.80 44.38
C VAL L 11 -14.17 42.55 45.14
N ILE L 12 -14.77 41.88 46.12
CA ILE L 12 -15.79 42.47 46.98
C ILE L 12 -15.10 42.80 48.30
N LYS L 13 -14.66 44.06 48.44
CA LYS L 13 -13.96 44.48 49.65
C LYS L 13 -14.89 44.88 50.77
N ARG L 14 -16.18 45.07 50.50
CA ARG L 14 -17.14 45.37 51.55
C ARG L 14 -18.51 44.86 51.12
N THR L 15 -19.37 44.63 52.11
CA THR L 15 -20.73 44.16 51.86
C THR L 15 -21.66 44.83 52.85
N THR L 16 -22.60 45.60 52.33
CA THR L 16 -23.61 46.27 53.16
C THR L 16 -24.97 45.67 52.89
N MET L 17 -25.71 45.41 53.96
CA MET L 17 -27.03 44.78 53.86
C MET L 17 -27.99 45.50 54.77
N ILE L 18 -29.17 45.84 54.25
CA ILE L 18 -30.19 46.54 55.01
C ILE L 18 -31.45 45.66 55.02
N GLU L 19 -31.85 45.21 56.20
CA GLU L 19 -33.09 44.49 56.39
C GLU L 19 -34.05 45.39 57.15
N GLY L 20 -35.20 45.67 56.55
CA GLY L 20 -36.17 46.56 57.17
C GLY L 20 -37.58 46.06 56.99
N ASP L 21 -38.48 46.64 57.76
CA ASP L 21 -39.91 46.37 57.68
C ASP L 21 -40.61 47.57 57.09
N VAL L 22 -41.52 47.31 56.14
CA VAL L 22 -42.26 48.37 55.48
C VAL L 22 -43.70 48.31 55.98
N GLU L 23 -44.13 49.38 56.63
CA GLU L 23 -45.50 49.50 57.15
C GLU L 23 -46.23 50.51 56.30
N THR L 24 -47.40 50.13 55.81
CA THR L 24 -48.16 50.96 54.88
C THR L 24 -48.99 51.98 55.66
N VAL L 25 -48.54 53.23 55.66
CA VAL L 25 -49.31 54.30 56.28
C VAL L 25 -50.59 54.54 55.49
N SER L 26 -50.49 54.56 54.18
CA SER L 26 -51.62 54.69 53.28
C SER L 26 -51.91 53.35 52.60
N PRO L 27 -53.09 53.19 52.01
CA PRO L 27 -53.35 51.96 51.25
C PRO L 27 -52.37 51.81 50.10
N LEU L 28 -52.04 50.57 49.80
CA LEU L 28 -51.06 50.24 48.77
C LEU L 28 -51.69 49.33 47.73
N LYS L 29 -51.40 49.62 46.46
CA LYS L 29 -51.87 48.80 45.34
C LYS L 29 -50.74 48.66 44.33
N ILE L 30 -50.07 47.52 44.34
CA ILE L 30 -49.08 47.18 43.33
C ILE L 30 -49.79 46.45 42.20
N GLY L 31 -49.72 47.01 41.00
CA GLY L 31 -50.45 46.44 39.88
C GLY L 31 -50.06 45.00 39.56
N GLY L 32 -51.06 44.12 39.52
CA GLY L 32 -50.84 42.72 39.24
C GLY L 32 -50.85 42.36 37.77
N GLY L 33 -50.77 43.34 36.88
CA GLY L 33 -50.80 43.12 35.46
C GLY L 33 -52.13 43.44 34.80
N LYS L 34 -53.19 43.62 35.60
CA LYS L 34 -54.54 43.97 35.15
C LYS L 34 -54.96 43.15 33.93
N ASP L 35 -54.47 41.92 33.83
CA ASP L 35 -54.77 41.05 32.71
C ASP L 35 -55.37 39.72 33.13
N ASN L 36 -55.22 39.31 34.38
CA ASN L 36 -55.77 38.05 34.86
C ASN L 36 -55.98 38.14 36.35
N PHE L 37 -56.95 37.36 36.84
CA PHE L 37 -57.20 37.22 38.27
C PHE L 37 -57.25 35.72 38.55
N ASP L 38 -56.08 35.13 38.71
CA ASP L 38 -55.99 33.70 38.94
C ASP L 38 -56.41 33.33 40.37
N PRO L 39 -55.87 33.96 41.41
CA PRO L 39 -56.26 33.60 42.77
C PRO L 39 -57.62 34.18 43.13
N SER L 40 -58.06 33.87 44.36
CA SER L 40 -59.32 34.38 44.88
C SER L 40 -59.12 35.82 45.34
N SER L 41 -59.19 36.73 44.38
CA SER L 41 -58.98 38.15 44.64
C SER L 41 -60.30 38.78 45.08
N LEU L 42 -60.33 40.11 45.14
CA LEU L 42 -61.51 40.86 45.51
C LEU L 42 -62.13 41.61 44.33
N ALA L 43 -61.35 42.45 43.67
CA ALA L 43 -61.80 43.18 42.50
C ALA L 43 -61.21 42.58 41.24
N LYS L 44 -61.67 43.08 40.09
CA LYS L 44 -61.17 42.58 38.81
C LYS L 44 -59.71 42.96 38.62
N ASP L 45 -59.32 44.15 39.07
CA ASP L 45 -57.94 44.62 38.96
C ASP L 45 -57.15 44.09 40.15
N SER L 46 -56.75 42.82 40.04
CA SER L 46 -56.03 42.17 41.13
C SER L 46 -54.62 42.73 41.27
N ILE L 47 -54.14 42.77 42.51
CA ILE L 47 -52.77 43.15 42.79
C ILE L 47 -51.89 41.93 42.64
N LEU L 48 -50.58 42.15 42.55
CA LEU L 48 -49.64 41.05 42.38
C LEU L 48 -49.53 40.27 43.68
N LYS L 49 -49.83 38.97 43.62
CA LYS L 49 -49.81 38.11 44.79
C LYS L 49 -49.11 36.81 44.46
N ASP L 50 -48.60 36.16 45.49
CA ASP L 50 -48.04 34.83 45.36
C ASP L 50 -49.15 33.81 45.16
N VAL L 51 -48.76 32.61 44.73
CA VAL L 51 -49.73 31.53 44.54
C VAL L 51 -50.40 31.15 45.85
N GLU L 52 -49.78 31.48 46.98
CA GLU L 52 -50.41 31.28 48.28
C GLU L 52 -51.27 32.47 48.70
N GLY L 53 -51.45 33.45 47.82
CA GLY L 53 -52.23 34.63 48.13
C GLY L 53 -51.47 35.75 48.79
N ARG L 54 -50.17 35.58 49.01
CA ARG L 54 -49.39 36.63 49.65
C ARG L 54 -49.11 37.75 48.66
N PRO L 55 -49.55 38.97 48.94
CA PRO L 55 -49.33 40.11 48.00
C PRO L 55 -47.94 40.70 48.10
N ILE L 56 -47.00 40.08 47.38
CA ILE L 56 -45.61 40.48 47.46
C ILE L 56 -45.40 41.79 46.69
N ILE L 57 -44.34 42.49 47.04
CA ILE L 57 -43.91 43.72 46.37
C ILE L 57 -42.70 43.37 45.51
N PRO L 58 -42.76 43.53 44.19
CA PRO L 58 -41.63 43.14 43.35
C PRO L 58 -40.40 43.97 43.64
N GLY L 59 -39.23 43.34 43.54
CA GLY L 59 -37.99 44.07 43.63
C GLY L 59 -37.81 45.09 42.52
N SER L 60 -38.42 44.84 41.36
CA SER L 60 -38.35 45.82 40.28
C SER L 60 -38.98 47.13 40.70
N SER L 61 -40.11 47.08 41.41
CA SER L 61 -40.75 48.30 41.88
C SER L 61 -39.85 49.06 42.84
N TRP L 62 -39.20 48.35 43.76
CA TRP L 62 -38.26 49.01 44.66
C TRP L 62 -37.13 49.67 43.88
N LYS L 63 -36.56 48.96 42.91
CA LYS L 63 -35.46 49.52 42.13
C LYS L 63 -35.91 50.76 41.38
N GLY L 64 -37.08 50.71 40.76
CA GLY L 64 -37.57 51.88 40.03
C GLY L 64 -37.83 53.06 40.94
N ILE L 65 -38.45 52.81 42.10
CA ILE L 65 -38.74 53.89 43.04
C ILE L 65 -37.46 54.53 43.52
N PHE L 66 -36.47 53.70 43.89
CA PHE L 66 -35.20 54.24 44.34
C PHE L 66 -34.50 55.03 43.25
N ARG L 67 -34.56 54.51 42.02
CA ARG L 67 -33.88 55.21 40.92
C ARG L 67 -34.54 56.58 40.69
N SER L 68 -35.87 56.62 40.65
CA SER L 68 -36.55 57.89 40.41
C SER L 68 -36.30 58.88 41.54
N THR L 69 -36.34 58.41 42.78
CA THR L 69 -36.07 59.31 43.91
C THR L 69 -34.65 59.85 43.84
N GLY L 70 -33.70 59.00 43.48
CA GLY L 70 -32.34 59.47 43.33
C GLY L 70 -32.18 60.46 42.20
N GLU L 71 -32.93 60.24 41.11
CA GLU L 71 -32.87 61.20 40.00
C GLU L 71 -33.37 62.56 40.49
N ARG L 72 -34.46 62.55 41.23
CA ARG L 72 -34.99 63.81 41.76
C ARG L 72 -33.99 64.47 42.69
N ILE L 73 -33.35 63.68 43.57
CA ILE L 73 -32.42 64.25 44.53
C ILE L 73 -31.23 64.87 43.82
N LEU L 74 -30.66 64.16 42.85
CA LEU L 74 -29.50 64.68 42.13
C LEU L 74 -29.88 65.91 41.30
N ARG L 75 -31.06 65.89 40.69
CA ARG L 75 -31.53 67.07 39.97
C ARG L 75 -31.65 68.27 40.90
N LEU L 76 -32.11 68.02 42.13
CA LEU L 76 -32.15 69.08 43.14
C LEU L 76 -30.75 69.59 43.46
N ARG L 77 -29.79 68.68 43.57
CA ARG L 77 -28.42 69.06 43.90
C ARG L 77 -27.63 69.55 42.69
N ASN L 78 -28.29 69.80 41.56
CA ASN L 78 -27.64 70.32 40.37
C ASN L 78 -26.48 69.42 39.93
N ILE L 79 -26.69 68.12 40.02
CA ILE L 79 -25.70 67.12 39.62
C ILE L 79 -26.24 66.40 38.39
N GLU L 80 -25.46 66.41 37.31
CA GLU L 80 -25.90 65.74 36.09
C GLU L 80 -26.07 64.25 36.34
N VAL L 81 -27.13 63.71 35.75
CA VAL L 81 -27.44 62.27 35.98
C VAL L 81 -28.11 61.71 34.74
N CYS L 82 -27.86 60.46 34.44
CA CYS L 82 -28.42 59.77 33.31
C CYS L 82 -29.88 59.47 33.63
N SER L 83 -30.62 58.98 32.62
CA SER L 83 -32.02 58.57 32.87
C SER L 83 -32.08 57.08 33.19
N GLY L 84 -31.09 56.30 32.76
CA GLY L 84 -31.05 54.85 33.07
C GLY L 84 -32.22 54.10 32.46
N ILE L 85 -32.79 54.62 31.37
CA ILE L 85 -33.96 53.95 30.78
C ILE L 85 -33.98 54.22 29.29
N GLY L 86 -34.45 53.27 28.51
CA GLY L 86 -34.49 53.45 27.08
C GLY L 86 -33.10 53.57 26.49
N LYS L 87 -32.99 54.36 25.43
CA LYS L 87 -31.71 54.63 24.77
C LYS L 87 -31.04 55.88 25.29
N ASP L 88 -31.42 56.27 26.51
CA ASP L 88 -30.90 57.53 27.09
C ASP L 88 -30.09 57.34 28.37
N TYR L 89 -28.84 56.93 28.23
CA TYR L 89 -27.95 56.83 29.41
C TYR L 89 -26.71 57.63 29.04
N CYS L 90 -25.98 58.14 30.01
CA CYS L 90 -24.91 59.07 29.70
C CYS L 90 -23.72 58.38 29.03
N LEU L 91 -23.70 57.05 29.01
CA LEU L 91 -22.79 56.37 28.10
C LEU L 91 -23.14 56.68 26.65
N ASN L 92 -24.44 56.62 26.32
CA ASN L 92 -24.87 57.01 24.98
C ASN L 92 -24.84 58.52 24.81
N ASN L 93 -25.20 59.26 25.87
CA ASN L 93 -25.22 60.72 25.78
C ASN L 93 -23.84 61.29 25.53
N ASN L 94 -22.82 60.73 26.16
CA ASN L 94 -21.45 61.18 25.97
C ASN L 94 -20.81 60.58 24.73
N ARG L 95 -21.52 59.71 24.02
CA ARG L 95 -21.01 59.08 22.79
C ARG L 95 -19.70 58.34 23.06
N LYS L 96 -19.66 57.64 24.19
CA LYS L 96 -18.49 56.87 24.58
C LYS L 96 -18.76 55.37 24.57
N GLU L 97 -19.95 54.97 24.09
CA GLU L 97 -20.31 53.56 24.10
C GLU L 97 -19.39 52.74 23.21
N ARG L 98 -19.07 53.25 22.02
CA ARG L 98 -18.19 52.51 21.11
C ARG L 98 -16.81 52.35 21.71
N ASP L 99 -16.28 53.42 22.32
CA ASP L 99 -14.96 53.34 22.95
C ASP L 99 -14.98 52.35 24.10
N PHE L 100 -16.05 52.34 24.89
CA PHE L 100 -16.15 51.38 25.99
C PHE L 100 -16.22 49.95 25.47
N ASN L 101 -16.97 49.72 24.40
CA ASN L 101 -17.06 48.39 23.83
C ASN L 101 -15.70 47.93 23.30
N SER L 102 -14.96 48.82 22.66
CA SER L 102 -13.62 48.48 22.22
C SER L 102 -12.71 48.17 23.40
N ALA L 103 -12.79 48.98 24.46
CA ALA L 103 -11.93 48.77 25.62
C ALA L 103 -12.28 47.48 26.34
N LEU L 104 -13.53 47.02 26.22
CA LEU L 104 -13.90 45.75 26.83
C LEU L 104 -13.04 44.61 26.29
N LYS L 105 -12.91 44.52 24.97
CA LYS L 105 -11.99 43.55 24.39
C LYS L 105 -10.54 43.95 24.63
N GLU L 106 -10.26 45.24 24.71
CA GLU L 106 -8.91 45.74 24.93
C GLU L 106 -8.60 45.73 26.43
N ASN L 107 -7.54 46.44 26.82
CA ASN L 107 -7.10 46.46 28.20
C ASN L 107 -8.21 46.92 29.14
N VAL L 108 -8.34 46.22 30.27
CA VAL L 108 -9.43 46.50 31.20
C VAL L 108 -9.26 47.85 31.87
N ASP L 109 -8.02 48.31 32.05
CA ASP L 109 -7.79 49.57 32.74
C ASP L 109 -8.40 50.74 31.97
N GLN L 110 -8.31 50.70 30.63
CA GLN L 110 -8.93 51.73 29.82
C GLN L 110 -10.45 51.73 30.00
N ALA L 111 -11.06 50.55 30.04
CA ALA L 111 -12.49 50.47 30.25
C ALA L 111 -12.89 51.01 31.61
N LEU L 112 -12.10 50.67 32.65
CA LEU L 112 -12.39 51.20 33.98
C LEU L 112 -12.26 52.71 34.02
N GLU L 113 -11.23 53.26 33.38
CA GLU L 113 -11.06 54.70 33.35
C GLU L 113 -12.23 55.37 32.63
N ILE L 114 -12.67 54.78 31.52
CA ILE L 114 -13.81 55.34 30.79
C ILE L 114 -15.05 55.30 31.65
N PHE L 115 -15.31 54.16 32.29
CA PHE L 115 -16.53 54.02 33.08
C PHE L 115 -16.48 54.82 34.37
N TRP L 116 -15.30 55.27 34.79
CA TRP L 116 -15.23 56.14 35.96
C TRP L 116 -15.33 57.61 35.59
N ASP L 117 -14.78 58.00 34.43
CA ASP L 117 -14.78 59.41 34.07
C ASP L 117 -16.06 59.81 33.34
N TYR L 118 -16.42 59.08 32.29
CA TYR L 118 -17.60 59.42 31.50
C TYR L 118 -18.76 58.51 31.88
N THR L 119 -19.32 58.78 33.06
CA THR L 119 -20.46 58.02 33.56
C THR L 119 -21.16 58.84 34.63
N CYS L 120 -22.45 58.61 34.81
CA CYS L 120 -23.21 59.24 35.87
C CYS L 120 -23.14 58.38 37.13
N LEU L 121 -23.94 58.73 38.14
CA LEU L 121 -23.94 58.00 39.41
C LEU L 121 -25.07 56.99 39.48
N ASN L 122 -26.29 57.39 39.09
CA ASN L 122 -27.43 56.48 39.22
C ASN L 122 -27.26 55.24 38.34
N CYS L 123 -26.82 55.41 37.10
CA CYS L 123 -26.62 54.27 36.22
C CYS L 123 -25.26 53.62 36.38
N LYS L 124 -24.46 54.07 37.35
CA LYS L 124 -23.29 53.31 37.78
C LYS L 124 -23.50 52.64 39.14
N VAL L 125 -24.55 53.02 39.86
CA VAL L 125 -24.91 52.38 41.12
C VAL L 125 -25.97 51.32 40.91
N PHE L 126 -27.12 51.71 40.35
CA PHE L 126 -28.15 50.74 39.99
C PHE L 126 -27.78 49.94 38.75
N GLY L 127 -26.86 50.42 37.95
CA GLY L 127 -26.42 49.70 36.78
C GLY L 127 -26.94 50.32 35.50
N THR L 128 -26.28 50.00 34.40
CA THR L 128 -26.66 50.49 33.08
C THR L 128 -26.58 49.32 32.11
N MET L 129 -26.64 49.63 30.81
CA MET L 129 -26.56 48.59 29.80
C MET L 129 -25.19 47.91 29.86
N SER L 130 -25.21 46.58 29.84
CA SER L 130 -24.00 45.75 29.83
C SER L 130 -23.14 45.94 31.07
N VAL L 131 -23.67 46.55 32.12
CA VAL L 131 -22.96 46.70 33.39
C VAL L 131 -23.93 46.40 34.52
N ILE L 132 -23.51 45.58 35.46
CA ILE L 132 -24.34 45.21 36.60
C ILE L 132 -24.24 46.30 37.66
N GLY L 133 -25.36 46.60 38.30
CA GLY L 133 -25.36 47.55 39.39
C GLY L 133 -24.75 47.00 40.65
N ALA L 134 -24.30 47.91 41.50
CA ALA L 134 -23.69 47.50 42.77
C ALA L 134 -24.74 47.06 43.78
N VAL L 135 -25.95 47.59 43.68
CA VAL L 135 -26.98 47.34 44.67
C VAL L 135 -27.98 46.32 44.13
N ARG L 136 -28.38 45.39 44.99
CA ARG L 136 -29.40 44.39 44.66
C ARG L 136 -30.63 44.62 45.52
N PHE L 137 -31.78 44.68 44.89
CA PHE L 137 -33.06 44.85 45.58
C PHE L 137 -33.80 43.51 45.58
N LEU L 138 -34.23 43.08 46.75
CA LEU L 138 -35.03 41.88 46.85
C LEU L 138 -36.52 42.25 46.89
N ASP L 139 -37.38 41.23 46.86
CA ASP L 139 -38.81 41.45 46.93
C ASP L 139 -39.21 41.65 48.38
N SER L 140 -40.52 41.75 48.63
CA SER L 140 -41.04 41.94 49.98
C SER L 140 -42.14 40.92 50.24
N LEU L 141 -42.05 40.25 51.39
CA LEU L 141 -43.06 39.28 51.79
C LEU L 141 -43.87 39.85 52.95
N PRO L 142 -45.17 40.03 52.79
CA PRO L 142 -45.97 40.66 53.83
C PRO L 142 -46.04 39.80 55.08
N ILE L 143 -46.23 40.46 56.22
CA ILE L 143 -46.36 39.76 57.49
C ILE L 143 -47.82 39.76 57.91
N SER L 144 -48.35 40.94 58.25
CA SER L 144 -49.77 41.09 58.53
C SER L 144 -50.46 41.77 57.36
N TYR L 145 -50.64 41.01 56.28
CA TYR L 145 -51.26 41.57 55.09
C TYR L 145 -52.77 41.58 55.24
N SER L 146 -53.38 42.70 54.85
CA SER L 146 -54.83 42.84 54.88
C SER L 146 -55.28 43.43 53.55
N LEU L 147 -56.28 42.83 52.94
CA LEU L 147 -56.78 43.25 51.64
C LEU L 147 -58.13 43.92 51.80
N ASN L 148 -58.26 45.12 51.24
CA ASN L 148 -59.51 45.84 51.23
C ASN L 148 -59.70 46.47 49.85
N THR L 149 -60.95 46.67 49.47
CA THR L 149 -61.27 47.19 48.15
C THR L 149 -62.18 48.39 48.27
N ARG L 150 -62.14 49.24 47.24
CA ARG L 150 -63.01 50.40 47.14
C ARG L 150 -63.24 50.69 45.67
N SER L 151 -64.13 51.65 45.40
CA SER L 151 -64.51 51.98 44.04
C SER L 151 -64.48 53.48 43.84
N MET L 152 -64.24 53.90 42.60
CA MET L 152 -64.28 55.29 42.20
C MET L 152 -65.42 55.51 41.22
N ILE L 153 -65.83 56.77 41.09
CA ILE L 153 -66.92 57.16 40.22
C ILE L 153 -66.53 58.41 39.46
N ALA L 154 -66.86 58.45 38.18
CA ALA L 154 -66.60 59.62 37.34
C ALA L 154 -67.81 60.54 37.37
N ILE L 155 -67.58 61.80 37.76
CA ILE L 155 -68.63 62.81 37.84
C ILE L 155 -68.48 63.75 36.66
N SER L 156 -69.56 63.90 35.89
CA SER L 156 -69.54 64.82 34.77
C SER L 156 -69.46 66.27 35.28
N ARG L 157 -68.93 67.14 34.42
CA ARG L 157 -68.73 68.54 34.77
C ARG L 157 -69.79 69.36 34.05
N THR L 158 -70.96 69.49 34.69
CA THR L 158 -72.06 70.35 34.25
C THR L 158 -72.69 69.87 32.95
N GLU L 159 -72.10 68.86 32.30
CA GLU L 159 -72.74 68.29 31.12
C GLU L 159 -73.97 67.48 31.52
N GLY L 160 -73.85 66.73 32.62
CA GLY L 160 -74.97 66.05 33.21
C GLY L 160 -74.85 66.08 34.72
N ALA L 161 -73.91 66.89 35.21
CA ALA L 161 -73.60 66.97 36.63
C ALA L 161 -73.27 65.59 37.19
N VAL L 162 -74.22 65.00 37.92
CA VAL L 162 -74.08 63.62 38.38
C VAL L 162 -74.22 62.69 37.19
N ALA L 163 -73.25 61.81 37.00
CA ALA L 163 -73.22 60.94 35.84
C ALA L 163 -72.43 59.69 36.16
N ARG L 164 -72.46 58.74 35.22
CA ARG L 164 -71.76 57.48 35.39
C ARG L 164 -71.65 56.79 34.03
N ARG L 165 -70.45 56.31 33.72
CA ARG L 165 -70.21 55.55 32.50
C ARG L 165 -69.82 54.12 32.79
N ALA L 166 -68.95 53.89 33.78
CA ALA L 166 -68.56 52.55 34.17
C ALA L 166 -68.13 52.57 35.63
N LEU L 167 -68.76 51.73 36.43
CA LEU L 167 -68.44 51.65 37.86
C LEU L 167 -67.09 50.97 38.02
N VAL L 168 -66.05 51.78 38.23
CA VAL L 168 -64.68 51.28 38.36
C VAL L 168 -64.39 51.05 39.84
N THR L 169 -63.88 49.86 40.16
CA THR L 169 -63.50 49.51 41.51
C THR L 169 -62.06 49.03 41.53
N VAL L 170 -61.39 49.25 42.67
CA VAL L 170 -59.99 48.89 42.81
C VAL L 170 -59.82 48.02 44.05
N GLU L 171 -58.74 47.25 44.05
CA GLU L 171 -58.38 46.39 45.15
C GLU L 171 -56.99 46.77 45.61
N TYR L 172 -56.81 46.94 46.92
CA TYR L 172 -55.54 47.42 47.44
C TYR L 172 -55.10 46.66 48.68
N VAL L 173 -54.00 47.09 49.28
CA VAL L 173 -53.51 46.54 50.54
C VAL L 173 -53.91 47.50 51.65
N ASP L 174 -54.56 46.96 52.68
CA ASP L 174 -55.08 47.80 53.74
C ASP L 174 -53.96 48.42 54.55
N VAL L 175 -54.27 49.54 55.20
CA VAL L 175 -53.30 50.23 56.04
C VAL L 175 -52.96 49.36 57.24
N GLY L 176 -51.67 49.28 57.56
CA GLY L 176 -51.19 48.47 58.67
C GLY L 176 -50.43 47.23 58.26
N SER L 177 -50.39 46.89 56.97
CA SER L 177 -49.63 45.72 56.54
C SER L 177 -48.14 45.96 56.72
N LYS L 178 -47.42 44.89 57.03
CA LYS L 178 -45.98 44.97 57.27
C LYS L 178 -45.27 43.99 56.35
N PHE L 179 -44.31 44.49 55.59
CA PHE L 179 -43.55 43.69 54.65
C PHE L 179 -42.13 43.48 55.17
N SER L 180 -41.31 42.78 54.39
CA SER L 180 -39.91 42.55 54.70
C SER L 180 -39.08 43.18 53.59
N PHE L 181 -38.34 44.22 53.92
CA PHE L 181 -37.53 44.95 52.97
C PHE L 181 -36.06 44.60 53.16
N LYS L 182 -35.43 44.08 52.11
CA LYS L 182 -34.02 43.71 52.14
C LYS L 182 -33.32 44.33 50.95
N MET L 183 -32.35 45.21 51.23
CA MET L 183 -31.53 45.84 50.21
C MET L 183 -30.09 45.43 50.42
N MET L 184 -29.43 44.97 49.35
CA MET L 184 -28.06 44.49 49.42
C MET L 184 -27.18 45.29 48.48
N GLY L 185 -26.01 45.68 48.96
CA GLY L 185 -25.08 46.45 48.16
C GLY L 185 -23.65 45.94 48.27
N TYR L 186 -22.90 45.98 47.17
CA TYR L 186 -21.54 45.48 47.13
C TYR L 186 -20.60 46.60 46.74
N ASN L 187 -19.54 46.79 47.54
CA ASN L 187 -18.51 47.78 47.27
C ASN L 187 -19.11 49.18 47.11
N LEU L 188 -19.71 49.73 48.16
CA LEU L 188 -20.36 51.06 48.01
C LEU L 188 -19.48 52.12 48.67
N PRO L 189 -19.21 53.28 48.02
CA PRO L 189 -18.43 54.33 48.66
C PRO L 189 -19.28 54.78 49.84
N ASN L 190 -18.64 55.25 50.91
CA ASN L 190 -19.44 55.58 52.10
C ASN L 190 -20.48 56.60 51.68
N TYR L 191 -20.09 57.58 50.87
CA TYR L 191 -21.06 58.63 50.53
C TYR L 191 -22.21 57.98 49.79
N ALA L 192 -21.90 56.99 48.96
CA ALA L 192 -23.00 56.42 48.20
C ALA L 192 -23.99 55.85 49.21
N ILE L 193 -23.48 55.21 50.25
CA ILE L 193 -24.42 54.56 51.20
C ILE L 193 -25.31 55.66 51.74
N GLY L 194 -24.73 56.83 51.99
CA GLY L 194 -25.53 57.96 52.47
C GLY L 194 -26.62 58.31 51.49
N TYR L 195 -26.25 58.56 50.25
CA TYR L 195 -27.24 58.88 49.22
C TYR L 195 -28.41 57.91 49.26
N LEU L 196 -28.12 56.62 49.42
CA LEU L 196 -29.19 55.64 49.57
C LEU L 196 -30.01 55.89 50.82
N ILE L 197 -29.35 56.27 51.92
CA ILE L 197 -30.07 56.58 53.14
C ILE L 197 -30.93 57.83 52.96
N THR L 198 -30.45 58.80 52.19
CA THR L 198 -31.25 59.97 51.87
C THR L 198 -32.50 59.58 51.09
N ILE L 199 -32.35 58.67 50.13
CA ILE L 199 -33.51 58.15 49.41
C ILE L 199 -34.48 57.48 50.37
N MET L 200 -33.95 56.69 51.30
CA MET L 200 -34.78 56.03 52.30
C MET L 200 -35.52 57.06 53.14
N LYS L 201 -34.84 58.14 53.53
CA LYS L 201 -35.47 59.18 54.32
C LYS L 201 -36.59 59.86 53.56
N ASN L 202 -36.36 60.16 52.28
CA ASN L 202 -37.40 60.77 51.47
C ASN L 202 -38.60 59.86 51.33
N ILE L 203 -38.36 58.56 51.14
CA ILE L 203 -39.46 57.61 51.04
C ILE L 203 -40.23 57.53 52.35
N HIS L 204 -39.50 57.46 53.46
CA HIS L 204 -40.14 57.31 54.78
C HIS L 204 -40.97 58.54 55.12
N ASP L 205 -40.46 59.73 54.80
CA ASP L 205 -41.19 60.96 55.09
C ASP L 205 -42.41 61.12 54.19
N GLY L 206 -42.55 60.29 53.17
CA GLY L 206 -43.69 60.35 52.28
C GLY L 206 -43.53 61.23 51.07
N PHE L 207 -42.35 61.82 50.85
CA PHE L 207 -42.15 62.66 49.68
C PHE L 207 -42.23 61.88 48.38
N THR L 208 -42.03 60.56 48.43
CA THR L 208 -42.16 59.71 47.26
C THR L 208 -42.97 58.48 47.65
N GLN L 209 -43.94 58.12 46.80
CA GLN L 209 -44.83 57.01 47.07
C GLN L 209 -44.37 55.77 46.31
N VAL L 210 -45.06 54.66 46.54
CA VAL L 210 -44.76 53.40 45.87
C VAL L 210 -46.06 52.79 45.38
N GLY L 211 -46.05 52.30 44.14
CA GLY L 211 -47.21 51.66 43.58
C GLY L 211 -48.10 52.60 42.79
N GLY L 212 -49.21 52.05 42.33
CA GLY L 212 -50.13 52.82 41.53
C GLY L 212 -50.97 53.78 42.35
N HIS L 213 -51.75 54.60 41.64
CA HIS L 213 -52.63 55.59 42.25
C HIS L 213 -51.87 56.51 43.20
N LYS L 214 -50.71 56.98 42.72
CA LYS L 214 -49.88 57.85 43.55
C LYS L 214 -50.59 59.15 43.88
N SER L 215 -51.27 59.76 42.91
CA SER L 215 -51.91 61.04 43.14
C SER L 215 -53.08 60.93 44.11
N ARG L 216 -53.69 59.76 44.23
CA ARG L 216 -54.85 59.57 45.09
C ARG L 216 -54.46 59.15 46.50
N GLY L 217 -53.18 59.10 46.82
CA GLY L 217 -52.74 58.77 48.15
C GLY L 217 -52.56 57.29 48.37
N PHE L 218 -51.80 56.63 47.49
CA PHE L 218 -51.50 55.21 47.61
C PHE L 218 -49.99 55.02 47.62
N GLY L 219 -49.46 54.55 48.73
CA GLY L 219 -48.05 54.22 48.78
C GLY L 219 -47.27 54.83 49.93
N PHE L 220 -47.94 55.61 50.78
CA PHE L 220 -47.26 56.17 51.93
C PHE L 220 -46.82 55.05 52.87
N VAL L 221 -45.52 54.88 53.04
CA VAL L 221 -44.97 53.77 53.80
C VAL L 221 -44.12 54.32 54.94
N LYS L 222 -43.72 53.41 55.82
CA LYS L 222 -42.94 53.78 56.99
C LYS L 222 -42.08 52.59 57.40
N PHE L 223 -40.87 52.86 57.84
CA PHE L 223 -39.93 51.83 58.26
C PHE L 223 -39.87 51.76 59.77
N GLY L 224 -40.10 50.57 60.31
CA GLY L 224 -40.01 50.36 61.75
C GLY L 224 -38.68 49.75 62.14
N LYS L 225 -38.70 48.48 62.53
CA LYS L 225 -37.48 47.77 62.92
C LYS L 225 -36.64 47.52 61.66
N VAL L 226 -35.64 48.36 61.45
CA VAL L 226 -34.78 48.27 60.28
C VAL L 226 -33.35 48.02 60.75
N LYS L 227 -32.70 47.02 60.18
CA LYS L 227 -31.36 46.60 60.56
C LYS L 227 -30.39 46.97 59.45
N PHE L 228 -29.26 47.57 59.83
CA PHE L 228 -28.18 47.90 58.91
C PHE L 228 -26.95 47.09 59.26
N THR L 229 -26.38 46.42 58.27
CA THR L 229 -25.20 45.59 58.46
C THR L 229 -24.13 46.01 57.47
N ASP L 230 -22.91 46.22 57.97
CA ASP L 230 -21.78 46.60 57.14
C ASP L 230 -20.59 45.73 57.49
N LEU L 231 -20.10 44.98 56.52
CA LEU L 231 -18.94 44.12 56.70
C LEU L 231 -17.94 44.41 55.59
N GLY L 232 -16.70 44.68 55.96
CA GLY L 232 -15.64 44.95 55.01
C GLY L 232 -14.96 46.25 55.33
N GLU L 233 -14.24 46.78 54.34
CA GLU L 233 -13.53 48.04 54.51
C GLU L 233 -14.52 49.18 54.71
N LYS L 234 -14.21 50.06 55.65
CA LYS L 234 -15.11 51.18 55.94
C LYS L 234 -15.07 52.23 54.84
N ARG L 235 -13.89 52.81 54.60
CA ARG L 235 -13.73 53.83 53.59
C ARG L 235 -13.35 53.20 52.27
N ILE L 236 -14.08 53.55 51.20
CA ILE L 236 -13.86 52.99 49.87
C ILE L 236 -13.56 54.13 48.92
N GLY L 237 -12.42 54.04 48.24
CA GLY L 237 -12.00 55.08 47.32
C GLY L 237 -11.46 56.30 48.04
N ASP L 238 -10.38 56.87 47.51
CA ASP L 238 -9.77 58.02 48.16
C ASP L 238 -10.70 59.24 48.11
N GLU L 239 -11.51 59.34 47.06
CA GLU L 239 -12.40 60.50 46.94
C GLU L 239 -13.47 60.53 48.02
N ASP L 240 -13.85 59.38 48.56
CA ASP L 240 -14.85 59.34 49.61
C ASP L 240 -14.28 59.93 50.90
N ILE L 241 -15.08 60.74 51.57
CA ILE L 241 -14.65 61.36 52.83
C ILE L 241 -14.81 60.37 53.96
N GLN L 242 -13.79 60.27 54.81
CA GLN L 242 -13.84 59.39 55.95
C GLN L 242 -15.02 59.72 56.85
N VAL L 243 -15.74 58.69 57.26
CA VAL L 243 -16.91 58.83 58.12
C VAL L 243 -16.61 58.12 59.43
N LYS L 244 -16.91 58.78 60.55
CA LYS L 244 -16.70 58.18 61.86
C LYS L 244 -17.47 56.87 61.94
N ASP L 245 -16.81 55.84 62.44
CA ASP L 245 -17.43 54.52 62.52
C ASP L 245 -18.59 54.54 63.50
N VAL L 246 -19.73 54.03 63.04
CA VAL L 246 -20.91 53.87 63.89
C VAL L 246 -21.14 52.43 64.27
N GLY L 247 -20.35 51.51 63.76
CA GLY L 247 -20.50 50.09 64.03
C GLY L 247 -20.90 49.33 62.77
N ASP L 248 -20.86 48.01 62.92
CA ASP L 248 -21.25 47.10 61.85
C ASP L 248 -22.71 46.66 61.97
N LEU L 249 -23.41 47.10 63.00
CA LEU L 249 -24.80 46.72 63.20
C LEU L 249 -25.55 47.91 63.77
N VAL L 250 -26.43 48.50 62.97
CA VAL L 250 -27.27 49.61 63.38
C VAL L 250 -28.71 49.17 63.25
N GLU L 251 -29.30 48.73 64.37
CA GLU L 251 -30.65 48.21 64.39
C GLU L 251 -31.52 49.10 65.28
N GLY L 252 -32.71 49.44 64.80
CA GLY L 252 -33.61 50.24 65.59
C GLY L 252 -34.80 50.68 64.75
N ASN L 253 -35.64 51.50 65.37
CA ASN L 253 -36.82 52.02 64.70
C ASN L 253 -36.40 53.10 63.69
N GLY L 254 -37.35 53.49 62.85
CA GLY L 254 -37.03 54.35 61.72
C GLY L 254 -36.40 55.67 62.13
N ASP L 255 -36.96 56.32 63.15
CA ASP L 255 -36.40 57.59 63.60
C ASP L 255 -35.00 57.40 64.18
N GLU L 256 -34.84 56.43 65.07
CA GLU L 256 -33.52 56.16 65.65
C GLU L 256 -32.54 55.71 64.58
N PHE L 257 -33.00 54.88 63.64
CA PHE L 257 -32.13 54.44 62.56
C PHE L 257 -31.64 55.60 61.71
N PHE L 258 -32.55 56.52 61.37
CA PHE L 258 -32.16 57.67 60.58
C PHE L 258 -31.22 58.59 61.37
N GLY L 259 -31.48 58.75 62.67
CA GLY L 259 -30.58 59.53 63.48
C GLY L 259 -29.18 58.95 63.54
N ARG L 260 -29.09 57.62 63.62
CA ARG L 260 -27.79 56.97 63.63
C ARG L 260 -27.12 57.01 62.26
N MET L 261 -27.91 57.00 61.19
CA MET L 261 -27.37 57.10 59.83
C MET L 261 -27.04 58.53 59.44
N LYS L 262 -27.45 59.52 60.23
CA LYS L 262 -27.14 60.91 59.96
C LYS L 262 -25.69 61.16 59.54
N PRO L 263 -24.67 60.52 60.12
CA PRO L 263 -23.31 60.73 59.59
C PRO L 263 -23.19 60.38 58.12
N PHE L 264 -23.84 59.32 57.66
CA PHE L 264 -23.76 58.95 56.25
C PHE L 264 -24.39 60.02 55.36
N MET L 265 -25.57 60.49 55.74
CA MET L 265 -26.23 61.53 54.95
C MET L 265 -25.41 62.82 54.94
N GLU L 266 -24.86 63.20 56.09
CA GLU L 266 -24.04 64.40 56.15
C GLU L 266 -22.79 64.26 55.31
N ALA L 267 -22.17 63.08 55.32
CA ALA L 267 -21.01 62.85 54.48
C ALA L 267 -21.37 62.95 53.01
N PHE L 268 -22.50 62.36 52.62
CA PHE L 268 -22.93 62.43 51.23
C PHE L 268 -23.19 63.87 50.80
N ASN L 269 -23.84 64.65 51.67
CA ASN L 269 -24.06 66.06 51.36
C ASN L 269 -22.75 66.80 51.24
N ASN L 270 -21.82 66.55 52.14
CA ASN L 270 -20.51 67.20 52.13
C ASN L 270 -19.49 66.39 51.34
N ALA L 271 -19.84 66.04 50.10
CA ALA L 271 -18.92 65.30 49.25
C ALA L 271 -19.22 65.65 47.79
N LYS L 272 -18.16 65.98 47.07
CA LYS L 272 -18.26 66.30 45.65
C LYS L 272 -18.09 65.02 44.83
N ILE L 273 -18.99 64.82 43.88
CA ILE L 273 -19.01 63.62 43.07
C ILE L 273 -18.50 63.98 41.68
N PRO L 274 -17.30 63.56 41.31
CA PRO L 274 -16.76 63.90 40.00
C PRO L 274 -17.14 62.91 38.91
N TYR L 275 -18.14 62.07 39.18
CA TYR L 275 -18.48 61.02 38.22
C TYR L 275 -18.85 61.57 36.85
N PRO L 276 -19.79 62.51 36.70
CA PRO L 276 -20.06 63.05 35.37
C PRO L 276 -18.86 63.84 34.85
N LYS L 277 -18.66 63.79 33.55
CA LYS L 277 -17.57 64.53 32.95
C LYS L 277 -17.91 66.02 32.92
N LYS L 278 -16.97 66.85 33.37
CA LYS L 278 -17.17 68.29 33.37
C LYS L 278 -17.03 68.87 31.97
N TYR M 4 1.70 17.02 41.30
CA TYR M 4 1.52 15.86 42.15
C TYR M 4 0.17 15.20 41.95
N THR M 5 -0.37 14.61 43.01
CA THR M 5 -1.60 13.85 42.90
C THR M 5 -2.77 14.74 42.50
N PHE M 6 -2.74 16.02 42.90
CA PHE M 6 -3.82 16.92 42.56
C PHE M 6 -3.99 17.06 41.06
N ILE M 7 -2.89 17.23 40.34
CA ILE M 7 -2.98 17.37 38.89
C ILE M 7 -2.94 16.01 38.20
N ASP M 8 -2.40 14.98 38.85
CA ASP M 8 -2.31 13.67 38.24
C ASP M 8 -3.66 12.99 38.22
N LYS M 9 -4.16 12.69 37.03
CA LYS M 9 -5.45 12.01 36.88
C LYS M 9 -5.31 10.53 36.56
N ARG M 10 -4.08 10.03 36.44
CA ARG M 10 -3.88 8.61 36.17
C ARG M 10 -4.35 7.75 37.32
N VAL M 11 -4.17 8.22 38.56
CA VAL M 11 -4.56 7.49 39.76
C VAL M 11 -5.61 8.30 40.48
N ILE M 12 -6.72 7.65 40.84
CA ILE M 12 -7.80 8.28 41.58
C ILE M 12 -7.69 7.83 43.02
N LYS M 13 -7.13 8.68 43.87
CA LYS M 13 -6.92 8.36 45.27
C LYS M 13 -8.02 8.89 46.18
N ARG M 14 -8.86 9.78 45.69
CA ARG M 14 -9.92 10.37 46.50
C ARG M 14 -11.10 10.73 45.60
N THR M 15 -12.29 10.34 46.02
CA THR M 15 -13.52 10.71 45.34
C THR M 15 -14.46 11.35 46.34
N THR M 16 -14.96 12.53 46.00
CA THR M 16 -15.89 13.26 46.85
C THR M 16 -17.16 13.56 46.06
N MET M 17 -18.29 13.39 46.73
CA MET M 17 -19.60 13.56 46.10
C MET M 17 -20.46 14.43 47.00
N ILE M 18 -20.85 15.59 46.52
CA ILE M 18 -21.73 16.50 47.24
C ILE M 18 -23.07 16.48 46.51
N GLU M 19 -24.01 15.70 47.03
CA GLU M 19 -25.33 15.55 46.43
C GLU M 19 -26.38 16.08 47.40
N GLY M 20 -27.33 16.84 46.88
CA GLY M 20 -28.36 17.39 47.74
C GLY M 20 -29.42 18.09 46.92
N ASP M 21 -30.46 18.52 47.63
CA ASP M 21 -31.56 19.26 47.03
C ASP M 21 -31.39 20.76 47.25
N VAL M 22 -31.83 21.53 46.27
CA VAL M 22 -31.73 22.99 46.30
C VAL M 22 -33.13 23.57 46.24
N GLU M 23 -33.46 24.42 47.21
CA GLU M 23 -34.75 25.09 47.24
C GLU M 23 -34.60 26.54 46.85
N THR M 24 -35.51 27.01 45.99
CA THR M 24 -35.51 28.38 45.51
C THR M 24 -36.34 29.23 46.44
N VAL M 25 -35.70 30.18 47.14
CA VAL M 25 -36.39 31.14 47.96
C VAL M 25 -36.62 32.46 47.23
N SER M 26 -36.37 32.49 45.93
CA SER M 26 -36.53 33.66 45.09
C SER M 26 -37.05 33.22 43.73
N PRO M 27 -37.72 34.11 43.00
CA PRO M 27 -38.22 33.73 41.67
C PRO M 27 -37.09 33.52 40.68
N LEU M 28 -36.49 32.34 40.73
CA LEU M 28 -35.34 32.03 39.89
C LEU M 28 -35.70 32.03 38.40
N LYS M 29 -34.81 32.61 37.59
CA LYS M 29 -34.92 32.55 36.13
C LYS M 29 -33.52 32.42 35.56
N ILE M 30 -33.23 31.27 34.95
CA ILE M 30 -31.92 31.04 34.37
C ILE M 30 -31.84 31.50 32.91
N GLY M 31 -32.97 31.72 32.26
CA GLY M 31 -32.94 32.16 30.89
C GLY M 31 -32.45 31.08 29.94
N GLY M 32 -31.94 31.51 28.81
CA GLY M 32 -31.45 30.60 27.79
C GLY M 32 -32.43 30.43 26.65
N GLY M 33 -31.94 30.54 25.42
CA GLY M 33 -32.78 30.46 24.25
C GLY M 33 -33.52 31.73 23.90
N LYS M 34 -33.04 32.89 24.33
CA LYS M 34 -33.73 34.15 24.04
C LYS M 34 -33.92 34.37 22.55
N ASP M 35 -32.98 33.94 21.72
CA ASP M 35 -33.09 34.04 20.29
C ASP M 35 -33.75 32.83 19.65
N ASN M 36 -34.13 31.84 20.44
CA ASN M 36 -34.75 30.60 19.94
C ASN M 36 -36.07 30.42 20.67
N PHE M 37 -37.13 31.03 20.13
CA PHE M 37 -38.47 30.89 20.68
C PHE M 37 -39.17 29.70 20.03
N ASP M 38 -38.67 28.51 20.37
CA ASP M 38 -39.27 27.24 19.95
C ASP M 38 -39.47 26.37 21.18
N PRO M 39 -40.34 26.79 22.10
CA PRO M 39 -40.50 26.05 23.35
C PRO M 39 -41.33 24.81 23.19
N SER M 40 -41.76 24.24 24.32
CA SER M 40 -42.70 23.14 24.34
C SER M 40 -44.13 23.64 24.46
N SER M 41 -44.40 24.83 23.91
CA SER M 41 -45.71 25.47 23.98
C SER M 41 -46.07 25.80 25.42
N LEU M 42 -45.11 26.35 26.17
CA LEU M 42 -45.31 26.73 27.57
C LEU M 42 -44.84 28.16 27.75
N ALA M 43 -45.78 29.06 28.03
CA ALA M 43 -45.54 30.50 28.24
C ALA M 43 -44.85 31.03 26.98
N LYS M 44 -43.95 32.00 27.11
CA LYS M 44 -43.32 32.58 25.92
C LYS M 44 -41.81 32.44 25.90
N ASP M 45 -41.13 32.70 27.01
CA ASP M 45 -39.68 32.80 27.03
C ASP M 45 -39.07 31.48 27.48
N SER M 46 -38.15 30.95 26.67
CA SER M 46 -37.45 29.73 27.04
C SER M 46 -36.56 29.96 28.25
N ILE M 47 -36.54 29.00 29.17
CA ILE M 47 -35.74 29.10 30.38
C ILE M 47 -34.84 27.87 30.51
N LEU M 48 -34.44 27.31 29.36
CA LEU M 48 -33.57 26.14 29.32
C LEU M 48 -34.20 24.96 30.06
N LYS M 49 -35.33 24.50 29.51
CA LYS M 49 -36.06 23.38 30.05
C LYS M 49 -36.00 22.21 29.07
N ASP M 50 -36.08 21.00 29.60
CA ASP M 50 -36.04 19.81 28.74
C ASP M 50 -37.34 19.71 27.94
N VAL M 51 -37.35 18.73 27.02
CA VAL M 51 -38.52 18.53 26.18
C VAL M 51 -39.73 18.09 26.99
N GLU M 52 -39.51 17.55 28.20
CA GLU M 52 -40.63 17.16 29.05
C GLU M 52 -41.28 18.35 29.75
N GLY M 53 -40.73 19.55 29.59
CA GLY M 53 -41.27 20.72 30.24
C GLY M 53 -40.70 21.02 31.62
N ARG M 54 -39.62 20.35 32.00
CA ARG M 54 -39.01 20.54 33.31
C ARG M 54 -37.84 21.50 33.19
N PRO M 55 -37.85 22.62 33.90
CA PRO M 55 -36.77 23.62 33.82
C PRO M 55 -35.51 23.22 34.59
N ILE M 56 -34.67 22.43 33.94
CA ILE M 56 -33.43 21.99 34.56
C ILE M 56 -32.45 23.15 34.66
N ILE M 57 -31.70 23.20 35.77
CA ILE M 57 -30.68 24.28 35.97
C ILE M 57 -29.39 23.79 35.34
N PRO M 58 -28.86 24.47 34.33
CA PRO M 58 -27.73 23.96 33.61
C PRO M 58 -26.48 23.78 34.47
N GLY M 59 -25.75 22.71 34.24
CA GLY M 59 -24.49 22.53 34.95
C GLY M 59 -23.54 23.65 34.56
N SER M 60 -23.60 24.07 33.31
CA SER M 60 -22.63 25.08 32.85
C SER M 60 -22.82 26.34 33.69
N SER M 61 -24.06 26.69 33.96
CA SER M 61 -24.30 27.85 34.84
C SER M 61 -23.72 27.56 36.22
N TRP M 62 -23.89 26.35 36.71
CA TRP M 62 -23.40 26.10 38.08
C TRP M 62 -21.90 26.36 38.07
N LYS M 63 -21.21 25.87 37.06
CA LYS M 63 -19.74 26.01 37.04
C LYS M 63 -19.43 27.49 37.02
N GLY M 64 -19.88 28.17 35.98
CA GLY M 64 -19.57 29.59 35.88
C GLY M 64 -19.76 30.31 37.20
N ILE M 65 -20.86 30.02 37.90
CA ILE M 65 -21.10 30.63 39.19
C ILE M 65 -19.98 30.29 40.17
N PHE M 66 -19.62 29.00 40.22
CA PHE M 66 -18.58 28.58 41.15
C PHE M 66 -17.25 29.23 40.83
N ARG M 67 -16.88 29.28 39.55
CA ARG M 67 -15.60 29.89 39.17
C ARG M 67 -15.59 31.37 39.49
N SER M 68 -16.69 32.07 39.21
CA SER M 68 -16.72 33.51 39.50
C SER M 68 -16.61 33.76 41.01
N THR M 69 -17.35 33.00 41.82
CA THR M 69 -17.28 33.19 43.26
C THR M 69 -15.89 32.86 43.79
N GLY M 70 -15.28 31.80 43.27
CA GLY M 70 -13.93 31.46 43.70
C GLY M 70 -12.92 32.52 43.32
N GLU M 71 -13.06 33.09 42.12
CA GLU M 71 -12.17 34.17 41.73
C GLU M 71 -12.33 35.37 42.65
N ARG M 72 -13.57 35.72 43.00
CA ARG M 72 -13.79 36.81 43.94
C ARG M 72 -13.12 36.51 45.28
N ILE M 73 -13.31 35.29 45.80
CA ILE M 73 -12.76 34.94 47.11
C ILE M 73 -11.24 35.00 47.08
N LEU M 74 -10.64 34.41 46.05
CA LEU M 74 -9.18 34.36 45.96
C LEU M 74 -8.59 35.75 45.81
N ARG M 75 -9.21 36.60 44.98
CA ARG M 75 -8.71 37.97 44.86
C ARG M 75 -8.90 38.74 46.15
N LEU M 76 -9.93 38.41 46.94
CA LEU M 76 -10.04 38.99 48.27
C LEU M 76 -8.89 38.55 49.16
N ARG M 77 -8.52 37.27 49.09
CA ARG M 77 -7.43 36.74 49.89
C ARG M 77 -6.06 36.99 49.28
N ASN M 78 -5.97 37.91 48.31
CA ASN M 78 -4.71 38.28 47.68
C ASN M 78 -4.03 37.06 47.05
N ILE M 79 -4.74 36.45 46.10
CA ILE M 79 -4.24 35.31 45.35
C ILE M 79 -4.27 35.66 43.87
N GLU M 80 -3.15 35.45 43.20
CA GLU M 80 -3.02 35.82 41.79
C GLU M 80 -3.89 34.90 40.95
N VAL M 81 -5.07 35.36 40.59
CA VAL M 81 -6.00 34.60 39.75
C VAL M 81 -6.49 35.51 38.63
N CYS M 82 -6.39 35.03 37.40
CA CYS M 82 -6.82 35.78 36.23
C CYS M 82 -8.26 35.42 35.89
N SER M 83 -8.70 35.79 34.68
CA SER M 83 -9.96 35.32 34.16
C SER M 83 -9.78 33.95 33.50
N GLY M 84 -10.87 33.37 33.03
CA GLY M 84 -10.80 32.06 32.39
C GLY M 84 -11.60 31.97 31.13
N ILE M 85 -11.70 33.06 30.38
CA ILE M 85 -12.58 33.15 29.21
C ILE M 85 -11.78 33.09 27.91
N GLY M 86 -10.97 34.10 27.64
CA GLY M 86 -10.14 34.16 26.46
C GLY M 86 -8.67 33.96 26.73
N LYS M 87 -8.30 33.62 27.96
CA LYS M 87 -6.92 33.47 28.36
C LYS M 87 -6.83 32.28 29.31
N ASP M 88 -5.63 32.03 29.81
CA ASP M 88 -5.38 30.95 30.77
C ASP M 88 -4.67 31.52 31.98
N TYR M 89 -4.82 30.83 33.11
CA TYR M 89 -4.08 31.21 34.31
C TYR M 89 -2.59 31.02 34.04
N CYS M 90 -1.86 32.13 33.99
CA CYS M 90 -0.48 32.15 33.52
C CYS M 90 -0.52 31.55 32.11
N LEU M 91 0.31 30.54 31.80
CA LEU M 91 0.30 29.90 30.50
C LEU M 91 0.44 30.94 29.39
N ASN M 92 -0.63 31.18 28.63
CA ASN M 92 -0.59 32.23 27.63
C ASN M 92 -0.43 33.60 28.28
N ASN M 93 -1.09 33.81 29.43
CA ASN M 93 -0.87 35.03 30.18
C ASN M 93 0.57 35.14 30.63
N ASN M 94 1.15 34.04 31.08
CA ASN M 94 2.55 34.02 31.48
C ASN M 94 3.46 33.96 30.27
N ARG M 95 4.75 34.18 30.51
CA ARG M 95 5.74 33.97 29.46
C ARG M 95 5.86 32.48 29.14
N LYS M 96 5.71 31.62 30.13
CA LYS M 96 5.87 30.18 29.98
C LYS M 96 4.57 29.57 29.46
N GLU M 97 4.32 29.78 28.17
CA GLU M 97 3.18 29.15 27.51
C GLU M 97 3.62 27.94 26.68
N ARG M 98 4.53 28.15 25.73
CA ARG M 98 4.96 27.08 24.84
C ARG M 98 5.84 26.07 25.56
N ASP M 99 6.36 26.42 26.74
CA ASP M 99 7.16 25.46 27.50
C ASP M 99 6.32 24.25 27.89
N PHE M 100 5.09 24.49 28.33
CA PHE M 100 4.20 23.38 28.67
C PHE M 100 3.89 22.52 27.44
N ASN M 101 3.65 23.16 26.29
CA ASN M 101 3.39 22.41 25.08
C ASN M 101 4.58 21.55 24.69
N SER M 102 5.79 22.10 24.82
CA SER M 102 6.99 21.33 24.53
C SER M 102 7.13 20.16 25.49
N ALA M 103 6.91 20.39 26.77
CA ALA M 103 7.03 19.32 27.76
C ALA M 103 5.89 18.32 27.68
N LEU M 104 4.83 18.62 26.93
CA LEU M 104 3.77 17.65 26.73
C LEU M 104 4.28 16.40 26.03
N LYS M 105 5.15 16.56 25.03
CA LYS M 105 5.64 15.42 24.27
C LYS M 105 6.50 14.50 25.14
N GLU M 106 7.58 15.03 25.68
CA GLU M 106 8.50 14.25 26.51
C GLU M 106 8.69 14.95 27.85
N ASN M 107 9.25 14.20 28.80
CA ASN M 107 9.46 14.67 30.17
C ASN M 107 8.13 15.08 30.80
N VAL M 108 7.27 14.07 30.97
CA VAL M 108 5.93 14.29 31.49
C VAL M 108 6.00 14.89 32.89
N ASP M 109 6.97 14.46 33.69
CA ASP M 109 7.12 15.03 35.02
C ASP M 109 7.45 16.52 34.95
N GLN M 110 8.26 16.91 33.95
CA GLN M 110 8.56 18.34 33.78
C GLN M 110 7.29 19.13 33.47
N ALA M 111 6.44 18.60 32.60
CA ALA M 111 5.17 19.26 32.32
C ALA M 111 4.30 19.34 33.57
N LEU M 112 4.30 18.26 34.32
CA LEU M 112 3.49 18.27 35.56
C LEU M 112 4.01 19.42 36.39
N GLU M 113 5.33 19.51 36.51
CA GLU M 113 5.88 20.56 37.39
C GLU M 113 5.48 21.90 36.82
N ILE M 114 5.55 22.05 35.51
CA ILE M 114 5.28 23.40 34.96
C ILE M 114 3.86 23.74 35.40
N PHE M 115 2.94 22.79 35.27
CA PHE M 115 1.55 23.15 35.62
C PHE M 115 1.49 23.48 37.10
N TRP M 116 2.14 22.66 37.92
CA TRP M 116 1.97 22.87 39.37
C TRP M 116 2.47 24.25 39.76
N ASP M 117 3.59 24.69 39.21
CA ASP M 117 4.15 25.96 39.71
C ASP M 117 3.69 27.15 38.88
N TYR M 118 2.96 26.93 37.80
CA TYR M 118 2.62 28.12 36.98
C TYR M 118 1.11 28.16 36.68
N THR M 119 0.27 27.93 37.69
CA THR M 119 -1.18 28.00 37.52
C THR M 119 -1.82 28.49 38.81
N CYS M 120 -3.04 28.98 38.69
CA CYS M 120 -3.84 29.39 39.84
C CYS M 120 -4.64 28.20 40.34
N LEU M 121 -5.26 28.38 41.52
CA LEU M 121 -6.03 27.29 42.12
C LEU M 121 -7.21 26.90 41.23
N ASN M 122 -7.91 27.90 40.68
CA ASN M 122 -9.04 27.60 39.82
C ASN M 122 -8.61 26.88 38.55
N CYS M 123 -7.35 27.09 38.14
CA CYS M 123 -6.83 26.31 37.01
C CYS M 123 -6.85 24.82 37.32
N LYS M 124 -6.37 24.45 38.51
CA LYS M 124 -6.31 23.05 38.86
C LYS M 124 -7.67 22.48 39.21
N VAL M 125 -8.58 23.31 39.74
CA VAL M 125 -9.87 22.78 40.16
C VAL M 125 -10.91 22.78 39.05
N PHE M 126 -10.69 23.56 37.99
CA PHE M 126 -11.66 23.67 36.91
C PHE M 126 -11.10 23.41 35.52
N GLY M 127 -9.77 23.40 35.36
CA GLY M 127 -9.18 23.20 34.06
C GLY M 127 -9.16 24.46 33.24
N THR M 128 -8.06 24.70 32.51
CA THR M 128 -7.94 25.90 31.70
C THR M 128 -7.78 25.59 30.23
N MET M 129 -6.81 24.77 29.85
CA MET M 129 -6.52 24.51 28.44
C MET M 129 -5.77 23.19 28.35
N SER M 130 -6.30 22.26 27.54
CA SER M 130 -5.75 20.92 27.38
C SER M 130 -5.67 20.18 28.71
N VAL M 131 -6.42 20.63 29.71
CA VAL M 131 -6.46 20.00 31.02
C VAL M 131 -7.91 19.95 31.48
N ILE M 132 -8.19 19.04 32.41
CA ILE M 132 -9.53 18.85 32.95
C ILE M 132 -9.48 19.14 34.45
N GLY M 133 -10.47 19.89 34.92
CA GLY M 133 -10.51 20.22 36.33
C GLY M 133 -10.77 19.02 37.21
N ALA M 134 -10.36 19.15 38.47
CA ALA M 134 -10.52 18.07 39.43
C ALA M 134 -11.96 17.88 39.88
N VAL M 135 -12.85 18.80 39.53
CA VAL M 135 -14.25 18.72 39.95
C VAL M 135 -15.13 18.63 38.71
N ARG M 136 -16.34 18.10 38.90
CA ARG M 136 -17.30 17.94 37.80
C ARG M 136 -18.69 18.23 38.35
N PHE M 137 -19.39 19.17 37.73
CA PHE M 137 -20.76 19.47 38.11
C PHE M 137 -21.74 18.68 37.25
N LEU M 138 -23.00 18.66 37.69
CA LEU M 138 -24.07 17.98 36.98
C LEU M 138 -25.26 18.92 36.88
N ASP M 139 -26.22 18.56 36.04
CA ASP M 139 -27.43 19.33 35.92
C ASP M 139 -28.34 19.11 37.14
N SER M 140 -29.30 20.00 37.31
CA SER M 140 -30.23 19.94 38.42
C SER M 140 -31.63 19.60 37.90
N LEU M 141 -32.24 18.57 38.47
CA LEU M 141 -33.55 18.13 38.06
C LEU M 141 -34.61 18.71 38.96
N PRO M 142 -35.53 19.52 38.44
CA PRO M 142 -36.61 20.04 39.30
C PRO M 142 -37.46 18.91 39.84
N ILE M 143 -37.88 19.06 41.09
CA ILE M 143 -38.73 18.06 41.72
C ILE M 143 -40.12 18.64 41.93
N SER M 144 -40.22 19.69 42.73
CA SER M 144 -41.48 20.40 42.94
C SER M 144 -41.43 21.77 42.27
N TYR M 145 -41.28 21.77 40.94
CA TYR M 145 -41.17 23.03 40.24
C TYR M 145 -42.56 23.61 39.96
N SER M 146 -42.61 24.94 39.91
CA SER M 146 -43.83 25.66 39.59
C SER M 146 -43.47 26.90 38.79
N LEU M 147 -44.11 27.07 37.65
CA LEU M 147 -43.80 28.16 36.75
C LEU M 147 -44.79 29.30 36.94
N ASN M 148 -44.28 30.52 36.81
CA ASN M 148 -45.10 31.71 36.98
C ASN M 148 -44.47 32.84 36.18
N THR M 149 -45.30 33.62 35.51
CA THR M 149 -44.85 34.73 34.70
C THR M 149 -44.93 36.04 35.47
N ARG M 150 -44.27 37.06 34.93
CA ARG M 150 -44.34 38.41 35.46
C ARG M 150 -43.98 39.37 34.34
N SER M 151 -44.70 40.48 34.29
CA SER M 151 -44.50 41.47 33.25
C SER M 151 -43.98 42.76 33.85
N MET M 152 -42.88 43.26 33.29
CA MET M 152 -42.31 44.54 33.64
C MET M 152 -42.53 45.54 32.52
N ILE M 153 -43.69 45.43 31.85
CA ILE M 153 -44.08 46.34 30.80
C ILE M 153 -43.99 47.79 31.26
N ALA M 154 -44.09 48.01 32.57
CA ALA M 154 -44.06 49.36 33.11
C ALA M 154 -42.78 50.08 32.73
N ILE M 155 -42.94 51.22 32.06
CA ILE M 155 -41.84 52.14 31.81
C ILE M 155 -41.84 53.30 32.80
N SER M 156 -42.87 53.41 33.64
CA SER M 156 -42.98 54.41 34.68
C SER M 156 -43.00 55.82 34.11
N ARG M 157 -42.87 56.82 34.97
CA ARG M 157 -42.91 58.22 34.54
C ARG M 157 -41.76 58.56 33.60
N THR M 158 -40.71 57.74 33.57
CA THR M 158 -39.55 57.95 32.73
C THR M 158 -38.88 59.29 33.00
N GLU M 159 -39.07 59.80 34.24
CA GLU M 159 -38.54 61.12 34.60
C GLU M 159 -39.05 62.16 33.61
N GLY M 160 -40.31 62.08 33.27
CA GLY M 160 -40.88 62.98 32.28
C GLY M 160 -42.39 62.88 32.20
N ALA M 161 -42.93 62.84 30.99
CA ALA M 161 -44.37 62.76 30.81
C ALA M 161 -44.87 61.36 30.45
N VAL M 162 -44.13 60.62 29.62
CA VAL M 162 -44.62 59.34 29.13
C VAL M 162 -44.61 58.32 30.25
N ALA M 163 -45.73 57.60 30.41
CA ALA M 163 -45.86 56.55 31.41
C ALA M 163 -45.91 55.16 30.82
N ARG M 164 -45.93 55.03 29.49
CA ARG M 164 -45.93 53.72 28.85
C ARG M 164 -45.36 53.88 27.45
N ARG M 165 -44.13 53.38 27.25
CA ARG M 165 -43.50 53.42 25.93
C ARG M 165 -43.18 52.03 25.40
N ALA M 166 -42.57 51.18 26.21
CA ALA M 166 -42.21 49.84 25.80
C ALA M 166 -43.02 48.81 26.60
N LEU M 167 -42.71 47.54 26.37
CA LEU M 167 -43.39 46.45 27.05
C LEU M 167 -42.45 45.26 27.14
N VAL M 168 -42.50 44.56 28.28
CA VAL M 168 -41.66 43.38 28.48
C VAL M 168 -42.30 42.51 29.53
N THR M 169 -42.17 41.19 29.37
CA THR M 169 -42.62 40.23 30.35
C THR M 169 -41.61 39.10 30.43
N VAL M 170 -41.54 38.45 31.59
CA VAL M 170 -40.59 37.38 31.82
C VAL M 170 -41.30 36.19 32.42
N GLU M 171 -40.70 35.01 32.24
CA GLU M 171 -41.17 33.78 32.85
C GLU M 171 -40.07 33.25 33.76
N TYR M 172 -40.38 33.07 35.02
CA TYR M 172 -39.43 32.58 36.00
C TYR M 172 -39.92 31.27 36.60
N VAL M 173 -39.11 30.73 37.49
CA VAL M 173 -39.50 29.58 38.30
C VAL M 173 -39.94 30.11 39.66
N ASP M 174 -41.16 29.77 40.06
CA ASP M 174 -41.70 30.30 41.30
C ASP M 174 -40.92 29.74 42.50
N VAL M 175 -41.02 30.45 43.62
CA VAL M 175 -40.28 30.06 44.81
C VAL M 175 -40.81 28.72 45.33
N GLY M 176 -40.00 28.09 46.16
CA GLY M 176 -40.35 26.81 46.74
C GLY M 176 -40.04 25.61 45.86
N SER M 177 -39.52 25.83 44.66
CA SER M 177 -39.14 24.71 43.81
C SER M 177 -37.91 23.99 44.36
N LYS M 178 -37.78 22.72 44.03
CA LYS M 178 -36.69 21.88 44.53
C LYS M 178 -35.96 21.26 43.35
N PHE M 179 -34.62 21.36 43.38
CA PHE M 179 -33.77 20.82 42.34
C PHE M 179 -32.73 19.90 42.96
N SER M 180 -32.47 18.77 42.31
CA SER M 180 -31.46 17.84 42.77
C SER M 180 -30.09 18.31 42.31
N PHE M 181 -29.20 18.59 43.26
CA PHE M 181 -27.88 19.10 42.97
C PHE M 181 -26.84 18.04 43.31
N LYS M 182 -25.97 17.74 42.34
CA LYS M 182 -24.90 16.77 42.53
C LYS M 182 -23.64 17.26 41.82
N MET M 183 -22.51 17.14 42.50
CA MET M 183 -21.22 17.45 41.92
C MET M 183 -20.18 16.49 42.48
N MET M 184 -19.16 16.21 41.68
CA MET M 184 -18.16 15.21 42.02
C MET M 184 -16.77 15.78 41.79
N GLY M 185 -15.84 15.33 42.63
CA GLY M 185 -14.46 15.78 42.54
C GLY M 185 -13.47 14.64 42.63
N TYR M 186 -12.35 14.78 41.91
CA TYR M 186 -11.33 13.73 41.85
C TYR M 186 -10.01 14.25 42.39
N ASN M 187 -9.42 13.50 43.32
CA ASN M 187 -8.12 13.82 43.90
C ASN M 187 -8.09 15.24 44.46
N LEU M 188 -9.20 15.63 45.09
CA LEU M 188 -9.30 16.96 45.66
C LEU M 188 -8.65 16.98 47.03
N PRO M 189 -7.67 17.85 47.27
CA PRO M 189 -7.08 17.94 48.61
C PRO M 189 -8.05 18.53 49.63
N ASN M 190 -7.67 18.53 50.91
CA ASN M 190 -8.56 19.04 51.93
C ASN M 190 -8.83 20.52 51.74
N TYR M 191 -7.81 21.31 51.40
CA TYR M 191 -8.01 22.75 51.26
C TYR M 191 -8.91 23.06 50.07
N ALA M 192 -8.78 22.30 48.98
CA ALA M 192 -9.66 22.51 47.84
C ALA M 192 -11.11 22.21 48.20
N ILE M 193 -11.34 21.13 48.97
CA ILE M 193 -12.70 20.80 49.39
C ILE M 193 -13.25 21.90 50.30
N GLY M 194 -12.42 22.39 51.22
CA GLY M 194 -12.87 23.48 52.07
C GLY M 194 -13.19 24.74 51.28
N TYR M 195 -12.41 25.01 50.25
CA TYR M 195 -12.67 26.18 49.40
C TYR M 195 -13.97 26.01 48.61
N LEU M 196 -14.24 24.79 48.12
CA LEU M 196 -15.52 24.54 47.48
C LEU M 196 -16.67 24.70 48.45
N ILE M 197 -16.50 24.24 49.69
CA ILE M 197 -17.53 24.40 50.70
C ILE M 197 -17.73 25.88 51.01
N THR M 198 -16.66 26.66 51.02
CA THR M 198 -16.78 28.10 51.22
C THR M 198 -17.58 28.74 50.09
N ILE M 199 -17.32 28.32 48.84
CA ILE M 199 -18.09 28.83 47.72
C ILE M 199 -19.57 28.49 47.89
N MET M 200 -19.85 27.24 48.28
CA MET M 200 -21.22 26.80 48.47
C MET M 200 -21.90 27.60 49.58
N LYS M 201 -21.17 27.88 50.66
CA LYS M 201 -21.73 28.65 51.77
C LYS M 201 -22.00 30.09 51.35
N ASN M 202 -21.12 30.67 50.55
CA ASN M 202 -21.37 32.01 50.04
C ASN M 202 -22.63 32.02 49.19
N ILE M 203 -22.82 30.99 48.37
CA ILE M 203 -24.05 30.88 47.59
C ILE M 203 -25.26 30.75 48.49
N HIS M 204 -25.15 29.91 49.52
CA HIS M 204 -26.27 29.63 50.40
C HIS M 204 -26.69 30.87 51.19
N ASP M 205 -25.72 31.64 51.68
CA ASP M 205 -26.04 32.82 52.48
C ASP M 205 -26.72 33.88 51.64
N GLY M 206 -26.42 33.92 50.35
CA GLY M 206 -27.06 34.89 49.47
C GLY M 206 -26.12 35.96 48.98
N PHE M 207 -24.87 35.92 49.43
CA PHE M 207 -23.88 36.87 48.93
C PHE M 207 -23.64 36.69 47.45
N THR M 208 -23.89 35.50 46.92
CA THR M 208 -23.77 35.22 45.50
C THR M 208 -25.10 34.72 44.99
N GLN M 209 -25.51 35.18 43.82
CA GLN M 209 -26.80 34.84 43.25
C GLN M 209 -26.63 34.27 41.84
N VAL M 210 -27.54 33.36 41.48
CA VAL M 210 -27.52 32.71 40.18
C VAL M 210 -28.84 32.97 39.49
N GLY M 211 -28.80 33.45 38.26
CA GLY M 211 -30.00 33.71 37.50
C GLY M 211 -29.74 34.79 36.47
N GLY M 212 -30.84 35.30 35.92
CA GLY M 212 -30.76 36.33 34.90
C GLY M 212 -30.93 37.74 35.46
N HIS M 213 -31.97 37.96 36.25
CA HIS M 213 -32.23 39.27 36.84
C HIS M 213 -31.70 39.33 38.27
N LYS M 214 -30.38 39.18 38.40
CA LYS M 214 -29.78 39.20 39.72
C LYS M 214 -29.92 40.56 40.37
N SER M 215 -29.81 41.64 39.59
CA SER M 215 -29.93 42.98 40.17
C SER M 215 -31.31 43.24 40.74
N ARG M 216 -32.33 42.59 40.20
CA ARG M 216 -33.69 42.74 40.68
C ARG M 216 -34.05 41.72 41.75
N GLY M 217 -33.09 40.93 42.21
CA GLY M 217 -33.35 39.96 43.25
C GLY M 217 -34.16 38.79 42.78
N PHE M 218 -33.69 38.10 41.74
CA PHE M 218 -34.38 36.95 41.18
C PHE M 218 -33.78 35.62 41.57
N GLY M 219 -32.47 35.53 41.71
CA GLY M 219 -31.85 34.27 42.03
C GLY M 219 -31.36 34.18 43.47
N PHE M 220 -32.06 33.43 44.30
CA PHE M 220 -31.60 33.16 45.65
C PHE M 220 -32.05 31.75 46.00
N VAL M 221 -31.10 30.86 46.24
CA VAL M 221 -31.38 29.46 46.48
C VAL M 221 -30.73 29.04 47.78
N LYS M 222 -31.32 28.02 48.41
CA LYS M 222 -30.82 27.49 49.66
C LYS M 222 -30.90 25.98 49.64
N PHE M 223 -30.08 25.35 50.49
CA PHE M 223 -30.00 23.91 50.58
C PHE M 223 -30.68 23.44 51.86
N GLY M 224 -31.57 22.45 51.73
CA GLY M 224 -32.29 21.94 52.88
C GLY M 224 -31.81 20.57 53.29
N LYS M 225 -31.22 19.82 52.35
CA LYS M 225 -30.75 18.47 52.62
C LYS M 225 -29.68 18.15 51.58
N VAL M 226 -28.43 18.09 52.03
CA VAL M 226 -27.29 17.83 51.15
C VAL M 226 -26.41 16.76 51.79
N LYS M 227 -26.12 15.71 51.03
CA LYS M 227 -25.24 14.64 51.49
C LYS M 227 -23.83 14.86 50.97
N PHE M 228 -22.85 14.54 51.81
CA PHE M 228 -21.44 14.63 51.44
C PHE M 228 -20.80 13.28 51.71
N THR M 229 -20.40 12.59 50.64
CA THR M 229 -19.77 11.27 50.74
C THR M 229 -18.33 11.39 50.26
N ASP M 230 -17.39 10.99 51.11
CA ASP M 230 -15.97 11.01 50.78
C ASP M 230 -15.46 9.57 50.71
N LEU M 231 -14.85 9.22 49.58
CA LEU M 231 -14.28 7.90 49.38
C LEU M 231 -12.85 8.04 48.89
N GLY M 232 -11.93 7.38 49.56
CA GLY M 232 -10.53 7.45 49.19
C GLY M 232 -9.64 7.90 50.34
N GLU M 233 -8.53 8.56 50.00
CA GLU M 233 -7.60 9.02 51.02
C GLU M 233 -8.13 10.30 51.67
N LYS M 234 -7.55 10.65 52.82
CA LYS M 234 -7.97 11.81 53.58
C LYS M 234 -7.21 13.07 53.17
N ARG M 235 -5.92 12.96 52.93
CA ARG M 235 -5.11 14.05 52.41
C ARG M 235 -4.51 13.66 51.07
N ILE M 236 -4.34 14.64 50.19
CA ILE M 236 -3.86 14.37 48.84
C ILE M 236 -2.43 14.84 48.70
N GLY M 237 -2.20 16.14 48.85
CA GLY M 237 -0.87 16.70 48.72
C GLY M 237 -0.21 16.94 50.06
N ASP M 238 1.09 17.25 50.00
CA ASP M 238 1.82 17.62 51.20
C ASP M 238 1.37 18.97 51.75
N GLU M 239 0.76 19.81 50.92
CA GLU M 239 0.25 21.10 51.34
C GLU M 239 -1.08 20.99 52.07
N ASP M 240 -1.71 19.82 52.06
CA ASP M 240 -2.99 19.65 52.73
C ASP M 240 -2.83 19.77 54.23
N ILE M 241 -3.90 20.21 54.89
CA ILE M 241 -3.96 20.31 56.33
C ILE M 241 -4.69 19.08 56.85
N GLN M 242 -4.09 18.38 57.80
CA GLN M 242 -4.71 17.18 58.36
C GLN M 242 -5.96 17.61 59.11
N VAL M 243 -7.11 17.36 58.52
CA VAL M 243 -8.39 17.76 59.11
C VAL M 243 -8.85 16.69 60.06
N LYS M 244 -9.67 17.10 61.03
CA LYS M 244 -10.31 16.14 61.92
C LYS M 244 -11.16 15.18 61.12
N ASP M 245 -11.06 13.89 61.45
CA ASP M 245 -11.78 12.86 60.72
C ASP M 245 -13.27 13.02 61.00
N VAL M 246 -14.00 13.60 60.03
CA VAL M 246 -15.44 13.74 60.15
C VAL M 246 -16.19 12.54 59.62
N GLY M 247 -15.48 11.49 59.20
CA GLY M 247 -16.09 10.33 58.61
C GLY M 247 -16.13 10.41 57.10
N ASP M 248 -17.13 9.73 56.54
CA ASP M 248 -17.33 9.73 55.10
C ASP M 248 -18.69 10.27 54.69
N LEU M 249 -19.75 9.93 55.42
CA LEU M 249 -21.10 10.37 55.10
C LEU M 249 -21.43 11.59 55.95
N VAL M 250 -21.51 12.75 55.31
CA VAL M 250 -21.89 14.00 55.96
C VAL M 250 -23.16 14.51 55.31
N GLU M 251 -24.17 14.78 56.11
CA GLU M 251 -25.47 15.17 55.57
C GLU M 251 -26.20 16.00 56.63
N GLY M 252 -27.49 16.24 56.38
CA GLY M 252 -28.31 17.02 57.29
C GLY M 252 -28.88 18.27 56.65
N ASN M 253 -29.52 19.11 57.45
CA ASN M 253 -30.04 20.37 56.95
C ASN M 253 -28.90 21.31 56.59
N GLY M 254 -29.22 22.32 55.77
CA GLY M 254 -28.18 23.18 55.23
C GLY M 254 -27.35 23.86 56.31
N ASP M 255 -28.01 24.41 57.33
CA ASP M 255 -27.29 25.10 58.39
C ASP M 255 -26.36 24.14 59.13
N GLU M 256 -26.91 23.02 59.59
CA GLU M 256 -26.07 22.04 60.29
C GLU M 256 -25.07 21.38 59.34
N PHE M 257 -25.40 21.30 58.05
CA PHE M 257 -24.44 20.80 57.07
C PHE M 257 -23.21 21.71 57.03
N PHE M 258 -23.41 23.00 56.86
CA PHE M 258 -22.29 23.92 56.82
C PHE M 258 -21.57 24.00 58.16
N GLY M 259 -22.32 23.84 59.26
CA GLY M 259 -21.67 23.72 60.55
C GLY M 259 -20.84 22.46 60.68
N ARG M 260 -21.16 21.41 59.93
CA ARG M 260 -20.37 20.19 59.96
C ARG M 260 -19.08 20.35 59.17
N MET M 261 -19.11 21.09 58.07
CA MET M 261 -17.94 21.30 57.24
C MET M 261 -17.03 22.40 57.75
N LYS M 262 -17.23 22.85 58.98
CA LYS M 262 -16.35 23.86 59.55
C LYS M 262 -14.87 23.47 59.53
N PRO M 263 -14.48 22.23 59.86
CA PRO M 263 -13.05 21.90 59.77
C PRO M 263 -12.47 22.12 58.38
N PHE M 264 -13.23 21.81 57.33
CA PHE M 264 -12.70 21.96 55.97
C PHE M 264 -12.46 23.41 55.62
N MET M 265 -13.43 24.28 55.89
CA MET M 265 -13.26 25.70 55.62
C MET M 265 -12.16 26.29 56.47
N GLU M 266 -12.09 25.90 57.74
CA GLU M 266 -11.04 26.40 58.61
C GLU M 266 -9.66 25.99 58.12
N ALA M 267 -9.52 24.74 57.67
CA ALA M 267 -8.25 24.28 57.11
C ALA M 267 -7.90 25.05 55.84
N PHE M 268 -8.89 25.27 54.97
CA PHE M 268 -8.63 25.99 53.73
C PHE M 268 -8.18 27.42 54.01
N ASN M 269 -8.84 28.09 54.95
CA ASN M 269 -8.41 29.44 55.33
C ASN M 269 -7.02 29.40 55.95
N ASN M 270 -6.75 28.42 56.79
CA ASN M 270 -5.44 28.28 57.42
C ASN M 270 -4.53 27.37 56.58
N ALA M 271 -4.43 27.68 55.29
CA ALA M 271 -3.61 26.89 54.39
C ALA M 271 -2.75 27.82 53.55
N LYS M 272 -1.43 27.65 53.66
CA LYS M 272 -0.50 28.42 52.85
C LYS M 272 -0.48 27.84 51.45
N ILE M 273 -1.05 28.54 50.49
CA ILE M 273 -1.19 28.04 49.14
C ILE M 273 0.11 28.28 48.38
N PRO M 274 0.82 27.24 47.96
CA PRO M 274 2.10 27.44 47.26
C PRO M 274 1.95 28.04 45.88
N TYR M 275 1.09 27.46 45.07
CA TYR M 275 1.03 27.88 43.67
C TYR M 275 0.07 29.04 43.48
N PRO M 276 0.30 29.88 42.48
CA PRO M 276 1.43 29.88 41.55
C PRO M 276 2.70 30.43 42.19
N LYS M 277 3.87 29.93 41.80
CA LYS M 277 5.12 30.42 42.36
C LYS M 277 5.39 31.85 41.93
N LYS M 278 5.17 32.16 40.66
CA LYS M 278 5.44 33.48 40.10
C LYS M 278 6.90 33.87 40.29
N MET N 1 80.98 -31.13 -1.31
CA MET N 1 80.12 -32.25 -1.66
C MET N 1 78.74 -31.75 -2.07
N ILE N 2 78.70 -30.55 -2.65
CA ILE N 2 77.47 -29.88 -2.99
C ILE N 2 77.34 -29.84 -4.51
N ARG N 3 76.17 -30.26 -5.01
CA ARG N 3 75.89 -30.25 -6.44
C ARG N 3 74.49 -29.69 -6.65
N GLY N 4 74.36 -28.75 -7.56
CA GLY N 4 73.08 -28.12 -7.84
C GLY N 4 72.80 -28.04 -9.33
N LYS N 5 71.54 -28.24 -9.68
CA LYS N 5 71.11 -28.26 -11.09
C LYS N 5 70.46 -26.94 -11.44
N LEU N 6 70.85 -26.38 -12.58
CA LEU N 6 70.25 -25.14 -13.08
C LEU N 6 69.04 -25.47 -13.94
N LEU N 7 67.88 -24.94 -13.56
CA LEU N 7 66.64 -25.19 -14.28
C LEU N 7 66.34 -24.02 -15.21
N LEU N 8 65.57 -24.31 -16.25
CA LEU N 8 65.22 -23.33 -17.27
C LEU N 8 63.78 -23.54 -17.69
N PRO N 9 63.10 -22.49 -18.16
CA PRO N 9 63.55 -21.10 -18.31
C PRO N 9 63.32 -20.28 -17.05
N GLU N 10 62.84 -20.91 -15.98
CA GLU N 10 62.62 -20.20 -14.73
C GLU N 10 63.91 -19.75 -14.07
N LYS N 11 65.05 -20.28 -14.49
CA LYS N 11 66.35 -19.91 -13.95
C LYS N 11 66.39 -20.10 -12.44
N LYS N 12 66.21 -21.35 -12.03
CA LYS N 12 66.26 -21.74 -10.63
C LYS N 12 67.30 -22.84 -10.45
N VAL N 13 68.02 -22.78 -9.33
CA VAL N 13 69.04 -23.77 -9.01
C VAL N 13 68.53 -24.62 -7.86
N VAL N 14 68.52 -25.94 -8.07
CA VAL N 14 68.07 -26.90 -7.06
C VAL N 14 69.24 -27.82 -6.74
N PHE N 15 69.52 -27.98 -5.46
CA PHE N 15 70.59 -28.85 -5.01
C PHE N 15 70.04 -30.24 -4.69
N ILE N 16 70.89 -31.25 -4.88
CA ILE N 16 70.48 -32.65 -4.81
C ILE N 16 70.92 -33.22 -3.47
N ASN N 17 70.00 -33.88 -2.78
CA ASN N 17 70.32 -34.52 -1.51
C ASN N 17 71.29 -35.67 -1.74
N GLU N 18 72.44 -35.61 -1.06
CA GLU N 18 73.44 -36.65 -1.22
C GLU N 18 72.95 -37.99 -0.66
N SER N 19 72.16 -37.95 0.42
CA SER N 19 71.63 -39.17 0.99
C SER N 19 70.76 -39.91 -0.01
N GLU N 20 69.95 -39.18 -0.77
CA GLU N 20 69.05 -39.80 -1.73
C GLU N 20 69.81 -40.56 -2.81
N VAL N 21 70.82 -39.92 -3.40
CA VAL N 21 71.57 -40.57 -4.46
C VAL N 21 72.42 -41.72 -3.92
N GLN N 22 72.99 -41.54 -2.72
CA GLN N 22 73.76 -42.62 -2.13
C GLN N 22 72.87 -43.81 -1.76
N SER N 23 71.59 -43.56 -1.49
CA SER N 23 70.66 -44.66 -1.28
C SER N 23 70.29 -45.34 -2.59
N LEU N 24 70.07 -44.56 -3.64
CA LEU N 24 69.68 -45.12 -4.93
C LEU N 24 70.83 -45.81 -5.65
N ARG N 25 72.07 -45.62 -5.21
CA ARG N 25 73.18 -46.36 -5.83
C ARG N 25 72.98 -47.87 -5.71
N LYS N 26 72.48 -48.33 -4.55
CA LYS N 26 72.22 -49.75 -4.37
C LYS N 26 71.21 -50.25 -5.38
N ASP N 27 70.14 -49.49 -5.61
CA ASP N 27 69.14 -49.88 -6.60
C ASP N 27 69.70 -49.85 -8.01
N VAL N 28 70.59 -48.90 -8.31
CA VAL N 28 71.22 -48.86 -9.62
C VAL N 28 72.03 -50.13 -9.86
N VAL N 29 72.83 -50.53 -8.88
CA VAL N 29 73.63 -51.74 -9.02
C VAL N 29 72.74 -52.96 -9.11
N ASP N 30 71.64 -53.00 -8.34
CA ASP N 30 70.72 -54.11 -8.43
C ASP N 30 70.11 -54.22 -9.83
N ALA N 31 69.72 -53.08 -10.40
CA ALA N 31 69.16 -53.10 -11.76
C ALA N 31 70.19 -53.58 -12.76
N LEU N 32 71.44 -53.14 -12.61
CA LEU N 32 72.50 -53.60 -13.51
C LEU N 32 72.67 -55.11 -13.41
N LYS N 33 72.67 -55.64 -12.20
CA LYS N 33 72.80 -57.09 -12.03
C LYS N 33 71.62 -57.82 -12.65
N VAL N 34 70.41 -57.29 -12.47
CA VAL N 34 69.23 -57.91 -13.04
C VAL N 34 69.31 -57.95 -14.56
N PHE N 35 69.73 -56.83 -15.15
CA PHE N 35 69.82 -56.78 -16.61
C PHE N 35 70.91 -57.70 -17.13
N SER N 36 72.03 -57.79 -16.42
CA SER N 36 73.08 -58.73 -16.81
C SER N 36 72.57 -60.16 -16.77
N SER N 37 71.85 -60.52 -15.69
CA SER N 37 71.32 -61.87 -15.59
C SER N 37 70.32 -62.15 -16.71
N LEU N 38 69.47 -61.17 -17.02
CA LEU N 38 68.50 -61.36 -18.10
C LEU N 38 69.20 -61.53 -19.44
N ALA N 39 70.23 -60.74 -19.70
CA ALA N 39 70.98 -60.89 -20.94
C ALA N 39 71.63 -62.26 -21.03
N CYS N 40 72.17 -62.75 -19.90
CA CYS N 40 72.73 -64.10 -19.89
C CYS N 40 71.66 -65.14 -20.16
N GLU N 41 70.47 -64.96 -19.59
CA GLU N 41 69.38 -65.90 -19.82
C GLU N 41 68.98 -65.93 -21.30
N LEU N 42 68.92 -64.76 -21.93
CA LEU N 42 68.52 -64.70 -23.33
C LEU N 42 69.60 -65.18 -24.28
N ALA N 43 70.87 -64.98 -23.94
CA ALA N 43 71.95 -65.37 -24.84
C ALA N 43 72.17 -66.87 -24.87
N ASP N 44 71.73 -67.58 -23.83
CA ASP N 44 71.91 -69.03 -23.73
C ASP N 44 73.39 -69.41 -23.83
N ASN N 45 74.15 -68.93 -22.84
CA ASN N 45 75.58 -69.20 -22.74
C ASN N 45 76.32 -68.71 -23.98
N ASN N 46 75.98 -67.48 -24.40
CA ASN N 46 76.65 -66.81 -25.50
C ASN N 46 77.24 -65.51 -24.98
N GLU N 47 78.30 -65.06 -25.65
CA GLU N 47 79.00 -63.83 -25.25
C GLU N 47 78.65 -62.64 -26.13
N THR N 48 78.64 -62.81 -27.45
CA THR N 48 78.33 -61.69 -28.32
C THR N 48 76.88 -61.26 -28.18
N LYS N 49 75.96 -62.22 -28.21
CA LYS N 49 74.54 -61.90 -28.04
C LYS N 49 74.29 -61.27 -26.68
N ALA N 50 74.91 -61.81 -25.64
CA ALA N 50 74.76 -61.24 -24.31
C ALA N 50 75.32 -59.83 -24.27
N THR N 51 76.43 -59.59 -24.94
CA THR N 51 77.02 -58.25 -24.98
C THR N 51 76.05 -57.26 -25.62
N ASN N 52 75.47 -57.65 -26.76
CA ASN N 52 74.53 -56.76 -27.44
C ASN N 52 73.29 -56.50 -26.57
N ILE N 53 72.76 -57.56 -25.96
CA ILE N 53 71.55 -57.41 -25.15
C ILE N 53 71.84 -56.53 -23.93
N PHE N 54 73.00 -56.71 -23.29
CA PHE N 54 73.34 -55.91 -22.13
C PHE N 54 73.53 -54.45 -22.52
N ALA N 55 74.16 -54.20 -23.68
CA ALA N 55 74.28 -52.83 -24.15
C ALA N 55 72.90 -52.20 -24.37
N ASP N 56 71.98 -52.96 -24.97
CA ASP N 56 70.64 -52.44 -25.20
C ASP N 56 69.93 -52.14 -23.89
N LEU N 57 70.05 -53.04 -22.91
CA LEU N 57 69.40 -52.82 -21.62
C LEU N 57 69.98 -51.62 -20.90
N ILE N 58 71.31 -51.46 -20.94
CA ILE N 58 71.92 -50.30 -20.29
C ILE N 58 71.48 -49.01 -20.98
N SER N 59 71.35 -49.03 -22.31
CA SER N 59 70.79 -47.89 -23.01
C SER N 59 69.35 -47.63 -22.56
N MET N 60 68.56 -48.68 -22.38
CA MET N 60 67.20 -48.53 -21.88
C MET N 60 67.18 -47.87 -20.51
N ILE N 61 68.20 -48.13 -19.69
CA ILE N 61 68.27 -47.48 -18.38
C ILE N 61 68.24 -45.96 -18.54
N TYR N 62 68.96 -45.44 -19.53
CA TYR N 62 69.07 -44.01 -19.72
C TYR N 62 67.96 -43.43 -20.58
N LYS N 63 67.18 -44.28 -21.24
CA LYS N 63 66.04 -43.85 -22.06
C LYS N 63 64.84 -44.69 -21.65
N LEU N 64 64.24 -44.35 -20.52
CA LEU N 64 63.05 -45.07 -20.07
C LEU N 64 61.79 -44.64 -20.82
N PRO N 65 61.50 -43.33 -20.95
CA PRO N 65 60.23 -42.95 -21.60
C PRO N 65 60.10 -43.42 -23.03
N MET N 66 61.20 -43.45 -23.78
CA MET N 66 61.11 -43.90 -25.16
C MET N 66 61.00 -45.41 -25.29
N LEU N 67 61.33 -46.15 -24.24
CA LEU N 67 61.24 -47.59 -24.27
C LEU N 67 60.20 -48.17 -23.32
N ILE N 68 59.76 -47.40 -22.33
CA ILE N 68 58.72 -47.82 -21.40
C ILE N 68 57.62 -46.78 -21.41
N SER N 69 56.38 -47.22 -21.57
CA SER N 69 55.26 -46.29 -21.62
C SER N 69 55.03 -45.65 -20.25
N TYR N 70 54.17 -44.63 -20.24
CA TYR N 70 53.82 -43.96 -18.99
C TYR N 70 53.18 -44.93 -18.02
N VAL N 71 52.28 -45.77 -18.50
CA VAL N 71 51.65 -46.82 -17.70
C VAL N 71 52.08 -48.16 -18.29
N PRO N 72 52.84 -48.98 -17.56
CA PRO N 72 53.24 -50.29 -18.09
C PRO N 72 52.02 -51.15 -18.39
N SER N 73 52.10 -51.89 -19.49
CA SER N 73 51.01 -52.75 -19.92
C SER N 73 51.56 -54.12 -20.27
N ASP N 74 50.89 -55.17 -19.80
CA ASP N 74 51.25 -56.53 -20.17
C ASP N 74 50.92 -56.86 -21.61
N LYS N 75 50.20 -55.98 -22.31
CA LYS N 75 49.83 -56.17 -23.70
C LYS N 75 50.51 -55.11 -24.55
N LEU N 76 51.04 -55.52 -25.68
CA LEU N 76 51.72 -54.60 -26.60
C LEU N 76 50.68 -53.65 -27.18
N SER N 77 50.70 -52.41 -26.71
CA SER N 77 49.69 -51.44 -27.13
C SER N 77 50.32 -50.12 -27.57
N THR N 78 51.51 -49.82 -27.05
CA THR N 78 52.15 -48.57 -27.39
C THR N 78 53.34 -48.80 -28.30
N PRO N 79 53.70 -47.82 -29.13
CA PRO N 79 54.88 -47.98 -29.98
C PRO N 79 56.16 -48.22 -29.20
N HIS N 80 56.23 -47.71 -27.96
CA HIS N 80 57.44 -47.90 -27.16
C HIS N 80 57.64 -49.35 -26.80
N GLU N 81 56.57 -50.08 -26.49
CA GLU N 81 56.69 -51.50 -26.20
C GLU N 81 57.17 -52.27 -27.43
N TYR N 82 56.65 -51.92 -28.61
CA TYR N 82 57.11 -52.55 -29.84
C TYR N 82 58.59 -52.25 -30.08
N PHE N 83 59.01 -51.01 -29.82
CA PHE N 83 60.41 -50.66 -29.99
C PHE N 83 61.30 -51.45 -29.05
N PHE N 84 60.88 -51.58 -27.79
CA PHE N 84 61.65 -52.37 -26.84
C PHE N 84 61.76 -53.83 -27.28
N ALA N 85 60.63 -54.40 -27.72
CA ALA N 85 60.65 -55.79 -28.17
C ALA N 85 61.56 -55.96 -29.37
N TYR N 86 61.53 -55.01 -30.31
CA TYR N 86 62.37 -55.10 -31.49
C TYR N 86 63.85 -55.02 -31.13
N ILE N 87 64.22 -54.00 -30.33
CA ILE N 87 65.62 -53.86 -29.99
C ILE N 87 66.12 -55.02 -29.14
N VAL N 88 65.23 -55.69 -28.41
CA VAL N 88 65.64 -56.86 -27.65
C VAL N 88 65.84 -58.05 -28.57
N PHE N 89 64.84 -58.37 -29.39
CA PHE N 89 64.83 -59.62 -30.13
C PHE N 89 65.54 -59.54 -31.47
N ARG N 90 66.03 -58.37 -31.88
CA ARG N 90 66.74 -58.29 -33.16
C ARG N 90 68.01 -59.12 -33.14
N HIS N 91 68.74 -59.13 -32.02
CA HIS N 91 69.91 -59.98 -31.90
C HIS N 91 69.54 -61.43 -31.66
N LEU N 92 68.36 -61.69 -31.11
CA LEU N 92 67.94 -63.07 -30.87
C LEU N 92 67.81 -63.84 -32.18
N VAL N 93 67.23 -63.21 -33.19
CA VAL N 93 67.02 -63.87 -34.48
C VAL N 93 68.29 -63.77 -35.32
N GLU N 94 68.55 -64.84 -36.08
CA GLU N 94 69.65 -64.85 -37.03
C GLU N 94 69.24 -64.36 -38.41
N ASP N 95 67.96 -64.10 -38.62
CA ASP N 95 67.44 -63.61 -39.90
C ASP N 95 66.78 -62.26 -39.71
N SER N 96 67.01 -61.36 -40.65
CA SER N 96 66.46 -60.02 -40.56
C SER N 96 64.94 -60.04 -40.68
N MET N 97 64.30 -59.15 -39.93
CA MET N 97 62.85 -59.03 -40.03
C MET N 97 62.49 -58.35 -41.34
N PRO N 98 61.58 -58.93 -42.13
CA PRO N 98 61.21 -58.31 -43.41
C PRO N 98 60.45 -57.01 -43.19
N SER N 99 61.02 -55.91 -43.68
CA SER N 99 60.43 -54.59 -43.52
C SER N 99 59.51 -54.20 -44.67
N ASN N 100 59.43 -55.01 -45.73
CA ASN N 100 58.58 -54.69 -46.86
C ASN N 100 57.11 -54.74 -46.51
N ASP N 101 56.73 -55.52 -45.50
CA ASP N 101 55.34 -55.63 -45.06
C ASP N 101 55.21 -55.07 -43.65
N ILE N 102 54.22 -54.22 -43.45
CA ILE N 102 53.97 -53.65 -42.13
C ILE N 102 53.10 -54.58 -41.28
N ALA N 103 52.11 -55.22 -41.89
CA ALA N 103 51.29 -56.18 -41.16
C ALA N 103 52.13 -57.33 -40.65
N LYS N 104 53.00 -57.88 -41.49
CA LYS N 104 53.87 -58.97 -41.06
C LYS N 104 54.85 -58.50 -39.99
N LEU N 105 55.33 -57.26 -40.12
CA LEU N 105 56.24 -56.72 -39.11
C LEU N 105 55.56 -56.64 -37.75
N LEU N 106 54.34 -56.11 -37.72
CA LEU N 106 53.60 -56.03 -36.46
C LEU N 106 53.30 -57.41 -35.91
N GLU N 107 52.96 -58.35 -36.79
CA GLU N 107 52.70 -59.72 -36.35
C GLU N 107 53.95 -60.34 -35.73
N ILE N 108 55.11 -60.11 -36.34
CA ILE N 108 56.36 -60.64 -35.79
C ILE N 108 56.65 -60.02 -34.44
N LEU N 109 56.48 -58.70 -34.34
CA LEU N 109 56.74 -58.03 -33.06
C LEU N 109 55.81 -58.55 -31.97
N GLU N 110 54.54 -58.77 -32.30
CA GLU N 110 53.62 -59.34 -31.34
C GLU N 110 54.01 -60.76 -30.97
N GLU N 111 54.47 -61.54 -31.94
CA GLU N 111 54.89 -62.91 -31.68
C GLU N 111 56.06 -62.95 -30.72
N LYS N 112 57.03 -62.04 -30.89
CA LYS N 112 58.17 -61.97 -29.98
C LYS N 112 57.75 -61.29 -28.68
N LYS N 113 56.91 -62.01 -27.94
CA LYS N 113 56.38 -61.54 -26.67
C LYS N 113 56.70 -62.59 -25.61
N ARG N 114 57.65 -62.27 -24.73
CA ARG N 114 58.10 -63.19 -23.70
C ARG N 114 57.97 -62.52 -22.33
N ASP N 115 58.33 -63.27 -21.29
CA ASP N 115 58.28 -62.77 -19.92
C ASP N 115 59.36 -61.75 -19.62
N GLU N 116 60.30 -61.54 -20.55
CA GLU N 116 61.34 -60.54 -20.34
C GLU N 116 60.73 -59.15 -20.11
N ILE N 117 59.67 -58.84 -20.84
CA ILE N 117 59.01 -57.54 -20.66
C ILE N 117 58.46 -57.43 -19.24
N LYS N 118 57.81 -58.48 -18.74
CA LYS N 118 57.29 -58.44 -17.38
C LYS N 118 58.41 -58.31 -16.36
N GLU N 119 59.52 -59.01 -16.58
CA GLU N 119 60.65 -58.92 -15.65
C GLU N 119 61.21 -57.52 -15.62
N VAL N 120 61.31 -56.86 -16.77
CA VAL N 120 61.77 -55.47 -16.79
C VAL N 120 60.76 -54.56 -16.10
N LEU N 121 59.47 -54.74 -16.41
CA LEU N 121 58.44 -53.90 -15.80
C LEU N 121 58.38 -54.05 -14.29
N ASP N 122 58.82 -55.19 -13.76
CA ASP N 122 58.83 -55.37 -12.31
C ASP N 122 59.74 -54.34 -11.65
N TYR N 123 60.92 -54.09 -12.23
CA TYR N 123 61.85 -53.11 -11.71
C TYR N 123 61.72 -51.76 -12.40
N ALA N 124 60.73 -51.61 -13.28
CA ALA N 124 60.50 -50.33 -13.94
C ALA N 124 60.30 -49.19 -12.94
N ARG N 125 59.79 -49.47 -11.74
CA ARG N 125 59.65 -48.42 -10.74
C ARG N 125 60.99 -47.84 -10.36
N THR N 126 61.94 -48.70 -9.98
CA THR N 126 63.28 -48.23 -9.67
C THR N 126 63.94 -47.61 -10.89
N LEU N 127 63.66 -48.14 -12.07
CA LEU N 127 64.20 -47.55 -13.29
C LEU N 127 63.70 -46.12 -13.47
N ARG N 128 62.42 -45.89 -13.20
CA ARG N 128 61.88 -44.53 -13.27
C ARG N 128 62.52 -43.64 -12.23
N LYS N 129 62.74 -44.15 -11.03
CA LYS N 129 63.41 -43.37 -10.00
C LYS N 129 64.80 -42.95 -10.46
N ILE N 130 65.56 -43.89 -11.02
CA ILE N 130 66.92 -43.59 -11.47
C ILE N 130 66.88 -42.61 -12.63
N TYR N 131 65.93 -42.77 -13.54
CA TYR N 131 65.80 -41.85 -14.66
C TYR N 131 65.51 -40.43 -14.18
N GLU N 132 64.61 -40.30 -13.21
CA GLU N 132 64.32 -38.99 -12.65
C GLU N 132 65.56 -38.39 -12.00
N LYS N 133 66.30 -39.21 -11.25
CA LYS N 133 67.51 -38.71 -10.61
C LYS N 133 68.51 -38.22 -11.64
N LEU N 134 68.71 -39.01 -12.71
CA LEU N 134 69.64 -38.61 -13.76
C LEU N 134 69.16 -37.34 -14.47
N LEU N 135 67.84 -37.16 -14.57
CA LEU N 135 67.33 -35.97 -15.22
C LEU N 135 67.47 -34.74 -14.32
N TYR N 136 67.53 -34.94 -13.01
CA TYR N 136 67.59 -33.81 -12.08
C TYR N 136 68.99 -33.52 -11.57
N VAL N 137 70.02 -34.16 -12.10
CA VAL N 137 71.41 -33.96 -11.67
C VAL N 137 72.18 -33.32 -12.82
N PRO N 138 72.87 -32.21 -12.61
CA PRO N 138 73.62 -31.59 -13.70
C PRO N 138 74.81 -32.45 -14.13
N ALA N 139 75.17 -32.32 -15.40
CA ALA N 139 76.32 -33.06 -15.92
C ALA N 139 77.62 -32.57 -15.31
N ASP N 140 77.80 -31.25 -15.22
CA ASP N 140 79.00 -30.65 -14.66
C ASP N 140 78.63 -29.83 -13.44
N THR N 141 79.26 -30.12 -12.30
CA THR N 141 79.00 -29.38 -11.07
C THR N 141 79.58 -27.97 -11.11
N ARG N 142 80.44 -27.68 -12.08
CA ARG N 142 81.02 -26.35 -12.19
C ARG N 142 79.92 -25.33 -12.43
N PRO N 143 79.88 -24.23 -11.70
CA PRO N 143 78.88 -23.19 -11.96
C PRO N 143 79.01 -22.66 -13.38
N GLY N 144 77.86 -22.40 -14.00
CA GLY N 144 77.81 -21.99 -15.39
C GLY N 144 77.80 -23.14 -16.37
N TYR N 145 78.34 -24.29 -15.97
CA TYR N 145 78.30 -25.50 -16.80
C TYR N 145 77.29 -26.51 -16.29
N ASN N 146 76.42 -26.11 -15.37
CA ASN N 146 75.46 -27.00 -14.75
C ASN N 146 74.08 -26.92 -15.37
N PHE N 147 73.93 -26.16 -16.47
CA PHE N 147 72.62 -25.99 -17.08
C PHE N 147 72.14 -27.23 -17.82
N THR N 148 73.04 -28.16 -18.15
CA THR N 148 72.68 -29.39 -18.83
C THR N 148 72.64 -30.53 -17.82
N SER N 149 71.57 -31.30 -17.83
CA SER N 149 71.41 -32.40 -16.90
C SER N 149 72.29 -33.56 -17.32
N LEU N 150 72.19 -34.68 -16.60
CA LEU N 150 73.02 -35.83 -16.87
C LEU N 150 72.50 -36.72 -17.99
N ALA N 151 71.17 -36.81 -18.15
CA ALA N 151 70.62 -37.70 -19.17
C ALA N 151 71.01 -37.26 -20.56
N SER N 152 70.90 -35.95 -20.84
CA SER N 152 71.25 -35.44 -22.17
C SER N 152 72.74 -35.62 -22.44
N HIS N 153 73.59 -35.32 -21.47
CA HIS N 153 75.01 -35.50 -21.64
C HIS N 153 75.36 -36.96 -21.87
N LEU N 154 74.70 -37.86 -21.14
CA LEU N 154 74.94 -39.29 -21.30
C LEU N 154 74.50 -39.78 -22.68
N GLN N 155 73.35 -39.32 -23.15
CA GLN N 155 72.90 -39.70 -24.49
C GLN N 155 73.85 -39.19 -25.57
N LEU N 156 74.29 -37.94 -25.43
CA LEU N 156 75.26 -37.41 -26.38
C LEU N 156 76.59 -38.17 -26.28
N SER N 157 76.96 -38.62 -25.09
CA SER N 157 78.18 -39.40 -24.94
C SER N 157 78.07 -40.72 -25.69
N SER N 158 76.94 -41.41 -25.54
CA SER N 158 76.75 -42.66 -26.26
C SER N 158 76.73 -42.43 -27.76
N ILE N 159 76.08 -41.35 -28.20
CA ILE N 159 76.02 -41.02 -29.62
C ILE N 159 77.41 -40.77 -30.17
N LEU N 160 78.21 -39.97 -29.45
CA LEU N 160 79.56 -39.68 -29.90
C LEU N 160 80.45 -40.91 -29.86
N VAL N 161 80.19 -41.82 -28.92
CA VAL N 161 80.93 -43.08 -28.89
C VAL N 161 80.64 -43.88 -30.14
N TRP N 162 79.36 -43.99 -30.51
CA TRP N 162 79.02 -44.73 -31.72
C TRP N 162 79.57 -44.06 -32.96
N LEU N 163 79.59 -42.73 -32.98
CA LEU N 163 80.00 -42.01 -34.19
C LEU N 163 81.52 -42.00 -34.34
N LEU N 164 82.22 -41.39 -33.39
CA LEU N 164 83.66 -41.17 -33.52
C LEU N 164 84.45 -42.47 -33.54
N GLN N 165 83.87 -43.57 -33.06
CA GLN N 165 84.58 -44.85 -33.12
C GLN N 165 84.89 -45.21 -34.56
N LYS N 166 86.10 -45.73 -34.77
CA LYS N 166 86.52 -46.09 -36.12
C LYS N 166 87.58 -47.17 -36.02
N GLY N 167 87.83 -47.84 -37.14
CA GLY N 167 88.83 -48.88 -37.19
C GLY N 167 88.39 -50.14 -36.46
N SER N 168 89.38 -50.94 -36.10
CA SER N 168 89.14 -52.20 -35.39
C SER N 168 88.85 -51.99 -33.91
N VAL N 169 88.59 -50.76 -33.49
CA VAL N 169 88.31 -50.50 -32.08
C VAL N 169 86.94 -51.02 -31.73
N ASP N 170 86.86 -51.81 -30.66
CA ASP N 170 85.60 -52.33 -30.18
C ASP N 170 84.67 -51.19 -29.77
N LEU N 171 83.39 -51.33 -30.10
CA LEU N 171 82.41 -50.28 -29.83
C LEU N 171 81.47 -50.60 -28.68
N ASN N 172 80.99 -51.84 -28.60
CA ASN N 172 80.13 -52.22 -27.49
C ASN N 172 80.86 -52.07 -26.16
N TYR N 173 82.11 -52.53 -26.10
CA TYR N 173 82.92 -52.31 -24.91
C TYR N 173 83.07 -50.83 -24.63
N LEU N 174 83.34 -50.04 -25.67
CA LEU N 174 83.49 -48.60 -25.50
C LEU N 174 82.20 -47.97 -24.99
N ARG N 175 81.06 -48.41 -25.54
CA ARG N 175 79.78 -47.88 -25.08
C ARG N 175 79.58 -48.15 -23.59
N ILE N 176 79.75 -49.42 -23.19
CA ILE N 176 79.53 -49.77 -21.79
C ILE N 176 80.48 -49.01 -20.89
N SER N 177 81.74 -48.88 -21.31
CA SER N 177 82.72 -48.16 -20.51
C SER N 177 82.32 -46.71 -20.33
N ALA N 178 81.87 -46.05 -21.41
CA ALA N 178 81.46 -44.65 -21.28
C ALA N 178 80.25 -44.51 -20.36
N LEU N 179 79.28 -45.41 -20.49
CA LEU N 179 78.08 -45.31 -19.66
C LEU N 179 78.42 -45.52 -18.18
N LEU N 180 79.27 -46.50 -17.88
CA LEU N 180 79.69 -46.71 -16.51
C LEU N 180 80.50 -45.54 -15.98
N HIS N 181 81.34 -44.94 -16.83
CA HIS N 181 82.09 -43.76 -16.43
C HIS N 181 81.17 -42.62 -16.05
N ASP N 182 80.11 -42.40 -16.85
CA ASP N 182 79.18 -41.32 -16.53
C ASP N 182 78.39 -41.62 -15.27
N ILE N 183 78.02 -42.89 -15.06
CA ILE N 183 77.33 -43.24 -13.82
C ILE N 183 78.23 -42.98 -12.62
N GLY N 184 79.50 -43.35 -12.72
CA GLY N 184 80.43 -43.05 -11.65
C GLY N 184 80.61 -41.56 -11.42
N LYS N 185 80.63 -40.78 -12.51
CA LYS N 185 80.67 -39.33 -12.38
C LYS N 185 79.45 -38.82 -11.63
N LEU N 186 78.29 -39.43 -11.86
CA LEU N 186 77.10 -39.10 -11.07
C LEU N 186 77.32 -39.40 -9.60
N PHE N 187 77.78 -40.61 -9.29
CA PHE N 187 77.80 -41.04 -7.90
C PHE N 187 78.95 -40.41 -7.13
N ASN N 188 80.07 -40.15 -7.79
CA ASN N 188 81.23 -39.58 -7.10
C ASN N 188 82.11 -38.83 -8.09
N PRO N 189 81.88 -37.53 -8.28
CA PRO N 189 82.66 -36.79 -9.28
C PRO N 189 84.15 -36.80 -9.03
N THR N 190 84.59 -36.78 -7.77
CA THR N 190 86.03 -36.77 -7.50
C THR N 190 86.68 -38.10 -7.86
N ASN N 191 86.03 -39.21 -7.51
CA ASN N 191 86.61 -40.52 -7.75
C ASN N 191 85.69 -41.35 -8.64
N HIS N 192 85.22 -40.75 -9.74
CA HIS N 192 84.33 -41.47 -10.64
C HIS N 192 84.97 -42.71 -11.21
N VAL N 193 86.28 -42.69 -11.46
CA VAL N 193 86.95 -43.85 -12.00
C VAL N 193 86.90 -45.01 -10.99
N SER N 194 87.20 -44.72 -9.73
CA SER N 194 87.17 -45.76 -8.71
C SER N 194 85.75 -46.25 -8.47
N GLU N 195 84.76 -45.35 -8.51
CA GLU N 195 83.38 -45.78 -8.32
C GLU N 195 82.92 -46.66 -9.48
N SER N 196 83.34 -46.33 -10.70
CA SER N 196 83.04 -47.19 -11.84
C SER N 196 83.71 -48.55 -11.68
N ILE N 197 84.93 -48.57 -11.16
CA ILE N 197 85.62 -49.84 -10.90
C ILE N 197 84.82 -50.67 -9.91
N LYS N 198 84.36 -50.04 -8.82
CA LYS N 198 83.56 -50.76 -7.83
C LYS N 198 82.26 -51.26 -8.44
N ILE N 199 81.64 -50.45 -9.30
CA ILE N 199 80.41 -50.87 -9.97
C ILE N 199 80.67 -52.09 -10.84
N LEU N 200 81.77 -52.08 -11.59
CA LEU N 200 82.11 -53.22 -12.42
C LEU N 200 82.35 -54.45 -11.57
N ASP N 201 83.05 -54.30 -10.44
CA ASP N 201 83.31 -55.44 -9.57
C ASP N 201 82.01 -56.02 -9.02
N GLU N 202 81.10 -55.16 -8.58
CA GLU N 202 79.83 -55.64 -8.05
C GLU N 202 79.00 -56.33 -9.14
N VAL N 203 79.01 -55.77 -10.34
CA VAL N 203 78.28 -56.38 -11.44
C VAL N 203 78.85 -57.75 -11.76
N ILE N 204 80.18 -57.86 -11.83
CA ILE N 204 80.81 -59.15 -12.11
C ILE N 204 80.48 -60.15 -11.03
N GLU N 205 80.52 -59.73 -9.76
CA GLU N 205 80.09 -60.61 -8.68
C GLU N 205 78.62 -60.97 -8.81
N GLY N 206 77.83 -60.14 -9.46
CA GLY N 206 76.42 -60.46 -9.70
C GLY N 206 76.23 -61.45 -10.82
N SER N 207 76.66 -61.09 -12.03
CA SER N 207 76.45 -61.94 -13.20
C SER N 207 77.40 -63.12 -13.17
N GLU N 208 76.87 -64.32 -13.40
CA GLU N 208 77.66 -65.54 -13.40
C GLU N 208 78.16 -65.93 -14.78
N CYS N 209 77.34 -65.77 -15.81
CA CYS N 209 77.76 -66.17 -17.15
C CYS N 209 78.82 -65.24 -17.70
N LEU N 210 78.49 -63.95 -17.83
CA LEU N 210 79.43 -62.98 -18.39
C LEU N 210 80.50 -62.68 -17.37
N LYS N 211 81.55 -63.49 -17.37
CA LYS N 211 82.67 -63.33 -16.46
C LYS N 211 83.92 -62.85 -17.19
N THR N 212 84.38 -63.60 -18.19
CA THR N 212 85.58 -63.22 -18.91
C THR N 212 85.38 -61.90 -19.66
N ASN N 213 84.22 -61.71 -20.28
CA ASN N 213 83.99 -60.49 -21.05
C ASN N 213 84.02 -59.26 -20.16
N LEU N 214 83.25 -59.28 -19.07
CA LEU N 214 83.21 -58.13 -18.17
C LEU N 214 84.54 -57.92 -17.47
N SER N 215 85.24 -59.02 -17.15
CA SER N 215 86.58 -58.88 -16.58
C SER N 215 87.52 -58.21 -17.56
N ARG N 216 87.43 -58.57 -18.85
CA ARG N 216 88.24 -57.91 -19.86
C ARG N 216 87.89 -56.44 -19.97
N VAL N 217 86.61 -56.11 -19.91
CA VAL N 217 86.20 -54.70 -19.97
C VAL N 217 86.80 -53.94 -18.79
N LYS N 218 86.71 -54.53 -17.59
CA LYS N 218 87.25 -53.87 -16.40
C LYS N 218 88.76 -53.70 -16.51
N SER N 219 89.46 -54.72 -17.01
CA SER N 219 90.91 -54.64 -17.15
C SER N 219 91.29 -53.58 -18.17
N LEU N 220 90.53 -53.48 -19.27
CA LEU N 220 90.82 -52.46 -20.28
C LEU N 220 90.59 -51.06 -19.71
N VAL N 221 89.51 -50.88 -18.94
CA VAL N 221 89.27 -49.58 -18.34
C VAL N 221 90.38 -49.25 -17.33
N GLU N 222 90.80 -50.24 -16.55
CA GLU N 222 91.75 -50.00 -15.48
C GLU N 222 93.15 -49.74 -16.03
N GLN N 223 93.72 -50.73 -16.72
CA GLN N 223 95.10 -50.62 -17.20
C GLN N 223 95.26 -49.44 -18.14
N HIS N 224 94.30 -49.23 -19.04
CA HIS N 224 94.32 -48.09 -19.93
C HIS N 224 93.79 -46.88 -19.17
N HIS N 225 94.64 -46.38 -18.26
CA HIS N 225 94.27 -45.25 -17.43
C HIS N 225 94.17 -43.99 -18.28
N ALA N 226 93.60 -42.93 -17.68
CA ALA N 226 93.55 -41.65 -18.37
C ALA N 226 94.94 -41.08 -18.67
N PRO N 227 95.88 -41.02 -17.71
CA PRO N 227 97.22 -40.53 -18.07
C PRO N 227 97.96 -41.43 -19.04
N LEU N 228 97.67 -42.74 -19.04
CA LEU N 228 98.34 -43.65 -19.94
C LEU N 228 97.86 -43.45 -21.38
N GLU N 229 98.72 -43.82 -22.32
CA GLU N 229 98.41 -43.69 -23.75
C GLU N 229 97.59 -44.90 -24.18
N THR N 230 96.35 -44.65 -24.61
CA THR N 230 95.45 -45.71 -25.01
C THR N 230 94.35 -45.15 -25.90
N ILE N 231 93.87 -45.99 -26.82
CA ILE N 231 92.87 -45.53 -27.79
C ILE N 231 91.54 -45.28 -27.12
N LEU N 232 91.13 -46.18 -26.22
CA LEU N 232 89.79 -46.10 -25.64
C LEU N 232 89.60 -44.82 -24.84
N ASN N 233 90.57 -44.50 -23.99
CA ASN N 233 90.46 -43.28 -23.19
C ASN N 233 90.54 -42.04 -24.08
N ASP N 234 91.35 -42.09 -25.14
CA ASP N 234 91.40 -40.96 -26.06
C ASP N 234 90.04 -40.71 -26.70
N ALA N 235 89.41 -41.77 -27.19
CA ALA N 235 88.09 -41.62 -27.80
C ALA N 235 87.07 -41.11 -26.79
N ASP N 236 87.09 -41.67 -25.58
CA ASP N 236 86.13 -41.26 -24.56
C ASP N 236 86.32 -39.80 -24.17
N ARG N 237 87.57 -39.38 -23.99
CA ARG N 237 87.84 -38.00 -23.62
C ARG N 237 87.43 -37.04 -24.73
N LEU N 238 87.73 -37.39 -25.98
CA LEU N 238 87.34 -36.51 -27.08
C LEU N 238 85.83 -36.43 -27.20
N ALA N 239 85.13 -37.56 -26.99
CA ALA N 239 83.68 -37.54 -27.02
C ALA N 239 83.11 -36.65 -25.93
N ALA N 240 83.65 -36.76 -24.71
CA ALA N 240 83.17 -35.91 -23.62
C ALA N 240 83.43 -34.43 -23.91
N SER N 241 84.63 -34.13 -24.43
CA SER N 241 84.95 -32.74 -24.75
C SER N 241 84.00 -32.18 -25.80
N THR N 242 83.69 -32.97 -26.83
CA THR N 242 82.73 -32.53 -27.83
C THR N 242 81.35 -32.36 -27.21
N ASP N 243 80.98 -33.25 -26.29
CA ASP N 243 79.66 -33.16 -25.67
C ASP N 243 79.50 -31.88 -24.88
N ARG N 244 80.52 -31.52 -24.08
CA ARG N 244 80.39 -30.34 -23.23
C ARG N 244 80.31 -29.07 -24.06
N PHE N 245 81.23 -28.87 -25.00
CA PHE N 245 81.24 -27.80 -25.98
C PHE N 245 81.44 -26.42 -25.36
N SER N 246 81.41 -26.30 -24.04
CA SER N 246 81.45 -25.00 -23.39
C SER N 246 82.86 -24.50 -23.10
N GLU N 247 83.83 -25.42 -22.99
CA GLU N 247 85.19 -25.03 -22.68
C GLU N 247 85.89 -24.34 -23.83
N ILE N 248 85.28 -24.34 -25.02
CA ILE N 248 85.88 -23.68 -26.18
C ILE N 248 85.41 -22.23 -26.20
N VAL N 249 84.71 -21.81 -25.15
CA VAL N 249 84.18 -20.46 -25.04
C VAL N 249 85.03 -19.72 -24.03
N LYS N 250 85.65 -18.62 -24.45
CA LYS N 250 86.50 -17.81 -23.59
C LYS N 250 85.73 -16.81 -22.76
N GLY N 251 84.41 -16.73 -22.94
CA GLY N 251 83.63 -15.77 -22.17
C GLY N 251 83.71 -16.03 -20.67
N ALA N 252 83.62 -17.29 -20.27
CA ALA N 252 83.72 -17.64 -18.86
C ALA N 252 85.07 -17.26 -18.27
N LEU N 253 86.14 -17.31 -19.06
CA LEU N 253 87.45 -16.92 -18.57
C LEU N 253 87.60 -15.40 -18.51
N ASN N 254 87.12 -14.70 -19.53
CA ASN N 254 87.21 -13.25 -19.51
C ASN N 254 86.32 -12.62 -18.45
N ASN N 255 85.28 -13.32 -18.02
CA ASN N 255 84.37 -12.81 -17.01
C ASN N 255 84.92 -13.17 -15.63
N THR N 256 85.92 -12.41 -15.21
CA THR N 256 86.54 -12.57 -13.89
C THR N 256 85.97 -11.49 -12.97
N LYS N 257 84.83 -11.78 -12.35
CA LYS N 257 84.27 -10.89 -11.35
C LYS N 257 84.73 -11.27 -9.95
N ILE N 258 84.41 -12.49 -9.53
CA ILE N 258 84.81 -12.94 -8.20
C ILE N 258 86.33 -13.02 -8.10
N GLY N 259 86.98 -13.61 -9.09
CA GLY N 259 88.42 -13.69 -9.12
C GLY N 259 89.04 -14.47 -7.99
N GLU N 260 88.45 -15.61 -7.64
CA GLU N 260 89.05 -16.45 -6.62
C GLU N 260 89.29 -17.88 -7.07
N CYS N 261 88.35 -18.47 -7.79
CA CYS N 261 88.48 -19.86 -8.21
C CYS N 261 88.57 -20.02 -9.72
N TYR N 262 88.41 -18.94 -10.49
CA TYR N 262 88.59 -19.01 -11.94
C TYR N 262 89.99 -19.48 -12.31
N SER N 263 90.97 -19.24 -11.45
CA SER N 263 92.35 -19.65 -11.72
C SER N 263 92.60 -21.12 -11.40
N LEU N 264 91.83 -21.72 -10.50
CA LEU N 264 92.11 -23.07 -10.03
C LEU N 264 91.09 -24.09 -10.52
N CYS N 265 89.80 -23.89 -10.27
CA CYS N 265 88.81 -24.83 -10.77
C CYS N 265 88.65 -24.69 -12.28
N TYR N 266 88.81 -23.48 -12.80
CA TYR N 266 88.74 -23.25 -14.23
C TYR N 266 90.14 -23.07 -14.81
N GLY N 267 90.31 -23.51 -16.04
CA GLY N 267 91.57 -23.47 -16.73
C GLY N 267 91.77 -24.72 -17.54
N ARG N 268 93.01 -24.91 -18.01
CA ARG N 268 93.32 -26.11 -18.77
C ARG N 268 93.15 -27.36 -17.92
N ASP N 269 93.60 -27.31 -16.67
CA ASP N 269 93.53 -28.44 -15.77
C ASP N 269 92.22 -28.42 -14.98
N VAL N 270 91.78 -29.61 -14.60
CA VAL N 270 90.54 -29.79 -13.86
C VAL N 270 90.83 -30.57 -12.58
N ARG N 271 90.35 -30.05 -11.45
CA ARG N 271 90.47 -30.72 -10.16
C ARG N 271 89.18 -30.54 -9.41
N THR N 272 88.43 -31.64 -9.23
CA THR N 272 87.14 -31.56 -8.56
C THR N 272 87.28 -31.08 -7.12
N LYS N 273 88.36 -31.48 -6.44
CA LYS N 273 88.55 -31.07 -5.06
C LYS N 273 88.62 -29.55 -4.94
N GLU N 274 89.33 -28.90 -5.87
CA GLU N 274 89.42 -27.45 -5.82
C GLU N 274 88.06 -26.80 -6.01
N CYS N 275 87.26 -27.31 -6.95
CA CYS N 275 85.93 -26.76 -7.18
C CYS N 275 85.04 -26.94 -5.95
N MET N 276 85.07 -28.13 -5.35
CA MET N 276 84.28 -28.37 -4.15
C MET N 276 84.71 -27.46 -3.01
N GLU N 277 86.02 -27.32 -2.82
CA GLU N 277 86.52 -26.46 -1.75
C GLU N 277 86.09 -25.01 -1.98
N CYS N 278 86.15 -24.55 -3.23
CA CYS N 278 85.68 -23.20 -3.53
C CYS N 278 84.20 -23.05 -3.25
N LEU N 279 83.44 -24.11 -3.57
CA LEU N 279 81.97 -23.99 -3.41
C LEU N 279 81.66 -23.64 -1.96
N GLU N 280 82.28 -24.33 -1.01
CA GLU N 280 82.08 -23.96 0.40
C GLU N 280 82.69 -22.58 0.61
N GLU N 281 83.79 -22.29 -0.08
CA GLU N 281 84.52 -21.01 0.17
C GLU N 281 83.55 -19.86 -0.04
N TYR N 282 82.71 -19.96 -1.05
CA TYR N 282 81.84 -18.80 -1.30
C TYR N 282 80.38 -19.13 -1.02
N GLY N 283 80.01 -20.41 -0.91
CA GLY N 283 78.62 -20.74 -0.57
C GLY N 283 77.75 -20.91 -1.79
N GLU N 284 76.72 -21.73 -1.69
CA GLU N 284 75.89 -22.04 -2.89
C GLU N 284 75.13 -20.81 -3.36
N GLU N 285 74.59 -20.02 -2.44
CA GLU N 285 73.76 -18.88 -2.90
C GLU N 285 74.60 -18.14 -3.92
N THR N 286 75.79 -17.77 -3.52
CA THR N 286 76.72 -17.10 -4.43
C THR N 286 77.04 -17.99 -5.61
N TYR N 287 77.16 -19.29 -5.39
CA TYR N 287 77.39 -20.22 -6.49
C TYR N 287 76.26 -20.15 -7.50
N SER N 288 75.01 -20.17 -7.03
CA SER N 288 73.87 -20.07 -7.93
C SER N 288 73.85 -18.74 -8.66
N GLU N 289 74.14 -17.65 -7.94
CA GLU N 289 74.12 -16.33 -8.56
C GLU N 289 75.16 -16.23 -9.67
N GLU N 290 76.38 -16.70 -9.40
CA GLU N 290 77.43 -16.64 -10.40
C GLU N 290 77.15 -17.57 -11.57
N SER N 291 76.55 -18.74 -11.30
CA SER N 291 76.15 -19.62 -12.39
C SER N 291 75.11 -18.96 -13.28
N LYS N 292 74.13 -18.28 -12.67
CA LYS N 292 73.14 -17.57 -13.46
C LYS N 292 73.79 -16.48 -14.29
N ARG N 293 74.71 -15.73 -13.70
CA ARG N 293 75.40 -14.67 -14.43
C ARG N 293 76.17 -15.24 -15.62
N LEU N 294 76.91 -16.32 -15.39
CA LEU N 294 77.69 -16.93 -16.45
C LEU N 294 76.80 -17.47 -17.57
N TYR N 295 75.70 -18.12 -17.20
CA TYR N 295 74.79 -18.62 -18.23
C TYR N 295 74.18 -17.49 -19.04
N ASP N 296 73.83 -16.39 -18.37
CA ASP N 296 73.29 -15.24 -19.10
C ASP N 296 74.32 -14.69 -20.07
N VAL N 297 75.58 -14.59 -19.63
CA VAL N 297 76.63 -14.10 -20.51
C VAL N 297 76.79 -15.02 -21.71
N ILE N 298 76.80 -16.33 -21.46
CA ILE N 298 76.98 -17.30 -22.54
C ILE N 298 75.82 -17.21 -23.53
N SER N 299 74.59 -17.14 -23.01
CA SER N 299 73.43 -16.97 -23.87
C SER N 299 73.50 -15.67 -24.65
N ASN N 300 74.17 -14.66 -24.09
CA ASN N 300 74.45 -13.43 -24.79
C ASN N 300 75.76 -13.49 -25.56
N SER N 301 76.45 -14.63 -25.55
CA SER N 301 77.70 -14.80 -26.24
C SER N 301 77.50 -15.69 -27.46
N VAL N 302 78.14 -15.31 -28.57
CA VAL N 302 78.01 -16.04 -29.83
C VAL N 302 79.41 -16.41 -30.31
N VAL N 303 79.59 -17.68 -30.65
CA VAL N 303 80.85 -18.19 -31.20
C VAL N 303 80.54 -18.99 -32.45
N SER N 304 81.53 -19.07 -33.34
CA SER N 304 81.36 -19.76 -34.62
C SER N 304 82.66 -20.46 -34.96
N GLN N 305 82.69 -21.78 -34.76
CA GLN N 305 83.83 -22.61 -35.15
C GLN N 305 83.31 -23.71 -36.05
N LYS N 306 83.94 -23.87 -37.21
CA LYS N 306 83.58 -24.91 -38.17
C LYS N 306 84.81 -25.76 -38.46
N VAL N 307 84.67 -27.08 -38.31
CA VAL N 307 85.74 -28.00 -38.65
C VAL N 307 85.78 -28.15 -40.16
N GLU N 308 86.96 -27.93 -40.74
CA GLU N 308 87.10 -28.01 -42.20
C GLU N 308 86.91 -29.42 -42.72
N GLY N 309 86.97 -30.43 -41.85
CA GLY N 309 86.80 -31.80 -42.26
C GLY N 309 85.35 -32.15 -42.48
N ASN N 310 85.10 -33.44 -42.63
CA ASN N 310 83.76 -33.94 -42.89
C ASN N 310 82.90 -33.87 -41.64
N ALA N 311 81.67 -34.31 -41.75
CA ALA N 311 80.75 -34.45 -40.63
C ALA N 311 80.62 -35.92 -40.30
N ILE N 312 81.01 -36.31 -39.09
CA ILE N 312 81.02 -37.73 -38.73
C ILE N 312 79.63 -38.32 -38.59
N GLY N 313 78.60 -37.50 -38.47
CA GLY N 313 77.25 -38.01 -38.34
C GLY N 313 76.24 -37.04 -38.90
N TYR N 314 75.06 -37.58 -39.21
CA TYR N 314 73.94 -36.81 -39.72
C TYR N 314 72.75 -36.98 -38.81
N LEU N 315 71.91 -35.96 -38.74
CA LEU N 315 70.63 -36.04 -38.05
C LEU N 315 69.51 -36.14 -39.09
N VAL N 316 68.60 -37.08 -38.87
CA VAL N 316 67.50 -37.33 -39.81
C VAL N 316 66.20 -36.95 -39.13
N TYR N 317 65.43 -36.09 -39.79
CA TYR N 317 64.13 -35.67 -39.30
C TYR N 317 63.05 -36.39 -40.08
N ILE N 318 62.16 -37.06 -39.36
CA ILE N 318 61.04 -37.79 -39.95
C ILE N 318 59.75 -37.14 -39.49
N ASP N 319 58.95 -36.67 -40.44
CA ASP N 319 57.68 -36.04 -40.15
C ASP N 319 56.67 -36.48 -41.21
N PHE N 320 55.42 -36.11 -41.02
CA PHE N 320 54.35 -36.46 -41.94
C PHE N 320 53.88 -35.22 -42.68
N PRO N 321 54.24 -35.05 -43.94
CA PRO N 321 53.82 -33.85 -44.68
C PRO N 321 52.34 -33.92 -45.06
N GLY N 322 51.47 -33.68 -44.08
CA GLY N 322 50.04 -33.74 -44.33
C GLY N 322 49.39 -34.89 -43.60
N ILE N 323 48.78 -34.58 -42.46
CA ILE N 323 48.07 -35.58 -41.67
C ILE N 323 46.57 -35.33 -41.66
N GLN N 324 46.11 -34.18 -42.14
CA GLN N 324 44.69 -33.86 -42.06
C GLN N 324 43.85 -34.82 -42.87
N ARG N 325 44.24 -35.08 -44.12
CA ARG N 325 43.47 -35.99 -44.96
C ARG N 325 43.45 -37.39 -44.38
N PHE N 326 44.61 -37.87 -43.93
CA PHE N 326 44.68 -39.21 -43.36
C PHE N 326 43.80 -39.33 -42.12
N ILE N 327 43.84 -38.34 -41.24
CA ILE N 327 43.02 -38.37 -40.04
C ILE N 327 41.54 -38.33 -40.40
N THR N 328 41.16 -37.44 -41.32
CA THR N 328 39.77 -37.33 -41.71
C THR N 328 39.28 -38.57 -42.45
N SER N 329 40.19 -39.42 -42.93
CA SER N 329 39.77 -40.66 -43.57
C SER N 329 39.08 -41.61 -42.61
N PHE N 330 39.21 -41.40 -41.30
CA PHE N 330 38.67 -42.32 -40.31
C PHE N 330 37.52 -41.66 -39.53
N PRO N 331 36.28 -42.11 -39.71
CA PRO N 331 35.16 -41.49 -38.98
C PRO N 331 34.89 -42.10 -37.62
N LYS N 332 35.39 -43.29 -37.33
CA LYS N 332 35.09 -43.95 -36.07
C LYS N 332 36.27 -43.86 -35.12
N LEU N 333 35.97 -43.98 -33.82
CA LEU N 333 36.99 -43.76 -32.79
C LEU N 333 38.07 -44.83 -32.84
N ARG N 334 37.67 -46.10 -32.93
CA ARG N 334 38.65 -47.18 -32.93
C ARG N 334 39.59 -47.06 -34.13
N GLU N 335 39.03 -46.77 -35.30
CA GLU N 335 39.86 -46.59 -36.49
C GLU N 335 40.81 -45.42 -36.31
N MET N 336 40.34 -44.32 -35.72
CA MET N 336 41.19 -43.17 -35.52
C MET N 336 42.33 -43.47 -34.55
N SER N 337 42.03 -44.20 -33.46
CA SER N 337 43.06 -44.55 -32.50
C SER N 337 44.12 -45.44 -33.15
N PHE N 338 43.67 -46.45 -33.90
CA PHE N 338 44.63 -47.30 -34.59
C PHE N 338 45.43 -46.51 -35.61
N ALA N 339 44.79 -45.54 -36.28
CA ALA N 339 45.49 -44.72 -37.25
C ALA N 339 46.57 -43.88 -36.59
N SER N 340 46.27 -43.30 -35.43
CA SER N 340 47.28 -42.51 -34.71
C SER N 340 48.44 -43.39 -34.28
N PHE N 341 48.14 -44.58 -33.74
CA PHE N 341 49.20 -45.49 -33.35
C PHE N 341 50.05 -45.88 -34.56
N LEU N 342 49.40 -46.18 -35.69
CA LEU N 342 50.13 -46.56 -36.89
C LEU N 342 50.98 -45.43 -37.41
N VAL N 343 50.48 -44.19 -37.34
CA VAL N 343 51.25 -43.05 -37.78
C VAL N 343 52.51 -42.89 -36.94
N ASP N 344 52.35 -42.96 -35.62
CA ASP N 344 53.52 -42.84 -34.74
C ASP N 344 54.51 -43.98 -35.00
N PHE N 345 54.00 -45.20 -35.16
CA PHE N 345 54.85 -46.35 -35.40
C PHE N 345 55.63 -46.19 -36.70
N VAL N 346 54.94 -45.81 -37.78
CA VAL N 346 55.60 -45.64 -39.06
C VAL N 346 56.65 -44.54 -38.97
N THR N 347 56.32 -43.43 -38.32
CA THR N 347 57.27 -42.32 -38.24
C THR N 347 58.54 -42.72 -37.49
N SER N 348 58.39 -43.42 -36.35
CA SER N 348 59.55 -43.68 -35.51
C SER N 348 60.12 -45.08 -35.69
N ILE N 349 59.33 -46.10 -35.37
CA ILE N 349 59.86 -47.45 -35.24
C ILE N 349 60.16 -48.05 -36.60
N TYR N 350 59.27 -47.85 -37.58
CA TYR N 350 59.55 -48.36 -38.92
C TYR N 350 60.79 -47.73 -39.51
N SER N 351 60.95 -46.41 -39.34
CA SER N 351 62.14 -45.73 -39.83
C SER N 351 63.38 -46.26 -39.14
N PHE N 352 63.31 -46.46 -37.82
CA PHE N 352 64.45 -46.98 -37.09
C PHE N 352 64.81 -48.37 -37.58
N ILE N 353 63.81 -49.23 -37.82
CA ILE N 353 64.09 -50.58 -38.29
C ILE N 353 64.72 -50.55 -39.66
N VAL N 354 64.21 -49.70 -40.56
CA VAL N 354 64.75 -49.63 -41.92
C VAL N 354 66.21 -49.18 -41.87
N LEU N 355 66.48 -48.12 -41.11
CA LEU N 355 67.85 -47.63 -41.01
C LEU N 355 68.75 -48.67 -40.34
N ASP N 356 68.23 -49.38 -39.35
CA ASP N 356 69.02 -50.42 -38.68
C ASP N 356 69.38 -51.53 -39.65
N GLN N 357 68.43 -51.97 -40.47
CA GLN N 357 68.73 -52.99 -41.46
C GLN N 357 69.76 -52.50 -42.47
N ALA N 358 69.59 -51.25 -42.94
CA ALA N 358 70.53 -50.71 -43.92
C ALA N 358 71.93 -50.63 -43.35
N TYR N 359 72.05 -50.18 -42.10
CA TYR N 359 73.37 -50.10 -41.46
C TYR N 359 73.96 -51.47 -41.22
N TYR N 360 73.15 -52.42 -40.74
CA TYR N 360 73.63 -53.75 -40.43
C TYR N 360 74.14 -54.46 -41.68
N GLU N 361 73.44 -54.31 -42.80
CA GLU N 361 73.91 -54.89 -44.05
C GLU N 361 75.04 -54.07 -44.66
N ARG N 362 75.10 -52.77 -44.39
CA ARG N 362 76.18 -51.95 -44.92
C ARG N 362 77.53 -52.42 -44.40
N THR N 363 77.62 -52.68 -43.09
CA THR N 363 78.88 -53.15 -42.53
C THR N 363 79.15 -54.60 -42.90
N GLY N 364 78.10 -55.33 -43.26
CA GLY N 364 78.25 -56.75 -43.54
C GLY N 364 78.01 -57.58 -42.29
N LYS N 365 76.94 -57.25 -41.58
CA LYS N 365 76.57 -57.94 -40.34
C LYS N 365 77.66 -57.83 -39.28
N LYS N 366 78.40 -56.72 -39.31
CA LYS N 366 79.48 -56.49 -38.37
C LYS N 366 79.00 -55.74 -37.13
N SER N 367 78.47 -54.54 -37.31
CA SER N 367 77.92 -53.75 -36.23
C SER N 367 76.42 -53.56 -36.43
N ARG N 368 75.82 -52.78 -35.54
CA ARG N 368 74.39 -52.55 -35.61
C ARG N 368 74.08 -51.21 -34.95
N ILE N 369 72.99 -50.58 -35.39
CA ILE N 369 72.66 -49.26 -34.87
C ILE N 369 72.32 -49.36 -33.40
N PRO N 370 72.93 -48.55 -32.53
CA PRO N 370 72.58 -48.60 -31.10
C PRO N 370 71.14 -48.19 -30.88
N ALA N 371 70.54 -48.80 -29.85
CA ALA N 371 69.14 -48.52 -29.55
C ALA N 371 68.90 -47.08 -29.11
N GLU N 372 69.93 -46.41 -28.59
CA GLU N 372 69.79 -45.05 -28.11
C GLU N 372 69.94 -44.01 -29.21
N ALA N 373 70.12 -44.44 -30.46
CA ALA N 373 70.17 -43.49 -31.57
C ALA N 373 68.82 -42.83 -31.84
N LEU N 374 67.74 -43.36 -31.27
CA LEU N 374 66.41 -42.83 -31.48
C LEU N 374 66.14 -41.74 -30.45
N LEU N 375 66.28 -40.48 -30.85
CA LEU N 375 66.06 -39.39 -29.92
C LEU N 375 64.57 -39.09 -29.75
N SER N 376 63.93 -38.61 -30.81
CA SER N 376 62.51 -38.33 -30.81
C SER N 376 61.75 -39.51 -31.44
N GLY N 377 60.46 -39.31 -31.70
CA GLY N 377 59.69 -40.37 -32.34
C GLY N 377 58.39 -40.68 -31.65
N TYR N 378 57.82 -39.66 -31.02
CA TYR N 378 56.48 -39.72 -30.46
C TYR N 378 55.69 -38.52 -30.96
N GLY N 379 54.48 -38.77 -31.45
CA GLY N 379 53.65 -37.71 -31.99
C GLY N 379 53.84 -37.44 -33.47
N GLY N 380 54.76 -38.13 -34.14
CA GLY N 380 54.94 -37.96 -35.57
C GLY N 380 56.31 -37.44 -35.94
N HIS N 381 56.81 -36.47 -35.19
CA HIS N 381 58.16 -35.97 -35.40
C HIS N 381 59.17 -36.94 -34.80
N SER N 382 60.24 -37.20 -35.53
CA SER N 382 61.25 -38.15 -35.10
C SER N 382 62.62 -37.67 -35.53
N TYR N 383 63.55 -37.60 -34.58
CA TYR N 383 64.94 -37.25 -34.83
C TYR N 383 65.77 -38.51 -34.66
N ILE N 384 66.38 -38.97 -35.75
CA ILE N 384 67.23 -40.15 -35.73
C ILE N 384 68.59 -39.77 -36.29
N ILE N 385 69.65 -40.24 -35.63
CA ILE N 385 71.01 -39.99 -36.07
C ILE N 385 71.46 -41.15 -36.94
N VAL N 386 72.46 -40.88 -37.79
CA VAL N 386 73.13 -41.90 -38.57
C VAL N 386 74.62 -41.60 -38.59
N ARG N 387 75.41 -42.63 -38.85
CA ARG N 387 76.85 -42.50 -38.99
C ARG N 387 77.18 -42.11 -40.43
N SER N 388 78.26 -41.35 -40.60
CA SER N 388 78.65 -40.87 -41.92
C SER N 388 79.42 -41.95 -42.69
N ASP N 389 78.82 -43.14 -42.73
CA ASP N 389 79.34 -44.25 -43.51
C ASP N 389 78.40 -44.70 -44.60
N PHE N 390 77.12 -44.34 -44.55
CA PHE N 390 76.22 -44.63 -45.66
C PHE N 390 76.60 -43.83 -46.90
N GLY N 391 77.21 -42.67 -46.71
CA GLY N 391 77.61 -41.85 -47.83
C GLY N 391 76.87 -40.53 -47.90
N SER N 392 76.38 -40.18 -49.08
CA SER N 392 75.69 -38.92 -49.27
C SER N 392 74.43 -38.87 -48.42
N LYS N 393 74.23 -37.75 -47.73
CA LYS N 393 73.02 -37.56 -46.95
C LYS N 393 71.78 -37.59 -47.84
N ASP N 394 71.86 -36.96 -49.01
CA ASP N 394 70.76 -37.03 -49.97
C ASP N 394 70.53 -38.46 -50.43
N GLU N 395 71.60 -39.25 -50.55
CA GLU N 395 71.45 -40.65 -50.90
C GLU N 395 70.68 -41.41 -49.83
N VAL N 396 71.00 -41.14 -48.56
CA VAL N 396 70.28 -41.78 -47.46
C VAL N 396 68.82 -41.37 -47.47
N LYS N 397 68.55 -40.09 -47.69
CA LYS N 397 67.18 -39.61 -47.76
C LYS N 397 66.42 -40.28 -48.87
N ALA N 398 67.03 -40.40 -50.05
CA ALA N 398 66.38 -41.06 -51.17
C ALA N 398 66.11 -42.54 -50.88
N TRP N 399 67.07 -43.21 -50.25
CA TRP N 399 66.88 -44.61 -49.89
C TRP N 399 65.70 -44.76 -48.94
N LEU N 400 65.65 -43.94 -47.90
CA LEU N 400 64.57 -44.04 -46.94
C LEU N 400 63.23 -43.72 -47.58
N GLU N 401 63.19 -42.70 -48.43
CA GLU N 401 61.94 -42.36 -49.12
C GLU N 401 61.48 -43.50 -50.02
N SER N 402 62.41 -44.11 -50.75
CA SER N 402 62.04 -45.22 -51.62
C SER N 402 61.50 -46.39 -50.82
N VAL N 403 62.16 -46.73 -49.71
CA VAL N 403 61.71 -47.84 -48.88
C VAL N 403 60.31 -47.55 -48.32
N SER N 404 60.12 -46.33 -47.81
CA SER N 404 58.82 -45.96 -47.25
C SER N 404 57.73 -45.98 -48.30
N SER N 405 58.01 -45.47 -49.50
CA SER N 405 57.02 -45.47 -50.56
C SER N 405 56.68 -46.90 -50.99
N SER N 406 57.68 -47.78 -51.08
CA SER N 406 57.40 -49.16 -51.42
C SER N 406 56.56 -49.84 -50.36
N ALA N 407 56.82 -49.57 -49.08
CA ALA N 407 56.07 -50.22 -48.01
C ALA N 407 54.64 -49.70 -47.93
N LEU N 408 54.47 -48.38 -48.02
CA LEU N 408 53.17 -47.75 -47.78
C LEU N 408 52.57 -47.20 -49.06
N SER N 409 52.81 -47.87 -50.19
CA SER N 409 52.22 -47.46 -51.46
C SER N 409 50.71 -47.59 -51.47
N LYS N 410 50.13 -48.34 -50.53
CA LYS N 410 48.69 -48.54 -50.47
C LYS N 410 48.01 -47.87 -49.29
N LEU N 411 48.74 -47.56 -48.21
CA LEU N 411 48.14 -46.89 -47.07
C LEU N 411 47.98 -45.38 -47.27
N GLY N 412 48.48 -44.84 -48.38
CA GLY N 412 48.43 -43.40 -48.57
C GLY N 412 49.30 -42.62 -47.62
N ILE N 413 50.28 -43.27 -46.98
CA ILE N 413 51.14 -42.62 -46.00
C ILE N 413 52.50 -42.42 -46.67
N ARG N 414 52.90 -41.16 -46.81
CA ARG N 414 54.20 -40.81 -47.36
C ARG N 414 54.98 -39.99 -46.35
N LEU N 415 56.22 -40.40 -46.11
CA LEU N 415 57.09 -39.76 -45.13
C LEU N 415 58.05 -38.82 -45.81
N ASP N 416 58.24 -37.64 -45.23
CA ASP N 416 59.21 -36.68 -45.71
C ASP N 416 60.47 -36.79 -44.86
N VAL N 417 61.59 -37.11 -45.50
CA VAL N 417 62.85 -37.33 -44.81
C VAL N 417 63.69 -36.08 -44.92
N LYS N 418 64.10 -35.54 -43.77
CA LYS N 418 64.94 -34.34 -43.70
C LYS N 418 66.23 -34.72 -42.99
N VAL N 419 67.35 -34.56 -43.68
CA VAL N 419 68.67 -34.93 -43.16
C VAL N 419 69.57 -33.72 -43.21
N ALA N 420 70.22 -33.42 -42.08
CA ALA N 420 71.19 -32.34 -41.99
C ALA N 420 72.41 -32.84 -41.24
N ASP N 421 73.56 -32.23 -41.53
CA ASP N 421 74.79 -32.62 -40.87
C ASP N 421 74.66 -32.42 -39.37
N PHE N 422 75.00 -33.47 -38.61
CA PHE N 422 74.77 -33.45 -37.17
C PHE N 422 75.93 -32.81 -36.43
N ALA N 423 77.14 -33.36 -36.58
CA ALA N 423 78.30 -32.84 -35.87
C ALA N 423 79.55 -33.14 -36.67
N TYR N 424 80.59 -32.36 -36.41
CA TYR N 424 81.89 -32.53 -37.04
C TYR N 424 82.80 -33.34 -36.13
N GLU N 425 84.08 -33.42 -36.49
CA GLU N 425 85.02 -34.17 -35.66
C GLU N 425 85.33 -33.46 -34.36
N ASN N 426 85.58 -32.15 -34.42
CA ASN N 426 85.93 -31.37 -33.24
C ASN N 426 84.93 -30.26 -32.98
N TYR N 427 83.67 -30.47 -33.37
CA TYR N 427 82.63 -29.47 -33.17
C TYR N 427 81.28 -30.14 -33.38
N VAL N 428 80.34 -29.86 -32.47
CA VAL N 428 78.97 -30.28 -32.61
C VAL N 428 78.11 -29.03 -32.75
N ARG N 429 77.27 -28.99 -33.78
CA ARG N 429 76.50 -27.80 -34.08
C ARG N 429 75.30 -27.67 -33.15
N ASN N 430 74.96 -26.43 -32.84
CA ASN N 430 73.82 -26.14 -31.99
C ASN N 430 72.52 -26.44 -32.73
N TYR N 431 71.44 -26.58 -31.96
CA TYR N 431 70.16 -26.99 -32.53
C TYR N 431 69.63 -25.97 -33.53
N LYS N 432 69.91 -24.69 -33.31
CA LYS N 432 69.37 -23.66 -34.20
C LYS N 432 69.89 -23.85 -35.63
N GLU N 433 71.20 -24.05 -35.77
CA GLU N 433 71.76 -24.21 -37.11
C GLU N 433 71.24 -25.46 -37.78
N VAL N 434 71.10 -26.55 -37.02
CA VAL N 434 70.60 -27.79 -37.57
C VAL N 434 69.17 -27.62 -38.07
N TYR N 435 68.33 -26.94 -37.27
CA TYR N 435 66.97 -26.69 -37.70
C TYR N 435 66.95 -25.76 -38.91
N GLU N 436 67.88 -24.82 -38.98
CA GLU N 436 67.99 -23.98 -40.15
C GLU N 436 68.28 -24.80 -41.40
N ASP N 437 69.23 -25.74 -41.29
CA ASP N 437 69.54 -26.61 -42.41
C ASP N 437 68.34 -27.45 -42.81
N MET N 438 67.64 -28.00 -41.82
CA MET N 438 66.45 -28.80 -42.10
C MET N 438 65.43 -27.99 -42.87
N MET N 439 65.10 -26.80 -42.38
CA MET N 439 64.09 -25.98 -43.03
C MET N 439 64.56 -25.52 -44.41
N SER N 440 65.87 -25.32 -44.57
CA SER N 440 66.40 -24.95 -45.88
C SER N 440 66.20 -26.08 -46.88
N LYS N 441 66.45 -27.32 -46.47
CA LYS N 441 66.27 -28.47 -47.35
C LYS N 441 64.84 -28.98 -47.28
N SER N 442 63.90 -28.07 -47.51
CA SER N 442 62.48 -28.39 -47.48
C SER N 442 61.77 -28.14 -48.81
N TYR N 443 62.36 -27.35 -49.71
CA TYR N 443 61.77 -27.14 -51.02
C TYR N 443 61.57 -28.46 -51.76
N GLU N 444 62.44 -29.43 -51.50
CA GLU N 444 62.39 -30.69 -52.24
C GLU N 444 61.07 -31.42 -52.02
N ARG N 445 60.42 -31.18 -50.89
CA ARG N 445 59.09 -31.74 -50.67
C ARG N 445 58.09 -31.20 -51.70
N TYR N 446 58.19 -29.91 -52.01
CA TYR N 446 57.19 -29.26 -52.84
C TYR N 446 57.34 -29.58 -54.33
N LEU N 447 58.43 -30.23 -54.73
CA LEU N 447 58.55 -30.70 -56.11
C LEU N 447 57.87 -32.04 -56.25
N ILE N 448 56.97 -32.15 -57.23
CA ILE N 448 56.22 -33.38 -57.47
C ILE N 448 56.12 -33.58 -58.97
N ARG N 449 55.66 -34.77 -59.35
CA ARG N 449 55.44 -35.13 -60.74
C ARG N 449 54.00 -35.60 -60.91
N ASP N 450 53.60 -35.82 -62.16
CA ASP N 450 52.22 -36.16 -62.47
C ASP N 450 52.02 -37.67 -62.41
N GLU N 451 50.93 -38.09 -61.79
CA GLU N 451 50.55 -39.49 -61.71
C GLU N 451 49.05 -39.62 -61.96
N GLY N 452 48.67 -40.68 -62.66
CA GLY N 452 47.26 -40.94 -62.92
C GLY N 452 46.78 -42.19 -62.22
N LYS N 453 45.68 -42.09 -61.48
CA LYS N 453 45.16 -43.21 -60.72
C LYS N 453 43.69 -42.94 -60.44
N VAL N 454 43.12 -43.72 -59.51
CA VAL N 454 41.81 -43.44 -58.95
C VAL N 454 41.83 -43.87 -57.49
N TYR N 455 41.37 -42.97 -56.61
CA TYR N 455 41.18 -43.28 -55.21
C TYR N 455 39.79 -42.79 -54.81
N SER N 456 38.97 -43.70 -54.28
CA SER N 456 37.60 -43.35 -53.94
C SER N 456 37.59 -42.21 -52.92
N TYR N 457 36.79 -41.19 -53.21
CA TYR N 457 36.67 -40.02 -52.34
C TYR N 457 36.15 -40.48 -51.00
N GLY N 458 37.01 -40.42 -49.98
CA GLY N 458 36.69 -41.06 -48.72
C GLY N 458 36.61 -42.56 -48.87
N LEU N 459 35.48 -43.14 -48.49
CA LEU N 459 35.30 -44.59 -48.55
C LEU N 459 33.88 -44.98 -48.96
N HIS N 460 33.23 -44.19 -49.80
CA HIS N 460 31.80 -44.31 -50.01
C HIS N 460 31.43 -44.48 -51.48
N ARG N 461 30.32 -45.19 -51.69
CA ARG N 461 29.67 -45.41 -52.98
C ARG N 461 30.55 -46.08 -54.02
N VAL N 462 29.97 -46.35 -55.18
CA VAL N 462 30.66 -47.01 -56.29
C VAL N 462 30.72 -45.99 -57.42
N CYS N 463 31.82 -45.24 -57.46
CA CYS N 463 32.01 -44.29 -58.54
C CYS N 463 32.22 -45.03 -59.86
N ASP N 464 32.33 -44.27 -60.94
CA ASP N 464 32.55 -44.90 -62.24
C ASP N 464 34.02 -44.82 -62.67
N ASN N 465 34.53 -43.59 -62.83
CA ASN N 465 35.90 -43.32 -63.28
C ASN N 465 36.38 -44.32 -64.33
N CYS N 466 37.59 -44.83 -64.19
CA CYS N 466 38.11 -45.84 -65.09
C CYS N 466 37.70 -47.23 -64.61
N GLY N 467 37.05 -47.99 -65.50
CA GLY N 467 36.44 -49.25 -65.15
C GLY N 467 37.30 -50.48 -65.29
N ILE N 468 38.60 -50.33 -65.56
CA ILE N 468 39.47 -51.50 -65.70
C ILE N 468 39.51 -52.30 -64.41
N ARG N 469 39.66 -51.61 -63.29
CA ARG N 469 39.73 -52.26 -61.99
C ARG N 469 38.32 -52.57 -61.48
N PRO N 470 38.19 -53.47 -60.51
CA PRO N 470 36.88 -53.71 -59.90
C PRO N 470 36.45 -52.51 -59.07
N ALA N 471 35.16 -52.50 -58.75
CA ALA N 471 34.55 -51.38 -58.05
C ALA N 471 35.00 -51.36 -56.59
N VAL N 472 34.41 -50.46 -55.80
CA VAL N 472 34.69 -50.41 -54.37
C VAL N 472 34.16 -51.68 -53.73
N ASN N 473 35.03 -52.34 -52.95
CA ASN N 473 34.68 -53.64 -52.39
C ASN N 473 33.48 -53.53 -51.45
N ARG N 474 32.59 -54.52 -51.53
CA ARG N 474 31.42 -54.53 -50.68
C ARG N 474 31.81 -54.80 -49.24
N SER N 475 30.94 -54.39 -48.32
CA SER N 475 31.21 -54.46 -46.90
C SER N 475 30.19 -55.36 -46.23
N ASP N 476 30.57 -55.89 -45.07
CA ASP N 476 29.66 -56.72 -44.29
C ASP N 476 28.42 -55.97 -43.87
N ASP N 477 28.52 -54.66 -43.61
CA ASP N 477 27.36 -53.85 -43.30
C ASP N 477 26.65 -53.34 -44.54
N GLY N 478 27.17 -53.62 -45.72
CA GLY N 478 26.60 -53.10 -46.95
C GLY N 478 27.67 -52.65 -47.93
N GLU N 479 27.64 -51.38 -48.31
CA GLU N 479 28.62 -50.79 -49.20
C GLU N 479 29.17 -49.52 -48.57
N TYR N 480 30.12 -49.68 -47.65
CA TYR N 480 30.83 -48.52 -47.11
C TYR N 480 32.29 -48.87 -46.80
N LEU N 481 32.97 -49.56 -47.72
CA LEU N 481 34.33 -49.99 -47.43
C LEU N 481 35.22 -49.77 -48.65
N CYS N 482 36.07 -48.75 -48.59
CA CYS N 482 37.11 -48.57 -49.58
C CYS N 482 38.27 -49.51 -49.29
N GLU N 483 39.11 -49.74 -50.30
CA GLU N 483 40.19 -50.71 -50.17
C GLU N 483 41.17 -50.30 -49.09
N THR N 484 41.58 -49.03 -49.06
CA THR N 484 42.51 -48.57 -48.03
C THR N 484 41.89 -48.70 -46.65
N CYS N 485 40.65 -48.25 -46.51
CA CYS N 485 39.96 -48.39 -45.23
C CYS N 485 39.73 -49.85 -44.88
N ASN N 486 39.47 -50.69 -45.89
CA ASN N 486 39.34 -52.12 -45.65
C ASN N 486 40.63 -52.69 -45.07
N LEU N 487 41.76 -52.31 -45.65
CA LEU N 487 43.04 -52.81 -45.16
C LEU N 487 43.33 -52.32 -43.75
N VAL N 488 43.03 -51.05 -43.47
CA VAL N 488 43.26 -50.52 -42.13
C VAL N 488 42.38 -51.21 -41.11
N ARG N 489 41.12 -51.47 -41.48
CA ARG N 489 40.22 -52.21 -40.60
C ARG N 489 40.75 -53.61 -40.35
N ASP N 490 41.27 -54.26 -41.38
CA ASP N 490 41.86 -55.59 -41.20
C ASP N 490 43.04 -55.53 -40.24
N LEU N 491 43.87 -54.50 -40.37
CA LEU N 491 45.01 -54.34 -39.46
C LEU N 491 44.55 -54.14 -38.03
N SER N 492 43.51 -53.32 -37.84
CA SER N 492 43.05 -52.95 -36.52
C SER N 492 42.12 -53.98 -35.88
N LYS N 493 41.69 -54.99 -36.64
CA LYS N 493 40.78 -55.99 -36.09
C LYS N 493 41.39 -56.69 -34.89
N ASN N 494 42.68 -57.01 -34.96
CA ASN N 494 43.34 -57.72 -33.86
C ASN N 494 43.86 -56.76 -32.80
N ARG N 495 44.55 -55.70 -33.23
CA ARG N 495 45.22 -54.79 -32.32
C ARG N 495 44.60 -53.40 -32.42
N GLY N 496 44.68 -52.66 -31.32
CA GLY N 496 44.11 -51.32 -31.27
C GLY N 496 43.45 -51.04 -29.94
N PHE N 497 42.29 -50.38 -29.97
CA PHE N 497 41.57 -50.11 -28.72
C PHE N 497 41.16 -51.40 -28.04
N ILE N 498 40.76 -52.41 -28.81
CA ILE N 498 40.35 -53.68 -28.23
C ILE N 498 41.49 -54.31 -27.45
N ALA N 499 42.72 -54.18 -27.96
CA ALA N 499 43.89 -54.66 -27.24
C ALA N 499 44.05 -53.93 -25.91
N LYS N 500 43.84 -52.62 -25.91
CA LYS N 500 43.91 -51.85 -24.67
C LYS N 500 42.85 -52.32 -23.69
N TYR N 501 41.63 -52.58 -24.17
CA TYR N 501 40.57 -53.04 -23.30
C TYR N 501 40.89 -54.42 -22.71
N LYS N 502 41.49 -55.29 -23.51
CA LYS N 502 41.80 -56.65 -23.08
C LYS N 502 43.16 -56.74 -22.39
N SER N 503 43.70 -55.62 -21.92
CA SER N 503 44.98 -55.62 -21.23
C SER N 503 44.76 -55.53 -19.72
N LYS N 504 45.88 -55.46 -19.00
CA LYS N 504 45.84 -55.28 -17.54
C LYS N 504 46.98 -54.35 -17.17
N TYR N 505 46.68 -53.07 -17.02
CA TYR N 505 47.68 -52.09 -16.62
C TYR N 505 47.95 -52.20 -15.13
N THR N 506 49.21 -51.98 -14.75
CA THR N 506 49.63 -52.02 -13.36
C THR N 506 50.33 -50.71 -13.02
N LEU N 507 50.01 -50.16 -11.85
CA LEU N 507 50.65 -48.95 -11.35
C LEU N 507 51.61 -49.34 -10.25
N TYR N 508 52.91 -49.32 -10.57
CA TYR N 508 53.94 -49.73 -9.63
C TYR N 508 54.24 -48.57 -8.69
N GLU N 509 53.88 -48.74 -7.42
CA GLU N 509 54.05 -47.72 -6.40
C GLU N 509 54.33 -48.43 -5.08
N GLU N 510 54.15 -47.71 -3.97
CA GLU N 510 54.29 -48.33 -2.66
C GLU N 510 53.40 -49.55 -2.51
N GLN N 511 52.27 -49.58 -3.20
CA GLN N 511 51.44 -50.77 -3.32
C GLN N 511 51.07 -50.91 -4.79
N ARG N 512 51.62 -51.94 -5.44
CA ARG N 512 51.30 -52.17 -6.85
C ARG N 512 49.81 -52.44 -7.01
N ILE N 513 49.17 -51.66 -7.87
CA ILE N 513 47.74 -51.78 -8.12
C ILE N 513 47.53 -52.03 -9.61
N GLU N 514 46.74 -53.05 -9.92
CA GLU N 514 46.47 -53.43 -11.30
C GLU N 514 45.09 -52.96 -11.73
N ILE N 515 44.91 -52.80 -13.04
CA ILE N 515 43.66 -52.35 -13.62
C ILE N 515 43.30 -53.26 -14.77
N SER N 516 42.13 -53.90 -14.70
CA SER N 516 41.66 -54.81 -15.73
C SER N 516 40.35 -54.30 -16.32
N PRO N 517 40.40 -53.59 -17.44
CA PRO N 517 39.15 -53.03 -18.00
C PRO N 517 38.11 -54.08 -18.30
N LYS N 518 38.51 -55.31 -18.64
CA LYS N 518 37.53 -56.36 -18.86
C LYS N 518 36.77 -56.67 -17.58
N GLU N 519 37.33 -56.34 -16.43
CA GLU N 519 36.69 -56.61 -15.14
C GLU N 519 36.36 -55.34 -14.37
N ASP N 520 36.69 -54.17 -14.91
CA ASP N 520 36.45 -52.90 -14.22
C ASP N 520 35.33 -52.08 -14.83
N ILE N 521 35.16 -52.13 -16.15
CA ILE N 521 34.10 -51.36 -16.78
C ILE N 521 32.76 -51.98 -16.42
N LYS N 522 31.80 -51.13 -16.04
CA LYS N 522 30.48 -51.57 -15.61
C LYS N 522 29.45 -51.50 -16.73
N PHE N 523 29.89 -51.62 -17.98
CA PHE N 523 28.98 -51.59 -19.12
C PHE N 523 28.46 -53.00 -19.36
N LYS N 524 27.25 -53.27 -18.88
CA LYS N 524 26.62 -54.58 -19.08
C LYS N 524 26.24 -54.74 -20.53
N LEU N 525 26.92 -55.64 -21.23
CA LEU N 525 26.66 -55.92 -22.64
C LEU N 525 26.39 -57.41 -22.82
N ASP N 526 25.47 -57.72 -23.72
CA ASP N 526 25.23 -59.10 -24.09
C ASP N 526 26.46 -59.69 -24.78
N LYS N 527 26.66 -60.99 -24.62
CA LYS N 527 27.80 -61.65 -25.24
C LYS N 527 27.77 -61.58 -26.76
N ASN N 528 26.62 -61.27 -27.35
CA ASN N 528 26.50 -61.10 -28.78
C ASN N 528 26.83 -59.68 -29.24
N GLN N 529 27.23 -58.80 -28.33
CA GLN N 529 27.53 -57.42 -28.64
C GLN N 529 29.04 -57.21 -28.69
N ASP N 530 29.45 -56.24 -29.51
CA ASP N 530 30.87 -55.98 -29.78
C ASP N 530 31.36 -54.77 -29.03
N PRO N 531 32.31 -54.93 -28.09
CA PRO N 531 32.83 -53.77 -27.36
C PRO N 531 33.47 -52.73 -28.26
N THR N 532 34.12 -53.13 -29.36
CA THR N 532 34.76 -52.15 -30.22
C THR N 532 33.72 -51.22 -30.85
N SER N 533 32.54 -51.75 -31.18
CA SER N 533 31.48 -50.90 -31.71
C SER N 533 31.05 -49.85 -30.69
N TYR N 534 30.91 -50.25 -29.43
CA TYR N 534 30.53 -49.34 -28.35
C TYR N 534 31.73 -48.75 -27.64
N ALA N 535 32.89 -48.69 -28.30
CA ALA N 535 34.09 -48.16 -27.65
C ALA N 535 33.91 -46.70 -27.26
N MET N 536 33.32 -45.89 -28.14
CA MET N 536 33.13 -44.48 -27.82
C MET N 536 32.20 -44.31 -26.63
N GLU N 537 31.13 -45.11 -26.59
CA GLU N 537 30.22 -45.05 -25.45
C GLU N 537 30.89 -45.51 -24.17
N ILE N 538 31.73 -46.55 -24.26
CA ILE N 538 32.44 -47.05 -23.09
C ILE N 538 33.34 -45.97 -22.53
N ILE N 539 34.10 -45.31 -23.40
CA ILE N 539 34.97 -44.23 -22.95
C ILE N 539 34.15 -43.08 -22.40
N ALA N 540 32.99 -42.83 -22.99
CA ALA N 540 32.11 -41.77 -22.49
C ALA N 540 31.65 -42.07 -21.06
N GLY N 541 31.28 -43.32 -20.80
CA GLY N 541 30.88 -43.70 -19.46
C GLY N 541 29.50 -44.30 -19.37
N TYR N 542 28.96 -44.78 -20.49
CA TYR N 542 27.66 -45.43 -20.49
C TYR N 542 27.72 -46.69 -19.65
N ARG N 543 27.15 -46.66 -18.45
CA ARG N 543 27.09 -47.86 -17.64
C ARG N 543 26.08 -48.85 -18.17
N THR N 544 25.09 -48.37 -18.91
CA THR N 544 24.13 -49.20 -19.62
C THR N 544 23.86 -48.59 -20.98
N THR N 545 23.28 -49.39 -21.88
CA THR N 545 22.96 -48.87 -23.21
C THR N 545 21.97 -47.73 -23.12
N SER N 546 20.97 -47.85 -22.24
CA SER N 546 19.99 -46.79 -22.01
C SER N 546 20.62 -45.76 -21.07
N ASP N 547 21.56 -45.00 -21.61
CA ASP N 547 22.23 -43.96 -20.86
C ASP N 547 22.60 -42.82 -21.79
N SER N 548 22.43 -41.59 -21.30
CA SER N 548 22.83 -40.39 -22.03
C SER N 548 23.96 -39.73 -21.26
N ARG N 549 25.08 -39.48 -21.93
CA ARG N 549 26.26 -38.94 -21.28
C ARG N 549 27.27 -38.46 -22.30
N TYR N 550 27.76 -37.23 -22.13
CA TYR N 550 28.72 -36.67 -23.08
C TYR N 550 30.13 -37.14 -22.74
N ILE N 551 31.01 -37.00 -23.73
CA ILE N 551 32.42 -37.37 -23.59
C ILE N 551 33.26 -36.18 -24.01
N ALA N 552 34.33 -35.91 -23.27
CA ALA N 552 35.15 -34.73 -23.49
C ALA N 552 36.47 -35.09 -24.15
N LEU N 553 36.99 -34.15 -24.93
CA LEU N 553 38.27 -34.29 -25.61
C LEU N 553 39.23 -33.25 -25.06
N ILE N 554 40.43 -33.68 -24.70
CA ILE N 554 41.44 -32.81 -24.12
C ILE N 554 42.68 -32.87 -25.00
N LYS N 555 43.10 -31.72 -25.51
CA LYS N 555 44.31 -31.60 -26.31
C LYS N 555 45.18 -30.51 -25.72
N ALA N 556 46.46 -30.81 -25.54
CA ALA N 556 47.39 -29.88 -24.93
C ALA N 556 48.64 -29.75 -25.79
N ASP N 557 49.27 -28.57 -25.72
CA ASP N 557 50.46 -28.30 -26.50
C ASP N 557 51.30 -27.25 -25.77
N GLY N 558 52.61 -27.34 -25.94
CA GLY N 558 53.49 -26.37 -25.33
C GLY N 558 53.37 -25.00 -25.98
N ASN N 559 53.87 -24.00 -25.26
CA ASN N 559 53.77 -22.61 -25.69
C ASN N 559 55.11 -22.12 -26.19
N ASN N 560 55.14 -21.63 -27.43
CA ASN N 560 56.33 -21.01 -28.02
C ASN N 560 57.53 -21.94 -27.97
N ALA N 561 57.30 -23.22 -28.24
CA ALA N 561 58.37 -24.21 -28.13
C ALA N 561 59.41 -24.04 -29.23
N GLY N 562 58.99 -23.68 -30.45
CA GLY N 562 59.92 -23.62 -31.56
C GLY N 562 61.01 -22.59 -31.35
N LYS N 563 60.62 -21.36 -31.02
CA LYS N 563 61.60 -20.32 -30.76
C LYS N 563 62.40 -20.61 -29.49
N ILE N 564 61.78 -21.24 -28.50
CA ILE N 564 62.49 -21.62 -27.28
C ILE N 564 63.64 -22.56 -27.60
N PHE N 565 63.36 -23.58 -28.41
CA PHE N 565 64.42 -24.50 -28.82
C PHE N 565 65.39 -23.84 -29.78
N GLY N 566 64.93 -22.85 -30.55
CA GLY N 566 65.86 -22.09 -31.37
C GLY N 566 66.88 -21.33 -30.55
N ASN N 567 66.44 -20.77 -29.43
CA ASN N 567 67.34 -20.06 -28.51
C ASN N 567 67.92 -21.02 -27.48
N THR N 568 68.67 -21.99 -27.99
CA THR N 568 69.31 -23.02 -27.17
C THR N 568 70.81 -22.92 -27.36
N VAL N 569 71.55 -22.94 -26.25
CA VAL N 569 73.00 -22.74 -26.32
C VAL N 569 73.67 -23.92 -27.00
N THR N 570 73.33 -25.14 -26.61
CA THR N 570 73.98 -26.33 -27.11
C THR N 570 72.96 -27.43 -27.34
N PHE N 571 73.36 -28.42 -28.14
CA PHE N 571 72.46 -29.53 -28.44
C PHE N 571 72.10 -30.31 -27.19
N SER N 572 73.06 -30.43 -26.25
CA SER N 572 72.77 -31.12 -24.99
C SER N 572 71.67 -30.42 -24.22
N GLU N 573 71.67 -29.09 -24.23
CA GLU N 573 70.60 -28.35 -23.58
C GLU N 573 69.25 -28.65 -24.21
N TYR N 574 69.21 -28.72 -25.54
CA TYR N 574 67.96 -29.05 -26.24
C TYR N 574 67.48 -30.43 -25.84
N VAL N 575 68.39 -31.41 -25.83
CA VAL N 575 68.01 -32.78 -25.48
C VAL N 575 67.49 -32.83 -24.04
N ASP N 576 68.18 -32.14 -23.13
CA ASP N 576 67.75 -32.12 -21.75
C ASP N 576 66.37 -31.50 -21.61
N LYS N 577 66.12 -30.39 -22.31
CA LYS N 577 64.82 -29.74 -22.24
C LYS N 577 63.72 -30.64 -22.76
N SER N 578 63.96 -31.32 -23.88
CA SER N 578 62.96 -32.22 -24.44
C SER N 578 62.68 -33.37 -23.48
N PHE N 579 63.74 -33.97 -22.92
CA PHE N 579 63.55 -35.07 -21.98
C PHE N 579 62.78 -34.63 -20.75
N ARG N 580 63.13 -33.45 -20.22
CA ARG N 580 62.42 -32.95 -19.06
C ARG N 580 60.95 -32.71 -19.38
N LEU N 581 60.66 -32.13 -20.54
CA LEU N 581 59.27 -31.89 -20.92
C LEU N 581 58.48 -33.20 -20.98
N ASP N 582 59.02 -34.19 -21.71
CA ASP N 582 58.29 -35.44 -21.89
C ASP N 582 58.08 -36.16 -20.55
N PHE N 583 59.17 -36.30 -19.78
CA PHE N 583 59.06 -37.02 -18.52
C PHE N 583 58.16 -36.30 -17.55
N GLY N 584 58.19 -34.96 -17.53
CA GLY N 584 57.31 -34.22 -16.64
C GLY N 584 55.85 -34.36 -17.03
N VAL N 585 55.57 -34.39 -18.34
CA VAL N 585 54.20 -34.60 -18.78
C VAL N 585 53.70 -35.96 -18.33
N LYS N 586 54.52 -37.00 -18.53
CA LYS N 586 54.11 -38.34 -18.09
C LYS N 586 53.97 -38.40 -16.57
N LYS N 587 54.86 -37.73 -15.85
CA LYS N 587 54.76 -37.69 -14.39
C LYS N 587 53.48 -37.00 -13.94
N MET N 588 53.10 -35.91 -14.60
CA MET N 588 51.86 -35.23 -14.25
C MET N 588 50.66 -36.13 -14.47
N PHE N 589 50.63 -36.82 -15.61
CA PHE N 589 49.51 -37.74 -15.86
C PHE N 589 49.46 -38.84 -14.81
N TYR N 590 50.62 -39.43 -14.49
CA TYR N 590 50.66 -40.50 -13.51
C TYR N 590 50.22 -40.01 -12.13
N ASP N 591 50.65 -38.82 -11.74
CA ASP N 591 50.27 -38.28 -10.45
C ASP N 591 48.78 -37.96 -10.40
N THR N 592 48.21 -37.50 -11.51
CA THR N 592 46.77 -37.29 -11.55
C THR N 592 46.04 -38.61 -11.38
N LEU N 593 46.53 -39.67 -12.04
CA LEU N 593 45.93 -40.99 -11.85
C LEU N 593 46.01 -41.44 -10.41
N LEU N 594 47.16 -41.21 -9.77
CA LEU N 594 47.32 -41.58 -8.36
C LEU N 594 46.34 -40.82 -7.48
N ASP N 595 46.18 -39.52 -7.76
CA ASP N 595 45.23 -38.72 -6.99
C ASP N 595 43.82 -39.26 -7.15
N ILE N 596 43.44 -39.63 -8.37
CA ILE N 596 42.13 -40.23 -8.58
C ILE N 596 42.01 -41.53 -7.80
N MET N 597 43.09 -42.33 -7.77
CA MET N 597 43.05 -43.60 -7.05
C MET N 597 42.84 -43.38 -5.56
N ARG N 598 43.51 -42.37 -4.99
CA ARG N 598 43.32 -42.04 -3.58
C ARG N 598 42.21 -41.01 -3.46
N ALA N 599 40.98 -41.51 -3.37
CA ALA N 599 39.80 -40.67 -3.29
C ALA N 599 38.91 -40.98 -2.10
N SER N 600 39.29 -41.93 -1.25
CA SER N 600 38.54 -42.28 -0.05
C SER N 600 37.10 -42.68 -0.39
N SER N 601 36.92 -43.36 -1.51
CA SER N 601 35.62 -43.85 -1.94
C SER N 601 35.77 -45.33 -2.30
N ASP N 602 34.70 -45.93 -2.80
CA ASP N 602 34.73 -47.35 -3.11
C ASP N 602 35.73 -47.62 -4.23
N GLU N 603 36.50 -48.70 -4.07
CA GLU N 603 37.56 -49.00 -5.02
C GLU N 603 37.01 -49.32 -6.40
N SER N 604 35.78 -49.84 -6.48
CA SER N 604 35.20 -50.17 -7.76
C SER N 604 35.02 -48.91 -8.61
N ILE N 605 34.54 -47.83 -8.00
CA ILE N 605 34.25 -46.62 -8.76
C ILE N 605 35.53 -46.02 -9.32
N LYS N 606 36.56 -45.90 -8.47
CA LYS N 606 37.81 -45.33 -8.92
C LYS N 606 38.48 -46.23 -9.95
N LYS N 607 38.39 -47.55 -9.76
CA LYS N 607 38.98 -48.46 -10.73
C LYS N 607 38.32 -48.30 -12.09
N ASP N 608 36.98 -48.21 -12.11
CA ASP N 608 36.27 -48.02 -13.36
C ASP N 608 36.64 -46.70 -14.02
N LEU N 609 36.71 -45.62 -13.22
CA LEU N 609 37.05 -44.32 -13.77
C LEU N 609 38.46 -44.32 -14.36
N VAL N 610 39.40 -44.93 -13.65
CA VAL N 610 40.77 -45.00 -14.14
C VAL N 610 40.83 -45.82 -15.42
N SER N 611 40.07 -46.92 -15.47
CA SER N 611 40.04 -47.75 -16.67
C SER N 611 39.53 -46.95 -17.86
N ARG N 612 38.45 -46.20 -17.65
CA ARG N 612 37.89 -45.40 -18.74
C ARG N 612 38.87 -44.32 -19.19
N ILE N 613 39.55 -43.68 -18.24
CA ILE N 613 40.51 -42.64 -18.59
C ILE N 613 41.66 -43.23 -19.40
N LEU N 614 42.18 -44.38 -18.95
CA LEU N 614 43.28 -45.02 -19.67
C LEU N 614 42.87 -45.43 -21.07
N LEU N 615 41.66 -45.97 -21.22
CA LEU N 615 41.17 -46.32 -22.54
C LEU N 615 41.02 -45.08 -23.42
N GLY N 616 40.62 -43.97 -22.84
CA GLY N 616 40.42 -42.76 -23.61
C GLY N 616 41.67 -41.93 -23.82
N VAL N 617 42.78 -42.59 -24.13
CA VAL N 617 44.05 -41.92 -24.39
C VAL N 617 44.47 -42.26 -25.81
N LEU N 618 44.69 -41.24 -26.63
CA LEU N 618 45.17 -41.45 -27.99
C LEU N 618 46.69 -41.45 -28.05
N TYR N 619 47.31 -40.35 -27.64
CA TYR N 619 48.76 -40.29 -27.57
C TYR N 619 49.16 -39.20 -26.57
N LEU N 620 50.12 -39.53 -25.72
CA LEU N 620 50.59 -38.63 -24.68
C LEU N 620 52.11 -38.59 -24.72
N GLY N 621 52.68 -37.42 -24.44
CA GLY N 621 54.12 -37.29 -24.41
C GLY N 621 54.61 -36.12 -25.25
N GLY N 622 55.60 -35.39 -24.73
CA GLY N 622 56.13 -34.27 -25.48
C GLY N 622 55.09 -33.19 -25.67
N ASP N 623 55.20 -32.47 -26.79
CA ASP N 623 54.29 -31.37 -27.07
C ASP N 623 52.90 -31.84 -27.50
N ASP N 624 52.72 -33.13 -27.79
CA ASP N 624 51.47 -33.65 -28.30
C ASP N 624 50.76 -34.41 -27.19
N ILE N 625 49.60 -33.91 -26.78
CA ILE N 625 48.79 -34.52 -25.75
C ILE N 625 47.36 -34.66 -26.26
N MET N 626 46.82 -35.86 -26.19
CA MET N 626 45.44 -36.13 -26.59
C MET N 626 44.78 -37.00 -25.54
N LEU N 627 43.57 -36.62 -25.13
CA LEU N 627 42.86 -37.33 -24.07
C LEU N 627 41.37 -37.29 -24.34
N LEU N 628 40.68 -38.37 -24.00
CA LEU N 628 39.25 -38.50 -24.22
C LEU N 628 38.53 -38.91 -22.94
N SER N 629 38.86 -38.24 -21.83
CA SER N 629 38.26 -38.57 -20.56
C SER N 629 36.77 -38.24 -20.57
N PRO N 630 35.98 -38.91 -19.73
CA PRO N 630 34.54 -38.60 -19.66
C PRO N 630 34.32 -37.17 -19.18
N SER N 631 33.21 -36.59 -19.64
CA SER N 631 32.91 -35.19 -19.34
C SER N 631 32.72 -34.96 -17.85
N ALA N 632 32.25 -35.95 -17.10
CA ALA N 632 31.97 -35.75 -15.68
C ALA N 632 33.24 -35.55 -14.87
N ILE N 633 34.41 -35.84 -15.44
CA ILE N 633 35.67 -35.74 -14.70
C ILE N 633 36.72 -34.96 -15.49
N ALA N 634 36.38 -34.48 -16.68
CA ALA N 634 37.39 -33.95 -17.59
C ALA N 634 38.04 -32.68 -17.05
N VAL N 635 37.25 -31.64 -16.84
CA VAL N 635 37.81 -30.34 -16.45
C VAL N 635 38.59 -30.42 -15.14
N PRO N 636 38.06 -31.03 -14.07
CA PRO N 636 38.89 -31.18 -12.86
C PRO N 636 40.16 -31.98 -13.12
N PHE N 637 40.11 -32.99 -13.99
CA PHE N 637 41.31 -33.73 -14.33
C PHE N 637 42.35 -32.81 -14.96
N ALA N 638 41.92 -31.98 -15.91
CA ALA N 638 42.85 -31.07 -16.56
C ALA N 638 43.42 -30.07 -15.55
N VAL N 639 42.58 -29.58 -14.64
CA VAL N 639 43.05 -28.62 -13.64
C VAL N 639 44.10 -29.26 -12.75
N LYS N 640 43.82 -30.47 -12.26
CA LYS N 640 44.77 -31.15 -11.40
C LYS N 640 46.05 -31.50 -12.14
N MET N 641 45.94 -31.79 -13.44
CA MET N 641 47.13 -32.14 -14.21
C MET N 641 48.01 -30.93 -14.49
N PHE N 642 47.40 -29.78 -14.79
CA PHE N 642 48.14 -28.62 -15.24
C PHE N 642 48.30 -27.55 -14.18
N LYS N 643 47.90 -27.82 -12.93
CA LYS N 643 48.19 -26.87 -11.87
C LYS N 643 49.69 -26.72 -11.65
N ARG N 644 50.43 -27.82 -11.75
CA ARG N 644 51.87 -27.84 -11.51
C ARG N 644 52.66 -28.08 -12.78
N SER N 645 52.15 -27.61 -13.92
CA SER N 645 52.85 -27.81 -15.18
C SER N 645 54.20 -27.11 -15.19
N LEU N 646 54.25 -25.86 -14.71
CA LEU N 646 55.52 -25.16 -14.65
C LEU N 646 56.48 -25.83 -13.68
N GLU N 647 55.95 -26.37 -12.57
CA GLU N 647 56.79 -27.07 -11.62
C GLU N 647 57.39 -28.33 -12.24
N TYR N 648 56.60 -29.07 -13.01
CA TYR N 648 57.08 -30.34 -13.55
C TYR N 648 57.95 -30.14 -14.78
N THR N 649 57.38 -29.57 -15.85
CA THR N 649 58.10 -29.44 -17.11
C THR N 649 58.71 -28.06 -17.31
N GLY N 650 58.13 -27.02 -16.70
CA GLY N 650 58.58 -25.66 -16.93
C GLY N 650 58.01 -25.01 -18.16
N PHE N 651 57.14 -25.70 -18.91
CA PHE N 651 56.53 -25.15 -20.10
C PHE N 651 55.05 -24.87 -19.84
N THR N 652 54.62 -23.65 -20.15
CA THR N 652 53.21 -23.34 -20.13
C THR N 652 52.50 -24.08 -21.25
N PHE N 653 51.27 -24.50 -21.00
CA PHE N 653 50.50 -25.29 -21.95
C PHE N 653 49.20 -24.58 -22.30
N LYS N 654 48.89 -24.55 -23.60
CA LYS N 654 47.58 -24.15 -24.07
C LYS N 654 46.75 -25.42 -24.24
N VAL N 655 45.60 -25.47 -23.57
CA VAL N 655 44.76 -26.65 -23.56
C VAL N 655 43.35 -26.26 -24.01
N GLY N 656 42.80 -27.00 -24.95
CA GLY N 656 41.42 -26.85 -25.38
C GLY N 656 40.63 -28.08 -25.00
N ILE N 657 39.45 -27.85 -24.42
CA ILE N 657 38.57 -28.92 -23.96
C ILE N 657 37.20 -28.71 -24.58
N ILE N 658 36.66 -29.76 -25.21
CA ILE N 658 35.32 -29.76 -25.75
C ILE N 658 34.57 -30.94 -25.16
N SER N 659 33.27 -31.00 -25.44
CA SER N 659 32.44 -32.09 -24.94
C SER N 659 31.31 -32.31 -25.95
N VAL N 660 31.48 -33.34 -26.79
CA VAL N 660 30.51 -33.67 -27.80
C VAL N 660 29.82 -34.97 -27.41
N LYS N 661 28.68 -35.23 -28.04
CA LYS N 661 27.97 -36.47 -27.83
C LYS N 661 28.77 -37.64 -28.37
N PRO N 662 28.56 -38.84 -27.83
CA PRO N 662 29.33 -40.01 -28.30
C PRO N 662 29.19 -40.27 -29.78
N ASP N 663 28.02 -40.01 -30.37
CA ASP N 663 27.82 -40.28 -31.78
C ASP N 663 28.54 -39.29 -32.69
N HIS N 664 29.11 -38.23 -32.12
CA HIS N 664 29.77 -37.21 -32.94
C HIS N 664 30.95 -37.81 -33.69
N PRO N 665 31.19 -37.40 -34.94
CA PRO N 665 32.38 -37.88 -35.65
C PRO N 665 33.65 -37.45 -34.93
N VAL N 666 34.67 -38.31 -35.02
CA VAL N 666 35.85 -38.14 -34.18
C VAL N 666 36.85 -37.18 -34.82
N GLN N 667 37.06 -37.27 -36.12
CA GLN N 667 38.08 -36.45 -36.77
C GLN N 667 37.71 -34.97 -36.73
N PHE N 668 36.44 -34.65 -36.97
CA PHE N 668 36.03 -33.25 -36.93
C PHE N 668 36.07 -32.71 -35.51
N ALA N 669 35.74 -33.55 -34.53
CA ALA N 669 35.90 -33.14 -33.13
C ALA N 669 37.36 -32.88 -32.81
N TYR N 670 38.26 -33.71 -33.32
CA TYR N 670 39.69 -33.49 -33.14
C TYR N 670 40.13 -32.16 -33.74
N GLY N 671 39.67 -31.87 -34.96
CA GLY N 671 40.01 -30.60 -35.58
C GLY N 671 39.49 -29.42 -34.79
N ALA N 672 38.23 -29.50 -34.34
CA ALA N 672 37.65 -28.41 -33.57
C ALA N 672 38.40 -28.20 -32.25
N VAL N 673 38.73 -29.28 -31.55
CA VAL N 673 39.42 -29.13 -30.28
C VAL N 673 40.83 -28.61 -30.49
N ASN N 674 41.48 -28.99 -31.60
CA ASN N 674 42.78 -28.41 -31.92
C ASN N 674 42.66 -26.91 -32.15
N ALA N 675 41.64 -26.49 -32.89
CA ALA N 675 41.44 -25.07 -33.12
C ALA N 675 41.20 -24.32 -31.82
N LEU N 676 40.37 -24.89 -30.94
CA LEU N 676 40.11 -24.26 -29.65
C LEU N 676 41.38 -24.16 -28.82
N MET N 677 42.20 -25.22 -28.81
CA MET N 677 43.45 -25.19 -28.07
C MET N 677 44.38 -24.12 -28.60
N GLU N 678 44.47 -24.00 -29.93
CA GLU N 678 45.33 -22.97 -30.52
C GLU N 678 44.83 -21.58 -30.17
N GLU N 679 43.50 -21.37 -30.21
CA GLU N 679 42.96 -20.06 -29.89
C GLU N 679 43.16 -19.69 -28.43
N SER N 680 43.07 -20.67 -27.52
CA SER N 680 43.22 -20.42 -26.09
C SER N 680 44.70 -20.39 -25.72
N LYS N 681 45.38 -19.37 -26.23
CA LYS N 681 46.79 -19.15 -25.96
C LYS N 681 46.97 -17.84 -25.22
N ILE N 682 47.67 -17.89 -24.08
CA ILE N 682 47.99 -16.67 -23.36
C ILE N 682 49.04 -15.89 -24.13
N HIS N 683 48.74 -14.62 -24.41
CA HIS N 683 49.68 -13.80 -25.19
C HIS N 683 50.97 -13.55 -24.42
N THR N 684 50.89 -13.34 -23.11
CA THR N 684 52.10 -13.20 -22.31
C THR N 684 52.91 -14.49 -22.32
N GLY N 685 52.23 -15.63 -22.19
CA GLY N 685 52.88 -16.92 -22.24
C GLY N 685 53.48 -17.40 -20.93
N GLU N 686 53.33 -16.65 -19.85
CA GLU N 686 53.86 -17.04 -18.55
C GLU N 686 52.90 -17.90 -17.75
N LYS N 687 51.69 -18.15 -18.27
CA LYS N 687 50.71 -18.97 -17.57
C LYS N 687 50.06 -19.92 -18.55
N SER N 688 49.61 -21.06 -18.04
CA SER N 688 48.88 -22.01 -18.85
C SER N 688 47.45 -21.53 -19.07
N SER N 689 46.83 -22.04 -20.14
CA SER N 689 45.47 -21.64 -20.50
C SER N 689 44.61 -22.87 -20.69
N ILE N 690 43.38 -22.80 -20.21
CA ILE N 690 42.41 -23.88 -20.37
C ILE N 690 41.15 -23.29 -20.98
N GLY N 691 40.70 -23.87 -22.09
CA GLY N 691 39.47 -23.46 -22.74
C GLY N 691 38.46 -24.60 -22.71
N VAL N 692 37.24 -24.27 -22.33
CA VAL N 692 36.15 -25.23 -22.21
C VAL N 692 35.01 -24.76 -23.09
N LEU N 693 34.44 -25.68 -23.88
CA LEU N 693 33.37 -25.35 -24.79
C LEU N 693 32.52 -26.59 -25.01
N VAL N 694 31.28 -26.56 -24.52
CA VAL N 694 30.39 -27.71 -24.55
C VAL N 694 29.49 -27.63 -25.77
N PHE N 695 29.40 -28.73 -26.51
CA PHE N 695 28.52 -28.86 -27.65
C PHE N 695 27.32 -29.68 -27.22
N SER N 696 26.31 -29.01 -26.66
CA SER N 696 25.14 -29.71 -26.15
C SER N 696 24.30 -30.29 -27.28
N SER N 697 23.81 -29.43 -28.16
CA SER N 697 22.97 -29.84 -29.28
C SER N 697 23.47 -29.22 -30.58
N THR N 698 24.77 -29.31 -30.82
CA THR N 698 25.36 -28.76 -32.04
C THR N 698 26.66 -29.49 -32.30
N LEU N 699 26.85 -29.91 -33.55
CA LEU N 699 28.07 -30.59 -33.93
C LEU N 699 29.25 -29.62 -33.89
N ALA N 700 30.45 -30.19 -33.79
CA ALA N 700 31.68 -29.42 -33.60
C ALA N 700 32.56 -29.51 -34.83
N SER N 701 33.09 -28.38 -35.26
CA SER N 701 34.06 -28.34 -36.35
C SER N 701 34.95 -27.12 -36.16
N GLU N 702 36.11 -27.15 -36.81
CA GLU N 702 37.06 -26.05 -36.67
C GLU N 702 36.47 -24.74 -37.15
N GLY N 703 35.78 -24.76 -38.30
CA GLY N 703 35.17 -23.53 -38.79
C GLY N 703 34.13 -22.97 -37.86
N VAL N 704 33.30 -23.85 -37.28
CA VAL N 704 32.29 -23.39 -36.33
C VAL N 704 32.94 -22.74 -35.12
N VAL N 705 34.01 -23.36 -34.61
CA VAL N 705 34.71 -22.80 -33.46
C VAL N 705 35.27 -21.42 -33.80
N LYS N 706 35.89 -21.31 -34.98
CA LYS N 706 36.45 -20.02 -35.38
C LYS N 706 35.36 -18.96 -35.50
N SER N 707 34.23 -19.32 -36.12
CA SER N 707 33.15 -18.36 -36.30
C SER N 707 32.58 -17.92 -34.95
N ASP N 708 32.37 -18.86 -34.04
CA ASP N 708 31.82 -18.52 -32.74
C ASP N 708 32.77 -17.63 -31.96
N LEU N 709 34.07 -17.94 -31.99
CA LEU N 709 35.03 -17.11 -31.29
C LEU N 709 35.11 -15.71 -31.88
N LYS N 710 35.05 -15.59 -33.21
CA LYS N 710 35.07 -14.28 -33.83
C LYS N 710 33.79 -13.50 -33.58
N ASN N 711 32.67 -14.19 -33.37
CA ASN N 711 31.41 -13.51 -33.17
C ASN N 711 31.21 -13.07 -31.72
N TYR N 712 31.23 -14.02 -30.79
CA TYR N 712 30.92 -13.70 -29.40
C TYR N 712 32.13 -13.14 -28.67
N ARG N 713 33.23 -13.88 -28.67
CA ARG N 713 34.44 -13.42 -28.00
C ARG N 713 35.01 -12.20 -28.70
N LYS N 714 35.44 -11.21 -27.92
CA LYS N 714 36.12 -10.04 -28.44
C LYS N 714 37.07 -9.52 -27.36
N GLU N 715 37.80 -8.47 -27.71
CA GLU N 715 38.89 -7.99 -26.88
C GLU N 715 38.51 -6.84 -25.96
N LYS N 716 37.31 -6.27 -26.10
CA LYS N 716 36.92 -5.11 -25.31
C LYS N 716 35.80 -5.42 -24.33
N GLU N 717 34.65 -5.91 -24.82
CA GLU N 717 33.51 -6.23 -23.96
C GLU N 717 33.03 -7.63 -24.34
N SER N 718 33.54 -8.63 -23.64
CA SER N 718 33.23 -10.02 -23.96
C SER N 718 32.96 -10.79 -22.68
N PHE N 719 32.20 -11.88 -22.84
CA PHE N 719 31.96 -12.82 -21.76
C PHE N 719 32.65 -14.16 -21.97
N LEU N 720 33.26 -14.37 -23.14
CA LEU N 720 33.96 -15.61 -23.45
C LEU N 720 35.45 -15.31 -23.49
N VAL N 721 36.12 -15.51 -22.36
CA VAL N 721 37.56 -15.24 -22.30
C VAL N 721 38.33 -16.27 -23.12
N VAL N 722 37.88 -17.52 -23.11
CA VAL N 722 38.57 -18.64 -23.76
C VAL N 722 39.94 -18.84 -23.13
N SER N 723 40.83 -17.85 -23.30
CA SER N 723 42.16 -17.93 -22.71
C SER N 723 42.06 -17.74 -21.21
N ASN N 724 41.73 -18.81 -20.49
CA ASN N 724 41.47 -18.74 -19.06
C ASN N 724 42.66 -19.31 -18.30
N ASP N 725 43.12 -18.58 -17.29
CA ASP N 725 44.19 -19.06 -16.44
C ASP N 725 43.74 -20.27 -15.64
N VAL N 726 44.66 -21.19 -15.43
CA VAL N 726 44.33 -22.43 -14.72
C VAL N 726 43.93 -22.15 -13.29
N ASP N 727 44.63 -21.23 -12.63
CA ASP N 727 44.32 -20.93 -11.23
C ASP N 727 42.91 -20.35 -11.07
N ASP N 728 42.42 -19.63 -12.07
CA ASP N 728 41.05 -19.13 -12.02
C ASP N 728 40.06 -20.29 -12.00
N VAL N 729 40.29 -21.29 -12.85
CA VAL N 729 39.42 -22.47 -12.86
C VAL N 729 39.55 -23.23 -11.55
N GLU N 730 40.76 -23.29 -11.00
CA GLU N 730 40.97 -23.95 -9.72
C GLU N 730 40.17 -23.26 -8.62
N ARG N 731 40.21 -21.94 -8.59
CA ARG N 731 39.43 -21.19 -7.61
C ARG N 731 37.94 -21.42 -7.82
N LEU N 732 37.50 -21.47 -9.08
CA LEU N 732 36.09 -21.73 -9.36
C LEU N 732 35.68 -23.10 -8.83
N LEU N 733 36.50 -24.12 -9.06
CA LEU N 733 36.17 -25.45 -8.58
C LEU N 733 36.16 -25.50 -7.06
N ASN N 734 37.12 -24.83 -6.42
CA ASN N 734 37.13 -24.79 -4.96
C ASN N 734 35.88 -24.10 -4.44
N LEU N 735 35.44 -23.03 -5.10
CA LEU N 735 34.23 -22.35 -4.71
C LEU N 735 33.01 -23.25 -4.92
N MET N 736 33.04 -24.10 -5.93
CA MET N 736 31.94 -25.01 -6.21
C MET N 736 32.10 -26.36 -5.51
N GLU N 737 33.14 -26.52 -4.70
CA GLU N 737 33.40 -27.78 -4.01
C GLU N 737 33.48 -28.96 -4.98
N LEU N 738 34.12 -28.73 -6.12
CA LEU N 738 34.27 -29.77 -7.12
C LEU N 738 35.72 -30.18 -7.36
N ASP N 739 36.67 -29.55 -6.68
CA ASP N 739 38.07 -29.94 -6.83
C ASP N 739 38.30 -31.36 -6.30
N ASP N 740 37.65 -31.71 -5.20
CA ASP N 740 37.85 -33.02 -4.58
C ASP N 740 37.32 -34.12 -5.50
N PHE N 741 38.15 -35.12 -5.75
CA PHE N 741 37.73 -36.22 -6.61
C PHE N 741 36.66 -37.07 -5.96
N GLY N 742 36.64 -37.14 -4.62
CA GLY N 742 35.61 -37.93 -3.97
C GLY N 742 34.21 -37.41 -4.23
N LYS N 743 34.04 -36.09 -4.13
CA LYS N 743 32.74 -35.50 -4.44
C LYS N 743 32.36 -35.72 -5.90
N LEU N 744 33.33 -35.55 -6.80
CA LEU N 744 33.06 -35.77 -8.21
C LEU N 744 32.59 -37.20 -8.46
N MET N 745 33.26 -38.17 -7.86
CA MET N 745 32.89 -39.56 -8.09
C MET N 745 31.56 -39.90 -7.44
N GLU N 746 31.29 -39.30 -6.27
CA GLU N 746 29.99 -39.52 -5.64
C GLU N 746 28.86 -39.01 -6.51
N LEU N 747 29.04 -37.84 -7.13
CA LEU N 747 28.06 -37.34 -8.08
C LEU N 747 27.99 -38.22 -9.32
N TYR N 748 29.16 -38.71 -9.77
CA TYR N 748 29.23 -39.45 -11.02
C TYR N 748 28.50 -40.79 -10.92
N TRP N 749 28.78 -41.56 -9.87
CA TRP N 749 28.24 -42.92 -9.80
C TRP N 749 26.75 -42.94 -9.54
N ASN N 750 26.18 -41.84 -9.04
CA ASN N 750 24.76 -41.79 -8.70
C ASN N 750 24.13 -40.58 -9.38
N PRO N 751 23.76 -40.72 -10.65
CA PRO N 751 23.08 -39.61 -11.33
C PRO N 751 21.76 -39.22 -10.70
N GLU N 752 21.11 -40.14 -9.98
CA GLU N 752 19.83 -39.83 -9.35
C GLU N 752 19.95 -38.62 -8.44
N GLU N 753 21.00 -38.57 -7.62
CA GLU N 753 21.28 -37.38 -6.83
C GLU N 753 22.26 -36.45 -7.53
N GLY N 754 23.09 -36.98 -8.42
CA GLY N 754 24.10 -36.15 -9.06
C GLY N 754 23.50 -35.07 -9.94
N ARG N 755 22.51 -35.44 -10.75
CA ARG N 755 21.88 -34.45 -11.62
C ARG N 755 21.23 -33.34 -10.80
N LYS N 756 20.53 -33.73 -9.72
CA LYS N 756 19.89 -32.74 -8.87
C LYS N 756 20.92 -31.81 -8.23
N VAL N 757 22.01 -32.36 -7.72
CA VAL N 757 23.01 -31.54 -7.03
C VAL N 757 23.67 -30.58 -8.01
N ILE N 758 24.05 -31.08 -9.18
CA ILE N 758 24.74 -30.22 -10.14
C ILE N 758 23.79 -29.15 -10.67
N ARG N 759 22.51 -29.50 -10.87
CA ARG N 759 21.56 -28.50 -11.32
C ARG N 759 21.34 -27.43 -10.27
N ASP N 760 21.30 -27.82 -8.99
CA ASP N 760 21.20 -26.83 -7.92
C ASP N 760 22.41 -25.92 -7.90
N LYS N 761 23.60 -26.50 -8.11
CA LYS N 761 24.81 -25.68 -8.12
C LYS N 761 24.87 -24.75 -9.32
N ILE N 762 24.26 -25.15 -10.44
CA ILE N 762 24.44 -24.43 -11.70
C ILE N 762 23.27 -23.53 -12.08
N ARG N 763 22.15 -23.61 -11.36
CA ARG N 763 20.95 -22.90 -11.81
C ARG N 763 21.15 -21.39 -11.81
N SER N 764 21.78 -20.85 -10.76
CA SER N 764 21.96 -19.39 -10.69
C SER N 764 22.88 -18.90 -11.79
N LEU N 765 24.00 -19.58 -12.01
CA LEU N 765 24.90 -19.19 -13.09
C LEU N 765 24.21 -19.32 -14.43
N GLU N 766 23.40 -20.36 -14.61
CA GLU N 766 22.65 -20.53 -15.85
C GLU N 766 21.67 -19.39 -16.06
N ARG N 767 21.03 -18.94 -14.99
CA ARG N 767 20.12 -17.80 -15.08
C ARG N 767 20.88 -16.54 -15.49
N PHE N 768 22.06 -16.33 -14.91
CA PHE N 768 22.87 -15.17 -15.29
C PHE N 768 23.24 -15.23 -16.76
N VAL N 769 23.66 -16.41 -17.24
CA VAL N 769 24.04 -16.54 -18.64
C VAL N 769 22.82 -16.38 -19.55
N ASN N 770 21.66 -16.84 -19.09
CA ASN N 770 20.43 -16.63 -19.85
C ASN N 770 20.17 -15.15 -20.05
N TYR N 771 20.20 -14.39 -18.95
CA TYR N 771 19.99 -12.95 -19.07
C TYR N 771 21.07 -12.30 -19.91
N ALA N 772 22.30 -12.85 -19.87
CA ALA N 772 23.35 -12.38 -20.76
C ALA N 772 22.95 -12.57 -22.21
N ASP N 773 22.37 -13.72 -22.53
CA ASP N 773 21.90 -13.97 -23.89
C ASP N 773 20.70 -13.10 -24.24
N THR N 774 19.97 -12.60 -23.25
CA THR N 774 18.81 -11.76 -23.54
C THR N 774 19.24 -10.39 -24.03
N HIS N 775 20.11 -9.72 -23.29
CA HIS N 775 20.45 -8.33 -23.57
C HIS N 775 21.93 -8.18 -23.91
N ASP N 776 22.37 -6.94 -24.07
CA ASP N 776 23.72 -6.64 -24.51
C ASP N 776 24.66 -6.61 -23.32
N PHE N 777 25.89 -6.15 -23.55
CA PHE N 777 26.93 -6.22 -22.52
C PHE N 777 26.62 -5.32 -21.34
N TYR N 778 26.24 -4.07 -21.61
CA TYR N 778 25.97 -3.12 -20.53
C TYR N 778 24.81 -3.58 -19.67
N ASN N 779 23.71 -3.98 -20.31
CA ASN N 779 22.53 -4.42 -19.56
C ASN N 779 22.85 -5.67 -18.75
N THR N 780 23.59 -6.61 -19.35
CA THR N 780 23.97 -7.81 -18.62
C THR N 780 24.82 -7.49 -17.40
N LEU N 781 25.79 -6.58 -17.56
CA LEU N 781 26.64 -6.22 -16.44
C LEU N 781 25.81 -5.53 -15.35
N ALA N 782 24.86 -4.68 -15.75
CA ALA N 782 24.00 -4.05 -14.76
C ALA N 782 23.21 -5.10 -13.97
N TYR N 783 22.67 -6.10 -14.68
CA TYR N 783 21.92 -7.13 -13.98
C TYR N 783 22.81 -7.96 -13.07
N LEU N 784 24.05 -8.22 -13.51
CA LEU N 784 24.98 -8.95 -12.65
C LEU N 784 25.28 -8.17 -11.37
N ILE N 785 25.50 -6.87 -11.50
CA ILE N 785 25.75 -6.05 -10.32
C ILE N 785 24.53 -6.03 -9.42
N ARG N 786 23.33 -5.97 -10.01
CA ARG N 786 22.12 -6.00 -9.20
C ARG N 786 22.00 -7.32 -8.44
N SER N 787 22.30 -8.43 -9.11
CA SER N 787 22.24 -9.73 -8.45
C SER N 787 23.25 -9.80 -7.32
N LYS N 788 24.45 -9.24 -7.54
CA LYS N 788 25.44 -9.19 -6.46
C LYS N 788 24.93 -8.35 -5.30
N ALA N 789 24.27 -7.23 -5.59
CA ALA N 789 23.76 -6.37 -4.53
C ALA N 789 22.70 -7.08 -3.70
N LYS N 790 21.75 -7.74 -4.36
CA LYS N 790 20.68 -8.46 -3.65
C LYS N 790 21.09 -9.91 -3.43
N SER N 791 22.05 -10.08 -2.52
CA SER N 791 22.52 -11.41 -2.15
C SER N 791 22.91 -11.39 -0.68
N GLU N 792 22.30 -12.27 0.10
CA GLU N 792 22.58 -12.32 1.53
C GLU N 792 24.02 -12.76 1.77
N GLU N 793 24.50 -12.47 2.97
CA GLU N 793 25.87 -12.80 3.33
C GLU N 793 26.08 -14.31 3.32
N ASN N 794 27.31 -14.71 3.02
CA ASN N 794 27.73 -16.11 3.04
C ASN N 794 26.99 -16.94 2.00
N SER N 795 26.42 -16.29 0.99
CA SER N 795 25.78 -17.01 -0.10
C SER N 795 26.78 -17.28 -1.22
N LEU N 796 26.42 -18.19 -2.10
CA LEU N 796 27.32 -18.58 -3.19
C LEU N 796 27.28 -17.60 -4.35
N ILE N 797 26.14 -16.95 -4.58
CA ILE N 797 25.99 -16.08 -5.74
C ILE N 797 26.96 -14.91 -5.66
N LYS N 798 27.05 -14.29 -4.47
CA LYS N 798 27.98 -13.18 -4.31
C LYS N 798 29.42 -13.61 -4.54
N ARG N 799 29.79 -14.80 -4.05
CA ARG N 799 31.14 -15.29 -4.25
C ARG N 799 31.43 -15.51 -5.73
N ILE N 800 30.48 -16.12 -6.45
CA ILE N 800 30.68 -16.38 -7.87
C ILE N 800 30.82 -15.07 -8.64
N ILE N 801 29.94 -14.10 -8.34
CA ILE N 801 30.00 -12.82 -9.05
C ILE N 801 31.29 -12.10 -8.75
N ASP N 802 31.74 -12.13 -7.49
CA ASP N 802 32.99 -11.48 -7.14
C ASP N 802 34.17 -12.13 -7.86
N LEU N 803 34.18 -13.46 -7.94
CA LEU N 803 35.25 -14.13 -8.68
C LEU N 803 35.22 -13.74 -10.14
N THR N 804 34.01 -13.62 -10.72
CA THR N 804 33.90 -13.27 -12.13
C THR N 804 34.37 -11.85 -12.39
N ILE N 805 33.97 -10.90 -11.55
CA ILE N 805 34.21 -9.49 -11.82
C ILE N 805 35.60 -9.07 -11.38
N LYS N 806 35.89 -9.24 -10.10
CA LYS N 806 37.18 -8.82 -9.56
C LYS N 806 38.32 -9.56 -10.25
N GLY N 807 39.40 -8.84 -10.52
CA GLY N 807 40.55 -9.40 -11.19
C GLY N 807 40.51 -9.35 -12.70
N ARG N 808 39.56 -8.62 -13.29
CA ARG N 808 39.46 -8.49 -14.73
C ARG N 808 39.79 -7.06 -15.10
N ASP N 809 40.78 -6.89 -15.99
CA ASP N 809 41.28 -5.55 -16.30
C ASP N 809 40.37 -4.82 -17.28
N ASP N 810 40.22 -5.36 -18.49
CA ASP N 810 39.34 -4.77 -19.48
C ASP N 810 37.90 -5.15 -19.13
N PHE N 811 36.95 -4.78 -20.00
CA PHE N 811 35.59 -5.23 -19.80
C PHE N 811 35.43 -6.65 -20.33
N VAL N 812 36.33 -7.53 -19.92
CA VAL N 812 36.30 -8.93 -20.32
C VAL N 812 36.08 -9.76 -19.06
N PHE N 813 35.02 -10.54 -19.05
CA PHE N 813 34.64 -11.24 -17.83
C PHE N 813 34.30 -12.69 -18.15
N PRO N 814 34.96 -13.65 -17.52
CA PRO N 814 34.62 -15.04 -17.79
C PRO N 814 33.27 -15.40 -17.19
N LEU N 815 32.25 -15.43 -18.04
CA LEU N 815 30.92 -15.87 -17.67
C LEU N 815 30.49 -17.08 -18.48
N TYR N 816 30.57 -16.98 -19.80
CA TYR N 816 30.38 -18.14 -20.65
C TYR N 816 31.40 -19.23 -20.32
N ASP N 817 32.62 -18.82 -20.00
CA ASP N 817 33.67 -19.80 -19.66
C ASP N 817 33.30 -20.59 -18.42
N TYR N 818 32.94 -19.89 -17.34
CA TYR N 818 32.56 -20.58 -16.12
C TYR N 818 31.29 -21.41 -16.32
N TYR N 819 30.34 -20.87 -17.08
CA TYR N 819 29.11 -21.61 -17.35
C TYR N 819 29.41 -22.90 -18.08
N PHE N 820 30.29 -22.87 -19.07
CA PHE N 820 30.63 -24.09 -19.79
C PHE N 820 31.44 -25.04 -18.94
N ILE N 821 32.29 -24.50 -18.06
CA ILE N 821 33.03 -25.36 -17.15
C ILE N 821 32.07 -26.14 -16.26
N LEU N 822 31.06 -25.46 -15.73
CA LEU N 822 30.04 -26.16 -14.95
C LEU N 822 29.21 -27.09 -15.83
N LYS N 823 28.93 -26.67 -17.06
CA LYS N 823 28.07 -27.46 -17.94
C LYS N 823 28.73 -28.76 -18.35
N SER N 824 30.06 -28.78 -18.43
CA SER N 824 30.76 -30.03 -18.73
C SER N 824 30.44 -31.09 -17.69
N ILE N 825 30.57 -30.74 -16.42
CA ILE N 825 30.23 -31.67 -15.35
C ILE N 825 28.73 -31.95 -15.32
N ARG N 826 27.92 -30.94 -15.63
CA ARG N 826 26.48 -31.13 -15.64
C ARG N 826 26.06 -32.20 -16.65
N VAL N 827 26.60 -32.12 -17.86
CA VAL N 827 26.28 -33.10 -18.89
C VAL N 827 27.07 -34.39 -18.73
N GLY N 828 28.11 -34.39 -17.90
CA GLY N 828 28.84 -35.61 -17.64
C GLY N 828 28.03 -36.65 -16.91
N ILE N 829 26.91 -36.27 -16.29
CA ILE N 829 26.06 -37.21 -15.59
C ILE N 829 24.61 -37.05 -16.04
N ILE O 2 35.94 -13.46 -69.33
CA ILE O 2 34.81 -12.70 -68.81
C ILE O 2 34.68 -12.90 -67.31
N LEU O 3 34.45 -11.80 -66.59
CA LEU O 3 34.35 -11.81 -65.14
C LEU O 3 32.88 -11.83 -64.72
N ILE O 4 32.61 -12.48 -63.60
CA ILE O 4 31.28 -12.53 -63.01
C ILE O 4 31.37 -12.12 -61.54
N LYS O 5 30.25 -11.68 -61.00
CA LYS O 5 30.16 -11.28 -59.60
C LYS O 5 28.94 -11.94 -58.98
N LEU O 6 29.10 -12.38 -57.73
CA LEU O 6 28.03 -13.07 -57.01
C LEU O 6 27.84 -12.38 -55.66
N LYS O 7 26.74 -11.64 -55.53
CA LYS O 7 26.41 -10.97 -54.28
C LYS O 7 25.72 -11.95 -53.32
N VAL O 8 26.51 -12.91 -52.83
CA VAL O 8 25.97 -13.99 -52.02
C VAL O 8 25.51 -13.47 -50.67
N LYS O 9 26.45 -12.94 -49.88
CA LYS O 9 26.22 -12.44 -48.52
C LYS O 9 25.23 -13.30 -47.74
N GLY O 10 25.36 -14.63 -47.85
CA GLY O 10 24.45 -15.53 -47.20
C GLY O 10 25.12 -16.85 -46.89
N TYR O 11 24.37 -17.72 -46.21
CA TYR O 11 24.89 -19.02 -45.82
C TYR O 11 24.59 -20.04 -46.91
N ILE O 12 25.64 -20.66 -47.46
CA ILE O 12 25.50 -21.69 -48.46
C ILE O 12 26.42 -22.85 -48.09
N THR O 13 26.21 -23.98 -48.75
CA THR O 13 27.01 -25.16 -48.51
C THR O 13 28.12 -25.29 -49.55
N THR O 14 28.95 -26.31 -49.37
CA THR O 14 30.11 -26.54 -50.24
C THR O 14 30.35 -28.05 -50.29
N GLN O 15 31.56 -28.43 -50.70
CA GLN O 15 31.93 -29.84 -50.78
C GLN O 15 31.67 -30.56 -49.46
N MET O 16 30.76 -31.52 -49.50
CA MET O 16 30.35 -32.23 -48.30
C MET O 16 31.10 -33.56 -48.17
N ARG O 17 31.37 -33.93 -46.92
CA ARG O 17 31.95 -35.22 -46.59
C ARG O 17 30.91 -35.98 -45.78
N ARG O 18 30.08 -36.76 -46.48
CA ARG O 18 29.02 -37.52 -45.82
C ARG O 18 29.60 -38.46 -44.77
N ILE O 19 29.16 -38.30 -43.53
CA ILE O 19 29.60 -39.13 -42.42
C ILE O 19 28.34 -39.74 -41.81
N ARG O 20 28.26 -41.07 -41.83
CA ARG O 20 27.09 -41.79 -41.32
C ARG O 20 25.83 -41.24 -41.97
N ASN O 21 25.30 -40.15 -41.42
CA ASN O 21 24.23 -39.42 -42.05
C ASN O 21 24.44 -37.91 -41.96
N TYR O 22 25.58 -37.47 -41.45
CA TYR O 22 25.91 -36.05 -41.34
C TYR O 22 26.64 -35.59 -42.59
N TYR O 23 26.72 -34.26 -42.73
CA TYR O 23 27.43 -33.64 -43.84
C TYR O 23 28.29 -32.51 -43.30
N PHE O 24 29.53 -32.44 -43.77
CA PHE O 24 30.50 -31.49 -43.26
C PHE O 24 31.10 -30.68 -44.40
N SER O 25 31.42 -29.43 -44.11
CA SER O 25 32.09 -28.56 -45.07
C SER O 25 33.55 -28.97 -45.18
N ILE O 26 34.05 -29.03 -46.42
CA ILE O 26 35.43 -29.41 -46.70
C ILE O 26 36.21 -28.26 -47.32
N THR O 27 35.78 -27.79 -48.48
CA THR O 27 36.48 -26.71 -49.15
C THR O 27 35.97 -25.36 -48.67
N ASN O 28 36.89 -24.54 -48.16
CA ASN O 28 36.52 -23.19 -47.74
C ASN O 28 36.06 -22.35 -48.92
N TYR O 29 36.44 -22.76 -50.13
CA TYR O 29 36.02 -22.03 -51.35
C TYR O 29 34.90 -22.77 -52.06
N ILE O 30 34.51 -22.27 -53.23
CA ILE O 30 33.46 -22.99 -54.03
C ILE O 30 34.13 -23.55 -55.27
N PRO O 31 34.05 -24.88 -55.48
CA PRO O 31 34.69 -25.51 -56.63
C PRO O 31 34.02 -25.17 -57.95
N SER O 32 34.81 -25.18 -59.02
CA SER O 32 34.24 -24.79 -60.33
C SER O 32 33.15 -25.77 -60.70
N THR O 33 33.35 -27.04 -60.41
CA THR O 33 32.35 -28.01 -60.90
C THR O 33 31.00 -27.65 -60.30
N THR O 34 30.98 -27.35 -59.01
CA THR O 34 29.65 -27.12 -58.39
C THR O 34 29.03 -25.91 -59.08
N LEU O 35 29.84 -24.87 -59.25
CA LEU O 35 29.27 -23.66 -59.84
C LEU O 35 28.73 -24.06 -61.21
N ARG O 36 29.58 -24.67 -62.02
CA ARG O 36 29.15 -25.00 -63.38
C ARG O 36 27.86 -25.80 -63.36
N GLY O 37 27.72 -26.74 -62.42
CA GLY O 37 26.48 -27.49 -62.33
C GLY O 37 25.30 -26.58 -62.03
N ALA O 38 25.47 -25.63 -61.11
CA ALA O 38 24.39 -24.71 -60.79
C ALA O 38 24.04 -23.84 -62.00
N ILE O 39 25.05 -23.27 -62.66
CA ILE O 39 24.78 -22.38 -63.78
C ILE O 39 24.13 -23.14 -64.93
N LEU O 40 24.50 -24.41 -65.13
CA LEU O 40 23.89 -25.20 -66.19
C LEU O 40 22.49 -25.66 -65.81
N ALA O 41 22.26 -25.93 -64.51
CA ALA O 41 20.91 -26.27 -64.07
C ALA O 41 19.96 -25.11 -64.29
N GLU O 42 20.44 -23.88 -64.06
CA GLU O 42 19.60 -22.72 -64.34
C GLU O 42 19.27 -22.61 -65.82
N TYR O 43 20.25 -22.88 -66.69
CA TYR O 43 19.99 -22.89 -68.12
C TYR O 43 18.96 -23.95 -68.47
N TYR O 44 19.09 -25.15 -67.88
CA TYR O 44 18.13 -26.21 -68.13
C TYR O 44 16.74 -25.80 -67.69
N ASN O 45 16.62 -25.16 -66.52
CA ASN O 45 15.33 -24.70 -66.06
C ASN O 45 14.75 -23.65 -67.01
N GLN O 46 15.58 -22.72 -67.47
CA GLN O 46 15.09 -21.68 -68.35
C GLN O 46 14.67 -22.25 -69.70
N THR O 47 15.55 -23.02 -70.33
CA THR O 47 15.30 -23.57 -71.65
C THR O 47 15.34 -25.09 -71.69
N GLY O 48 16.37 -25.69 -71.10
CA GLY O 48 16.59 -27.12 -71.19
C GLY O 48 17.71 -27.51 -72.12
N LYS O 49 18.01 -26.69 -73.13
CA LYS O 49 19.11 -26.95 -74.03
C LYS O 49 20.41 -26.61 -73.33
N ILE O 50 21.21 -27.62 -73.03
CA ILE O 50 22.46 -27.44 -72.29
C ILE O 50 23.63 -27.64 -73.25
N ASP O 51 24.76 -27.02 -72.91
CA ASP O 51 25.96 -27.08 -73.72
C ASP O 51 27.14 -27.46 -72.83
N GLU O 52 27.99 -28.35 -73.32
CA GLU O 52 29.18 -28.76 -72.57
C GLU O 52 30.41 -27.94 -72.92
N ASN O 53 30.33 -27.04 -73.90
CA ASN O 53 31.45 -26.18 -74.25
C ASN O 53 31.64 -25.05 -73.26
N PHE O 54 30.93 -25.07 -72.14
CA PHE O 54 30.96 -24.00 -71.15
C PHE O 54 31.98 -24.33 -70.08
N TYR O 55 32.84 -23.36 -69.77
CA TYR O 55 33.81 -23.48 -68.69
C TYR O 55 33.71 -22.26 -67.79
N VAL O 56 33.82 -22.49 -66.48
CA VAL O 56 33.81 -21.41 -65.50
C VAL O 56 34.86 -21.72 -64.45
N SER O 57 35.67 -20.72 -64.12
CA SER O 57 36.67 -20.88 -63.07
C SER O 57 35.99 -20.99 -61.71
N PRO O 58 36.63 -21.63 -60.70
CA PRO O 58 35.99 -21.76 -59.42
C PRO O 58 35.90 -20.34 -58.87
N ALA O 59 34.81 -20.04 -58.16
CA ALA O 59 34.69 -18.72 -57.54
C ALA O 59 35.47 -18.68 -56.23
N TYR O 60 35.93 -17.51 -55.87
CA TYR O 60 36.64 -17.37 -54.59
C TYR O 60 36.07 -16.13 -53.92
N PRO O 61 36.20 -15.98 -52.59
CA PRO O 61 35.73 -14.78 -51.93
C PRO O 61 36.42 -13.58 -52.58
N ILE O 62 35.71 -12.46 -52.68
CA ILE O 62 36.29 -11.30 -53.41
C ILE O 62 37.59 -10.88 -52.76
N LYS O 63 38.53 -10.48 -53.59
CA LYS O 63 39.84 -10.01 -53.09
C LYS O 63 40.51 -11.17 -52.38
N THR O 64 40.20 -12.40 -52.77
CA THR O 64 40.97 -13.53 -52.19
C THR O 64 41.52 -14.39 -53.32
N ALA O 65 42.42 -15.32 -53.01
CA ALA O 65 43.07 -16.16 -54.01
C ALA O 65 43.73 -17.34 -53.33
N PRO O 66 43.84 -18.48 -53.99
CA PRO O 66 44.59 -19.61 -53.44
C PRO O 66 46.08 -19.27 -53.36
N ALA O 67 46.75 -19.85 -52.36
CA ALA O 67 48.16 -19.58 -52.15
C ALA O 67 49.02 -20.51 -52.99
N HIS O 68 50.17 -20.00 -53.42
CA HIS O 68 51.18 -20.78 -54.12
C HIS O 68 52.45 -20.82 -53.27
N TYR O 69 53.45 -21.54 -53.77
CA TYR O 69 54.66 -21.77 -52.98
C TYR O 69 55.42 -20.48 -52.71
N PHE O 70 55.58 -19.64 -53.72
CA PHE O 70 56.33 -18.40 -53.57
C PHE O 70 55.56 -17.31 -52.85
N SER O 71 54.46 -17.68 -52.19
CA SER O 71 53.69 -16.75 -51.35
C SER O 71 53.53 -17.39 -49.98
N PRO O 72 54.59 -17.44 -49.19
CA PRO O 72 54.52 -18.09 -47.88
C PRO O 72 54.08 -17.14 -46.78
N ALA O 73 53.96 -17.67 -45.56
CA ALA O 73 53.59 -16.87 -44.40
C ALA O 73 54.83 -16.60 -43.58
N LYS O 74 55.05 -15.34 -43.22
CA LYS O 74 56.24 -14.96 -42.48
C LYS O 74 56.31 -15.68 -41.13
N GLU O 75 55.17 -16.07 -40.58
CA GLU O 75 55.11 -16.76 -39.30
C GLU O 75 54.81 -18.23 -39.53
N ARG O 76 55.45 -19.10 -38.74
CA ARG O 76 55.17 -20.52 -38.83
C ARG O 76 53.77 -20.86 -38.38
N LYS O 77 53.13 -20.00 -37.58
CA LYS O 77 51.78 -20.25 -37.10
C LYS O 77 50.83 -19.10 -37.38
N GLY O 78 51.29 -17.99 -37.92
CA GLY O 78 50.43 -16.86 -38.22
C GLY O 78 49.69 -17.05 -39.53
N ASP O 79 49.17 -15.94 -40.05
CA ASP O 79 48.43 -15.94 -41.30
C ASP O 79 48.80 -14.74 -42.16
N GLU O 80 50.00 -14.21 -41.98
CA GLU O 80 50.45 -13.02 -42.69
C GLU O 80 51.39 -13.45 -43.80
N PHE O 81 51.01 -13.21 -45.04
CA PHE O 81 51.73 -13.70 -46.20
C PHE O 81 52.37 -12.55 -46.96
N ILE O 82 53.57 -12.80 -47.50
CA ILE O 82 54.32 -11.79 -48.22
C ILE O 82 54.88 -12.41 -49.50
N GLU O 83 55.16 -11.55 -50.47
CA GLU O 83 55.76 -11.94 -51.73
C GLU O 83 56.27 -10.68 -52.43
N VAL O 84 57.15 -10.89 -53.40
CA VAL O 84 57.84 -9.79 -54.09
C VAL O 84 56.97 -9.33 -55.25
N LYS O 85 56.93 -8.01 -55.46
CA LYS O 85 56.20 -7.47 -56.60
C LYS O 85 56.77 -8.00 -57.91
N ARG O 86 55.88 -8.37 -58.83
CA ARG O 86 56.26 -8.95 -60.12
C ARG O 86 57.18 -10.15 -59.92
N ILE O 87 56.83 -10.99 -58.96
CA ILE O 87 57.73 -12.08 -58.56
C ILE O 87 57.95 -13.05 -59.71
N LEU O 88 56.88 -13.39 -60.44
CA LEU O 88 57.02 -14.40 -61.49
C LEU O 88 57.89 -13.90 -62.64
N GLU O 89 57.84 -12.61 -62.93
CA GLU O 89 58.81 -12.05 -63.87
C GLU O 89 60.21 -12.07 -63.28
N LYS O 90 60.34 -11.75 -61.99
CA LYS O 90 61.64 -11.86 -61.35
C LYS O 90 62.02 -13.32 -61.14
N LYS O 91 61.05 -14.18 -60.89
CA LYS O 91 61.25 -15.62 -60.97
C LYS O 91 61.17 -16.00 -62.45
N GLU O 92 61.05 -17.30 -62.73
CA GLU O 92 60.96 -17.76 -64.12
C GLU O 92 62.22 -17.25 -64.81
N LYS O 93 62.11 -16.71 -66.03
CA LYS O 93 63.20 -15.96 -66.66
C LYS O 93 64.45 -16.82 -66.76
N GLU O 94 65.12 -17.04 -65.63
CA GLU O 94 66.28 -17.91 -65.60
C GLU O 94 65.93 -19.36 -65.85
N PHE O 95 64.64 -19.71 -65.82
CA PHE O 95 64.24 -21.05 -66.23
C PHE O 95 64.66 -21.34 -67.65
N GLU O 96 64.72 -20.31 -68.51
CA GLU O 96 65.34 -20.49 -69.81
C GLU O 96 66.80 -20.86 -69.68
N ALA O 97 67.52 -20.22 -68.75
CA ALA O 97 68.91 -20.53 -68.50
C ALA O 97 69.03 -21.82 -67.69
N ASN O 98 70.25 -22.34 -67.60
CA ASN O 98 70.51 -23.55 -66.82
C ASN O 98 70.80 -23.13 -65.38
N LYS O 99 69.74 -22.75 -64.69
CA LYS O 99 69.84 -22.31 -63.30
C LYS O 99 69.26 -23.37 -62.38
N PRO O 100 70.01 -23.81 -61.38
CA PRO O 100 69.53 -24.89 -60.50
C PRO O 100 68.24 -24.49 -59.79
N ILE O 101 67.26 -25.38 -59.85
CA ILE O 101 65.95 -25.09 -59.27
C ILE O 101 66.05 -25.00 -57.76
N GLU O 102 66.87 -25.84 -57.14
CA GLU O 102 67.06 -25.77 -55.70
C GLU O 102 67.61 -24.42 -55.28
N GLU O 103 68.44 -23.81 -56.14
CA GLU O 103 68.83 -22.43 -55.94
C GLU O 103 67.72 -21.46 -56.29
N ILE O 104 66.84 -21.83 -57.23
CA ILE O 104 65.74 -20.94 -57.62
C ILE O 104 64.74 -20.78 -56.48
N MET O 105 64.37 -21.86 -55.81
CA MET O 105 63.40 -21.79 -54.73
C MET O 105 64.08 -21.53 -53.39
N LYS O 106 64.76 -20.39 -53.31
CA LYS O 106 65.38 -19.92 -52.08
C LYS O 106 64.48 -18.86 -51.47
N LEU O 107 63.79 -19.22 -50.40
CA LEU O 107 62.85 -18.32 -49.74
C LEU O 107 63.47 -17.57 -48.57
N GLU O 108 64.76 -17.75 -48.32
CA GLU O 108 65.43 -17.07 -47.21
C GLU O 108 65.86 -15.70 -47.70
N ILE O 109 64.89 -14.83 -47.91
CA ILE O 109 65.18 -13.43 -48.20
C ILE O 109 65.79 -12.74 -46.97
N ASP O 110 65.35 -13.14 -45.79
CA ASP O 110 65.88 -12.65 -44.53
C ASP O 110 65.99 -13.82 -43.56
N GLY O 111 66.48 -13.52 -42.36
CA GLY O 111 66.57 -14.54 -41.33
C GLY O 111 65.20 -15.03 -40.92
N LYS O 112 65.18 -16.27 -40.40
CA LYS O 112 63.93 -16.95 -40.05
C LYS O 112 63.01 -17.04 -41.27
N HIS O 113 63.49 -17.76 -42.27
CA HIS O 113 62.80 -17.84 -43.54
C HIS O 113 61.43 -18.49 -43.37
N PRO O 114 60.46 -18.12 -44.21
CA PRO O 114 59.08 -18.52 -43.98
C PRO O 114 58.82 -19.96 -44.37
N LYS O 115 57.57 -20.39 -44.17
CA LYS O 115 57.09 -21.70 -44.57
C LYS O 115 55.79 -21.52 -45.33
N PRO O 116 55.68 -22.05 -46.55
CA PRO O 116 54.49 -21.83 -47.36
C PRO O 116 53.42 -22.89 -47.15
N LYS O 117 52.20 -22.52 -47.50
CA LYS O 117 51.04 -23.41 -47.43
C LYS O 117 50.31 -23.26 -48.76
N ILE O 118 50.68 -24.10 -49.73
CA ILE O 118 50.14 -24.00 -51.07
C ILE O 118 48.65 -24.29 -51.06
N GLY O 119 47.88 -23.43 -51.71
CA GLY O 119 46.45 -23.67 -51.86
C GLY O 119 45.64 -23.27 -50.65
N SER O 120 45.80 -22.03 -50.20
CA SER O 120 45.01 -21.50 -49.11
C SER O 120 44.47 -20.13 -49.53
N LEU O 121 43.28 -19.80 -49.05
CA LEU O 121 42.67 -18.53 -49.43
C LEU O 121 43.42 -17.37 -48.79
N ILE O 122 43.93 -16.48 -49.63
CA ILE O 122 44.77 -15.36 -49.19
C ILE O 122 44.12 -14.07 -49.66
N THR O 123 44.08 -13.07 -48.80
CA THR O 123 43.49 -11.78 -49.10
C THR O 123 44.57 -10.72 -49.20
N TYR O 124 44.55 -9.96 -50.28
CA TYR O 124 45.52 -8.87 -50.45
C TYR O 124 45.30 -7.80 -49.40
N GLU O 125 46.38 -7.27 -48.84
CA GLU O 125 46.29 -6.30 -47.77
C GLU O 125 46.86 -4.94 -48.15
N GLY O 126 48.12 -4.87 -48.56
CA GLY O 126 48.73 -3.57 -48.78
C GLY O 126 50.02 -3.67 -49.56
N GLU O 127 50.61 -2.49 -49.79
CA GLU O 127 51.80 -2.41 -50.63
C GLU O 127 53.06 -2.83 -49.87
N THR O 128 53.43 -2.08 -48.84
CA THR O 128 54.59 -2.35 -48.00
C THR O 128 55.83 -2.64 -48.85
N ASP O 129 56.27 -1.61 -49.57
CA ASP O 129 57.32 -1.68 -50.58
C ASP O 129 57.16 -2.92 -51.45
N LYS O 130 58.27 -3.54 -51.85
CA LYS O 130 58.21 -4.66 -52.78
C LYS O 130 57.48 -5.87 -52.21
N GLU O 131 57.50 -6.07 -50.90
CA GLU O 131 56.87 -7.24 -50.28
C GLU O 131 55.43 -6.89 -49.91
N ASN O 132 54.48 -7.43 -50.66
CA ASN O 132 53.08 -7.08 -50.47
C ASN O 132 52.49 -7.80 -49.27
N LYS O 133 51.68 -7.09 -48.51
CA LYS O 133 51.06 -7.65 -47.33
C LYS O 133 49.83 -8.46 -47.71
N TYR O 134 49.65 -9.60 -47.04
CA TYR O 134 48.53 -10.49 -47.31
C TYR O 134 48.02 -11.06 -45.98
N ARG O 135 46.79 -11.59 -46.02
CA ARG O 135 46.17 -12.19 -44.86
C ARG O 135 45.35 -13.38 -45.30
N GLU O 136 45.47 -14.49 -44.56
CA GLU O 136 44.69 -15.67 -44.86
C GLU O 136 43.20 -15.40 -44.62
N PHE O 137 42.36 -16.00 -45.44
CA PHE O 137 40.92 -15.79 -45.37
C PHE O 137 40.25 -16.85 -44.50
N SER O 138 39.44 -16.42 -43.55
CA SER O 138 38.64 -17.30 -42.72
C SER O 138 37.18 -16.94 -42.90
N SER O 139 36.34 -17.96 -43.09
CA SER O 139 34.92 -17.76 -43.34
C SER O 139 34.11 -18.16 -42.11
N LYS O 140 32.79 -17.96 -42.21
CA LYS O 140 31.86 -18.25 -41.13
C LYS O 140 31.07 -19.50 -41.47
N SER O 141 30.97 -20.42 -40.51
CA SER O 141 30.26 -21.67 -40.73
C SER O 141 29.27 -21.90 -39.59
N ILE O 142 28.17 -22.57 -39.92
CA ILE O 142 27.11 -22.88 -38.97
C ILE O 142 26.68 -24.33 -39.17
N ILE O 143 25.95 -24.84 -38.20
CA ILE O 143 25.46 -26.21 -38.22
C ILE O 143 23.94 -26.18 -38.21
N GLN O 144 23.32 -26.85 -39.17
CA GLN O 144 21.86 -26.90 -39.28
C GLN O 144 21.42 -28.36 -39.25
N MET O 145 20.93 -28.81 -38.11
CA MET O 145 20.44 -30.17 -37.97
C MET O 145 18.92 -30.20 -38.09
N HIS O 146 18.41 -31.31 -38.61
CA HIS O 146 16.99 -31.43 -38.91
C HIS O 146 16.47 -32.78 -38.46
N VAL O 147 15.18 -32.83 -38.15
CA VAL O 147 14.54 -34.03 -37.65
C VAL O 147 13.73 -34.66 -38.76
N ALA O 148 13.28 -35.89 -38.54
CA ALA O 148 12.52 -36.64 -39.53
C ALA O 148 11.25 -37.18 -38.88
N ILE O 149 10.10 -36.73 -39.38
CA ILE O 149 8.79 -37.18 -38.93
C ILE O 149 7.97 -37.59 -40.15
N ASP O 150 6.78 -38.11 -39.91
CA ASP O 150 5.90 -38.51 -41.00
C ASP O 150 5.36 -37.30 -41.74
N SER O 156 5.25 -35.01 -36.22
CA SER O 156 4.40 -35.52 -35.16
C SER O 156 5.19 -36.45 -34.26
N TYR O 157 6.21 -37.10 -34.83
CA TYR O 157 7.01 -38.08 -34.10
C TYR O 157 8.28 -38.37 -34.88
N LYS O 158 9.42 -38.29 -34.21
CA LYS O 158 10.72 -38.43 -34.84
C LYS O 158 11.07 -39.89 -35.10
N GLY O 159 11.72 -40.14 -36.24
CA GLY O 159 12.21 -41.47 -36.53
C GLY O 159 13.69 -41.54 -36.83
N MET O 160 14.26 -40.44 -37.34
CA MET O 160 15.65 -40.40 -37.77
C MET O 160 16.23 -39.03 -37.43
N LEU O 161 17.39 -38.72 -37.98
CA LEU O 161 18.04 -37.45 -37.73
C LEU O 161 19.00 -37.14 -38.88
N PHE O 162 19.20 -35.85 -39.12
CA PHE O 162 20.12 -35.39 -40.15
C PHE O 162 20.78 -34.10 -39.70
N ALA O 163 21.89 -33.75 -40.36
CA ALA O 163 22.65 -32.57 -40.01
C ALA O 163 23.29 -31.98 -41.26
N TYR O 164 23.65 -30.70 -41.17
CA TYR O 164 24.26 -30.01 -42.28
C TYR O 164 25.21 -28.94 -41.74
N GLU O 165 26.09 -28.46 -42.62
CA GLU O 165 27.03 -27.40 -42.26
C GLU O 165 27.04 -26.38 -43.38
N TYR O 166 26.62 -25.16 -43.07
CA TYR O 166 26.57 -24.09 -44.06
C TYR O 166 27.77 -23.16 -43.88
N LYS O 167 28.09 -22.45 -44.96
CA LYS O 167 29.21 -21.52 -44.97
C LYS O 167 28.72 -20.14 -45.39
N GLU O 168 29.26 -19.12 -44.74
CA GLU O 168 28.92 -17.74 -45.06
C GLU O 168 29.97 -17.16 -45.99
N PHE O 169 29.53 -16.47 -47.03
CA PHE O 169 30.41 -15.88 -48.02
C PHE O 169 30.02 -14.44 -48.29
N ASP O 170 31.02 -13.65 -48.65
CA ASP O 170 30.82 -12.30 -49.14
C ASP O 170 30.72 -12.34 -50.67
N GLU O 171 30.88 -11.20 -51.32
CA GLU O 171 30.86 -11.15 -52.77
C GLU O 171 31.85 -12.15 -53.36
N MET O 172 31.40 -12.85 -54.40
CA MET O 172 32.19 -13.88 -55.05
C MET O 172 32.50 -13.47 -56.48
N TRP O 173 33.67 -13.89 -56.95
CA TRP O 173 34.13 -13.58 -58.30
C TRP O 173 34.61 -14.86 -58.97
N ALA O 174 34.40 -14.93 -60.28
CA ALA O 174 34.87 -16.08 -61.05
C ALA O 174 34.94 -15.69 -62.52
N ILE O 175 35.68 -16.48 -63.28
CA ILE O 175 35.85 -16.29 -64.72
C ILE O 175 35.15 -17.44 -65.43
N ALA O 176 34.37 -17.11 -66.45
CA ALA O 176 33.62 -18.09 -67.20
C ALA O 176 33.94 -17.98 -68.69
N SER O 177 33.16 -18.67 -69.50
CA SER O 177 33.28 -18.61 -70.95
C SER O 177 32.33 -17.55 -71.51
N ASP O 178 32.81 -16.84 -72.53
CA ASP O 178 32.00 -15.81 -73.17
C ASP O 178 30.83 -16.50 -73.87
N SER O 179 29.64 -16.37 -73.29
CA SER O 179 28.45 -17.00 -73.84
C SER O 179 27.23 -16.21 -73.42
N GLU O 180 26.14 -16.41 -74.15
CA GLU O 180 24.87 -15.83 -73.77
C GLU O 180 24.27 -16.48 -72.52
N VAL O 181 24.87 -17.58 -72.06
CA VAL O 181 24.34 -18.26 -70.89
C VAL O 181 24.33 -17.33 -69.69
N ILE O 182 25.47 -16.67 -69.44
CA ILE O 182 25.53 -15.75 -68.31
C ILE O 182 24.64 -14.54 -68.54
N ASP O 183 24.47 -14.13 -69.81
CA ASP O 183 23.57 -13.03 -70.12
C ASP O 183 22.13 -13.38 -69.73
N THR O 184 21.72 -14.61 -69.99
CA THR O 184 20.34 -15.01 -69.77
C THR O 184 20.10 -15.66 -68.42
N VAL O 185 21.12 -15.79 -67.58
CA VAL O 185 20.98 -16.38 -66.25
C VAL O 185 21.41 -15.34 -65.22
N LYS O 186 20.62 -15.18 -64.17
CA LYS O 186 20.85 -14.13 -63.18
C LYS O 186 21.09 -14.65 -61.77
N ARG O 187 20.41 -15.71 -61.35
CA ARG O 187 20.61 -16.24 -60.00
C ARG O 187 20.60 -17.77 -60.07
N ILE O 188 21.49 -18.38 -59.29
CA ILE O 188 21.74 -19.82 -59.39
C ILE O 188 21.63 -20.46 -58.02
N LYS O 189 20.80 -21.48 -57.91
CA LYS O 189 20.75 -22.27 -56.68
C LYS O 189 22.00 -23.13 -56.59
N ILE O 190 22.73 -23.01 -55.48
CA ILE O 190 24.02 -23.65 -55.31
C ILE O 190 24.02 -24.44 -54.01
N GLY O 191 24.59 -25.64 -54.04
CA GLY O 191 24.81 -26.38 -52.81
C GLY O 191 24.33 -27.82 -52.85
N ARG O 192 24.54 -28.54 -51.75
CA ARG O 192 24.08 -29.93 -51.67
C ARG O 192 22.56 -29.99 -51.71
N GLY O 193 21.90 -29.21 -50.85
CA GLY O 193 20.45 -29.09 -50.93
C GLY O 193 20.07 -27.83 -51.68
N LYS O 194 19.77 -27.98 -52.98
CA LYS O 194 19.40 -26.82 -53.78
C LYS O 194 17.97 -26.37 -53.52
N ASN O 195 17.08 -27.32 -53.22
CA ASN O 195 15.68 -27.02 -52.97
C ASN O 195 15.39 -26.84 -51.48
N ARG O 196 16.42 -26.84 -50.64
CA ARG O 196 16.22 -26.71 -49.20
C ARG O 196 17.51 -26.20 -48.59
N GLY O 197 17.48 -24.97 -48.06
CA GLY O 197 18.61 -24.41 -47.34
C GLY O 197 19.27 -23.21 -47.99
N ASN O 198 18.93 -22.86 -49.22
CA ASN O 198 19.52 -21.67 -49.83
C ASN O 198 18.95 -20.42 -49.16
N LYS O 199 19.77 -19.37 -49.12
CA LYS O 199 19.35 -18.10 -48.54
C LYS O 199 19.19 -17.02 -49.60
N VAL O 200 20.25 -16.72 -50.36
CA VAL O 200 20.20 -15.72 -51.40
C VAL O 200 21.35 -15.92 -52.38
N VAL O 201 21.04 -15.88 -53.67
CA VAL O 201 22.03 -16.12 -54.71
C VAL O 201 21.73 -15.22 -55.89
N ASP O 202 22.78 -14.84 -56.62
CA ASP O 202 22.65 -13.99 -57.79
C ASP O 202 23.97 -13.98 -58.54
N VAL O 203 23.89 -13.70 -59.85
CA VAL O 203 25.05 -13.63 -60.72
C VAL O 203 25.06 -12.26 -61.39
N GLU O 204 26.19 -11.58 -61.31
CA GLU O 204 26.35 -10.26 -61.92
C GLU O 204 27.44 -10.31 -62.98
N LYS O 205 27.10 -9.88 -64.19
CA LYS O 205 28.08 -9.76 -65.26
C LYS O 205 28.86 -8.46 -65.09
N VAL O 206 30.16 -8.54 -65.30
CA VAL O 206 31.04 -7.37 -65.24
C VAL O 206 31.97 -7.38 -66.44
N ARG O 207 32.94 -6.47 -66.44
CA ARG O 207 33.81 -6.26 -67.59
C ARG O 207 34.38 -7.57 -68.11
N GLU O 208 34.55 -7.62 -69.43
CA GLU O 208 35.17 -8.78 -70.08
C GLU O 208 36.63 -8.90 -69.66
N VAL O 209 37.10 -10.14 -69.57
CA VAL O 209 38.46 -10.44 -69.13
C VAL O 209 39.19 -11.12 -70.28
N SER O 210 40.38 -10.63 -70.59
CA SER O 210 41.23 -11.19 -71.64
C SER O 210 42.55 -11.60 -71.02
N LEU O 211 42.66 -12.87 -70.65
CA LEU O 211 43.91 -13.43 -70.16
C LEU O 211 44.48 -14.40 -71.18
N ASP O 212 45.81 -14.44 -71.26
CA ASP O 212 46.52 -15.21 -72.26
C ASP O 212 47.09 -16.47 -71.63
N GLN O 213 46.92 -17.59 -72.32
CA GLN O 213 47.49 -18.88 -71.92
C GLN O 213 48.50 -19.30 -72.97
N SER O 214 49.77 -19.32 -72.59
CA SER O 214 50.84 -19.66 -73.53
C SER O 214 51.98 -20.29 -72.74
N LYS O 215 53.10 -20.53 -73.42
CA LYS O 215 54.23 -21.19 -72.81
C LYS O 215 54.82 -20.34 -71.69
N GLY O 216 55.44 -21.00 -70.72
CA GLY O 216 56.05 -20.36 -69.59
C GLY O 216 55.41 -20.78 -68.28
N LEU O 217 55.98 -20.26 -67.20
CA LEU O 217 55.45 -20.56 -65.87
C LEU O 217 54.04 -20.00 -65.74
N LEU O 218 53.10 -20.84 -65.32
CA LEU O 218 51.70 -20.45 -65.23
C LEU O 218 51.15 -20.84 -63.87
N TYR O 219 50.31 -19.97 -63.32
CA TYR O 219 49.65 -20.23 -62.04
C TYR O 219 48.38 -21.01 -62.31
N CYS O 220 48.37 -22.27 -61.88
CA CYS O 220 47.21 -23.14 -62.09
C CYS O 220 46.15 -22.82 -61.05
N LEU O 221 45.17 -22.01 -61.46
CA LEU O 221 44.09 -21.65 -60.56
C LEU O 221 43.23 -22.87 -60.21
N SER O 222 42.80 -23.59 -61.23
CA SER O 222 42.07 -24.83 -61.02
C SER O 222 43.02 -25.97 -60.72
N PRO O 223 42.52 -27.08 -60.20
CA PRO O 223 43.38 -28.25 -59.98
C PRO O 223 43.80 -28.90 -61.29
N CYS O 224 44.84 -28.35 -61.91
CA CYS O 224 45.28 -28.80 -63.23
C CYS O 224 45.69 -30.27 -63.21
N ILE O 225 45.70 -30.87 -64.40
CA ILE O 225 46.17 -32.24 -64.59
C ILE O 225 46.98 -32.28 -65.88
N GLY O 226 48.17 -32.89 -65.82
CA GLY O 226 49.03 -32.94 -66.99
C GLY O 226 48.46 -33.81 -68.10
N SER O 227 47.91 -34.97 -67.74
CA SER O 227 47.39 -35.90 -68.73
C SER O 227 46.40 -36.84 -68.08
N LEU O 228 45.53 -37.42 -68.89
CA LEU O 228 44.54 -38.38 -68.42
C LEU O 228 44.26 -39.37 -69.55
N PHE O 229 44.17 -40.66 -69.19
CA PHE O 229 43.91 -41.72 -70.16
C PHE O 229 44.92 -41.68 -71.30
N GLY O 230 46.13 -41.24 -70.99
CA GLY O 230 47.16 -41.06 -71.99
C GLY O 230 47.01 -39.81 -72.82
N LYS O 231 45.92 -39.08 -72.69
CA LYS O 231 45.73 -37.83 -73.43
C LYS O 231 46.64 -36.78 -72.82
N THR O 232 47.78 -36.55 -73.46
CA THR O 232 48.76 -35.59 -72.95
C THR O 232 48.29 -34.17 -73.26
N PHE O 233 48.12 -33.36 -72.21
CA PHE O 233 47.69 -31.98 -72.38
C PHE O 233 48.89 -31.04 -72.44
N PHE O 234 49.87 -31.23 -71.57
CA PHE O 234 51.04 -30.38 -71.50
C PHE O 234 52.12 -31.09 -70.71
N LYS O 235 53.36 -30.68 -70.94
CA LYS O 235 54.50 -31.18 -70.18
C LYS O 235 55.15 -30.02 -69.46
N ALA O 236 55.57 -30.25 -68.22
CA ALA O 236 56.10 -29.22 -67.35
C ALA O 236 57.52 -29.55 -66.93
N LYS O 237 58.39 -28.55 -66.95
CA LYS O 237 59.77 -28.75 -66.49
C LYS O 237 59.80 -29.07 -65.01
N TYR O 238 59.10 -28.28 -64.20
CA TYR O 238 59.11 -28.47 -62.75
C TYR O 238 57.74 -28.14 -62.19
N ILE O 239 57.23 -29.01 -61.32
CA ILE O 239 55.89 -28.88 -60.77
C ILE O 239 56.02 -28.61 -59.28
N ILE O 240 55.43 -27.51 -58.82
CA ILE O 240 55.50 -27.11 -57.44
C ILE O 240 54.08 -26.97 -56.92
N GLY O 241 53.71 -27.83 -55.97
CA GLY O 241 52.35 -27.81 -55.45
C GLY O 241 52.04 -29.01 -54.58
N ASP O 242 50.81 -29.52 -54.70
CA ASP O 242 50.38 -30.64 -53.87
C ASP O 242 49.38 -31.48 -54.65
N LYS O 243 49.23 -32.72 -54.22
CA LYS O 243 48.27 -33.64 -54.84
C LYS O 243 46.86 -33.35 -54.34
N SER O 244 45.89 -33.48 -55.23
CA SER O 244 44.49 -33.30 -54.91
C SER O 244 43.68 -34.46 -55.48
N ILE O 245 42.45 -34.59 -55.01
CA ILE O 245 41.53 -35.64 -55.46
C ILE O 245 40.33 -34.97 -56.10
N TYR O 246 39.97 -35.44 -57.29
CA TYR O 246 38.90 -34.84 -58.08
C TYR O 246 37.72 -35.78 -58.17
N SER O 247 36.53 -35.26 -57.86
CA SER O 247 35.28 -36.01 -57.93
C SER O 247 34.24 -35.11 -58.58
N GLY O 248 34.09 -35.21 -59.90
CA GLY O 248 33.28 -34.26 -60.64
C GLY O 248 32.40 -34.93 -61.69
N TRP O 249 32.28 -34.24 -62.82
CA TRP O 249 31.31 -34.57 -63.85
C TRP O 249 31.86 -34.15 -65.21
N PHE O 250 31.68 -35.01 -66.21
CA PHE O 250 32.07 -34.66 -67.58
C PHE O 250 31.37 -35.61 -68.54
N THR O 251 30.84 -35.06 -69.63
CA THR O 251 30.13 -35.83 -70.62
C THR O 251 31.07 -36.21 -71.76
N VAL O 252 31.07 -37.50 -72.12
CA VAL O 252 31.87 -38.01 -73.22
C VAL O 252 30.95 -38.36 -74.38
N ASP O 253 29.83 -37.64 -74.50
CA ASP O 253 28.84 -37.78 -75.57
C ASP O 253 28.02 -39.05 -75.44
N SER O 254 28.64 -40.21 -75.66
CA SER O 254 27.94 -41.48 -75.62
C SER O 254 27.72 -41.89 -74.17
N PHE O 255 27.41 -43.18 -73.96
CA PHE O 255 26.99 -43.71 -72.67
C PHE O 255 27.94 -43.31 -71.53
N SER O 256 27.40 -43.30 -70.32
CA SER O 256 28.14 -42.99 -69.08
C SER O 256 28.57 -41.51 -69.13
N GLY O 257 29.57 -41.16 -68.32
CA GLY O 257 30.01 -39.79 -68.23
C GLY O 257 29.59 -39.07 -66.97
N GLN O 258 29.70 -39.72 -65.82
CA GLN O 258 29.54 -39.04 -64.55
C GLN O 258 30.45 -39.68 -63.52
N LYS O 259 30.79 -38.89 -62.49
CA LYS O 259 31.67 -39.31 -61.41
C LYS O 259 32.97 -39.98 -61.88
N PRO O 260 33.78 -39.30 -62.69
CA PRO O 260 35.13 -39.82 -62.95
C PRO O 260 36.10 -39.30 -61.89
N VAL O 261 36.68 -40.22 -61.13
CA VAL O 261 37.57 -39.86 -60.03
C VAL O 261 39.01 -40.05 -60.50
N PHE O 262 39.76 -38.95 -60.53
CA PHE O 262 41.16 -38.97 -60.93
C PHE O 262 41.90 -37.93 -60.11
N GLU O 263 42.88 -38.37 -59.32
CA GLU O 263 43.63 -37.43 -58.49
C GLU O 263 44.40 -36.46 -59.36
N THR O 264 44.53 -35.22 -58.86
CA THR O 264 45.16 -34.17 -59.62
C THR O 264 46.07 -33.32 -58.75
N LEU O 265 46.54 -32.20 -59.29
CA LEU O 265 47.36 -31.26 -58.55
C LEU O 265 46.47 -30.33 -57.73
N ARG O 266 46.91 -29.99 -56.53
CA ARG O 266 46.16 -29.08 -55.69
C ARG O 266 46.09 -27.70 -56.33
N GLU O 267 44.99 -27.00 -56.08
CA GLU O 267 44.81 -25.67 -56.66
C GLU O 267 45.87 -24.71 -56.14
N GLY O 268 46.27 -23.78 -56.99
CA GLY O 268 47.35 -22.88 -56.65
C GLY O 268 48.74 -23.44 -56.85
N SER O 269 48.85 -24.64 -57.42
CA SER O 269 50.16 -25.22 -57.67
C SER O 269 50.86 -24.46 -58.80
N LEU O 270 52.18 -24.36 -58.68
CA LEU O 270 53.02 -23.67 -59.66
C LEU O 270 53.66 -24.69 -60.58
N VAL O 271 53.43 -24.55 -61.88
CA VAL O 271 53.95 -25.47 -62.88
C VAL O 271 54.59 -24.68 -64.00
N TYR O 272 55.78 -25.08 -64.40
CA TYR O 272 56.50 -24.44 -65.50
C TYR O 272 56.28 -25.29 -66.75
N VAL O 273 55.18 -25.02 -67.45
CA VAL O 273 54.86 -25.71 -68.68
C VAL O 273 55.58 -25.02 -69.84
N GLU O 274 56.16 -25.83 -70.72
CA GLU O 274 56.86 -25.31 -71.89
C GLU O 274 56.20 -25.70 -73.20
N SER O 275 55.17 -26.54 -73.18
CA SER O 275 54.45 -26.88 -74.38
C SER O 275 53.09 -27.47 -74.01
N PHE O 276 52.12 -27.24 -74.88
CA PHE O 276 50.75 -27.70 -74.68
C PHE O 276 50.36 -28.66 -75.80
N SER O 277 49.08 -29.03 -75.83
CA SER O 277 48.51 -29.81 -76.91
C SER O 277 47.15 -29.23 -77.27
N ASN O 278 46.64 -29.63 -78.43
CA ASN O 278 45.38 -29.12 -78.95
C ASN O 278 44.23 -30.10 -78.80
N GLU O 279 44.17 -30.81 -77.67
CA GLU O 279 43.13 -31.81 -77.45
C GLU O 279 41.89 -31.15 -76.87
N LYS O 280 40.93 -31.95 -76.44
CA LYS O 280 39.71 -31.46 -75.81
C LYS O 280 40.10 -30.84 -74.47
N SER O 281 40.04 -29.51 -74.39
CA SER O 281 40.43 -28.82 -73.17
C SER O 281 39.52 -29.21 -72.02
N LEU O 282 40.12 -29.31 -70.82
CA LEU O 282 39.40 -29.75 -69.63
C LEU O 282 38.88 -28.59 -68.80
N MET O 283 38.93 -27.37 -69.34
CA MET O 283 38.27 -26.25 -68.66
C MET O 283 36.79 -26.52 -68.43
N PRO O 284 36.01 -27.03 -69.39
CA PRO O 284 34.62 -27.38 -69.08
C PRO O 284 34.49 -28.43 -68.00
N ALA O 285 35.49 -29.30 -67.84
CA ALA O 285 35.48 -30.24 -66.73
C ALA O 285 35.90 -29.60 -65.42
N GLY O 286 36.10 -28.28 -65.41
CA GLY O 286 36.45 -27.57 -64.19
C GLY O 286 37.91 -27.58 -63.82
N LEU O 287 38.78 -28.11 -64.68
CA LEU O 287 40.19 -28.18 -64.39
C LEU O 287 40.97 -27.41 -65.45
N ASN O 288 42.28 -27.27 -65.20
CA ASN O 288 43.20 -26.62 -66.12
C ASN O 288 42.77 -25.18 -66.43
N PHE O 289 42.77 -24.36 -65.38
CA PHE O 289 42.52 -22.93 -65.48
C PHE O 289 43.77 -22.14 -65.14
N MET O 290 44.91 -22.59 -65.65
CA MET O 290 46.16 -21.88 -65.44
C MET O 290 46.14 -20.56 -66.18
N LEU O 291 47.12 -19.71 -65.87
CA LEU O 291 47.27 -18.41 -66.51
C LEU O 291 48.58 -17.78 -66.08
N ARG O 292 49.11 -16.91 -66.93
CA ARG O 292 50.33 -16.17 -66.62
C ARG O 292 49.97 -14.89 -65.85
N ILE O 293 50.59 -14.71 -64.70
CA ILE O 293 50.35 -13.53 -63.88
C ILE O 293 51.68 -12.95 -63.44
N SER O 294 51.68 -11.64 -63.21
CA SER O 294 52.84 -10.97 -62.64
C SER O 294 52.96 -11.25 -61.14
N ASP O 295 51.83 -11.28 -60.46
CA ASP O 295 51.75 -11.58 -59.04
C ASP O 295 50.30 -11.91 -58.71
N LEU O 296 49.98 -11.97 -57.43
CA LEU O 296 48.58 -12.17 -57.05
C LEU O 296 47.70 -10.96 -57.35
N SER O 297 48.30 -9.82 -57.69
CA SER O 297 47.54 -8.62 -58.02
C SER O 297 46.86 -8.73 -59.38
N SER O 298 46.89 -9.89 -60.02
CA SER O 298 46.20 -10.09 -61.29
C SER O 298 44.70 -9.96 -61.16
N ILE O 299 44.16 -10.02 -59.94
CA ILE O 299 42.72 -9.84 -59.74
C ILE O 299 42.28 -8.49 -60.25
N LEU O 300 43.17 -7.50 -60.22
CA LEU O 300 42.86 -6.15 -60.65
C LEU O 300 42.63 -6.10 -62.16
#